data_9V2R
#
_entry.id   9V2R
#
loop_
_entity.id
_entity.type
_entity.pdbx_description
1 polymer 'CNR2056 heavy chain'
2 polymer 'RSV Pre-fusion Protein'
3 polymer 'CNR2056 light chain'
4 polymer 'CNR2047 heavy chain'
5 polymer 'CNR2047 light chain'
#
loop_
_entity_poly.entity_id
_entity_poly.type
_entity_poly.pdbx_seq_one_letter_code
_entity_poly.pdbx_strand_id
1 'polypeptide(L)'
;QVQLVESGGGVVQPGTSLTLSCAASGFTFRTYAFHWVRQAPGKGLEWLALVTYDGTTQYYADSVKGRLTIYRDNSKNTLF
LHLNSLRRDDTAIYFCARGGEGSFSWLGYLQYMDVWGQGTTVTVSS
;
A,F,G
2 'polypeptide(L)'
;MELLILKANAITTILTAVTFCFASGQNITEEFYQSTCSAVSKGYLSALRTGWYTSVITIELSNIKENKCNGTDAKVKLIK
QELDKYKNAVTELQLLMQSTPATNNRARRELPRFMNYTLNNAKKTNVTLSKKRKRRFLGFLLGVGSAIASGVAVCKVLHL
EGEVNKIKSALLSTNKAVVSLSNGVSVLTFKVLDLKNYIDKQLLPILNKQSCSISNIETVIEFQQKNNRLLEITREFSVN
AGVTTPVSTYMLTNSELLSLINDMPITNDQKKLMSNNVQIVRQQSYSIMCIIKEEVLAYVVQLPLYGVIDTPCWKLHTSP
LCTTNTKEGSNICLTRTDRGWYCDNAGSVSFFPQAETCKVQSNRVFCDTMNSLTLPSEVNLCNVDIFNPKYDCKIMTSKT
DVSSSVITSLGAIVSCYGKTKCTASNKNRGIIKTFSNGCDYVSNKGVDTVSVGNTLYYVNKQEGKSLYVKGEPIINFYDP
LVFPSDEFDASISQVNEKINQSLAFIRKSDELLSAIGGYIPEAPRDGQAYVRKDGEWVLLSTFLGHHHHHHHH
;
B,H,I
3 'polypeptide(L)'
;QSALTQPASVSGSPGQSITLSCTGTSSDIGDYDYVSWYQKYPDTAPKLVIYDVSERPSGVSTRFSGSKSGNTASLTISGL
QPEDEADYYCNSYSSTNTLKFGGGTKLTVL
;
C,J,K
4 'polypeptide(L)'
;VQLVESGGGLVKPGESLRLSCAVSGSMFSSYVMHWVRQAPGKGLDWVSSITGGGNYISYADSVKGRFIISRDNGRNSLSL
QMSSLRVDDTAVYYCVRGLSGVMGVTWFDSWGQGTLVTVSS
;
D,L,M
5 'polypeptide(L)'
;QSVLTQPPSVSGAPGQRVTISCTGSSSNIGAGFDVHWYQHLPGKAPKVIIYENSHRPSGVPDRFFGSKSGTSASLSISGL
QPEDEADYYCQSYDRGLDWVFGGGTKLTVL
;
E,N,O
#
# COMPACT_ATOMS: atom_id res chain seq x y z
N GLN A 1 -4.33 -54.93 4.53
CA GLN A 1 -4.95 -55.68 3.44
C GLN A 1 -5.32 -54.74 2.28
N VAL A 2 -4.56 -54.83 1.19
CA VAL A 2 -4.77 -53.95 0.04
C VAL A 2 -5.40 -54.78 -1.07
N GLN A 3 -6.58 -54.36 -1.52
CA GLN A 3 -7.31 -55.10 -2.54
C GLN A 3 -8.18 -54.16 -3.35
N LEU A 4 -8.44 -54.56 -4.59
CA LEU A 4 -9.43 -53.92 -5.46
C LEU A 4 -10.34 -55.02 -6.00
N VAL A 5 -11.61 -54.98 -5.63
CA VAL A 5 -12.59 -55.93 -6.14
C VAL A 5 -13.57 -55.13 -7.01
N GLU A 6 -14.28 -55.82 -7.89
CA GLU A 6 -15.06 -55.17 -8.93
C GLU A 6 -16.56 -55.28 -8.68
N SER A 7 -17.34 -54.56 -9.49
CA SER A 7 -18.78 -54.71 -9.50
C SER A 7 -19.29 -54.39 -10.89
N GLY A 8 -20.47 -54.90 -11.20
CA GLY A 8 -21.12 -54.61 -12.47
C GLY A 8 -20.54 -55.41 -13.62
N GLY A 9 -21.06 -55.13 -14.81
CA GLY A 9 -20.61 -55.80 -16.02
C GLY A 9 -21.46 -57.00 -16.37
N GLY A 10 -21.04 -57.69 -17.44
CA GLY A 10 -21.73 -58.86 -17.93
C GLY A 10 -21.97 -58.77 -19.43
N VAL A 11 -23.10 -59.31 -19.87
CA VAL A 11 -23.51 -59.24 -21.27
C VAL A 11 -24.41 -58.03 -21.48
N VAL A 12 -24.10 -57.23 -22.48
CA VAL A 12 -24.78 -55.95 -22.74
C VAL A 12 -25.20 -55.90 -24.20
N GLN A 13 -26.41 -55.43 -24.44
CA GLN A 13 -26.88 -55.15 -25.78
C GLN A 13 -26.13 -53.96 -26.36
N PRO A 14 -26.05 -53.83 -27.69
CA PRO A 14 -25.56 -52.57 -28.27
C PRO A 14 -26.43 -51.39 -27.84
N GLY A 15 -25.78 -50.27 -27.58
CA GLY A 15 -26.43 -49.20 -26.84
C GLY A 15 -26.45 -49.56 -25.37
N THR A 16 -27.53 -49.20 -24.67
CA THR A 16 -27.84 -49.61 -23.28
C THR A 16 -26.64 -49.32 -22.35
N SER A 17 -26.44 -48.02 -22.15
CA SER A 17 -25.26 -47.46 -21.48
C SER A 17 -25.01 -48.09 -20.12
N LEU A 18 -23.73 -48.38 -19.85
CA LEU A 18 -23.31 -49.19 -18.72
C LEU A 18 -22.72 -48.33 -17.61
N THR A 19 -23.14 -48.62 -16.38
CA THR A 19 -22.54 -48.04 -15.18
C THR A 19 -21.67 -49.11 -14.51
N LEU A 20 -20.41 -48.80 -14.28
CA LEU A 20 -19.47 -49.74 -13.69
C LEU A 20 -18.88 -49.17 -12.42
N SER A 21 -18.61 -50.06 -11.46
CA SER A 21 -18.20 -49.67 -10.12
C SER A 21 -17.02 -50.49 -9.64
N CYS A 22 -16.10 -49.82 -8.94
CA CYS A 22 -15.04 -50.49 -8.23
C CYS A 22 -15.51 -50.77 -6.81
N ALA A 23 -14.62 -51.35 -5.99
CA ALA A 23 -14.75 -51.45 -4.55
C ALA A 23 -13.39 -51.76 -3.97
N ALA A 24 -13.10 -51.21 -2.81
CA ALA A 24 -11.79 -51.40 -2.21
C ALA A 24 -11.92 -51.33 -0.70
N SER A 25 -10.98 -51.96 -0.01
CA SER A 25 -11.07 -52.05 1.44
C SER A 25 -9.68 -52.25 2.03
N GLY A 26 -9.51 -51.78 3.26
CA GLY A 26 -8.28 -51.97 4.00
C GLY A 26 -7.30 -50.82 3.93
N PHE A 27 -7.68 -49.69 3.35
CA PHE A 27 -6.78 -48.56 3.23
C PHE A 27 -7.62 -47.30 3.04
N THR A 28 -6.96 -46.15 3.15
CA THR A 28 -7.61 -44.89 2.81
C THR A 28 -7.85 -44.82 1.30
N PHE A 29 -8.86 -44.08 0.91
CA PHE A 29 -9.17 -44.03 -0.51
C PHE A 29 -9.07 -42.63 -1.09
N ARG A 30 -9.37 -41.60 -0.31
CA ARG A 30 -9.34 -40.24 -0.84
C ARG A 30 -7.91 -39.76 -1.02
N THR A 31 -6.97 -40.35 -0.27
CA THR A 31 -5.59 -39.89 -0.31
C THR A 31 -4.95 -40.17 -1.65
N TYR A 32 -5.10 -41.39 -2.15
CA TYR A 32 -4.64 -41.68 -3.50
C TYR A 32 -5.81 -41.45 -4.45
N ALA A 33 -5.67 -41.90 -5.69
CA ALA A 33 -6.72 -41.75 -6.68
C ALA A 33 -6.92 -43.07 -7.41
N PHE A 34 -8.07 -43.20 -8.04
CA PHE A 34 -8.43 -44.39 -8.79
C PHE A 34 -8.60 -44.03 -10.26
N HIS A 35 -8.51 -45.03 -11.12
CA HIS A 35 -8.60 -44.81 -12.55
C HIS A 35 -8.95 -46.12 -13.24
N TRP A 36 -9.36 -46.01 -14.51
CA TRP A 36 -9.97 -47.11 -15.24
C TRP A 36 -9.17 -47.44 -16.49
N VAL A 37 -9.05 -48.74 -16.76
CA VAL A 37 -8.31 -49.25 -17.91
C VAL A 37 -9.05 -50.50 -18.39
N ARG A 38 -8.72 -50.97 -19.60
CA ARG A 38 -9.28 -52.23 -20.07
C ARG A 38 -8.21 -53.08 -20.74
N GLN A 39 -8.57 -54.32 -21.01
CA GLN A 39 -7.87 -55.14 -22.00
C GLN A 39 -8.87 -56.08 -22.64
N ALA A 40 -8.78 -56.21 -23.96
CA ALA A 40 -9.74 -57.04 -24.67
C ALA A 40 -9.10 -58.32 -25.17
N PRO A 41 -9.86 -59.40 -25.32
CA PRO A 41 -9.33 -60.61 -25.96
C PRO A 41 -8.92 -60.32 -27.40
N GLY A 42 -7.80 -60.92 -27.81
CA GLY A 42 -7.22 -60.67 -29.11
C GLY A 42 -6.25 -59.52 -29.14
N LYS A 43 -6.09 -58.78 -28.05
CA LYS A 43 -5.10 -57.71 -27.97
C LYS A 43 -4.72 -57.52 -26.50
N GLY A 44 -4.02 -56.42 -26.23
CA GLY A 44 -3.43 -56.19 -24.92
C GLY A 44 -4.18 -55.15 -24.12
N LEU A 45 -3.43 -54.42 -23.28
CA LEU A 45 -3.99 -53.41 -22.40
C LEU A 45 -4.12 -52.08 -23.13
N GLU A 46 -5.23 -51.39 -22.88
CA GLU A 46 -5.48 -50.08 -23.48
C GLU A 46 -5.99 -49.14 -22.40
N TRP A 47 -5.35 -47.98 -22.28
CA TRP A 47 -5.68 -47.00 -21.26
C TRP A 47 -7.03 -46.35 -21.54
N LEU A 48 -7.80 -46.08 -20.47
CA LEU A 48 -9.05 -45.35 -20.64
C LEU A 48 -9.05 -43.98 -19.96
N ALA A 49 -8.95 -43.91 -18.64
CA ALA A 49 -9.35 -42.66 -17.99
C ALA A 49 -8.84 -42.63 -16.57
N LEU A 50 -8.83 -41.41 -16.00
CA LEU A 50 -8.33 -41.19 -14.66
C LEU A 50 -9.07 -40.03 -14.01
N VAL A 51 -9.19 -40.09 -12.69
CA VAL A 51 -9.61 -38.97 -11.86
C VAL A 51 -8.61 -38.82 -10.73
N THR A 52 -8.57 -37.63 -10.16
CA THR A 52 -7.76 -37.35 -8.99
C THR A 52 -8.64 -37.55 -7.76
N TYR A 53 -8.13 -37.15 -6.59
CA TYR A 53 -8.97 -37.08 -5.41
C TYR A 53 -10.13 -36.13 -5.67
N ASP A 54 -11.34 -36.58 -5.34
CA ASP A 54 -12.61 -35.93 -5.66
C ASP A 54 -12.79 -35.81 -7.17
N GLY A 55 -13.80 -35.05 -7.60
CA GLY A 55 -14.05 -34.92 -9.02
C GLY A 55 -13.39 -33.71 -9.63
N THR A 56 -12.21 -33.89 -10.21
CA THR A 56 -11.44 -32.79 -10.77
C THR A 56 -10.54 -33.36 -11.85
N THR A 57 -10.43 -32.62 -12.97
CA THR A 57 -9.54 -32.90 -14.10
C THR A 57 -9.65 -34.35 -14.57
N GLN A 58 -10.84 -34.68 -15.05
CA GLN A 58 -11.13 -36.04 -15.53
C GLN A 58 -10.36 -36.29 -16.81
N TYR A 59 -9.27 -37.04 -16.69
CA TYR A 59 -8.45 -37.38 -17.85
C TYR A 59 -9.18 -38.39 -18.70
N TYR A 60 -9.08 -38.23 -20.02
CA TYR A 60 -9.66 -39.16 -20.96
C TYR A 60 -8.69 -39.40 -22.10
N ALA A 61 -8.59 -40.65 -22.53
CA ALA A 61 -7.87 -40.96 -23.76
C ALA A 61 -8.65 -40.42 -24.96
N ASP A 62 -7.94 -40.24 -26.07
CA ASP A 62 -8.58 -39.72 -27.27
C ASP A 62 -9.59 -40.72 -27.84
N SER A 63 -9.35 -42.01 -27.62
CA SER A 63 -10.25 -43.04 -28.12
C SER A 63 -11.43 -43.30 -27.18
N VAL A 64 -11.38 -42.78 -25.95
CA VAL A 64 -12.41 -43.04 -24.97
C VAL A 64 -13.24 -41.78 -24.66
N LYS A 65 -12.75 -40.61 -25.03
CA LYS A 65 -13.40 -39.35 -24.70
C LYS A 65 -14.76 -39.23 -25.37
N GLY A 66 -15.72 -38.66 -24.63
CA GLY A 66 -17.07 -38.46 -25.14
C GLY A 66 -18.03 -39.55 -24.75
N ARG A 67 -17.69 -40.80 -25.06
CA ARG A 67 -18.56 -41.91 -24.71
C ARG A 67 -18.57 -42.17 -23.21
N LEU A 68 -17.44 -41.98 -22.55
CA LEU A 68 -17.27 -42.35 -21.15
C LEU A 68 -17.20 -41.11 -20.27
N THR A 69 -17.93 -41.15 -19.16
CA THR A 69 -17.74 -40.21 -18.06
C THR A 69 -17.29 -40.97 -16.83
N ILE A 70 -16.50 -40.31 -16.00
CA ILE A 70 -15.87 -40.96 -14.84
C ILE A 70 -15.99 -40.03 -13.64
N TYR A 71 -16.29 -40.61 -12.48
CA TYR A 71 -16.49 -39.83 -11.26
C TYR A 71 -16.43 -40.76 -10.06
N ARG A 72 -15.77 -40.30 -9.01
CA ARG A 72 -15.69 -41.01 -7.75
C ARG A 72 -16.57 -40.33 -6.72
N ASP A 73 -16.78 -41.02 -5.61
CA ASP A 73 -17.54 -40.49 -4.49
C ASP A 73 -16.71 -40.60 -3.21
N ASN A 74 -16.93 -39.68 -2.29
CA ASN A 74 -16.25 -39.71 -1.00
C ASN A 74 -17.08 -40.36 0.09
N SER A 75 -18.31 -40.81 -0.22
CA SER A 75 -19.15 -41.41 0.80
C SER A 75 -18.69 -42.81 1.15
N LYS A 76 -18.69 -43.73 0.18
CA LYS A 76 -18.21 -45.07 0.41
C LYS A 76 -17.11 -45.47 -0.58
N ASN A 77 -16.60 -44.49 -1.33
CA ASN A 77 -15.26 -44.52 -1.94
C ASN A 77 -15.11 -45.66 -2.96
N THR A 78 -15.94 -45.59 -3.99
CA THR A 78 -15.90 -46.54 -5.09
C THR A 78 -15.98 -45.77 -6.39
N LEU A 79 -15.05 -46.05 -7.31
CA LEU A 79 -15.02 -45.33 -8.57
C LEU A 79 -16.19 -45.73 -9.45
N PHE A 80 -16.78 -44.75 -10.13
CA PHE A 80 -17.98 -44.95 -10.93
C PHE A 80 -17.74 -44.44 -12.34
N LEU A 81 -17.77 -45.35 -13.31
CA LEU A 81 -17.81 -44.91 -14.71
C LEU A 81 -19.21 -45.10 -15.26
N HIS A 82 -19.52 -44.31 -16.29
CA HIS A 82 -20.71 -44.52 -17.09
C HIS A 82 -20.33 -44.34 -18.55
N LEU A 83 -20.42 -45.43 -19.31
CA LEU A 83 -20.06 -45.44 -20.72
C LEU A 83 -21.32 -45.58 -21.55
N ASN A 84 -21.37 -44.86 -22.66
CA ASN A 84 -22.56 -44.76 -23.49
C ASN A 84 -22.24 -45.18 -24.91
N SER A 85 -23.31 -45.42 -25.68
CA SER A 85 -23.28 -45.81 -27.09
C SER A 85 -22.34 -47.00 -27.34
N LEU A 86 -22.71 -48.12 -26.74
CA LEU A 86 -21.85 -49.30 -26.78
C LEU A 86 -21.85 -49.92 -28.17
N ARG A 87 -20.66 -50.19 -28.68
CA ARG A 87 -20.45 -50.80 -29.99
C ARG A 87 -20.12 -52.28 -29.82
N ARG A 88 -19.78 -52.93 -30.92
CA ARG A 88 -19.37 -54.33 -30.90
C ARG A 88 -17.96 -54.51 -30.31
N ASP A 89 -17.13 -53.47 -30.38
CA ASP A 89 -15.71 -53.59 -30.07
C ASP A 89 -15.38 -53.47 -28.59
N ASP A 90 -16.36 -53.16 -27.73
CA ASP A 90 -16.03 -52.88 -26.34
C ASP A 90 -16.01 -54.14 -25.46
N THR A 91 -16.16 -55.32 -26.05
CA THR A 91 -16.05 -56.57 -25.28
C THR A 91 -14.65 -56.70 -24.72
N ALA A 92 -14.52 -56.56 -23.41
CA ALA A 92 -13.20 -56.52 -22.77
C ALA A 92 -13.37 -56.76 -21.28
N ILE A 93 -12.25 -56.97 -20.62
CA ILE A 93 -12.20 -57.03 -19.17
C ILE A 93 -11.65 -55.69 -18.69
N TYR A 94 -12.44 -55.02 -17.86
CA TYR A 94 -12.14 -53.67 -17.40
C TYR A 94 -11.56 -53.74 -16.00
N PHE A 95 -10.45 -53.03 -15.78
CA PHE A 95 -9.73 -53.07 -14.53
C PHE A 95 -9.72 -51.69 -13.87
N CYS A 96 -10.12 -51.65 -12.60
CA CYS A 96 -9.78 -50.54 -11.73
C CYS A 96 -8.30 -50.57 -11.42
N ALA A 97 -7.75 -49.41 -11.09
CA ALA A 97 -6.39 -49.37 -10.58
C ALA A 97 -6.22 -48.12 -9.73
N ARG A 98 -5.24 -48.16 -8.84
CA ARG A 98 -4.96 -47.11 -7.89
C ARG A 98 -3.60 -46.48 -8.19
N GLY A 99 -3.52 -45.17 -8.02
CA GLY A 99 -2.29 -44.45 -8.32
C GLY A 99 -2.25 -43.16 -7.56
N GLY A 100 -1.13 -42.44 -7.73
CA GLY A 100 -0.93 -41.19 -7.04
C GLY A 100 -0.49 -41.38 -5.60
N GLU A 101 0.23 -40.41 -5.06
CA GLU A 101 0.68 -40.46 -3.67
C GLU A 101 0.11 -39.33 -2.83
N GLY A 102 0.40 -38.08 -3.19
CA GLY A 102 0.02 -36.95 -2.39
C GLY A 102 -1.20 -36.24 -2.91
N SER A 103 -1.28 -34.95 -2.59
CA SER A 103 -2.37 -34.11 -3.06
C SER A 103 -1.99 -33.50 -4.41
N PHE A 104 -1.89 -34.39 -5.40
CA PHE A 104 -1.46 -34.02 -6.73
C PHE A 104 -2.57 -34.29 -7.73
N SER A 105 -2.62 -33.45 -8.77
CA SER A 105 -3.53 -33.65 -9.89
C SER A 105 -2.78 -33.85 -11.20
N TRP A 106 -1.52 -34.24 -11.15
CA TRP A 106 -0.67 -34.32 -12.33
C TRP A 106 -0.52 -35.77 -12.77
N LEU A 107 -0.54 -35.99 -14.08
CA LEU A 107 -0.53 -37.34 -14.63
C LEU A 107 0.80 -38.04 -14.39
N GLY A 108 1.89 -37.27 -14.30
CA GLY A 108 3.20 -37.88 -14.07
C GLY A 108 3.30 -38.54 -12.71
N TYR A 109 2.77 -37.90 -11.68
CA TYR A 109 2.68 -38.56 -10.39
C TYR A 109 1.59 -39.61 -10.38
N LEU A 110 0.63 -39.53 -11.29
CA LEU A 110 -0.49 -40.46 -11.36
C LEU A 110 -0.24 -41.56 -12.38
N GLN A 111 0.86 -42.31 -12.19
CA GLN A 111 1.14 -43.41 -13.11
C GLN A 111 1.68 -44.66 -12.42
N TYR A 112 1.68 -44.72 -11.10
CA TYR A 112 2.17 -45.90 -10.39
C TYR A 112 1.02 -46.87 -10.19
N MET A 113 1.23 -48.13 -10.60
CA MET A 113 0.14 -49.09 -10.63
C MET A 113 0.29 -49.95 -9.37
N ASP A 114 -0.03 -49.38 -8.21
CA ASP A 114 0.33 -50.04 -6.96
C ASP A 114 -0.56 -51.24 -6.66
N VAL A 115 -1.77 -51.28 -7.22
CA VAL A 115 -2.69 -52.38 -6.98
C VAL A 115 -3.72 -52.39 -8.11
N TRP A 116 -4.21 -53.58 -8.45
CA TRP A 116 -5.11 -53.78 -9.55
C TRP A 116 -6.36 -54.52 -9.08
N GLY A 117 -7.42 -54.43 -9.88
CA GLY A 117 -8.61 -55.23 -9.67
C GLY A 117 -8.55 -56.51 -10.46
N GLN A 118 -9.64 -57.28 -10.38
CA GLN A 118 -9.79 -58.48 -11.19
C GLN A 118 -10.51 -58.21 -12.50
N GLY A 119 -11.05 -57.01 -12.68
CA GLY A 119 -11.75 -56.64 -13.90
C GLY A 119 -13.13 -57.26 -14.05
N THR A 120 -14.05 -56.51 -14.66
CA THR A 120 -15.36 -57.02 -15.04
C THR A 120 -15.31 -57.39 -16.51
N THR A 121 -15.92 -58.51 -16.86
CA THR A 121 -16.03 -58.90 -18.25
C THR A 121 -17.30 -58.29 -18.84
N VAL A 122 -17.14 -57.51 -19.90
CA VAL A 122 -18.26 -56.95 -20.65
C VAL A 122 -18.24 -57.54 -22.05
N THR A 123 -19.34 -58.16 -22.43
CA THR A 123 -19.47 -58.86 -23.70
C THR A 123 -20.72 -58.37 -24.41
N VAL A 124 -20.59 -58.07 -25.70
CA VAL A 124 -21.71 -57.63 -26.53
C VAL A 124 -21.86 -58.60 -27.69
N SER A 125 -23.08 -59.10 -27.88
CA SER A 125 -23.39 -60.08 -28.92
C SER A 125 -24.91 -60.13 -29.08
N SER A 126 -25.38 -61.09 -29.87
CA SER A 126 -26.81 -61.31 -30.06
C SER A 126 -27.11 -62.79 -30.31
N GLN B 26 -24.82 19.04 -9.21
CA GLN B 26 -26.21 18.79 -9.57
C GLN B 26 -27.11 19.86 -8.96
N ASN B 27 -27.62 19.60 -7.75
CA ASN B 27 -28.48 20.54 -7.05
C ASN B 27 -28.05 20.66 -5.59
N ILE B 28 -26.75 20.82 -5.37
CA ILE B 28 -26.23 21.02 -4.03
C ILE B 28 -26.59 22.41 -3.56
N THR B 29 -27.17 22.50 -2.36
CA THR B 29 -27.46 23.79 -1.77
C THR B 29 -27.15 23.71 -0.29
N GLU B 30 -27.25 24.85 0.39
CA GLU B 30 -26.88 24.92 1.79
C GLU B 30 -27.59 26.11 2.42
N GLU B 31 -27.65 26.10 3.75
CA GLU B 31 -28.24 27.21 4.49
C GLU B 31 -27.40 27.42 5.76
N PHE B 32 -26.43 28.32 5.66
CA PHE B 32 -25.66 28.69 6.83
C PHE B 32 -26.54 29.54 7.74
N TYR B 33 -26.91 28.98 8.89
CA TYR B 33 -27.61 29.76 9.89
C TYR B 33 -26.60 30.64 10.61
N GLN B 34 -26.97 31.90 10.84
CA GLN B 34 -26.14 32.81 11.61
C GLN B 34 -26.56 32.87 13.07
N SER B 35 -27.66 32.22 13.43
CA SER B 35 -28.06 32.14 14.84
C SER B 35 -27.04 31.35 15.62
N THR B 36 -26.73 30.14 15.17
CA THR B 36 -25.58 29.38 15.62
C THR B 36 -24.72 29.10 14.40
N CYS B 37 -23.40 29.20 14.56
CA CYS B 37 -22.47 29.07 13.44
C CYS B 37 -22.47 27.63 12.98
N SER B 38 -23.21 27.36 11.91
CA SER B 38 -23.42 25.99 11.46
C SER B 38 -23.92 26.03 10.02
N ALA B 39 -23.50 25.04 9.26
CA ALA B 39 -23.90 24.88 7.88
C ALA B 39 -24.57 23.53 7.70
N VAL B 40 -25.65 23.51 6.94
CA VAL B 40 -26.36 22.29 6.61
C VAL B 40 -26.21 22.05 5.11
N SER B 41 -25.83 20.84 4.73
CA SER B 41 -25.61 20.52 3.33
C SER B 41 -26.91 19.94 2.77
N LYS B 42 -27.83 20.85 2.46
CA LYS B 42 -29.16 20.44 2.01
C LYS B 42 -29.10 19.92 0.58
N GLY B 43 -29.53 18.69 0.40
CA GLY B 43 -29.60 18.10 -0.93
C GLY B 43 -28.42 17.19 -1.20
N TYR B 44 -28.63 15.91 -0.97
CA TYR B 44 -27.69 14.83 -1.21
C TYR B 44 -28.50 13.54 -1.14
N LEU B 45 -27.94 12.48 -1.68
CA LEU B 45 -28.64 11.20 -1.69
C LEU B 45 -27.76 10.14 -1.05
N SER B 46 -28.40 9.28 -0.25
CA SER B 46 -27.70 8.56 0.81
C SER B 46 -26.83 7.42 0.28
N ALA B 47 -27.45 6.40 -0.31
CA ALA B 47 -26.79 5.16 -0.73
C ALA B 47 -25.99 4.55 0.43
N LEU B 48 -26.68 4.33 1.54
CA LEU B 48 -26.05 3.80 2.74
C LEU B 48 -25.95 2.28 2.69
N ARG B 49 -24.77 1.78 3.02
CA ARG B 49 -24.64 0.37 3.34
C ARG B 49 -25.43 0.07 4.60
N THR B 50 -26.09 -1.08 4.64
CA THR B 50 -26.72 -1.55 5.85
C THR B 50 -26.36 -2.97 6.22
N GLY B 51 -25.71 -3.71 5.33
CA GLY B 51 -25.37 -5.10 5.59
C GLY B 51 -24.19 -5.50 4.73
N TRP B 52 -23.73 -6.72 4.95
CA TRP B 52 -22.65 -7.28 4.15
C TRP B 52 -23.20 -8.35 3.23
N TYR B 53 -22.61 -8.44 2.04
CA TYR B 53 -22.80 -9.60 1.18
C TYR B 53 -21.46 -10.32 1.09
N THR B 54 -21.45 -11.60 1.38
CA THR B 54 -20.23 -12.38 1.34
C THR B 54 -20.16 -13.19 0.07
N SER B 55 -18.93 -13.45 -0.37
CA SER B 55 -18.70 -14.39 -1.46
C SER B 55 -17.33 -15.02 -1.26
N VAL B 56 -17.14 -16.20 -1.85
CA VAL B 56 -15.86 -16.88 -1.80
C VAL B 56 -15.25 -16.82 -3.19
N ILE B 57 -13.97 -16.46 -3.25
CA ILE B 57 -13.22 -16.41 -4.49
C ILE B 57 -12.10 -17.42 -4.36
N THR B 58 -12.05 -18.37 -5.29
CA THR B 58 -11.06 -19.44 -5.23
C THR B 58 -10.13 -19.36 -6.43
N ILE B 59 -8.90 -19.77 -6.21
CA ILE B 59 -7.93 -20.01 -7.28
C ILE B 59 -7.49 -21.47 -7.17
N GLU B 60 -7.75 -22.24 -8.21
CA GLU B 60 -7.32 -23.63 -8.22
C GLU B 60 -5.83 -23.71 -8.56
N LEU B 61 -5.18 -24.75 -8.04
CA LEU B 61 -3.72 -24.84 -8.09
C LEU B 61 -3.32 -26.25 -7.68
N SER B 62 -2.20 -26.72 -8.23
CA SER B 62 -1.75 -28.08 -8.05
C SER B 62 -0.37 -28.10 -7.40
N ASN B 63 -0.12 -29.15 -6.61
CA ASN B 63 1.11 -29.26 -5.85
C ASN B 63 2.23 -29.74 -6.75
N ILE B 64 3.28 -28.94 -6.85
CA ILE B 64 4.44 -29.31 -7.66
C ILE B 64 5.48 -29.98 -6.77
N LYS B 65 6.03 -31.09 -7.26
CA LYS B 65 7.12 -31.79 -6.60
C LYS B 65 8.45 -31.14 -7.02
N GLU B 66 9.56 -31.84 -6.78
CA GLU B 66 10.87 -31.31 -7.13
C GLU B 66 11.02 -31.18 -8.65
N ASN B 67 12.09 -30.48 -9.06
CA ASN B 67 12.22 -30.04 -10.44
C ASN B 67 12.38 -31.20 -11.42
N LYS B 68 13.15 -32.23 -11.03
CA LYS B 68 13.47 -33.39 -11.87
C LYS B 68 14.11 -32.93 -13.18
N CYS B 69 15.28 -32.30 -13.04
CA CYS B 69 16.00 -31.76 -14.18
C CYS B 69 17.50 -31.91 -13.95
N ASN B 70 18.24 -31.94 -15.06
CA ASN B 70 19.69 -32.08 -15.03
C ASN B 70 20.32 -30.76 -15.45
N GLY B 71 21.29 -30.30 -14.68
CA GLY B 71 22.01 -29.09 -15.00
C GLY B 71 21.22 -27.84 -14.69
N THR B 72 21.80 -26.70 -15.06
CA THR B 72 21.20 -25.40 -14.83
C THR B 72 20.72 -24.72 -16.10
N ASP B 73 21.50 -24.84 -17.20
CA ASP B 73 21.19 -24.29 -18.51
C ASP B 73 20.96 -22.77 -18.49
N ALA B 74 20.42 -22.25 -19.58
CA ALA B 74 20.01 -20.86 -19.67
C ALA B 74 18.55 -20.71 -20.06
N LYS B 75 18.05 -21.60 -20.92
CA LYS B 75 16.63 -21.60 -21.25
C LYS B 75 15.80 -22.06 -20.06
N VAL B 76 16.01 -23.30 -19.62
CA VAL B 76 15.21 -23.88 -18.52
C VAL B 76 15.96 -23.57 -17.22
N LYS B 77 15.81 -22.37 -16.78
CA LYS B 77 16.32 -22.03 -15.46
C LYS B 77 15.38 -21.11 -14.69
N LEU B 78 14.70 -20.20 -15.39
CA LEU B 78 13.74 -19.33 -14.73
C LEU B 78 12.54 -20.10 -14.21
N ILE B 79 12.26 -21.26 -14.80
CA ILE B 79 11.20 -22.13 -14.31
C ILE B 79 11.48 -22.55 -12.88
N LYS B 80 12.74 -22.87 -12.57
CA LYS B 80 13.10 -23.34 -11.25
C LYS B 80 12.86 -22.27 -10.19
N GLN B 81 13.33 -21.05 -10.43
CA GLN B 81 13.11 -19.97 -9.48
C GLN B 81 11.65 -19.58 -9.38
N GLU B 82 10.93 -19.60 -10.49
CA GLU B 82 9.52 -19.20 -10.44
C GLU B 82 8.67 -20.24 -9.72
N LEU B 83 8.92 -21.52 -9.95
CA LEU B 83 8.21 -22.56 -9.21
C LEU B 83 8.60 -22.57 -7.75
N ASP B 84 9.87 -22.26 -7.43
CA ASP B 84 10.25 -22.12 -6.02
C ASP B 84 9.53 -20.95 -5.37
N LYS B 85 9.38 -19.85 -6.10
CA LYS B 85 8.61 -18.72 -5.60
C LYS B 85 7.14 -19.10 -5.36
N TYR B 86 6.57 -19.87 -6.29
CA TYR B 86 5.20 -20.34 -6.13
C TYR B 86 5.07 -21.27 -4.92
N LYS B 87 6.04 -22.17 -4.73
CA LYS B 87 6.05 -23.03 -3.56
C LYS B 87 6.16 -22.22 -2.28
N ASN B 88 7.01 -21.20 -2.28
CA ASN B 88 7.15 -20.35 -1.11
C ASN B 88 5.85 -19.62 -0.80
N ALA B 89 5.16 -19.14 -1.83
CA ALA B 89 3.89 -18.46 -1.63
C ALA B 89 2.84 -19.38 -1.05
N VAL B 90 2.74 -20.60 -1.60
CA VAL B 90 1.69 -21.49 -1.13
C VAL B 90 2.00 -22.02 0.27
N THR B 91 3.27 -22.26 0.59
CA THR B 91 3.58 -22.71 1.94
C THR B 91 3.49 -21.57 2.93
N GLU B 92 3.73 -20.33 2.49
CA GLU B 92 3.54 -19.18 3.37
C GLU B 92 2.07 -18.99 3.68
N LEU B 93 1.20 -19.14 2.68
CA LEU B 93 -0.21 -18.97 2.93
C LEU B 93 -0.77 -20.16 3.72
N GLN B 94 -0.15 -21.33 3.59
CA GLN B 94 -0.43 -22.44 4.48
C GLN B 94 -0.08 -22.07 5.92
N LEU B 95 1.06 -21.42 6.11
CA LEU B 95 1.46 -20.97 7.44
C LEU B 95 0.53 -19.85 7.94
N LEU B 96 -0.09 -19.12 7.02
CA LEU B 96 -1.05 -18.08 7.40
C LEU B 96 -2.26 -18.67 8.12
N MET B 97 -2.75 -19.80 7.65
CA MET B 97 -3.86 -20.47 8.31
C MET B 97 -3.69 -21.99 8.28
N PHE B 137 -17.87 14.48 17.15
CA PHE B 137 -17.48 14.58 18.56
C PHE B 137 -18.22 13.55 19.40
N LEU B 138 -19.00 12.69 18.73
CA LEU B 138 -19.81 11.69 19.41
C LEU B 138 -19.25 10.28 19.29
N GLY B 139 -17.94 10.16 19.06
CA GLY B 139 -17.34 8.84 18.97
C GLY B 139 -17.34 8.09 20.29
N PHE B 140 -17.35 8.82 21.41
CA PHE B 140 -17.39 8.16 22.70
C PHE B 140 -18.76 7.52 22.95
N LEU B 141 -19.83 8.14 22.45
CA LEU B 141 -21.15 7.53 22.52
C LEU B 141 -21.40 6.58 21.35
N LEU B 142 -20.49 6.52 20.40
CA LEU B 142 -20.71 5.71 19.21
C LEU B 142 -20.48 4.23 19.50
N GLY B 143 -21.42 3.40 19.06
CA GLY B 143 -21.29 1.97 19.24
C GLY B 143 -20.27 1.37 18.29
N VAL B 144 -19.85 0.16 18.61
CA VAL B 144 -18.82 -0.53 17.85
C VAL B 144 -19.29 -1.95 17.55
N GLY B 145 -18.98 -2.42 16.36
CA GLY B 145 -19.28 -3.79 15.98
C GLY B 145 -18.16 -4.38 15.17
N SER B 146 -18.03 -5.70 15.24
CA SER B 146 -17.01 -6.40 14.46
C SER B 146 -17.41 -6.35 12.99
N ALA B 147 -16.69 -5.53 12.22
CA ALA B 147 -17.00 -5.40 10.80
C ALA B 147 -16.68 -6.69 10.05
N ILE B 148 -15.58 -7.35 10.42
CA ILE B 148 -15.20 -8.62 9.78
C ILE B 148 -15.89 -9.72 10.57
N ALA B 149 -17.18 -9.90 10.29
CA ALA B 149 -17.97 -10.87 11.03
C ALA B 149 -18.56 -11.96 10.15
N SER B 150 -19.27 -11.58 9.09
CA SER B 150 -19.88 -12.59 8.23
C SER B 150 -18.83 -13.34 7.44
N GLY B 151 -17.76 -12.66 7.04
CA GLY B 151 -16.72 -13.32 6.27
C GLY B 151 -15.97 -14.37 7.06
N VAL B 152 -15.63 -14.06 8.32
CA VAL B 152 -14.97 -15.06 9.13
C VAL B 152 -15.95 -16.17 9.50
N ALA B 153 -17.25 -15.86 9.53
CA ALA B 153 -18.25 -16.90 9.70
C ALA B 153 -18.25 -17.85 8.50
N VAL B 154 -18.13 -17.30 7.29
CA VAL B 154 -18.09 -18.13 6.10
C VAL B 154 -16.82 -18.97 6.07
N CYS B 155 -15.68 -18.38 6.46
CA CYS B 155 -14.45 -19.16 6.60
C CYS B 155 -14.61 -20.27 7.61
N LYS B 156 -15.29 -19.97 8.74
CA LYS B 156 -15.49 -20.98 9.78
C LYS B 156 -16.38 -22.11 9.30
N VAL B 157 -17.36 -21.79 8.46
CA VAL B 157 -18.14 -22.83 7.79
C VAL B 157 -17.24 -23.66 6.89
N LEU B 158 -16.31 -23.00 6.20
CA LEU B 158 -15.39 -23.72 5.33
C LEU B 158 -14.43 -24.62 6.11
N HIS B 159 -14.12 -24.29 7.37
CA HIS B 159 -13.22 -25.13 8.16
C HIS B 159 -13.78 -26.52 8.41
N LEU B 160 -15.09 -26.72 8.32
CA LEU B 160 -15.64 -28.05 8.49
C LEU B 160 -15.24 -28.94 7.33
N GLU B 161 -14.95 -30.20 7.64
CA GLU B 161 -14.39 -31.12 6.66
C GLU B 161 -15.42 -31.51 5.62
N GLY B 162 -14.95 -31.64 4.38
CA GLY B 162 -15.81 -31.99 3.27
C GLY B 162 -16.68 -30.87 2.74
N GLU B 163 -16.53 -29.66 3.28
CA GLU B 163 -17.36 -28.54 2.86
C GLU B 163 -16.80 -27.85 1.63
N VAL B 164 -15.49 -27.56 1.62
CA VAL B 164 -14.88 -26.94 0.47
C VAL B 164 -14.79 -27.92 -0.70
N ASN B 165 -14.92 -29.22 -0.42
CA ASN B 165 -15.04 -30.20 -1.49
C ASN B 165 -16.32 -30.00 -2.29
N LYS B 166 -17.37 -29.49 -1.65
CA LYS B 166 -18.60 -29.18 -2.38
C LYS B 166 -18.38 -28.03 -3.37
N ILE B 167 -17.60 -27.03 -2.96
CA ILE B 167 -17.23 -25.96 -3.88
C ILE B 167 -16.33 -26.49 -4.98
N LYS B 168 -15.40 -27.39 -4.62
CA LYS B 168 -14.48 -27.98 -5.59
C LYS B 168 -15.22 -28.76 -6.66
N SER B 169 -16.18 -29.58 -6.24
CA SER B 169 -16.92 -30.42 -7.19
C SER B 169 -17.93 -29.59 -7.97
N ALA B 170 -18.66 -28.70 -7.28
CA ALA B 170 -19.76 -27.99 -7.91
C ALA B 170 -19.25 -26.96 -8.92
N LEU B 171 -18.16 -26.29 -8.60
CA LEU B 171 -17.58 -25.31 -9.52
C LEU B 171 -16.51 -25.95 -10.41
N LEU B 172 -16.86 -27.09 -11.03
CA LEU B 172 -15.87 -27.80 -11.82
C LEU B 172 -15.62 -27.13 -13.16
N SER B 173 -16.67 -26.67 -13.81
CA SER B 173 -16.54 -25.99 -15.10
C SER B 173 -17.24 -24.65 -15.14
N THR B 174 -18.36 -24.52 -14.44
CA THR B 174 -19.09 -23.25 -14.41
C THR B 174 -18.28 -22.21 -13.66
N ASN B 175 -18.22 -21.00 -14.19
CA ASN B 175 -17.31 -19.99 -13.64
C ASN B 175 -17.83 -19.47 -12.31
N LYS B 176 -19.13 -19.23 -12.21
CA LYS B 176 -19.74 -18.73 -10.98
C LYS B 176 -21.02 -19.52 -10.73
N ALA B 177 -21.30 -19.80 -9.46
CA ALA B 177 -22.48 -20.57 -9.10
C ALA B 177 -22.88 -20.23 -7.68
N VAL B 178 -23.94 -20.88 -7.22
CA VAL B 178 -24.42 -20.76 -5.84
C VAL B 178 -24.56 -22.17 -5.28
N VAL B 179 -23.92 -22.43 -4.15
CA VAL B 179 -23.96 -23.73 -3.52
C VAL B 179 -24.53 -23.57 -2.11
N SER B 180 -25.13 -24.65 -1.61
CA SER B 180 -25.62 -24.67 -0.24
C SER B 180 -24.55 -25.24 0.69
N LEU B 181 -24.51 -24.74 1.91
CA LEU B 181 -23.52 -25.18 2.88
C LEU B 181 -24.22 -25.92 4.01
N SER B 182 -23.43 -26.32 5.00
CA SER B 182 -23.93 -27.12 6.11
C SER B 182 -24.57 -26.29 7.21
N ASN B 183 -24.67 -24.97 7.04
CA ASN B 183 -25.38 -24.12 7.99
C ASN B 183 -26.55 -23.40 7.33
N GLY B 184 -27.01 -23.89 6.18
CA GLY B 184 -28.08 -23.24 5.46
C GLY B 184 -27.66 -21.99 4.73
N VAL B 185 -26.37 -21.67 4.73
CA VAL B 185 -25.87 -20.47 4.08
C VAL B 185 -25.53 -20.82 2.63
N SER B 186 -26.07 -20.04 1.71
CA SER B 186 -25.99 -20.34 0.29
C SER B 186 -25.63 -19.08 -0.48
N VAL B 187 -24.54 -18.44 -0.09
CA VAL B 187 -24.22 -17.10 -0.61
C VAL B 187 -23.84 -17.12 -2.09
N LEU B 188 -22.68 -17.67 -2.44
CA LEU B 188 -22.12 -17.55 -3.78
C LEU B 188 -20.76 -18.26 -3.81
N THR B 189 -20.35 -18.65 -5.01
CA THR B 189 -19.02 -19.18 -5.28
C THR B 189 -18.50 -18.59 -6.58
N PHE B 190 -17.18 -18.48 -6.69
CA PHE B 190 -16.58 -17.97 -7.91
C PHE B 190 -15.13 -18.44 -8.01
N LYS B 191 -14.71 -18.74 -9.24
CA LYS B 191 -13.35 -19.17 -9.55
C LYS B 191 -12.66 -18.09 -10.38
N VAL B 192 -11.52 -17.62 -9.91
CA VAL B 192 -10.86 -16.50 -10.59
C VAL B 192 -9.83 -16.95 -11.61
N LEU B 193 -9.16 -18.08 -11.40
CA LEU B 193 -8.09 -18.50 -12.28
C LEU B 193 -8.09 -20.02 -12.38
N ASP B 194 -7.41 -20.54 -13.40
CA ASP B 194 -7.53 -21.91 -13.86
C ASP B 194 -6.16 -22.58 -13.97
N LEU B 195 -5.37 -22.49 -12.89
CA LEU B 195 -4.00 -22.98 -12.91
C LEU B 195 -3.90 -24.50 -13.04
N LYS B 196 -5.01 -25.23 -12.84
CA LYS B 196 -5.06 -26.64 -13.22
C LYS B 196 -4.58 -26.84 -14.66
N ASN B 197 -5.26 -26.21 -15.61
CA ASN B 197 -4.96 -26.41 -17.02
C ASN B 197 -3.56 -25.94 -17.36
N TYR B 198 -3.20 -24.73 -16.92
CA TYR B 198 -1.93 -24.15 -17.32
C TYR B 198 -0.75 -24.91 -16.73
N ILE B 199 -0.83 -25.25 -15.43
CA ILE B 199 0.28 -25.96 -14.80
C ILE B 199 0.37 -27.39 -15.31
N ASP B 200 -0.76 -28.08 -15.47
CA ASP B 200 -0.70 -29.48 -15.85
C ASP B 200 -0.71 -29.71 -17.36
N LYS B 201 -0.71 -28.65 -18.17
CA LYS B 201 -0.62 -28.81 -19.61
C LYS B 201 0.48 -28.00 -20.27
N GLN B 202 0.78 -26.80 -19.78
CA GLN B 202 1.76 -25.94 -20.41
C GLN B 202 3.04 -25.78 -19.61
N LEU B 203 3.10 -26.28 -18.39
CA LEU B 203 4.32 -26.22 -17.60
C LEU B 203 4.90 -27.61 -17.35
N LEU B 204 4.16 -28.49 -16.69
CA LEU B 204 4.72 -29.78 -16.29
C LEU B 204 4.99 -30.76 -17.42
N PRO B 205 4.24 -30.80 -18.53
CA PRO B 205 4.71 -31.60 -19.67
C PRO B 205 6.05 -31.16 -20.24
N ILE B 206 6.45 -29.91 -20.02
CA ILE B 206 7.68 -29.37 -20.59
C ILE B 206 8.83 -29.40 -19.58
N LEU B 207 8.57 -28.93 -18.35
CA LEU B 207 9.63 -28.86 -17.35
C LEU B 207 10.03 -30.22 -16.82
N ASN B 208 9.17 -31.23 -16.95
CA ASN B 208 9.44 -32.53 -16.37
C ASN B 208 9.80 -33.57 -17.42
N LYS B 209 10.47 -33.16 -18.48
CA LYS B 209 10.98 -34.10 -19.48
C LYS B 209 12.31 -34.68 -19.03
N GLN B 210 12.73 -35.75 -19.71
CA GLN B 210 14.08 -36.25 -19.56
C GLN B 210 15.06 -35.22 -20.12
N SER B 211 16.01 -34.81 -19.28
CA SER B 211 16.99 -33.74 -19.55
C SER B 211 16.27 -32.49 -20.09
N CYS B 212 15.48 -31.91 -19.18
CA CYS B 212 14.49 -30.90 -19.54
C CYS B 212 15.12 -29.69 -20.21
N SER B 213 14.39 -29.11 -21.16
CA SER B 213 14.81 -27.90 -21.86
C SER B 213 13.57 -27.28 -22.50
N ILE B 214 13.31 -26.01 -22.23
CA ILE B 214 12.11 -25.37 -22.74
C ILE B 214 12.25 -25.14 -24.25
N SER B 215 11.10 -25.07 -24.93
CA SER B 215 11.10 -24.77 -26.35
C SER B 215 11.48 -23.32 -26.60
N ASN B 216 10.89 -22.40 -25.85
CA ASN B 216 11.15 -20.98 -26.03
C ASN B 216 10.81 -20.26 -24.73
N ILE B 217 11.37 -19.06 -24.58
CA ILE B 217 11.14 -18.29 -23.38
C ILE B 217 9.73 -17.73 -23.33
N GLU B 218 9.01 -17.73 -24.46
CA GLU B 218 7.64 -17.26 -24.51
C GLU B 218 6.72 -18.09 -23.63
N THR B 219 7.12 -19.31 -23.31
CA THR B 219 6.35 -20.13 -22.38
C THR B 219 6.36 -19.54 -20.98
N VAL B 220 7.49 -18.97 -20.53
CA VAL B 220 7.59 -18.66 -19.12
C VAL B 220 7.06 -17.26 -18.81
N ILE B 221 7.11 -16.35 -19.78
CA ILE B 221 6.68 -14.97 -19.52
C ILE B 221 5.18 -14.91 -19.30
N GLU B 222 4.42 -15.71 -20.04
CA GLU B 222 3.00 -15.82 -19.75
C GLU B 222 2.77 -16.55 -18.43
N PHE B 223 3.73 -17.37 -18.02
CA PHE B 223 3.71 -17.91 -16.67
C PHE B 223 3.85 -16.78 -15.66
N GLN B 224 4.57 -15.72 -16.02
CA GLN B 224 4.59 -14.52 -15.21
C GLN B 224 3.20 -13.91 -15.11
N GLN B 225 2.44 -13.97 -16.21
CA GLN B 225 1.07 -13.47 -16.18
C GLN B 225 0.19 -14.32 -15.28
N LYS B 226 0.47 -15.61 -15.19
CA LYS B 226 -0.35 -16.52 -14.40
C LYS B 226 0.24 -16.80 -13.02
N ASN B 227 1.26 -16.05 -12.61
CA ASN B 227 1.82 -16.23 -11.28
C ASN B 227 2.00 -14.92 -10.54
N ASN B 228 2.07 -13.79 -11.25
CA ASN B 228 2.20 -12.50 -10.60
C ASN B 228 0.95 -12.16 -9.81
N ARG B 229 -0.22 -12.59 -10.32
CA ARG B 229 -1.47 -12.36 -9.61
C ARG B 229 -1.49 -13.09 -8.27
N LEU B 230 -1.11 -14.37 -8.29
CA LEU B 230 -1.09 -15.17 -7.07
C LEU B 230 -0.07 -14.62 -6.08
N LEU B 231 1.09 -14.19 -6.59
CA LEU B 231 2.11 -13.60 -5.73
C LEU B 231 1.62 -12.29 -5.15
N GLU B 232 0.84 -11.53 -5.91
CA GLU B 232 0.24 -10.31 -5.40
C GLU B 232 -0.74 -10.61 -4.28
N ILE B 233 -1.53 -11.68 -4.43
CA ILE B 233 -2.44 -12.10 -3.38
C ILE B 233 -1.66 -12.46 -2.12
N THR B 234 -0.58 -13.21 -2.30
CA THR B 234 0.26 -13.63 -1.19
C THR B 234 0.86 -12.43 -0.46
N ARG B 235 1.34 -11.45 -1.23
CA ARG B 235 1.96 -10.29 -0.59
C ARG B 235 0.94 -9.31 -0.03
N GLU B 236 -0.30 -9.34 -0.50
CA GLU B 236 -1.35 -8.58 0.16
C GLU B 236 -1.71 -9.18 1.50
N PHE B 237 -1.90 -10.50 1.55
CA PHE B 237 -2.25 -11.12 2.82
C PHE B 237 -1.07 -11.27 3.77
N SER B 238 0.16 -11.19 3.27
CA SER B 238 1.31 -11.24 4.15
C SER B 238 1.54 -9.93 4.87
N VAL B 239 1.13 -8.81 4.28
CA VAL B 239 1.35 -7.49 4.85
C VAL B 239 0.28 -7.14 5.86
N ASN B 240 -0.99 -7.30 5.48
CA ASN B 240 -2.10 -6.91 6.33
C ASN B 240 -2.59 -8.05 7.21
N ALA B 241 -1.94 -9.22 7.13
CA ALA B 241 -2.18 -10.36 8.02
C ALA B 241 -3.63 -10.84 7.97
N GLY B 242 -4.02 -11.32 6.80
CA GLY B 242 -5.31 -11.97 6.61
C GLY B 242 -6.47 -11.08 6.23
N VAL B 243 -6.58 -9.91 6.87
CA VAL B 243 -7.68 -8.99 6.63
C VAL B 243 -7.14 -7.71 6.02
N THR B 244 -7.72 -7.30 4.90
CA THR B 244 -7.20 -6.18 4.12
C THR B 244 -8.27 -5.12 3.93
N THR B 245 -7.87 -3.86 4.14
CA THR B 245 -8.76 -2.71 3.94
C THR B 245 -8.00 -1.70 3.09
N PRO B 246 -8.50 -1.35 1.90
CA PRO B 246 -9.65 -1.92 1.19
C PRO B 246 -9.23 -3.13 0.38
N VAL B 247 -10.02 -3.49 -0.63
CA VAL B 247 -9.71 -4.60 -1.51
C VAL B 247 -8.88 -4.08 -2.67
N SER B 248 -7.75 -4.72 -2.92
CA SER B 248 -6.92 -4.39 -4.07
C SER B 248 -7.52 -4.99 -5.33
N THR B 249 -7.17 -4.40 -6.48
CA THR B 249 -7.66 -4.90 -7.75
C THR B 249 -7.06 -6.27 -8.09
N TYR B 250 -6.00 -6.69 -7.40
CA TYR B 250 -5.49 -8.03 -7.63
C TYR B 250 -6.37 -9.08 -6.97
N MET B 251 -7.01 -8.75 -5.85
CA MET B 251 -7.96 -9.70 -5.28
C MET B 251 -9.25 -9.76 -6.07
N LEU B 252 -9.54 -8.75 -6.87
CA LEU B 252 -10.69 -8.80 -7.76
C LEU B 252 -10.48 -7.79 -8.88
N THR B 253 -10.39 -8.27 -10.12
CA THR B 253 -10.31 -7.37 -11.26
C THR B 253 -11.63 -6.65 -11.42
N ASN B 254 -11.57 -5.44 -12.00
CA ASN B 254 -12.72 -4.53 -11.97
C ASN B 254 -13.85 -5.04 -12.86
N SER B 255 -13.52 -5.60 -14.01
CA SER B 255 -14.55 -6.20 -14.86
C SER B 255 -15.23 -7.35 -14.15
N GLU B 256 -14.45 -8.12 -13.38
CA GLU B 256 -15.07 -9.19 -12.62
C GLU B 256 -15.88 -8.65 -11.45
N LEU B 257 -15.47 -7.51 -10.89
CA LEU B 257 -16.30 -6.87 -9.87
C LEU B 257 -17.64 -6.46 -10.45
N LEU B 258 -17.65 -5.94 -11.68
CA LEU B 258 -18.90 -5.64 -12.36
C LEU B 258 -19.72 -6.92 -12.59
N SER B 259 -19.04 -8.01 -12.92
CA SER B 259 -19.73 -9.29 -13.07
C SER B 259 -20.40 -9.71 -11.78
N LEU B 260 -19.68 -9.60 -10.66
CA LEU B 260 -20.26 -9.87 -9.35
C LEU B 260 -21.39 -8.91 -9.00
N ILE B 261 -21.30 -7.66 -9.47
CA ILE B 261 -22.40 -6.72 -9.31
C ILE B 261 -23.64 -7.25 -10.01
N ASN B 262 -23.46 -7.84 -11.19
CA ASN B 262 -24.56 -8.48 -11.88
C ASN B 262 -24.89 -9.88 -11.32
N ASP B 263 -24.40 -10.22 -10.13
CA ASP B 263 -24.58 -11.56 -9.58
C ASP B 263 -25.35 -11.59 -8.28
N MET B 264 -25.00 -10.76 -7.28
CA MET B 264 -25.58 -10.92 -5.96
C MET B 264 -27.07 -10.57 -5.99
N PRO B 265 -27.86 -11.13 -5.08
CA PRO B 265 -29.30 -10.84 -5.07
C PRO B 265 -29.60 -9.46 -4.54
N ILE B 266 -29.58 -8.45 -5.41
CA ILE B 266 -29.99 -7.10 -5.08
C ILE B 266 -30.89 -6.60 -6.21
N THR B 267 -31.50 -5.44 -5.99
CA THR B 267 -32.32 -4.89 -7.05
C THR B 267 -31.44 -4.19 -8.08
N ASN B 268 -32.00 -4.03 -9.29
CA ASN B 268 -31.20 -3.63 -10.43
C ASN B 268 -30.76 -2.18 -10.35
N ASP B 269 -31.52 -1.33 -9.66
CA ASP B 269 -31.05 0.04 -9.46
C ASP B 269 -29.83 0.06 -8.54
N GLN B 270 -29.81 -0.86 -7.58
CA GLN B 270 -28.59 -0.97 -6.72
C GLN B 270 -27.45 -1.45 -7.62
N LYS B 271 -27.73 -2.38 -8.53
CA LYS B 271 -26.71 -2.85 -9.46
C LYS B 271 -26.15 -1.70 -10.28
N LYS B 272 -27.03 -0.81 -10.75
CA LYS B 272 -26.59 0.33 -11.53
C LYS B 272 -25.74 1.28 -10.71
N LEU B 273 -26.16 1.53 -9.46
CA LEU B 273 -25.41 2.42 -8.58
C LEU B 273 -24.04 1.85 -8.25
N MET B 274 -23.98 0.56 -7.96
CA MET B 274 -22.71 -0.05 -7.62
C MET B 274 -21.82 -0.15 -8.85
N SER B 275 -22.41 -0.29 -10.03
CA SER B 275 -21.66 -0.23 -11.28
C SER B 275 -21.07 1.16 -11.46
N ASN B 276 -21.83 2.20 -11.14
CA ASN B 276 -21.31 3.55 -11.27
C ASN B 276 -20.30 3.90 -10.19
N ASN B 277 -20.31 3.21 -9.06
CA ASN B 277 -19.37 3.50 -7.97
C ASN B 277 -18.62 2.25 -7.55
N VAL B 278 -18.15 1.52 -8.57
CA VAL B 278 -17.18 0.43 -8.38
C VAL B 278 -15.99 0.86 -7.51
N GLN B 279 -15.52 2.09 -7.66
CA GLN B 279 -14.39 2.53 -6.85
C GLN B 279 -14.80 2.65 -5.38
N ILE B 280 -16.02 3.11 -5.12
CA ILE B 280 -16.47 3.27 -3.74
C ILE B 280 -16.69 1.90 -3.10
N VAL B 281 -17.34 0.99 -3.83
CA VAL B 281 -17.60 -0.33 -3.27
C VAL B 281 -16.30 -1.10 -3.12
N ARG B 282 -15.29 -0.79 -3.95
CA ARG B 282 -13.97 -1.33 -3.73
C ARG B 282 -13.34 -0.78 -2.46
N GLN B 283 -13.57 0.50 -2.18
CA GLN B 283 -13.05 1.09 -0.94
C GLN B 283 -13.70 0.47 0.30
N GLN B 284 -15.01 0.24 0.25
CA GLN B 284 -15.68 -0.23 1.45
C GLN B 284 -15.51 -1.73 1.66
N SER B 285 -15.24 -2.48 0.60
CA SER B 285 -15.18 -3.93 0.70
C SER B 285 -13.94 -4.39 1.46
N TYR B 286 -14.08 -5.52 2.15
CA TYR B 286 -12.98 -6.14 2.86
C TYR B 286 -12.63 -7.46 2.21
N SER B 287 -11.51 -8.04 2.64
CA SER B 287 -11.09 -9.34 2.15
C SER B 287 -10.42 -10.11 3.28
N ILE B 288 -10.93 -11.30 3.57
CA ILE B 288 -10.43 -12.13 4.65
C ILE B 288 -10.02 -13.46 4.05
N MET B 289 -8.94 -14.02 4.58
CA MET B 289 -8.40 -15.27 4.03
C MET B 289 -9.07 -16.47 4.65
N CYS B 290 -9.69 -17.30 3.82
CA CYS B 290 -10.25 -18.58 4.23
C CYS B 290 -9.21 -19.68 4.04
N ILE B 291 -9.65 -20.93 4.09
CA ILE B 291 -8.80 -22.11 4.15
C ILE B 291 -8.04 -22.36 2.85
N ILE B 292 -7.08 -23.28 2.88
CA ILE B 292 -6.25 -23.64 1.75
C ILE B 292 -6.39 -25.12 1.45
N LYS B 293 -7.01 -25.87 2.37
CA LYS B 293 -6.92 -27.33 2.40
C LYS B 293 -7.53 -27.94 1.14
N GLU B 294 -7.08 -29.18 0.84
CA GLU B 294 -7.23 -29.90 -0.44
C GLU B 294 -6.90 -29.02 -1.66
N GLU B 295 -6.01 -28.04 -1.43
CA GLU B 295 -5.38 -27.20 -2.46
C GLU B 295 -6.39 -26.56 -3.40
N VAL B 296 -7.43 -25.98 -2.82
CA VAL B 296 -8.46 -25.27 -3.56
C VAL B 296 -8.57 -23.84 -3.04
N LEU B 297 -7.42 -23.25 -2.72
CA LEU B 297 -7.22 -21.98 -2.01
C LEU B 297 -8.26 -20.90 -2.32
N ALA B 298 -8.89 -20.36 -1.28
CA ALA B 298 -10.01 -19.46 -1.47
C ALA B 298 -10.08 -18.48 -0.31
N TYR B 299 -10.60 -17.28 -0.60
CA TYR B 299 -10.73 -16.21 0.38
C TYR B 299 -12.11 -15.61 0.25
N VAL B 300 -12.61 -15.08 1.36
CA VAL B 300 -13.95 -14.49 1.39
C VAL B 300 -13.82 -12.99 1.19
N VAL B 301 -14.74 -12.45 0.41
CA VAL B 301 -14.96 -11.00 0.30
C VAL B 301 -16.24 -10.66 1.04
N GLN B 302 -16.20 -9.56 1.78
CA GLN B 302 -17.32 -9.07 2.56
C GLN B 302 -17.75 -7.74 1.95
N LEU B 303 -17.90 -7.74 0.63
CA LEU B 303 -18.27 -6.54 -0.11
C LEU B 303 -19.61 -5.98 0.38
N PRO B 304 -19.75 -4.67 0.45
CA PRO B 304 -20.91 -4.09 1.12
C PRO B 304 -22.18 -4.21 0.30
N LEU B 305 -23.27 -4.44 1.02
CA LEU B 305 -24.62 -4.32 0.50
C LEU B 305 -24.99 -2.84 0.52
N TYR B 306 -26.14 -2.49 -0.06
CA TYR B 306 -26.58 -1.10 0.00
C TYR B 306 -28.10 -1.12 0.16
N GLY B 307 -28.57 -1.07 1.41
CA GLY B 307 -30.02 -1.21 1.65
C GLY B 307 -30.85 0.01 1.29
N VAL B 308 -30.57 1.16 1.90
CA VAL B 308 -31.41 2.33 1.69
C VAL B 308 -30.67 3.32 0.81
N ILE B 309 -31.32 3.75 -0.27
CA ILE B 309 -30.76 4.69 -1.22
C ILE B 309 -31.74 5.83 -1.37
N ASP B 310 -31.22 6.99 -1.80
CA ASP B 310 -32.01 8.12 -2.25
C ASP B 310 -32.90 8.69 -1.14
N THR B 311 -32.25 9.18 -0.09
CA THR B 311 -32.95 10.04 0.85
C THR B 311 -32.08 11.28 1.05
N PRO B 312 -32.69 12.40 1.41
CA PRO B 312 -31.89 13.57 1.81
C PRO B 312 -30.97 13.24 2.96
N CYS B 313 -29.72 13.66 2.82
CA CYS B 313 -28.71 13.47 3.86
C CYS B 313 -27.87 14.73 3.89
N TRP B 314 -27.80 15.38 5.04
CA TRP B 314 -27.14 16.66 5.15
C TRP B 314 -25.91 16.57 6.02
N LYS B 315 -24.88 17.32 5.64
CA LYS B 315 -23.63 17.40 6.39
C LYS B 315 -23.68 18.67 7.24
N LEU B 316 -23.71 18.49 8.55
CA LEU B 316 -23.72 19.59 9.50
C LEU B 316 -22.27 19.95 9.79
N HIS B 317 -21.82 21.06 9.20
CA HIS B 317 -20.60 21.73 9.61
C HIS B 317 -20.92 22.62 10.79
N THR B 318 -19.95 22.79 11.69
CA THR B 318 -20.16 23.61 12.86
C THR B 318 -18.90 24.43 13.14
N SER B 319 -19.09 25.53 13.88
CA SER B 319 -18.02 26.47 14.20
C SER B 319 -18.36 27.18 15.49
N PRO B 320 -17.36 27.56 16.28
CA PRO B 320 -17.63 28.25 17.54
C PRO B 320 -18.24 29.63 17.33
N LEU B 321 -19.10 30.01 18.27
CA LEU B 321 -19.76 31.32 18.27
C LEU B 321 -19.37 32.02 19.56
N CYS B 322 -18.44 32.97 19.47
CA CYS B 322 -17.92 33.61 20.67
C CYS B 322 -18.18 35.11 20.64
N THR B 323 -18.68 35.62 21.76
CA THR B 323 -18.92 37.04 21.90
C THR B 323 -17.59 37.80 21.91
N THR B 324 -17.65 39.02 21.41
CA THR B 324 -16.43 39.80 21.15
C THR B 324 -16.05 40.66 22.34
N ASN B 325 -15.96 40.04 23.50
CA ASN B 325 -15.53 40.74 24.70
C ASN B 325 -14.05 41.07 24.59
N THR B 326 -13.71 42.34 24.82
CA THR B 326 -12.32 42.77 24.70
C THR B 326 -11.46 42.16 25.81
N LYS B 327 -12.04 41.99 27.00
CA LYS B 327 -11.37 41.30 28.09
C LYS B 327 -11.17 39.84 27.72
N GLU B 328 -9.91 39.43 27.58
CA GLU B 328 -9.61 38.11 27.04
C GLU B 328 -9.87 37.02 28.09
N GLY B 329 -10.42 35.90 27.63
CA GLY B 329 -10.66 34.75 28.48
C GLY B 329 -11.98 34.75 29.20
N SER B 330 -12.66 35.90 29.28
CA SER B 330 -13.94 36.01 29.96
C SER B 330 -15.12 35.83 29.01
N ASN B 331 -14.86 35.53 27.74
CA ASN B 331 -15.90 35.35 26.74
C ASN B 331 -16.20 33.85 26.59
N ILE B 332 -17.07 33.37 27.49
CA ILE B 332 -17.57 32.01 27.39
C ILE B 332 -18.32 31.82 26.07
N CYS B 333 -18.10 30.69 25.43
CA CYS B 333 -18.76 30.50 24.16
C CYS B 333 -19.02 29.04 23.83
N LEU B 334 -19.95 28.83 22.91
CA LEU B 334 -20.51 27.53 22.64
C LEU B 334 -20.61 27.32 21.13
N THR B 335 -20.87 26.07 20.78
CA THR B 335 -21.07 25.65 19.40
C THR B 335 -21.88 24.35 19.41
N ARG B 336 -22.47 24.04 18.27
CA ARG B 336 -23.22 22.79 18.14
C ARG B 336 -22.22 21.64 18.03
N THR B 337 -22.27 20.72 18.99
CA THR B 337 -21.40 19.54 18.94
C THR B 337 -22.09 18.41 18.16
N ASP B 338 -22.54 18.79 16.96
CA ASP B 338 -23.40 17.94 16.14
C ASP B 338 -22.82 17.77 14.74
N ARG B 339 -21.53 18.01 14.57
CA ARG B 339 -20.89 17.94 13.27
C ARG B 339 -20.93 16.54 12.70
N GLY B 340 -21.21 16.43 11.41
CA GLY B 340 -21.24 15.11 10.80
C GLY B 340 -22.30 14.95 9.74
N TRP B 341 -22.83 13.75 9.58
CA TRP B 341 -23.82 13.49 8.53
C TRP B 341 -25.11 12.98 9.15
N TYR B 342 -26.23 13.45 8.63
CA TYR B 342 -27.55 12.99 9.04
C TYR B 342 -28.31 12.58 7.79
N CYS B 343 -28.56 11.29 7.62
CA CYS B 343 -29.34 10.79 6.51
C CYS B 343 -30.70 10.36 7.02
N ASP B 344 -31.76 10.63 6.26
CA ASP B 344 -33.11 10.30 6.69
C ASP B 344 -33.42 8.87 6.29
N ASN B 345 -32.85 7.92 7.03
CA ASN B 345 -33.04 6.51 6.79
C ASN B 345 -34.25 6.03 7.57
N ALA B 346 -35.23 5.48 6.85
CA ALA B 346 -36.46 4.90 7.39
C ALA B 346 -37.21 5.98 8.18
N GLY B 347 -37.88 5.59 9.27
CA GLY B 347 -38.63 6.52 10.08
C GLY B 347 -37.79 7.19 11.15
N SER B 348 -36.50 7.34 10.88
CA SER B 348 -35.57 7.97 11.79
C SER B 348 -34.49 8.65 10.96
N VAL B 349 -33.38 9.00 11.59
CA VAL B 349 -32.21 9.49 10.88
C VAL B 349 -30.98 8.73 11.36
N SER B 350 -30.18 8.28 10.42
CA SER B 350 -28.88 7.72 10.74
C SER B 350 -27.87 8.85 10.84
N PHE B 351 -27.19 8.93 11.97
CA PHE B 351 -26.23 9.99 12.23
C PHE B 351 -24.82 9.42 12.28
N PHE B 352 -23.90 10.09 11.60
CA PHE B 352 -22.52 9.67 11.51
C PHE B 352 -21.67 10.80 12.09
N PRO B 353 -21.10 10.64 13.27
CA PRO B 353 -20.25 11.71 13.82
C PRO B 353 -18.88 11.76 13.18
N GLN B 354 -18.28 10.60 12.95
CA GLN B 354 -16.92 10.54 12.41
C GLN B 354 -16.99 10.84 10.92
N ALA B 355 -16.62 12.07 10.56
CA ALA B 355 -16.75 12.51 9.17
C ALA B 355 -15.77 11.81 8.25
N GLU B 356 -14.67 11.27 8.79
CA GLU B 356 -13.69 10.62 7.94
C GLU B 356 -14.17 9.29 7.38
N THR B 357 -15.17 8.69 8.02
CA THR B 357 -15.66 7.40 7.56
C THR B 357 -16.50 7.54 6.29
N CYS B 358 -17.31 8.59 6.21
CA CYS B 358 -18.20 8.75 5.06
C CYS B 358 -17.44 9.37 3.90
N LYS B 359 -17.64 8.79 2.72
CA LYS B 359 -17.04 9.25 1.48
C LYS B 359 -18.08 9.97 0.65
N VAL B 360 -17.62 10.90 -0.18
CA VAL B 360 -18.51 11.70 -1.03
C VAL B 360 -18.05 11.56 -2.47
N GLN B 361 -19.01 11.51 -3.39
CA GLN B 361 -18.66 11.45 -4.81
C GLN B 361 -19.80 12.10 -5.60
N SER B 362 -19.70 13.42 -5.81
CA SER B 362 -20.48 14.16 -6.80
C SER B 362 -22.00 13.96 -6.62
N ASN B 363 -22.50 14.52 -5.51
CA ASN B 363 -23.90 14.37 -5.07
C ASN B 363 -24.28 12.92 -4.88
N ARG B 364 -23.36 12.10 -4.38
CA ARG B 364 -23.63 10.70 -4.08
C ARG B 364 -22.72 10.33 -2.92
N VAL B 365 -23.23 10.43 -1.70
CA VAL B 365 -22.46 10.08 -0.54
C VAL B 365 -22.52 8.56 -0.35
N PHE B 366 -21.68 8.07 0.55
CA PHE B 366 -21.58 6.64 0.84
C PHE B 366 -21.01 6.55 2.25
N CYS B 367 -21.78 6.05 3.20
CA CYS B 367 -21.23 5.96 4.54
C CYS B 367 -21.77 4.72 5.23
N ASP B 368 -20.85 3.97 5.85
CA ASP B 368 -21.20 2.71 6.50
C ASP B 368 -21.97 2.94 7.79
N THR B 369 -23.09 2.25 7.93
CA THR B 369 -24.02 2.49 9.03
C THR B 369 -23.60 1.82 10.33
N MET B 370 -22.52 1.03 10.34
CA MET B 370 -22.15 0.33 11.57
C MET B 370 -21.71 1.31 12.65
N ASN B 371 -21.13 2.43 12.25
CA ASN B 371 -20.83 3.52 13.17
C ASN B 371 -21.82 4.68 13.00
N SER B 372 -23.07 4.44 13.40
CA SER B 372 -24.09 5.47 13.30
C SER B 372 -24.93 5.49 14.57
N LEU B 373 -25.86 6.44 14.61
CA LEU B 373 -26.88 6.51 15.64
C LEU B 373 -28.25 6.52 14.97
N THR B 374 -29.17 5.75 15.52
CA THR B 374 -30.55 5.71 15.04
C THR B 374 -31.39 6.80 15.71
N LEU B 375 -31.00 8.04 15.43
CA LEU B 375 -31.53 9.18 16.12
C LEU B 375 -32.97 9.44 15.62
N PRO B 376 -33.85 9.97 16.48
CA PRO B 376 -35.24 10.13 16.08
C PRO B 376 -35.41 11.13 14.94
N SER B 377 -36.56 11.01 14.26
CA SER B 377 -36.83 11.82 13.07
C SER B 377 -36.95 13.31 13.38
N GLU B 378 -37.20 13.67 14.64
CA GLU B 378 -37.21 15.06 15.05
C GLU B 378 -35.76 15.51 15.26
N VAL B 379 -35.11 15.84 14.15
CA VAL B 379 -33.81 16.50 14.20
C VAL B 379 -33.73 17.72 13.31
N ASN B 380 -34.58 17.85 12.29
CA ASN B 380 -34.60 19.08 11.50
C ASN B 380 -35.22 20.22 12.29
N LEU B 381 -36.08 19.89 13.26
CA LEU B 381 -36.68 20.91 14.11
C LEU B 381 -35.62 21.64 14.93
N CYS B 382 -34.72 20.89 15.55
CA CYS B 382 -33.60 21.51 16.26
C CYS B 382 -32.62 22.12 15.28
N ASN B 383 -32.52 21.56 14.08
CA ASN B 383 -31.57 22.06 13.09
C ASN B 383 -31.93 23.45 12.61
N VAL B 384 -33.23 23.73 12.44
CA VAL B 384 -33.66 25.06 12.05
C VAL B 384 -33.81 25.95 13.29
N ASP B 385 -34.70 25.57 14.19
CA ASP B 385 -34.97 26.32 15.41
C ASP B 385 -34.18 25.67 16.54
N ILE B 386 -33.14 26.35 16.99
CA ILE B 386 -32.28 25.79 18.03
C ILE B 386 -33.01 25.73 19.37
N PHE B 387 -33.82 26.75 19.68
CA PHE B 387 -34.56 26.79 20.94
C PHE B 387 -35.95 26.19 20.71
N ASN B 388 -36.02 24.89 20.85
CA ASN B 388 -37.30 24.19 20.76
C ASN B 388 -37.48 23.28 21.95
N PRO B 389 -38.72 23.11 22.43
CA PRO B 389 -38.97 22.14 23.50
C PRO B 389 -39.23 20.75 22.95
N LYS B 390 -38.43 20.31 21.99
CA LYS B 390 -38.60 19.00 21.39
C LYS B 390 -37.32 18.19 21.30
N TYR B 391 -36.15 18.83 21.19
CA TYR B 391 -34.89 18.12 21.07
C TYR B 391 -33.88 18.72 22.04
N ASP B 392 -32.89 17.90 22.41
CA ASP B 392 -31.93 18.33 23.42
C ASP B 392 -30.94 19.36 22.89
N CYS B 393 -30.60 19.29 21.59
CA CYS B 393 -29.73 20.26 20.90
C CYS B 393 -28.37 20.38 21.59
N LYS B 394 -27.60 19.29 21.46
CA LYS B 394 -26.34 19.13 22.18
C LYS B 394 -25.34 20.23 21.85
N ILE B 395 -24.61 20.69 22.88
CA ILE B 395 -23.80 21.90 22.79
C ILE B 395 -22.43 21.68 23.44
N MET B 396 -21.37 22.00 22.69
CA MET B 396 -20.01 22.17 23.19
C MET B 396 -19.92 23.59 23.78
N THR B 397 -19.32 23.71 24.96
CA THR B 397 -19.13 25.03 25.56
C THR B 397 -17.80 25.12 26.30
N SER B 398 -17.15 26.28 26.21
CA SER B 398 -15.86 26.56 26.82
C SER B 398 -15.56 28.05 26.65
N LYS B 399 -14.82 28.60 27.62
CA LYS B 399 -14.41 30.01 27.55
C LYS B 399 -13.23 30.22 26.61
N THR B 400 -12.61 29.15 26.11
CA THR B 400 -11.46 29.30 25.23
C THR B 400 -11.88 29.94 23.92
N ASP B 401 -11.14 30.97 23.52
CA ASP B 401 -11.43 31.73 22.30
C ASP B 401 -10.38 31.40 21.27
N VAL B 402 -10.78 30.68 20.23
CA VAL B 402 -9.87 30.21 19.20
C VAL B 402 -10.33 30.76 17.86
N SER B 403 -9.44 31.48 17.18
CA SER B 403 -9.70 31.84 15.79
C SER B 403 -9.58 30.60 14.93
N SER B 404 -10.60 30.35 14.11
CA SER B 404 -10.65 29.13 13.33
C SER B 404 -11.59 29.36 12.15
N SER B 405 -11.56 28.42 11.21
CA SER B 405 -12.43 28.48 10.05
C SER B 405 -12.66 27.05 9.55
N VAL B 406 -13.85 26.82 8.97
CA VAL B 406 -14.17 25.54 8.37
C VAL B 406 -14.71 25.79 6.97
N ILE B 407 -14.71 24.74 6.17
CA ILE B 407 -15.14 24.81 4.78
C ILE B 407 -16.32 23.86 4.60
N THR B 408 -17.43 24.38 4.09
CA THR B 408 -18.54 23.54 3.69
C THR B 408 -18.39 23.25 2.20
N SER B 409 -19.38 22.58 1.61
CA SER B 409 -19.30 22.26 0.18
C SER B 409 -19.40 23.52 -0.68
N LEU B 410 -20.14 24.51 -0.23
CA LEU B 410 -20.45 25.69 -1.04
C LEU B 410 -20.02 26.99 -0.37
N GLY B 411 -18.93 26.95 0.38
CA GLY B 411 -18.43 28.18 0.96
C GLY B 411 -17.58 27.89 2.19
N ALA B 412 -17.34 28.94 2.95
CA ALA B 412 -16.48 28.86 4.12
C ALA B 412 -17.08 29.62 5.28
N ILE B 413 -17.09 28.99 6.45
CA ILE B 413 -17.51 29.61 7.70
C ILE B 413 -16.26 30.09 8.41
N VAL B 414 -16.16 31.40 8.63
CA VAL B 414 -15.06 31.99 9.36
C VAL B 414 -15.53 32.32 10.76
N SER B 415 -14.70 32.00 11.76
CA SER B 415 -15.01 32.26 13.15
C SER B 415 -13.80 32.82 13.88
N CYS B 416 -13.10 33.75 13.26
CA CYS B 416 -11.94 34.36 13.89
C CYS B 416 -12.39 35.36 14.95
N TYR B 417 -11.66 35.40 16.06
CA TYR B 417 -12.00 36.25 17.19
C TYR B 417 -10.73 36.88 17.74
N GLY B 418 -10.90 38.06 18.34
CA GLY B 418 -9.75 38.77 18.83
C GLY B 418 -8.93 39.35 17.67
N LYS B 419 -7.71 39.75 17.98
CA LYS B 419 -6.83 40.32 16.98
C LYS B 419 -6.31 39.22 16.06
N THR B 420 -6.91 39.12 14.88
CA THR B 420 -6.60 38.07 13.92
C THR B 420 -7.00 38.57 12.54
N LYS B 421 -6.11 38.40 11.56
CA LYS B 421 -6.46 38.75 10.19
C LYS B 421 -7.48 37.75 9.65
N CYS B 422 -8.53 38.28 9.03
CA CYS B 422 -9.63 37.46 8.53
C CYS B 422 -9.95 37.95 7.12
N THR B 423 -9.62 37.15 6.11
CA THR B 423 -9.76 37.63 4.75
C THR B 423 -10.30 36.50 3.88
N ALA B 424 -11.23 36.84 2.98
CA ALA B 424 -11.59 35.99 1.87
C ALA B 424 -11.01 36.63 0.62
N SER B 425 -10.12 35.91 -0.06
CA SER B 425 -9.36 36.46 -1.18
C SER B 425 -9.35 35.47 -2.34
N ASN B 426 -9.31 36.01 -3.56
CA ASN B 426 -9.26 35.21 -4.77
C ASN B 426 -8.18 35.74 -5.70
N LYS B 427 -7.69 34.86 -6.58
CA LYS B 427 -6.60 35.23 -7.48
C LYS B 427 -7.03 36.18 -8.59
N ASN B 428 -8.34 36.41 -8.75
CA ASN B 428 -8.81 37.33 -9.78
C ASN B 428 -8.42 38.77 -9.45
N ARG B 429 -8.91 39.27 -8.31
CA ARG B 429 -8.76 40.67 -7.95
C ARG B 429 -8.18 40.84 -6.55
N GLY B 430 -7.39 39.87 -6.09
CA GLY B 430 -6.81 39.97 -4.76
C GLY B 430 -7.84 39.72 -3.69
N ILE B 431 -7.74 40.45 -2.58
CA ILE B 431 -8.66 40.26 -1.48
C ILE B 431 -10.04 40.79 -1.86
N ILE B 432 -11.08 40.14 -1.36
CA ILE B 432 -12.44 40.48 -1.72
C ILE B 432 -13.35 40.69 -0.52
N LYS B 433 -12.97 40.22 0.67
CA LYS B 433 -13.80 40.44 1.85
C LYS B 433 -12.92 40.42 3.09
N THR B 434 -13.24 41.29 4.04
CA THR B 434 -12.51 41.39 5.30
C THR B 434 -13.51 41.31 6.44
N PHE B 435 -13.21 40.46 7.41
CA PHE B 435 -14.14 40.13 8.48
C PHE B 435 -13.70 40.83 9.75
N SER B 436 -14.62 41.56 10.39
CA SER B 436 -14.26 42.27 11.61
C SER B 436 -14.24 41.33 12.81
N ASN B 437 -15.40 40.79 13.17
CA ASN B 437 -15.56 39.92 14.33
C ASN B 437 -16.86 39.16 14.15
N GLY B 438 -17.03 38.12 14.96
CA GLY B 438 -18.19 37.26 14.82
C GLY B 438 -17.95 36.19 13.77
N CYS B 439 -18.75 35.14 13.76
CA CYS B 439 -18.64 34.17 12.68
C CYS B 439 -19.43 34.67 11.48
N ASP B 440 -18.81 34.60 10.31
CA ASP B 440 -19.46 34.98 9.07
C ASP B 440 -19.24 33.88 8.05
N TYR B 441 -19.70 34.14 6.83
CA TYR B 441 -19.73 33.12 5.80
C TYR B 441 -19.42 33.73 4.45
N VAL B 442 -18.81 32.93 3.59
CA VAL B 442 -18.65 33.29 2.18
C VAL B 442 -19.15 32.16 1.30
N SER B 443 -19.84 32.53 0.23
CA SER B 443 -20.19 31.58 -0.82
C SER B 443 -18.93 31.16 -1.56
N ASN B 444 -18.96 29.94 -2.09
CA ASN B 444 -17.80 29.43 -2.81
C ASN B 444 -17.61 30.13 -4.14
N LYS B 445 -18.69 30.55 -4.79
CA LYS B 445 -18.58 31.17 -6.10
C LYS B 445 -18.46 32.69 -6.00
N GLY B 446 -17.58 33.14 -5.11
CA GLY B 446 -17.19 34.54 -5.07
C GLY B 446 -15.73 34.69 -4.71
N VAL B 447 -15.09 33.57 -4.38
CA VAL B 447 -13.78 33.61 -3.73
C VAL B 447 -13.16 32.22 -3.84
N ASP B 448 -11.83 32.19 -3.95
CA ASP B 448 -11.08 30.95 -4.03
C ASP B 448 -10.51 30.52 -2.68
N THR B 449 -9.87 31.43 -1.96
CA THR B 449 -9.16 31.08 -0.74
C THR B 449 -9.68 31.91 0.43
N VAL B 450 -9.48 31.38 1.61
CA VAL B 450 -9.75 32.09 2.86
C VAL B 450 -8.51 32.03 3.73
N SER B 451 -8.13 33.16 4.30
CA SER B 451 -7.02 33.25 5.22
C SER B 451 -7.55 33.62 6.60
N VAL B 452 -7.19 32.81 7.60
CA VAL B 452 -7.45 33.15 9.00
C VAL B 452 -6.12 33.10 9.73
N GLY B 453 -5.81 34.17 10.45
CA GLY B 453 -4.56 34.29 11.16
C GLY B 453 -3.34 34.16 10.27
N ASN B 454 -2.68 33.00 10.37
CA ASN B 454 -1.47 32.72 9.60
C ASN B 454 -1.66 31.53 8.66
N THR B 455 -2.89 31.05 8.47
CA THR B 455 -3.12 29.87 7.67
C THR B 455 -4.16 30.14 6.60
N LEU B 456 -4.05 29.40 5.49
CA LEU B 456 -4.91 29.51 4.34
C LEU B 456 -5.70 28.22 4.15
N TYR B 457 -6.83 28.34 3.45
CA TYR B 457 -7.64 27.21 3.02
C TYR B 457 -8.22 27.53 1.66
N TYR B 458 -8.49 26.49 0.89
CA TYR B 458 -9.11 26.62 -0.41
C TYR B 458 -10.52 26.06 -0.34
N VAL B 459 -11.46 26.77 -0.91
CA VAL B 459 -12.85 26.35 -0.87
C VAL B 459 -13.13 25.42 -2.05
N ASN B 460 -14.11 24.54 -1.89
CA ASN B 460 -14.55 23.70 -2.99
C ASN B 460 -15.23 24.55 -4.04
N LYS B 461 -14.69 24.53 -5.26
CA LYS B 461 -15.22 25.30 -6.38
C LYS B 461 -16.34 24.56 -7.10
N GLN B 462 -16.87 23.49 -6.51
CA GLN B 462 -17.92 22.73 -7.19
C GLN B 462 -19.22 23.53 -7.16
N GLU B 463 -19.90 23.53 -8.30
CA GLU B 463 -20.95 24.51 -8.54
C GLU B 463 -22.19 24.17 -7.73
N GLY B 464 -22.78 25.19 -7.12
CA GLY B 464 -24.02 25.01 -6.38
C GLY B 464 -24.54 26.36 -5.92
N LYS B 465 -25.82 26.36 -5.59
CA LYS B 465 -26.53 27.59 -5.22
C LYS B 465 -26.46 27.77 -3.71
N SER B 466 -26.24 29.02 -3.29
CA SER B 466 -26.04 29.34 -1.89
C SER B 466 -27.13 30.29 -1.43
N LEU B 467 -27.45 30.22 -0.14
CA LEU B 467 -28.34 31.19 0.48
C LEU B 467 -27.90 31.39 1.92
N TYR B 468 -27.62 32.64 2.28
CA TYR B 468 -27.17 33.02 3.61
C TYR B 468 -28.33 33.69 4.34
N VAL B 469 -28.76 33.08 5.43
CA VAL B 469 -29.89 33.60 6.20
C VAL B 469 -29.35 34.51 7.29
N LYS B 470 -30.21 35.39 7.78
CA LYS B 470 -29.87 36.26 8.91
C LYS B 470 -30.17 35.53 10.21
N GLY B 471 -29.23 35.58 11.13
CA GLY B 471 -29.41 34.96 12.43
C GLY B 471 -29.28 35.95 13.55
N GLU B 472 -28.64 35.55 14.65
CA GLU B 472 -28.56 36.39 15.84
C GLU B 472 -27.49 35.81 16.76
N PRO B 473 -26.89 36.65 17.62
CA PRO B 473 -25.96 36.14 18.63
C PRO B 473 -26.65 35.43 19.79
N ILE B 474 -26.87 34.13 19.65
CA ILE B 474 -27.68 33.36 20.61
C ILE B 474 -27.09 33.42 22.01
N ILE B 475 -25.75 33.39 22.12
CA ILE B 475 -25.12 33.34 23.43
C ILE B 475 -25.29 34.65 24.17
N ASN B 476 -25.58 35.73 23.45
CA ASN B 476 -25.84 37.00 24.09
C ASN B 476 -27.26 37.12 24.60
N PHE B 477 -28.13 36.14 24.32
CA PHE B 477 -29.43 36.13 24.98
C PHE B 477 -29.34 35.74 26.45
N TYR B 478 -28.24 35.13 26.87
CA TYR B 478 -28.08 34.76 28.26
C TYR B 478 -27.21 35.78 29.00
N ASP B 479 -27.03 35.54 30.29
CA ASP B 479 -26.13 36.37 31.07
C ASP B 479 -24.68 36.15 30.61
N PRO B 480 -23.85 37.20 30.63
CA PRO B 480 -22.46 37.04 30.18
C PRO B 480 -21.65 36.00 30.93
N LEU B 481 -21.80 35.90 32.25
CA LEU B 481 -21.00 34.92 33.01
C LEU B 481 -21.86 34.27 34.09
N VAL B 482 -22.59 33.22 33.70
CA VAL B 482 -23.15 32.26 34.64
C VAL B 482 -22.87 30.85 34.09
N PHE B 483 -22.47 30.79 32.83
CA PHE B 483 -22.29 29.51 32.14
C PHE B 483 -21.21 28.65 32.79
N PRO B 484 -21.36 27.34 32.79
CA PRO B 484 -20.22 26.46 33.05
C PRO B 484 -19.30 26.42 31.84
N SER B 485 -18.12 25.84 32.05
CA SER B 485 -17.11 25.80 30.99
C SER B 485 -16.39 24.46 30.98
N ASP B 486 -16.99 23.42 31.54
CA ASP B 486 -16.25 22.22 31.91
C ASP B 486 -16.95 20.96 31.42
N GLU B 487 -17.33 20.94 30.15
CA GLU B 487 -17.93 19.73 29.58
C GLU B 487 -17.66 19.65 28.09
N PHE B 488 -17.29 18.46 27.61
CA PHE B 488 -17.30 18.18 26.18
C PHE B 488 -18.69 17.84 25.66
N ASP B 489 -19.56 17.30 26.50
CA ASP B 489 -20.91 16.96 26.06
C ASP B 489 -21.90 17.68 26.96
N ALA B 490 -22.86 18.35 26.34
CA ALA B 490 -23.94 18.99 27.06
C ALA B 490 -25.13 19.07 26.12
N SER B 491 -26.11 19.88 26.52
CA SER B 491 -27.25 20.22 25.68
C SER B 491 -27.86 21.50 26.21
N ILE B 492 -28.72 22.13 25.41
CA ILE B 492 -29.31 23.40 25.84
C ILE B 492 -30.24 23.19 27.03
N SER B 493 -30.82 22.00 27.16
CA SER B 493 -31.68 21.72 28.29
C SER B 493 -30.89 21.66 29.60
N GLN B 494 -29.77 20.92 29.60
CA GLN B 494 -28.95 20.82 30.80
C GLN B 494 -28.27 22.14 31.11
N VAL B 495 -27.87 22.87 30.06
CA VAL B 495 -27.29 24.20 30.26
C VAL B 495 -28.31 25.14 30.91
N ASN B 496 -29.54 25.11 30.41
CA ASN B 496 -30.58 25.96 30.97
C ASN B 496 -30.90 25.56 32.41
N GLU B 497 -30.90 24.25 32.69
CA GLU B 497 -31.19 23.82 34.05
C GLU B 497 -30.06 24.15 35.01
N LYS B 498 -28.80 24.09 34.54
CA LYS B 498 -27.70 24.52 35.38
C LYS B 498 -27.74 26.02 35.63
N ILE B 499 -28.14 26.79 34.62
CA ILE B 499 -28.32 28.22 34.79
C ILE B 499 -29.43 28.51 35.80
N ASN B 500 -30.53 27.76 35.71
CA ASN B 500 -31.63 27.94 36.64
C ASN B 500 -31.24 27.58 38.07
N GLN B 501 -30.48 26.50 38.24
CA GLN B 501 -30.10 26.09 39.59
C GLN B 501 -29.04 27.02 40.18
N SER B 502 -28.16 27.57 39.34
CA SER B 502 -27.19 28.55 39.84
C SER B 502 -27.88 29.86 40.17
N LEU B 503 -28.90 30.25 39.39
CA LEU B 503 -29.69 31.41 39.73
C LEU B 503 -30.45 31.20 41.02
N ALA B 504 -30.97 29.99 41.23
CA ALA B 504 -31.62 29.63 42.48
C ALA B 504 -30.65 29.77 43.64
N PHE B 505 -29.43 29.28 43.46
CA PHE B 505 -28.39 29.39 44.48
C PHE B 505 -28.09 30.86 44.80
N ILE B 506 -27.97 31.71 43.77
CA ILE B 506 -27.54 33.07 44.04
C ILE B 506 -28.64 33.88 44.70
N ARG B 507 -29.92 33.65 44.37
CA ARG B 507 -30.87 34.47 45.12
C ARG B 507 -31.23 33.82 46.46
N LYS B 508 -30.93 32.53 46.65
CA LYS B 508 -30.89 32.01 48.02
C LYS B 508 -29.81 32.72 48.83
N SER B 509 -28.63 32.90 48.24
CA SER B 509 -27.55 33.60 48.93
C SER B 509 -27.94 35.04 49.23
N ASP B 510 -28.63 35.69 48.28
CA ASP B 510 -29.10 37.05 48.51
C ASP B 510 -30.18 37.11 49.58
N GLU B 511 -31.07 36.11 49.61
CA GLU B 511 -32.19 36.14 50.54
C GLU B 511 -31.75 35.85 51.96
N LEU B 512 -30.80 34.93 52.15
CA LEU B 512 -30.35 34.59 53.49
C LEU B 512 -29.59 35.75 54.15
N LEU B 513 -28.88 36.55 53.37
CA LEU B 513 -28.24 37.72 53.96
C LEU B 513 -29.27 38.84 54.14
N GLN C 1 -6.38 -47.99 -32.33
CA GLN C 1 -5.92 -47.05 -31.32
C GLN C 1 -4.40 -46.90 -31.37
N SER C 2 -3.92 -45.70 -31.05
CA SER C 2 -2.47 -45.45 -31.01
C SER C 2 -1.85 -46.18 -29.84
N ALA C 3 -0.76 -46.91 -30.11
CA ALA C 3 -0.11 -47.72 -29.10
C ALA C 3 1.39 -47.77 -29.40
N LEU C 4 2.07 -48.70 -28.76
CA LEU C 4 3.51 -48.89 -28.91
C LEU C 4 3.76 -50.19 -29.68
N THR C 5 4.62 -50.12 -30.70
CA THR C 5 4.97 -51.32 -31.43
C THR C 5 5.83 -52.24 -30.56
N GLN C 6 5.52 -53.53 -30.58
CA GLN C 6 6.20 -54.50 -29.75
C GLN C 6 6.27 -55.81 -30.52
N PRO C 7 7.25 -56.67 -30.23
CA PRO C 7 7.24 -58.00 -30.85
C PRO C 7 6.05 -58.82 -30.37
N ALA C 8 5.58 -59.70 -31.26
CA ALA C 8 4.43 -60.54 -30.90
C ALA C 8 4.81 -61.57 -29.84
N SER C 9 5.92 -62.26 -30.04
CA SER C 9 6.41 -63.24 -29.08
C SER C 9 7.90 -63.46 -29.32
N VAL C 10 8.57 -63.91 -28.28
CA VAL C 10 10.00 -64.24 -28.35
C VAL C 10 10.17 -65.70 -27.97
N SER C 11 11.00 -66.40 -28.74
CA SER C 11 11.28 -67.82 -28.52
C SER C 11 12.65 -67.93 -27.84
N GLY C 12 12.64 -68.40 -26.59
CA GLY C 12 13.88 -68.52 -25.86
C GLY C 12 13.84 -69.59 -24.78
N SER C 13 14.92 -70.36 -24.68
CA SER C 13 15.02 -71.40 -23.67
C SER C 13 15.20 -70.77 -22.29
N PRO C 14 14.88 -71.53 -21.23
CA PRO C 14 15.23 -71.06 -19.88
C PRO C 14 16.75 -70.95 -19.71
N GLY C 15 17.18 -69.92 -18.98
CA GLY C 15 18.57 -69.74 -18.64
C GLY C 15 19.33 -68.70 -19.43
N GLN C 16 18.67 -67.99 -20.34
CA GLN C 16 19.33 -66.98 -21.16
C GLN C 16 18.59 -65.64 -21.03
N SER C 17 18.98 -64.70 -21.87
CA SER C 17 18.58 -63.30 -21.73
C SER C 17 17.75 -62.85 -22.92
N ILE C 18 16.62 -62.21 -22.62
CA ILE C 18 15.79 -61.56 -23.63
C ILE C 18 15.88 -60.06 -23.42
N THR C 19 15.63 -59.30 -24.48
CA THR C 19 15.81 -57.85 -24.51
C THR C 19 14.58 -57.19 -25.14
N LEU C 20 13.41 -57.51 -24.59
CA LEU C 20 12.16 -57.12 -25.24
C LEU C 20 11.96 -55.60 -25.18
N SER C 21 11.62 -55.03 -26.33
CA SER C 21 11.68 -53.58 -26.49
C SER C 21 10.43 -53.06 -27.18
N CYS C 22 10.20 -51.77 -27.00
CA CYS C 22 9.18 -51.03 -27.72
C CYS C 22 9.74 -49.69 -28.16
N THR C 23 9.17 -49.14 -29.23
CA THR C 23 9.66 -47.91 -29.82
C THR C 23 8.49 -46.97 -30.09
N GLY C 24 8.62 -45.73 -29.64
CA GLY C 24 7.61 -44.72 -29.86
C GLY C 24 8.16 -43.44 -30.46
N THR C 25 7.48 -42.33 -30.24
CA THR C 25 7.87 -41.03 -30.76
C THR C 25 8.42 -40.17 -29.62
N SER C 26 8.73 -38.91 -29.93
CA SER C 26 9.16 -37.97 -28.91
C SER C 26 8.06 -37.72 -27.89
N SER C 27 6.82 -37.61 -28.34
CA SER C 27 5.68 -37.44 -27.45
C SER C 27 5.15 -38.79 -26.99
N ASP C 28 6.04 -39.60 -26.42
CA ASP C 28 5.78 -41.00 -26.13
C ASP C 28 6.77 -41.45 -25.07
N ILE C 29 7.04 -42.75 -25.04
CA ILE C 29 8.13 -43.34 -24.27
C ILE C 29 9.47 -42.62 -24.47
N GLY C 30 9.67 -41.96 -25.61
CA GLY C 30 10.77 -41.04 -25.75
C GLY C 30 10.68 -39.90 -24.77
N ASP C 31 11.78 -39.66 -24.05
CA ASP C 31 11.90 -38.63 -23.01
C ASP C 31 10.92 -38.83 -21.86
N TYR C 32 10.78 -37.80 -21.03
CA TYR C 32 9.83 -37.63 -19.93
C TYR C 32 10.15 -38.49 -18.71
N ASP C 33 11.13 -39.39 -18.83
CA ASP C 33 11.60 -40.24 -17.73
C ASP C 33 10.45 -41.01 -17.07
N TYR C 34 9.54 -41.53 -17.91
CA TYR C 34 8.35 -42.21 -17.41
C TYR C 34 8.20 -43.61 -17.99
N VAL C 35 9.32 -44.25 -18.37
CA VAL C 35 9.24 -45.56 -18.99
C VAL C 35 8.80 -46.59 -17.96
N SER C 36 7.78 -47.37 -18.32
CA SER C 36 7.29 -48.41 -17.43
C SER C 36 7.06 -49.68 -18.21
N TRP C 37 7.40 -50.81 -17.60
CA TRP C 37 7.15 -52.13 -18.15
C TRP C 37 6.28 -52.91 -17.18
N TYR C 38 5.35 -53.69 -17.74
CA TYR C 38 4.37 -54.45 -16.98
C TYR C 38 4.22 -55.83 -17.58
N GLN C 39 4.26 -56.86 -16.74
CA GLN C 39 4.02 -58.21 -17.18
C GLN C 39 2.71 -58.71 -16.59
N LYS C 40 2.12 -59.69 -17.26
CA LYS C 40 0.83 -60.21 -16.82
C LYS C 40 0.73 -61.68 -17.25
N TYR C 41 0.22 -62.51 -16.36
CA TYR C 41 -0.14 -63.89 -16.63
C TYR C 41 -1.60 -63.96 -17.06
N PRO C 42 -1.98 -64.98 -17.84
CA PRO C 42 -3.37 -65.08 -18.30
C PRO C 42 -4.35 -65.22 -17.15
N ASP C 43 -5.45 -64.45 -17.23
CA ASP C 43 -6.51 -64.35 -16.24
C ASP C 43 -5.98 -63.90 -14.87
N THR C 44 -4.86 -63.18 -14.85
CA THR C 44 -4.36 -62.55 -13.63
C THR C 44 -4.23 -61.05 -13.87
N ALA C 45 -4.29 -60.30 -12.78
CA ALA C 45 -4.16 -58.86 -12.88
C ALA C 45 -2.72 -58.49 -13.25
N PRO C 46 -2.55 -57.48 -14.12
CA PRO C 46 -1.19 -57.02 -14.43
C PRO C 46 -0.54 -56.41 -13.20
N LYS C 47 0.79 -56.51 -13.14
CA LYS C 47 1.55 -56.07 -11.98
C LYS C 47 2.73 -55.24 -12.44
N LEU C 48 3.18 -54.36 -11.55
CA LEU C 48 4.27 -53.46 -11.86
C LEU C 48 5.61 -54.18 -11.74
N VAL C 49 6.38 -54.18 -12.83
CA VAL C 49 7.72 -54.76 -12.82
C VAL C 49 8.80 -53.73 -13.10
N ILE C 50 8.49 -52.67 -13.85
CA ILE C 50 9.43 -51.59 -14.10
C ILE C 50 8.68 -50.27 -14.11
N TYR C 51 9.14 -49.31 -13.32
CA TYR C 51 8.61 -47.96 -13.32
C TYR C 51 9.77 -46.98 -13.32
N ASP C 52 9.50 -45.76 -13.82
CA ASP C 52 10.44 -44.64 -13.77
C ASP C 52 11.78 -44.99 -14.44
N VAL C 53 11.67 -45.53 -15.66
CA VAL C 53 12.76 -45.98 -16.54
C VAL C 53 13.47 -47.21 -15.97
N SER C 54 14.25 -47.04 -14.91
CA SER C 54 15.05 -48.13 -14.38
C SER C 54 14.72 -48.50 -12.94
N GLU C 55 13.80 -47.80 -12.29
CA GLU C 55 13.48 -48.12 -10.90
C GLU C 55 12.68 -49.42 -10.82
N ARG C 56 12.99 -50.22 -9.81
CA ARG C 56 12.34 -51.51 -9.64
C ARG C 56 11.49 -51.49 -8.39
N PRO C 57 10.24 -51.94 -8.46
CA PRO C 57 9.35 -51.89 -7.29
C PRO C 57 9.69 -53.00 -6.30
N SER C 58 8.97 -52.99 -5.19
CA SER C 58 9.13 -54.04 -4.19
C SER C 58 8.33 -55.27 -4.60
N GLY C 59 8.69 -56.40 -3.99
CA GLY C 59 8.02 -57.67 -4.27
C GLY C 59 8.23 -58.20 -5.66
N VAL C 60 9.42 -58.00 -6.22
CA VAL C 60 9.74 -58.49 -7.57
C VAL C 60 11.25 -58.69 -7.64
N SER C 61 11.67 -59.63 -8.48
CA SER C 61 13.09 -59.93 -8.62
C SER C 61 13.82 -58.80 -9.32
N THR C 62 15.12 -58.71 -9.06
CA THR C 62 15.97 -57.72 -9.68
C THR C 62 16.54 -58.17 -11.02
N ARG C 63 16.23 -59.39 -11.45
CA ARG C 63 16.70 -59.90 -12.73
C ARG C 63 16.02 -59.18 -13.90
N PHE C 64 14.90 -58.52 -13.66
CA PHE C 64 14.36 -57.58 -14.62
C PHE C 64 15.20 -56.30 -14.61
N SER C 65 15.36 -55.70 -15.79
CA SER C 65 16.13 -54.46 -15.88
C SER C 65 15.55 -53.62 -17.01
N GLY C 66 14.94 -52.49 -16.66
CA GLY C 66 14.35 -51.59 -17.64
C GLY C 66 15.25 -50.39 -17.89
N SER C 67 15.27 -49.94 -19.13
CA SER C 67 16.02 -48.75 -19.52
C SER C 67 15.38 -48.17 -20.77
N LYS C 68 15.92 -47.05 -21.24
CA LYS C 68 15.46 -46.47 -22.48
C LYS C 68 16.65 -45.87 -23.23
N SER C 69 16.48 -45.74 -24.53
CA SER C 69 17.49 -45.15 -25.41
C SER C 69 16.73 -44.36 -26.46
N GLY C 70 16.80 -43.04 -26.38
CA GLY C 70 16.07 -42.17 -27.27
C GLY C 70 14.57 -42.35 -27.17
N ASN C 71 13.98 -42.98 -28.19
CA ASN C 71 12.56 -43.28 -28.21
C ASN C 71 12.30 -44.78 -28.11
N THR C 72 13.20 -45.54 -27.50
CA THR C 72 13.06 -46.98 -27.44
C THR C 72 13.25 -47.47 -26.01
N ALA C 73 12.20 -48.00 -25.43
CA ALA C 73 12.26 -48.60 -24.10
C ALA C 73 12.62 -50.08 -24.23
N SER C 74 13.39 -50.57 -23.26
CA SER C 74 13.87 -51.94 -23.28
C SER C 74 13.75 -52.55 -21.89
N LEU C 75 13.39 -53.83 -21.85
CA LEU C 75 13.40 -54.62 -20.63
C LEU C 75 14.20 -55.88 -20.88
N THR C 76 15.18 -56.12 -20.01
CA THR C 76 16.14 -57.19 -20.17
C THR C 76 16.03 -58.14 -18.98
N ILE C 77 16.21 -59.43 -19.24
CA ILE C 77 16.10 -60.48 -18.24
C ILE C 77 17.41 -61.27 -18.24
N SER C 78 17.62 -62.02 -17.15
CA SER C 78 18.80 -62.86 -17.04
C SER C 78 18.42 -64.17 -16.36
N GLY C 79 18.83 -65.29 -16.97
CA GLY C 79 18.54 -66.60 -16.41
C GLY C 79 17.07 -66.96 -16.46
N LEU C 80 16.57 -67.20 -17.68
CA LEU C 80 15.14 -67.32 -17.92
C LEU C 80 14.53 -68.51 -17.17
N GLN C 81 13.25 -68.40 -16.86
CA GLN C 81 12.50 -69.35 -16.07
C GLN C 81 11.26 -69.80 -16.83
N PRO C 82 10.76 -71.01 -16.55
CA PRO C 82 9.48 -71.41 -17.14
C PRO C 82 8.30 -70.57 -16.68
N GLU C 83 8.39 -69.94 -15.50
CA GLU C 83 7.32 -69.09 -15.00
C GLU C 83 7.28 -67.73 -15.70
N ASP C 84 8.25 -67.42 -16.55
CA ASP C 84 8.30 -66.13 -17.22
C ASP C 84 7.44 -66.07 -18.48
N GLU C 85 6.71 -67.13 -18.78
CA GLU C 85 5.77 -67.12 -19.91
C GLU C 85 4.62 -66.19 -19.57
N ALA C 86 4.65 -64.98 -20.14
CA ALA C 86 3.71 -63.93 -19.78
C ALA C 86 3.67 -62.94 -20.93
N ASP C 87 2.76 -61.96 -20.84
CA ASP C 87 2.72 -60.90 -21.84
C ASP C 87 3.12 -59.57 -21.21
N TYR C 88 3.84 -58.76 -21.99
CA TYR C 88 4.53 -57.59 -21.48
C TYR C 88 4.08 -56.36 -22.27
N TYR C 89 4.10 -55.22 -21.60
CA TYR C 89 3.70 -53.95 -22.18
C TYR C 89 4.59 -52.84 -21.63
N CYS C 90 4.76 -51.79 -22.41
CA CYS C 90 5.43 -50.58 -21.95
C CYS C 90 4.40 -49.46 -21.89
N ASN C 91 4.22 -48.91 -20.69
CA ASN C 91 3.31 -47.80 -20.46
C ASN C 91 4.13 -46.60 -20.01
N SER C 92 3.81 -45.44 -20.58
CA SER C 92 4.53 -44.22 -20.25
C SER C 92 3.62 -43.03 -20.50
N TYR C 93 3.90 -41.96 -19.79
CA TYR C 93 3.12 -40.74 -19.96
C TYR C 93 3.52 -40.08 -21.28
N SER C 94 2.60 -40.10 -22.24
CA SER C 94 2.76 -39.30 -23.44
C SER C 94 2.24 -37.89 -23.19
N SER C 95 3.01 -36.90 -23.66
CA SER C 95 2.87 -35.52 -23.23
C SER C 95 1.61 -34.84 -23.73
N THR C 96 0.80 -35.52 -24.53
CA THR C 96 -0.53 -35.00 -24.82
C THR C 96 -1.48 -35.57 -23.78
N ASN C 97 -1.07 -35.47 -22.51
CA ASN C 97 -1.86 -35.79 -21.33
C ASN C 97 -2.49 -37.18 -21.40
N THR C 98 -1.68 -38.17 -21.74
CA THR C 98 -2.21 -39.52 -21.79
C THR C 98 -1.15 -40.50 -21.32
N LEU C 99 -1.58 -41.74 -21.10
CA LEU C 99 -0.70 -42.82 -20.64
C LEU C 99 -0.69 -43.89 -21.72
N LYS C 100 0.26 -43.77 -22.65
CA LYS C 100 0.29 -44.68 -23.79
C LYS C 100 0.83 -46.04 -23.36
N PHE C 101 0.28 -47.09 -23.98
CA PHE C 101 0.52 -48.47 -23.61
C PHE C 101 1.26 -49.20 -24.72
N GLY C 102 1.67 -50.44 -24.42
CA GLY C 102 2.42 -51.26 -25.35
C GLY C 102 1.55 -52.28 -26.07
N GLY C 103 2.15 -52.87 -27.11
CA GLY C 103 1.44 -53.84 -27.92
C GLY C 103 1.44 -55.26 -27.40
N GLY C 104 2.27 -55.55 -26.40
CA GLY C 104 2.31 -56.89 -25.83
C GLY C 104 3.33 -57.81 -26.45
N THR C 105 4.33 -58.20 -25.67
CA THR C 105 5.34 -59.18 -26.09
C THR C 105 5.19 -60.42 -25.22
N LYS C 106 5.08 -61.58 -25.85
CA LYS C 106 4.87 -62.83 -25.14
C LYS C 106 6.20 -63.52 -24.92
N LEU C 107 6.60 -63.64 -23.66
CA LEU C 107 7.80 -64.35 -23.28
C LEU C 107 7.42 -65.80 -22.97
N THR C 108 8.00 -66.74 -23.73
CA THR C 108 7.71 -68.16 -23.59
C THR C 108 9.03 -68.93 -23.58
N VAL C 109 8.93 -70.17 -23.11
CA VAL C 109 10.05 -71.11 -23.13
C VAL C 109 9.60 -72.38 -23.85
N LEU C 110 10.57 -73.12 -24.38
CA LEU C 110 10.27 -74.34 -25.11
C LEU C 110 10.87 -75.56 -24.41
N VAL D 1 -49.80 7.83 6.88
CA VAL D 1 -49.37 6.56 6.30
C VAL D 1 -50.34 6.11 5.23
N GLN D 2 -51.43 6.85 5.09
CA GLN D 2 -52.44 6.55 4.08
C GLN D 2 -52.00 7.14 2.74
N LEU D 3 -52.82 6.92 1.71
CA LEU D 3 -52.45 7.31 0.36
C LEU D 3 -53.69 7.46 -0.50
N VAL D 4 -53.85 8.64 -1.10
CA VAL D 4 -54.94 8.93 -2.01
C VAL D 4 -54.35 9.39 -3.34
N GLU D 5 -54.87 8.84 -4.43
CA GLU D 5 -54.41 9.18 -5.76
C GLU D 5 -55.62 9.31 -6.66
N SER D 6 -55.43 9.98 -7.81
CA SER D 6 -56.51 10.25 -8.72
C SER D 6 -56.01 10.13 -10.15
N GLY D 7 -56.87 10.46 -11.10
CA GLY D 7 -56.52 10.48 -12.51
C GLY D 7 -57.24 9.47 -13.38
N GLY D 8 -58.21 8.70 -12.85
CA GLY D 8 -58.89 7.71 -13.65
C GLY D 8 -59.89 8.31 -14.61
N GLY D 9 -60.36 7.47 -15.53
CA GLY D 9 -61.33 7.88 -16.51
C GLY D 9 -61.22 7.04 -17.76
N LEU D 10 -62.11 7.33 -18.72
CA LEU D 10 -62.16 6.62 -20.00
C LEU D 10 -61.59 7.53 -21.08
N VAL D 11 -60.37 7.21 -21.54
CA VAL D 11 -59.70 7.98 -22.58
C VAL D 11 -59.28 7.00 -23.67
N LYS D 12 -59.27 7.48 -24.91
CA LYS D 12 -58.85 6.66 -26.04
C LYS D 12 -57.36 6.32 -25.91
N PRO D 13 -56.92 5.20 -26.48
CA PRO D 13 -55.49 4.88 -26.44
C PRO D 13 -54.69 5.78 -27.35
N GLY D 14 -53.38 5.85 -27.09
CA GLY D 14 -52.49 6.64 -27.97
C GLY D 14 -52.52 8.13 -27.68
N GLU D 15 -52.54 8.51 -26.39
CA GLU D 15 -52.48 9.96 -26.03
C GLU D 15 -51.86 10.11 -24.64
N SER D 16 -51.21 11.24 -24.39
CA SER D 16 -50.52 11.46 -23.08
C SER D 16 -51.47 12.11 -22.07
N LEU D 17 -51.60 11.52 -20.88
CA LEU D 17 -52.45 12.08 -19.85
C LEU D 17 -51.76 11.83 -18.50
N ARG D 18 -52.41 12.29 -17.43
CA ARG D 18 -51.74 12.55 -16.16
C ARG D 18 -52.40 11.74 -15.05
N LEU D 19 -51.58 11.02 -14.28
CA LEU D 19 -52.04 10.25 -13.14
C LEU D 19 -51.36 10.76 -11.88
N SER D 20 -52.16 11.16 -10.91
CA SER D 20 -51.70 11.79 -9.69
C SER D 20 -51.39 10.75 -8.62
N CYS D 21 -50.61 11.17 -7.64
CA CYS D 21 -50.32 10.35 -6.46
C CYS D 21 -50.00 11.31 -5.33
N ALA D 22 -50.88 11.33 -4.32
CA ALA D 22 -50.86 12.38 -3.31
C ALA D 22 -50.79 11.84 -1.89
N VAL D 23 -49.81 10.97 -1.63
CA VAL D 23 -49.59 10.48 -0.28
C VAL D 23 -49.32 11.65 0.68
N SER D 24 -49.95 11.61 1.85
CA SER D 24 -49.85 12.68 2.82
C SER D 24 -48.98 12.31 4.02
N GLY D 25 -48.04 11.39 3.84
CA GLY D 25 -47.16 11.03 4.92
C GLY D 25 -46.23 12.17 5.29
N SER D 26 -45.84 12.20 6.57
CA SER D 26 -44.96 13.27 7.04
C SER D 26 -43.54 13.12 6.54
N MET D 27 -42.99 11.91 6.59
CA MET D 27 -41.61 11.66 6.20
C MET D 27 -41.58 10.92 4.87
N PHE D 28 -42.48 11.31 3.96
CA PHE D 28 -42.39 10.89 2.57
C PHE D 28 -41.29 11.68 1.86
N SER D 29 -40.07 11.24 2.09
CA SER D 29 -38.93 11.78 1.36
C SER D 29 -38.00 10.63 1.00
N SER D 30 -38.11 9.55 1.75
CA SER D 30 -37.14 8.46 1.71
C SER D 30 -37.69 7.16 1.14
N TYR D 31 -38.95 6.86 1.37
CA TYR D 31 -39.50 5.56 1.05
C TYR D 31 -39.64 5.39 -0.46
N VAL D 32 -39.56 4.14 -0.92
CA VAL D 32 -39.60 3.93 -2.37
C VAL D 32 -41.05 3.88 -2.83
N MET D 33 -41.29 4.42 -4.03
CA MET D 33 -42.65 4.47 -4.56
C MET D 33 -42.79 3.50 -5.71
N HIS D 34 -43.92 2.82 -5.76
CA HIS D 34 -44.22 1.94 -6.87
C HIS D 34 -45.63 2.20 -7.37
N TRP D 35 -45.84 1.91 -8.64
CA TRP D 35 -47.15 1.87 -9.25
C TRP D 35 -47.35 0.46 -9.78
N VAL D 36 -48.47 -0.14 -9.43
CA VAL D 36 -48.85 -1.46 -9.94
C VAL D 36 -50.22 -1.32 -10.58
N ARG D 37 -50.67 -2.39 -11.23
CA ARG D 37 -52.00 -2.36 -11.82
C ARG D 37 -52.63 -3.73 -11.76
N GLN D 38 -53.92 -3.75 -11.45
CA GLN D 38 -54.73 -4.96 -11.46
C GLN D 38 -55.67 -4.89 -12.65
N ALA D 39 -55.51 -5.81 -13.59
CA ALA D 39 -56.37 -5.86 -14.75
C ALA D 39 -57.74 -6.41 -14.37
N PRO D 40 -58.79 -6.07 -15.12
CA PRO D 40 -60.07 -6.76 -14.95
C PRO D 40 -59.93 -8.22 -15.36
N GLY D 41 -60.15 -9.12 -14.40
CA GLY D 41 -59.87 -10.52 -14.65
C GLY D 41 -58.49 -10.93 -14.19
N LYS D 42 -57.52 -10.86 -15.10
CA LYS D 42 -56.14 -11.19 -14.82
C LYS D 42 -55.60 -10.38 -13.65
N GLY D 43 -54.83 -11.04 -12.78
CA GLY D 43 -54.35 -10.46 -11.54
C GLY D 43 -53.40 -9.29 -11.67
N LEU D 44 -52.83 -8.87 -10.54
CA LEU D 44 -52.05 -7.65 -10.46
C LEU D 44 -50.58 -7.91 -10.77
N ASP D 45 -49.96 -6.91 -11.41
CA ASP D 45 -48.54 -6.97 -11.77
C ASP D 45 -47.90 -5.61 -11.51
N TRP D 46 -46.59 -5.62 -11.41
CA TRP D 46 -45.85 -4.38 -11.18
C TRP D 46 -45.76 -3.57 -12.47
N VAL D 47 -45.80 -2.23 -12.32
CA VAL D 47 -45.60 -1.35 -13.46
C VAL D 47 -44.32 -0.55 -13.31
N SER D 48 -44.26 0.35 -12.33
CA SER D 48 -43.22 1.37 -12.31
C SER D 48 -42.65 1.56 -10.91
N SER D 49 -41.37 1.89 -10.85
CA SER D 49 -40.67 2.12 -9.60
C SER D 49 -39.93 3.44 -9.66
N ILE D 50 -39.92 4.17 -8.54
CA ILE D 50 -39.16 5.41 -8.43
C ILE D 50 -38.58 5.52 -7.03
N THR D 51 -37.31 5.92 -6.97
CA THR D 51 -36.48 5.80 -5.79
C THR D 51 -36.05 7.18 -5.31
N GLY D 52 -36.76 7.72 -4.32
CA GLY D 52 -36.32 8.92 -3.62
C GLY D 52 -36.16 10.14 -4.49
N GLY D 53 -34.91 10.49 -4.77
CA GLY D 53 -34.61 11.61 -5.66
C GLY D 53 -34.94 11.38 -7.11
N GLY D 54 -35.38 10.17 -7.47
CA GLY D 54 -35.78 9.91 -8.83
C GLY D 54 -34.65 9.76 -9.82
N ASN D 55 -33.53 9.20 -9.38
CA ASN D 55 -32.37 9.02 -10.24
C ASN D 55 -32.10 7.58 -10.60
N TYR D 56 -32.95 6.64 -10.17
CA TYR D 56 -32.75 5.22 -10.40
C TYR D 56 -34.07 4.57 -10.82
N ILE D 57 -34.70 5.16 -11.83
CA ILE D 57 -36.00 4.73 -12.29
C ILE D 57 -35.93 3.35 -12.95
N SER D 58 -37.01 2.59 -12.84
CA SER D 58 -37.14 1.32 -13.55
C SER D 58 -38.60 1.10 -13.92
N TYR D 59 -38.80 0.43 -15.06
CA TYR D 59 -40.13 0.12 -15.56
C TYR D 59 -40.21 -1.33 -15.98
N ALA D 60 -41.43 -1.87 -15.94
CA ALA D 60 -41.66 -3.21 -16.44
C ALA D 60 -41.63 -3.21 -17.97
N ASP D 61 -41.51 -4.42 -18.53
CA ASP D 61 -41.37 -4.57 -19.98
C ASP D 61 -42.61 -4.14 -20.75
N SER D 62 -43.75 -3.97 -20.08
CA SER D 62 -44.95 -3.52 -20.78
C SER D 62 -44.79 -2.08 -21.26
N VAL D 63 -44.06 -1.26 -20.52
CA VAL D 63 -43.83 0.14 -20.88
C VAL D 63 -42.32 0.43 -20.84
N LYS D 64 -41.74 0.65 -22.02
CA LYS D 64 -40.37 1.15 -22.14
C LYS D 64 -40.45 2.61 -22.52
N GLY D 65 -40.41 3.48 -21.51
CA GLY D 65 -40.57 4.89 -21.72
C GLY D 65 -41.98 5.34 -22.00
N ARG D 66 -42.92 4.39 -22.05
CA ARG D 66 -44.34 4.73 -22.35
C ARG D 66 -44.96 5.39 -21.12
N PHE D 67 -44.66 4.89 -19.92
CA PHE D 67 -45.16 5.52 -18.67
C PHE D 67 -43.99 6.20 -17.96
N ILE D 68 -43.94 7.55 -18.00
CA ILE D 68 -42.81 8.25 -17.41
C ILE D 68 -43.21 8.81 -16.05
N ILE D 69 -42.44 8.46 -15.03
CA ILE D 69 -42.76 8.77 -13.65
C ILE D 69 -41.80 9.83 -13.13
N SER D 70 -42.29 10.72 -12.29
CA SER D 70 -41.47 11.68 -11.58
C SER D 70 -42.15 12.00 -10.27
N ARG D 71 -41.40 12.53 -9.32
CA ARG D 71 -42.01 13.00 -8.10
C ARG D 71 -41.44 14.36 -7.73
N ASP D 72 -42.31 15.21 -7.19
CA ASP D 72 -41.88 16.45 -6.55
C ASP D 72 -41.93 16.20 -5.03
N ASN D 73 -40.74 15.99 -4.47
CA ASN D 73 -40.64 15.65 -3.06
C ASN D 73 -40.96 16.85 -2.17
N GLY D 74 -40.69 18.05 -2.68
CA GLY D 74 -41.05 19.26 -1.95
C GLY D 74 -42.55 19.41 -1.78
N ARG D 75 -43.31 19.05 -2.81
CA ARG D 75 -44.76 19.04 -2.73
C ARG D 75 -45.29 17.67 -2.34
N ASN D 76 -44.41 16.77 -1.91
CA ASN D 76 -44.67 15.38 -1.48
C ASN D 76 -45.69 14.67 -2.39
N SER D 77 -45.51 14.83 -3.69
CA SER D 77 -46.44 14.26 -4.64
C SER D 77 -45.69 13.57 -5.76
N LEU D 78 -46.44 12.79 -6.55
CA LEU D 78 -45.89 11.87 -7.53
C LEU D 78 -46.78 11.89 -8.77
N SER D 79 -46.15 11.88 -9.95
CA SER D 79 -46.86 12.08 -11.21
C SER D 79 -46.43 11.03 -12.23
N LEU D 80 -47.40 10.43 -12.91
CA LEU D 80 -47.15 9.47 -13.97
C LEU D 80 -47.80 9.95 -15.26
N GLN D 81 -47.05 9.91 -16.36
CA GLN D 81 -47.54 10.39 -17.64
C GLN D 81 -47.64 9.24 -18.63
N MET D 82 -48.77 9.18 -19.35
CA MET D 82 -49.00 8.06 -20.31
C MET D 82 -48.46 8.44 -21.69
N SER D 83 -47.14 8.52 -21.84
CA SER D 83 -46.54 8.94 -23.14
C SER D 83 -47.13 8.09 -24.26
N SER D 84 -47.17 6.76 -24.08
CA SER D 84 -47.78 5.86 -25.10
C SER D 84 -48.89 5.04 -24.45
N LEU D 85 -49.89 4.62 -25.22
CA LEU D 85 -51.06 3.90 -24.62
C LEU D 85 -51.47 2.69 -25.46
N ARG D 86 -52.13 1.72 -24.85
CA ARG D 86 -52.60 0.52 -25.52
C ARG D 86 -53.94 0.12 -24.93
N VAL D 87 -54.76 -0.56 -25.74
CA VAL D 87 -56.13 -0.86 -25.34
C VAL D 87 -56.16 -1.92 -24.22
N ASP D 88 -55.08 -2.69 -24.08
CA ASP D 88 -55.01 -3.66 -22.99
C ASP D 88 -54.59 -3.04 -21.67
N ASP D 89 -54.18 -1.77 -21.69
CA ASP D 89 -53.66 -1.13 -20.49
C ASP D 89 -54.74 -0.69 -19.52
N THR D 90 -56.02 -0.93 -19.84
CA THR D 90 -57.08 -0.70 -18.88
C THR D 90 -56.92 -1.58 -17.65
N ALA D 91 -56.98 -0.95 -16.47
CA ALA D 91 -56.70 -1.61 -15.20
C ALA D 91 -57.01 -0.62 -14.09
N VAL D 92 -56.99 -1.13 -12.86
CA VAL D 92 -57.00 -0.28 -11.67
C VAL D 92 -55.57 -0.09 -11.24
N TYR D 93 -55.11 1.16 -11.26
CA TYR D 93 -53.73 1.48 -10.95
C TYR D 93 -53.62 1.82 -9.47
N TYR D 94 -52.55 1.35 -8.84
CA TYR D 94 -52.34 1.50 -7.42
C TYR D 94 -50.98 2.12 -7.16
N CYS D 95 -50.99 3.27 -6.48
CA CYS D 95 -49.79 3.78 -5.84
C CYS D 95 -49.48 2.96 -4.59
N VAL D 96 -48.21 2.69 -4.37
CA VAL D 96 -47.76 1.92 -3.22
C VAL D 96 -46.55 2.59 -2.59
N ARG D 97 -46.64 2.86 -1.29
CA ARG D 97 -45.50 3.32 -0.50
C ARG D 97 -44.79 2.08 0.02
N GLY D 98 -43.71 1.69 -0.64
CA GLY D 98 -42.96 0.54 -0.21
C GLY D 98 -41.74 0.93 0.61
N LEU D 99 -41.37 0.01 1.49
CA LEU D 99 -40.28 0.20 2.43
C LEU D 99 -39.13 -0.74 2.07
N SER D 100 -37.90 -0.24 2.20
CA SER D 100 -36.70 -1.03 1.80
C SER D 100 -36.53 -2.25 2.71
N GLY D 101 -36.10 -3.39 2.14
CA GLY D 101 -35.84 -4.59 2.95
C GLY D 101 -34.39 -4.64 3.39
N VAL D 102 -33.95 -5.78 3.93
CA VAL D 102 -32.54 -5.91 4.42
C VAL D 102 -31.58 -5.64 3.27
N MET D 103 -31.83 -6.22 2.10
CA MET D 103 -30.98 -5.94 0.90
C MET D 103 -31.51 -4.68 0.21
N GLY D 104 -32.81 -4.42 0.32
CA GLY D 104 -33.42 -3.26 -0.35
C GLY D 104 -34.70 -3.67 -1.06
N VAL D 105 -35.04 -4.96 -1.01
CA VAL D 105 -36.28 -5.46 -1.66
C VAL D 105 -37.47 -4.71 -1.07
N THR D 106 -38.36 -4.22 -1.94
CA THR D 106 -39.54 -3.44 -1.46
C THR D 106 -40.61 -4.40 -0.92
N TRP D 107 -41.09 -4.16 0.30
CA TRP D 107 -42.17 -4.97 0.84
C TRP D 107 -43.54 -4.60 0.29
N PHE D 108 -43.67 -3.42 -0.31
CA PHE D 108 -44.93 -2.88 -0.82
C PHE D 108 -45.99 -2.83 0.29
N ASP D 109 -45.71 -2.01 1.28
CA ASP D 109 -46.64 -1.82 2.38
C ASP D 109 -47.76 -0.88 1.93
N SER D 110 -48.59 -0.45 2.90
CA SER D 110 -49.97 0.04 2.71
C SER D 110 -50.18 0.87 1.45
N TRP D 111 -51.20 0.48 0.69
CA TRP D 111 -51.37 0.96 -0.67
C TRP D 111 -52.34 2.14 -0.70
N GLY D 112 -52.62 2.62 -1.92
CA GLY D 112 -53.67 3.59 -2.12
C GLY D 112 -55.01 2.92 -2.37
N GLN D 113 -56.00 3.75 -2.69
CA GLN D 113 -57.33 3.23 -2.96
C GLN D 113 -57.40 2.56 -4.32
N GLY D 114 -56.60 3.01 -5.27
CA GLY D 114 -56.61 2.46 -6.61
C GLY D 114 -57.61 3.15 -7.50
N THR D 115 -57.16 3.65 -8.64
CA THR D 115 -58.00 4.40 -9.56
C THR D 115 -58.17 3.60 -10.85
N LEU D 116 -59.42 3.45 -11.29
CA LEU D 116 -59.71 2.68 -12.48
C LEU D 116 -59.48 3.54 -13.72
N VAL D 117 -58.64 3.05 -14.62
CA VAL D 117 -58.37 3.70 -15.89
C VAL D 117 -58.83 2.75 -17.00
N THR D 118 -59.74 3.23 -17.83
CA THR D 118 -60.30 2.46 -18.93
C THR D 118 -59.89 3.10 -20.25
N VAL D 119 -59.50 2.26 -21.21
CA VAL D 119 -59.01 2.71 -22.51
C VAL D 119 -59.71 2.05 -23.68
N SER D 120 -60.77 1.28 -23.44
CA SER D 120 -61.46 0.61 -24.53
C SER D 120 -62.18 1.62 -25.41
N SER D 121 -62.16 1.37 -26.72
CA SER D 121 -62.78 2.21 -27.76
C SER D 121 -62.29 3.66 -27.75
N GLN E 1 -48.51 -15.88 -18.02
CA GLN E 1 -47.35 -15.03 -18.31
C GLN E 1 -46.41 -14.95 -17.11
N SER E 2 -46.98 -15.11 -15.92
CA SER E 2 -46.20 -15.00 -14.70
C SER E 2 -45.26 -16.19 -14.55
N VAL E 3 -44.00 -15.91 -14.19
CA VAL E 3 -43.08 -16.98 -13.88
C VAL E 3 -43.47 -17.69 -12.59
N LEU E 4 -44.05 -16.98 -11.64
CA LEU E 4 -44.53 -17.59 -10.42
C LEU E 4 -45.81 -18.37 -10.68
N THR E 5 -45.87 -19.60 -10.18
CA THR E 5 -47.02 -20.47 -10.41
C THR E 5 -47.62 -20.88 -9.09
N GLN E 6 -48.94 -20.69 -8.96
CA GLN E 6 -49.70 -21.11 -7.79
C GLN E 6 -51.09 -21.48 -8.28
N PRO E 7 -51.70 -22.53 -7.74
CA PRO E 7 -52.97 -23.03 -8.29
C PRO E 7 -54.12 -22.11 -7.89
N PRO E 8 -54.75 -21.45 -8.87
CA PRO E 8 -55.88 -20.58 -8.54
C PRO E 8 -57.21 -21.31 -8.45
N SER E 9 -57.23 -22.46 -7.76
CA SER E 9 -58.45 -23.25 -7.63
C SER E 9 -58.51 -23.91 -6.27
N VAL E 10 -58.03 -23.22 -5.24
CA VAL E 10 -57.93 -23.79 -3.90
C VAL E 10 -58.97 -23.11 -3.00
N SER E 11 -59.73 -23.93 -2.28
CA SER E 11 -60.84 -23.46 -1.46
C SER E 11 -61.20 -24.57 -0.49
N GLY E 12 -61.87 -24.18 0.59
CA GLY E 12 -62.31 -25.17 1.55
C GLY E 12 -63.27 -24.56 2.56
N ALA E 13 -63.91 -25.43 3.32
CA ALA E 13 -64.77 -25.00 4.40
C ALA E 13 -63.94 -24.38 5.51
N PRO E 14 -64.52 -23.49 6.32
CA PRO E 14 -63.81 -23.00 7.50
C PRO E 14 -63.54 -24.11 8.50
N GLY E 15 -62.36 -24.07 9.12
CA GLY E 15 -61.99 -24.96 10.20
C GLY E 15 -60.67 -25.67 10.02
N GLN E 16 -60.33 -26.04 8.78
CA GLN E 16 -59.13 -26.82 8.56
C GLN E 16 -57.95 -25.94 8.21
N ARG E 17 -56.83 -26.58 7.88
CA ARG E 17 -55.59 -25.90 7.51
C ARG E 17 -55.35 -26.07 6.02
N VAL E 18 -55.10 -24.96 5.33
CA VAL E 18 -54.88 -24.94 3.90
C VAL E 18 -53.48 -24.37 3.64
N THR E 19 -52.71 -25.04 2.80
CA THR E 19 -51.36 -24.64 2.48
C THR E 19 -51.27 -24.23 1.02
N ILE E 20 -50.67 -23.08 0.75
CA ILE E 20 -50.53 -22.53 -0.58
C ILE E 20 -49.03 -22.50 -0.90
N SER E 21 -48.68 -22.93 -2.11
CA SER E 21 -47.30 -22.96 -2.55
C SER E 21 -47.16 -22.19 -3.86
N CYS E 22 -46.19 -21.29 -3.92
CA CYS E 22 -45.85 -20.58 -5.14
C CYS E 22 -44.38 -20.84 -5.47
N THR E 23 -44.13 -21.26 -6.70
CA THR E 23 -42.80 -21.63 -7.15
C THR E 23 -42.40 -20.79 -8.34
N GLY E 24 -41.10 -20.61 -8.51
CA GLY E 24 -40.57 -19.87 -9.63
C GLY E 24 -39.34 -20.50 -10.23
N SER E 25 -38.68 -19.79 -11.15
CA SER E 25 -37.47 -20.29 -11.80
C SER E 25 -36.29 -20.14 -10.83
N SER E 26 -35.07 -20.42 -11.32
CA SER E 26 -33.90 -20.27 -10.47
C SER E 26 -33.42 -18.83 -10.40
N SER E 27 -33.67 -18.04 -11.45
CA SER E 27 -33.20 -16.66 -11.48
C SER E 27 -33.94 -15.77 -10.50
N ASN E 28 -35.03 -16.24 -9.93
CA ASN E 28 -35.77 -15.54 -8.89
C ASN E 28 -36.00 -16.48 -7.72
N ILE E 29 -36.10 -15.89 -6.52
CA ILE E 29 -36.34 -16.55 -5.23
C ILE E 29 -35.15 -17.41 -4.81
N GLY E 30 -34.92 -18.51 -5.53
CA GLY E 30 -33.75 -19.33 -5.28
C GLY E 30 -32.45 -18.61 -5.55
N ALA E 31 -32.49 -17.55 -6.34
CA ALA E 31 -31.37 -16.62 -6.43
C ALA E 31 -31.45 -15.57 -5.32
N GLY E 32 -31.62 -16.04 -4.08
CA GLY E 32 -31.50 -15.20 -2.89
C GLY E 32 -32.49 -14.06 -2.75
N PHE E 33 -33.72 -14.22 -3.26
CA PHE E 33 -34.73 -13.20 -3.14
C PHE E 33 -35.90 -13.72 -2.32
N ASP E 34 -36.54 -12.82 -1.57
CA ASP E 34 -37.59 -13.22 -0.66
C ASP E 34 -38.97 -13.10 -1.29
N VAL E 35 -39.88 -13.96 -0.83
CA VAL E 35 -41.25 -14.01 -1.33
C VAL E 35 -42.13 -13.29 -0.35
N HIS E 36 -43.15 -12.59 -0.87
CA HIS E 36 -44.04 -11.80 -0.04
C HIS E 36 -45.47 -12.12 -0.42
N TRP E 37 -46.22 -12.70 0.52
CA TRP E 37 -47.59 -13.09 0.29
C TRP E 37 -48.50 -11.92 0.62
N TYR E 38 -49.47 -11.67 -0.26
CA TYR E 38 -50.46 -10.60 -0.12
C TYR E 38 -51.86 -11.18 -0.04
N GLN E 39 -52.84 -10.30 -0.07
CA GLN E 39 -54.24 -10.68 -0.19
C GLN E 39 -54.98 -9.59 -0.96
N HIS E 40 -56.06 -10.00 -1.62
CA HIS E 40 -56.80 -9.12 -2.53
C HIS E 40 -58.30 -9.29 -2.29
N LEU E 41 -58.73 -9.13 -1.05
CA LEU E 41 -60.16 -9.13 -0.77
C LEU E 41 -60.83 -7.98 -1.54
N PRO E 42 -61.99 -8.21 -2.15
CA PRO E 42 -62.65 -7.14 -2.90
C PRO E 42 -63.12 -6.03 -1.98
N GLY E 43 -63.16 -4.82 -2.52
CA GLY E 43 -63.48 -3.66 -1.73
C GLY E 43 -62.26 -2.80 -1.43
N LYS E 44 -61.75 -2.90 -0.21
CA LYS E 44 -60.65 -2.04 0.21
C LYS E 44 -59.33 -2.54 -0.38
N ALA E 45 -58.26 -1.83 -0.04
CA ALA E 45 -56.99 -1.97 -0.74
C ALA E 45 -56.33 -3.31 -0.43
N PRO E 46 -55.61 -3.90 -1.38
CA PRO E 46 -54.84 -5.10 -1.09
C PRO E 46 -53.68 -4.78 -0.16
N LYS E 47 -53.43 -5.70 0.77
CA LYS E 47 -52.43 -5.50 1.80
C LYS E 47 -51.58 -6.75 1.94
N VAL E 48 -50.46 -6.61 2.66
CA VAL E 48 -49.53 -7.71 2.78
C VAL E 48 -49.98 -8.69 3.86
N ILE E 49 -50.04 -9.96 3.49
CA ILE E 49 -50.25 -11.02 4.47
C ILE E 49 -48.97 -11.27 5.26
N ILE E 50 -47.85 -11.45 4.56
CA ILE E 50 -46.57 -11.68 5.20
C ILE E 50 -45.47 -11.31 4.22
N TYR E 51 -44.33 -10.89 4.75
CA TYR E 51 -43.20 -10.48 3.93
C TYR E 51 -41.95 -11.25 4.35
N GLU E 52 -41.13 -11.57 3.33
CA GLU E 52 -39.84 -12.28 3.44
C GLU E 52 -39.93 -13.58 4.25
N ASN E 53 -41.14 -14.17 4.30
CA ASN E 53 -41.45 -15.54 4.68
C ASN E 53 -41.29 -15.80 6.18
N SER E 54 -40.79 -14.83 6.94
CA SER E 54 -40.62 -15.00 8.37
C SER E 54 -41.36 -13.94 9.17
N HIS E 55 -41.19 -12.67 8.83
CA HIS E 55 -41.75 -11.59 9.64
C HIS E 55 -43.10 -11.16 9.05
N ARG E 56 -44.09 -11.28 9.82
CA ARG E 56 -45.44 -10.84 9.47
C ARG E 56 -45.59 -9.35 9.74
N PRO E 57 -46.51 -8.67 9.06
CA PRO E 57 -46.81 -7.28 9.42
C PRO E 57 -47.45 -7.17 10.79
N SER E 58 -47.70 -5.92 11.19
CA SER E 58 -48.14 -5.61 12.55
C SER E 58 -49.48 -6.24 12.90
N GLY E 59 -50.56 -5.80 12.24
CA GLY E 59 -51.84 -6.39 12.55
C GLY E 59 -52.23 -7.52 11.62
N VAL E 60 -51.90 -8.75 12.01
CA VAL E 60 -52.31 -9.98 11.34
C VAL E 60 -52.58 -11.02 12.43
N PRO E 61 -53.42 -12.01 12.18
CA PRO E 61 -53.51 -13.14 13.10
C PRO E 61 -52.35 -14.11 12.91
N ASP E 62 -52.24 -15.05 13.84
CA ASP E 62 -51.21 -16.08 13.77
C ASP E 62 -51.63 -17.27 12.91
N ARG E 63 -52.77 -17.17 12.22
CA ARG E 63 -53.20 -18.21 11.30
C ARG E 63 -52.17 -18.40 10.18
N PHE E 64 -51.69 -17.29 9.63
CA PHE E 64 -50.75 -17.35 8.52
C PHE E 64 -49.39 -17.81 9.01
N PHE E 65 -48.82 -18.77 8.30
CA PHE E 65 -47.51 -19.32 8.62
C PHE E 65 -46.72 -19.45 7.32
N GLY E 66 -45.69 -18.63 7.16
CA GLY E 66 -44.91 -18.60 5.95
C GLY E 66 -43.60 -19.32 6.07
N SER E 67 -43.12 -19.84 4.93
CA SER E 67 -41.82 -20.51 4.87
C SER E 67 -41.34 -20.45 3.43
N LYS E 68 -40.04 -20.61 3.26
CA LYS E 68 -39.45 -20.64 1.92
C LYS E 68 -38.38 -21.73 1.88
N SER E 69 -38.18 -22.28 0.68
CA SER E 69 -37.18 -23.32 0.45
C SER E 69 -36.89 -23.35 -1.03
N GLY E 70 -35.63 -23.11 -1.39
CA GLY E 70 -35.23 -23.05 -2.79
C GLY E 70 -35.96 -21.97 -3.55
N THR E 71 -36.76 -22.39 -4.54
CA THR E 71 -37.55 -21.47 -5.34
C THR E 71 -39.02 -21.54 -4.98
N SER E 72 -39.36 -22.20 -3.88
CA SER E 72 -40.75 -22.49 -3.53
C SER E 72 -41.07 -21.89 -2.16
N ALA E 73 -42.14 -21.12 -2.10
CA ALA E 73 -42.62 -20.54 -0.85
C ALA E 73 -43.98 -21.12 -0.49
N SER E 74 -44.22 -21.26 0.80
CA SER E 74 -45.43 -21.87 1.33
C SER E 74 -46.05 -20.98 2.38
N LEU E 75 -47.38 -21.01 2.45
CA LEU E 75 -48.15 -20.25 3.42
C LEU E 75 -49.31 -21.11 3.88
N SER E 76 -49.35 -21.43 5.16
CA SER E 76 -50.34 -22.34 5.72
C SER E 76 -51.23 -21.60 6.70
N ILE E 77 -52.51 -21.93 6.68
CA ILE E 77 -53.50 -21.32 7.57
C ILE E 77 -54.26 -22.43 8.27
N SER E 78 -54.16 -22.46 9.60
CA SER E 78 -54.88 -23.43 10.42
C SER E 78 -56.14 -22.78 10.97
N GLY E 79 -57.26 -23.49 10.90
CA GLY E 79 -58.51 -22.95 11.38
C GLY E 79 -59.02 -21.83 10.49
N LEU E 80 -59.48 -22.19 9.29
CA LEU E 80 -59.94 -21.21 8.32
C LEU E 80 -61.13 -20.43 8.87
N GLN E 81 -61.15 -19.13 8.58
CA GLN E 81 -62.14 -18.17 9.05
C GLN E 81 -62.87 -17.57 7.86
N PRO E 82 -64.12 -17.09 8.05
CA PRO E 82 -64.99 -16.81 6.89
C PRO E 82 -64.50 -15.73 5.92
N GLU E 83 -63.85 -14.67 6.40
CA GLU E 83 -63.47 -13.57 5.52
C GLU E 83 -62.08 -13.76 4.93
N ASP E 84 -61.57 -14.99 4.90
CA ASP E 84 -60.31 -15.31 4.21
C ASP E 84 -60.45 -15.31 2.69
N GLU E 85 -61.61 -14.97 2.15
CA GLU E 85 -61.79 -14.89 0.71
C GLU E 85 -60.94 -13.77 0.15
N ALA E 86 -59.86 -14.13 -0.54
CA ALA E 86 -58.95 -13.14 -1.11
C ALA E 86 -58.13 -13.79 -2.21
N ASP E 87 -57.53 -12.96 -3.05
CA ASP E 87 -56.58 -13.40 -4.05
C ASP E 87 -55.18 -13.21 -3.46
N TYR E 88 -54.53 -14.31 -3.13
CA TYR E 88 -53.24 -14.28 -2.46
C TYR E 88 -52.14 -14.35 -3.50
N TYR E 89 -51.08 -13.56 -3.30
CA TYR E 89 -50.04 -13.35 -4.29
C TYR E 89 -48.69 -13.81 -3.76
N CYS E 90 -47.71 -13.72 -4.65
CA CYS E 90 -46.30 -13.92 -4.34
C CYS E 90 -45.50 -12.99 -5.23
N GLN E 91 -44.41 -12.44 -4.71
CA GLN E 91 -43.56 -11.58 -5.52
C GLN E 91 -42.10 -11.92 -5.28
N SER E 92 -41.25 -11.38 -6.15
CA SER E 92 -39.81 -11.46 -6.00
C SER E 92 -39.18 -10.39 -6.86
N TYR E 93 -37.86 -10.44 -6.99
CA TYR E 93 -37.09 -9.52 -7.81
C TYR E 93 -36.23 -10.30 -8.81
N ASP E 94 -36.89 -11.07 -9.67
CA ASP E 94 -36.23 -11.72 -10.79
C ASP E 94 -35.34 -10.77 -11.56
N ARG E 95 -34.16 -11.28 -11.94
CA ARG E 95 -33.16 -10.50 -12.65
C ARG E 95 -33.58 -10.10 -14.06
N GLY E 96 -34.65 -10.69 -14.58
CA GLY E 96 -35.16 -10.33 -15.89
C GLY E 96 -36.22 -9.27 -15.71
N LEU E 97 -37.49 -9.67 -15.79
CA LEU E 97 -38.57 -8.80 -15.33
C LEU E 97 -38.35 -8.46 -13.87
N ASP E 98 -38.17 -7.16 -13.59
CA ASP E 98 -37.60 -6.71 -12.33
C ASP E 98 -38.47 -7.06 -11.13
N TRP E 99 -39.65 -6.45 -11.00
CA TRP E 99 -40.60 -6.83 -9.94
C TRP E 99 -41.68 -7.67 -10.57
N VAL E 100 -41.80 -8.91 -10.11
CA VAL E 100 -42.73 -9.87 -10.70
C VAL E 100 -43.80 -10.21 -9.68
N PHE E 101 -44.95 -10.65 -10.18
CA PHE E 101 -46.06 -11.09 -9.34
C PHE E 101 -46.58 -12.42 -9.87
N GLY E 102 -47.16 -13.20 -8.96
CA GLY E 102 -47.68 -14.50 -9.32
C GLY E 102 -49.06 -14.45 -9.92
N GLY E 103 -49.58 -15.63 -10.24
CA GLY E 103 -50.94 -15.72 -10.76
C GLY E 103 -51.99 -15.38 -9.73
N GLY E 104 -51.79 -15.81 -8.50
CA GLY E 104 -52.72 -15.55 -7.42
C GLY E 104 -53.63 -16.74 -7.16
N THR E 105 -54.09 -16.85 -5.92
CA THR E 105 -54.97 -17.93 -5.50
C THR E 105 -56.24 -17.34 -4.90
N LYS E 106 -57.38 -17.77 -5.40
CA LYS E 106 -58.68 -17.30 -4.92
C LYS E 106 -59.14 -18.21 -3.80
N LEU E 107 -58.94 -17.75 -2.56
CA LEU E 107 -59.38 -18.50 -1.39
C LEU E 107 -60.76 -18.02 -0.97
N THR E 108 -61.68 -18.97 -0.75
CA THR E 108 -63.03 -18.68 -0.34
C THR E 108 -63.54 -19.83 0.52
N VAL E 109 -64.60 -19.57 1.27
CA VAL E 109 -65.20 -20.57 2.14
C VAL E 109 -66.40 -21.19 1.42
N LEU E 110 -66.83 -22.33 1.95
CA LEU E 110 -67.92 -23.09 1.32
C LEU E 110 -69.21 -22.98 2.13
N GLN F 1 -25.82 16.11 -45.88
CA GLN F 1 -25.10 16.59 -47.04
C GLN F 1 -23.59 16.52 -46.80
N VAL F 2 -22.90 15.69 -47.56
CA VAL F 2 -21.48 15.45 -47.40
C VAL F 2 -20.74 16.08 -48.57
N GLN F 3 -19.84 17.01 -48.28
CA GLN F 3 -19.11 17.71 -49.33
C GLN F 3 -17.76 18.18 -48.80
N LEU F 4 -16.83 18.35 -49.74
CA LEU F 4 -15.54 18.97 -49.48
C LEU F 4 -15.29 20.00 -50.58
N VAL F 5 -15.24 21.27 -50.19
CA VAL F 5 -14.94 22.35 -51.13
C VAL F 5 -13.61 22.97 -50.70
N GLU F 6 -12.95 23.64 -51.63
CA GLU F 6 -11.56 24.05 -51.44
C GLU F 6 -11.44 25.56 -51.28
N SER F 7 -10.25 26.01 -50.91
CA SER F 7 -9.92 27.43 -50.89
C SER F 7 -8.44 27.59 -51.17
N GLY F 8 -8.06 28.77 -51.64
CA GLY F 8 -6.67 29.08 -51.90
C GLY F 8 -6.15 28.48 -53.19
N GLY F 9 -4.87 28.69 -53.43
CA GLY F 9 -4.22 28.16 -54.62
C GLY F 9 -4.18 29.16 -55.75
N GLY F 10 -3.70 28.69 -56.90
CA GLY F 10 -3.59 29.50 -58.10
C GLY F 10 -2.19 29.44 -58.68
N VAL F 11 -1.76 30.57 -59.26
CA VAL F 11 -0.41 30.68 -59.80
C VAL F 11 0.50 31.29 -58.74
N VAL F 12 1.64 30.64 -58.53
CA VAL F 12 2.58 30.98 -57.45
C VAL F 12 3.98 31.10 -58.04
N GLN F 13 4.71 32.11 -57.59
CA GLN F 13 6.11 32.25 -57.92
C GLN F 13 6.92 31.16 -57.19
N PRO F 14 8.13 30.82 -57.68
CA PRO F 14 9.02 29.99 -56.87
C PRO F 14 9.34 30.66 -55.54
N GLY F 15 9.43 29.85 -54.49
CA GLY F 15 9.42 30.37 -53.15
C GLY F 15 8.00 30.75 -52.79
N THR F 16 7.82 31.86 -52.06
CA THR F 16 6.52 32.49 -51.76
C THR F 16 5.53 31.47 -51.18
N SER F 17 5.84 31.05 -49.95
CA SER F 17 5.21 29.93 -49.26
C SER F 17 3.69 30.07 -49.21
N LEU F 18 3.01 28.96 -49.48
CA LEU F 18 1.58 28.92 -49.74
C LEU F 18 0.82 28.40 -48.53
N THR F 19 -0.30 29.06 -48.23
CA THR F 19 -1.25 28.60 -47.22
C THR F 19 -2.49 28.10 -47.94
N LEU F 20 -2.88 26.86 -47.68
CA LEU F 20 -4.03 26.25 -48.33
C LEU F 20 -5.05 25.81 -47.31
N SER F 21 -6.33 25.90 -47.69
CA SER F 21 -7.43 25.68 -46.78
C SER F 21 -8.50 24.79 -47.41
N CYS F 22 -9.04 23.90 -46.60
CA CYS F 22 -10.22 23.14 -46.96
C CYS F 22 -11.47 23.91 -46.53
N ALA F 23 -12.63 23.32 -46.79
CA ALA F 23 -13.90 23.74 -46.22
C ALA F 23 -14.89 22.60 -46.35
N ALA F 24 -15.71 22.40 -45.33
CA ALA F 24 -16.65 21.27 -45.33
C ALA F 24 -17.86 21.65 -44.50
N SER F 25 -18.98 21.00 -44.81
CA SER F 25 -20.24 21.33 -44.16
C SER F 25 -21.20 20.15 -44.24
N GLY F 26 -22.12 20.10 -43.30
CA GLY F 26 -23.16 19.09 -43.29
C GLY F 26 -22.87 17.85 -42.49
N PHE F 27 -21.79 17.83 -41.72
CA PHE F 27 -21.43 16.66 -40.92
C PHE F 27 -20.53 17.11 -39.79
N THR F 28 -20.29 16.20 -38.84
CA THR F 28 -19.34 16.45 -37.79
C THR F 28 -17.93 16.48 -38.36
N PHE F 29 -17.04 17.22 -37.69
CA PHE F 29 -15.70 17.42 -38.20
C PHE F 29 -14.63 16.89 -37.26
N ARG F 30 -14.73 17.19 -35.96
CA ARG F 30 -13.69 16.78 -35.03
C ARG F 30 -13.73 15.29 -34.77
N THR F 31 -14.91 14.67 -34.92
CA THR F 31 -15.04 13.24 -34.70
C THR F 31 -14.20 12.45 -35.70
N TYR F 32 -14.23 12.86 -36.96
CA TYR F 32 -13.39 12.23 -37.96
C TYR F 32 -12.09 13.02 -38.05
N ALA F 33 -11.29 12.77 -39.08
CA ALA F 33 -10.05 13.51 -39.26
C ALA F 33 -9.88 13.85 -40.73
N PHE F 34 -9.09 14.89 -40.99
CA PHE F 34 -8.83 15.36 -42.33
C PHE F 34 -7.38 15.07 -42.70
N HIS F 35 -7.10 15.11 -44.00
CA HIS F 35 -5.75 14.89 -44.50
C HIS F 35 -5.64 15.42 -45.92
N TRP F 36 -4.40 15.55 -46.39
CA TRP F 36 -4.07 16.25 -47.62
C TRP F 36 -3.30 15.34 -48.58
N VAL F 37 -3.63 15.45 -49.86
CA VAL F 37 -3.04 14.64 -50.92
C VAL F 37 -2.94 15.52 -52.16
N ARG F 38 -2.17 15.09 -53.16
CA ARG F 38 -2.14 15.79 -54.44
C ARG F 38 -2.16 14.80 -55.59
N GLN F 39 -2.37 15.34 -56.78
CA GLN F 39 -2.01 14.65 -58.02
C GLN F 39 -1.58 15.68 -59.05
N ALA F 40 -0.52 15.38 -59.78
CA ALA F 40 0.00 16.34 -60.73
C ALA F 40 -0.28 15.89 -62.16
N PRO F 41 -0.41 16.83 -63.11
CA PRO F 41 -0.49 16.43 -64.52
C PRO F 41 0.77 15.72 -64.96
N GLY F 42 0.59 14.69 -65.80
CA GLY F 42 1.69 13.85 -66.22
C GLY F 42 1.95 12.66 -65.32
N LYS F 43 1.28 12.57 -64.18
CA LYS F 43 1.42 11.42 -63.30
C LYS F 43 0.12 11.27 -62.49
N GLY F 44 0.17 10.42 -61.49
CA GLY F 44 -1.02 10.04 -60.73
C GLY F 44 -1.10 10.70 -59.37
N LEU F 45 -1.72 10.00 -58.43
CA LEU F 45 -1.91 10.49 -57.07
C LEU F 45 -0.68 10.22 -56.22
N GLU F 46 -0.34 11.20 -55.37
CA GLU F 46 0.78 11.08 -54.46
C GLU F 46 0.37 11.56 -53.08
N TRP F 47 0.57 10.72 -52.07
CA TRP F 47 0.17 11.04 -50.71
C TRP F 47 1.02 12.16 -50.12
N LEU F 48 0.40 13.03 -49.32
CA LEU F 48 1.18 14.05 -48.63
C LEU F 48 1.16 13.91 -47.12
N ALA F 49 0.00 14.02 -46.46
CA ALA F 49 0.05 14.26 -45.02
C ALA F 49 -1.31 13.99 -44.40
N LEU F 50 -1.30 13.81 -43.08
CA LEU F 50 -2.50 13.53 -42.31
C LEU F 50 -2.39 14.15 -40.93
N VAL F 51 -3.55 14.52 -40.38
CA VAL F 51 -3.67 14.86 -38.97
C VAL F 51 -4.84 14.07 -38.41
N THR F 52 -4.83 13.92 -37.09
CA THR F 52 -5.92 13.31 -36.35
C THR F 52 -6.85 14.43 -35.87
N TYR F 53 -7.81 14.08 -35.02
CA TYR F 53 -8.57 15.08 -34.30
C TYR F 53 -7.64 15.95 -33.49
N ASP F 54 -7.79 17.27 -33.62
CA ASP F 54 -6.91 18.30 -33.07
C ASP F 54 -5.49 18.14 -33.62
N GLY F 55 -4.54 18.87 -33.03
CA GLY F 55 -3.18 18.82 -33.53
C GLY F 55 -2.32 17.81 -32.80
N THR F 56 -2.19 16.62 -33.36
CA THR F 56 -1.44 15.53 -32.75
C THR F 56 -0.96 14.60 -33.85
N THR F 57 0.30 14.17 -33.74
CA THR F 57 0.95 13.18 -34.61
C THR F 57 0.75 13.49 -36.09
N GLN F 58 1.28 14.64 -36.49
CA GLN F 58 1.17 15.10 -37.87
C GLN F 58 1.98 14.18 -38.78
N TYR F 59 1.30 13.30 -39.49
CA TYR F 59 1.95 12.38 -40.40
C TYR F 59 2.44 13.13 -41.63
N TYR F 60 3.66 12.81 -42.06
CA TYR F 60 4.24 13.40 -43.26
C TYR F 60 4.89 12.30 -44.08
N ALA F 61 4.72 12.39 -45.40
CA ALA F 61 5.48 11.52 -46.30
C ALA F 61 6.94 11.94 -46.28
N ASP F 62 7.80 11.00 -46.70
CA ASP F 62 9.23 11.29 -46.71
C ASP F 62 9.58 12.33 -47.76
N SER F 63 8.81 12.38 -48.85
CA SER F 63 9.03 13.36 -49.91
C SER F 63 8.37 14.70 -49.60
N VAL F 64 7.56 14.78 -48.55
CA VAL F 64 6.79 15.97 -48.21
C VAL F 64 7.31 16.64 -46.93
N LYS F 65 7.96 15.87 -46.06
CA LYS F 65 8.37 16.33 -44.73
C LYS F 65 9.35 17.49 -44.80
N GLY F 66 9.21 18.43 -43.87
CA GLY F 66 10.07 19.59 -43.79
C GLY F 66 9.50 20.81 -44.47
N ARG F 67 9.15 20.67 -45.75
CA ARG F 67 8.58 21.80 -46.48
C ARG F 67 7.16 22.12 -46.02
N LEU F 68 6.38 21.10 -45.67
CA LEU F 68 4.97 21.26 -45.38
C LEU F 68 4.72 21.14 -43.88
N THR F 69 3.92 22.05 -43.34
CA THR F 69 3.32 21.89 -42.03
C THR F 69 1.81 21.83 -42.18
N ILE F 70 1.16 21.10 -41.28
CA ILE F 70 -0.27 20.83 -41.39
C ILE F 70 -0.90 20.98 -40.02
N TYR F 71 -2.10 21.58 -39.99
CA TYR F 71 -2.79 21.85 -38.73
C TYR F 71 -4.24 22.19 -39.02
N ARG F 72 -5.14 21.64 -38.20
CA ARG F 72 -6.56 21.93 -38.29
C ARG F 72 -6.97 22.86 -37.14
N ASP F 73 -8.17 23.39 -37.24
CA ASP F 73 -8.75 24.21 -36.20
C ASP F 73 -10.11 23.67 -35.80
N ASN F 74 -10.44 23.79 -34.52
CA ASN F 74 -11.75 23.38 -34.03
C ASN F 74 -12.77 24.50 -34.07
N SER F 75 -12.36 25.71 -34.47
CA SER F 75 -13.28 26.85 -34.47
C SER F 75 -14.29 26.74 -35.60
N LYS F 76 -13.82 26.72 -36.86
CA LYS F 76 -14.71 26.61 -38.00
C LYS F 76 -14.30 25.47 -38.93
N ASN F 77 -13.44 24.57 -38.46
CA ASN F 77 -13.33 23.20 -38.95
C ASN F 77 -12.86 23.13 -40.40
N THR F 78 -11.68 23.68 -40.65
CA THR F 78 -11.10 23.74 -41.98
C THR F 78 -9.62 23.43 -41.86
N LEU F 79 -9.17 22.40 -42.59
CA LEU F 79 -7.77 22.01 -42.51
C LEU F 79 -6.87 23.04 -43.19
N PHE F 80 -5.75 23.34 -42.55
CA PHE F 80 -4.83 24.37 -43.02
C PHE F 80 -3.45 23.77 -43.21
N LEU F 81 -2.94 23.83 -44.44
CA LEU F 81 -1.53 23.53 -44.66
C LEU F 81 -0.77 24.80 -44.97
N HIS F 82 0.53 24.76 -44.68
CA HIS F 82 1.46 25.79 -45.11
C HIS F 82 2.70 25.12 -45.66
N LEU F 83 2.93 25.28 -46.96
CA LEU F 83 4.07 24.67 -47.64
C LEU F 83 5.05 25.77 -48.02
N ASN F 84 6.34 25.46 -47.89
CA ASN F 84 7.40 26.43 -48.06
C ASN F 84 8.39 25.94 -49.12
N SER F 85 9.21 26.88 -49.59
CA SER F 85 10.27 26.68 -50.58
C SER F 85 9.75 25.96 -51.82
N LEU F 86 8.83 26.62 -52.51
CA LEU F 86 8.15 26.01 -53.65
C LEU F 86 9.10 25.90 -54.83
N ARG F 87 9.16 24.71 -55.42
CA ARG F 87 9.99 24.40 -56.57
C ARG F 87 9.13 24.40 -57.83
N ARG F 88 9.74 24.01 -58.95
CA ARG F 88 9.01 23.91 -60.22
C ARG F 88 8.08 22.70 -60.24
N ASP F 89 8.36 21.68 -59.43
CA ASP F 89 7.69 20.39 -59.54
C ASP F 89 6.36 20.31 -58.79
N ASP F 90 5.97 21.34 -58.05
CA ASP F 90 4.78 21.23 -57.21
C ASP F 90 3.49 21.64 -57.93
N THR F 91 3.55 21.92 -59.23
CA THR F 91 2.34 22.23 -59.99
C THR F 91 1.43 21.01 -60.00
N ALA F 92 0.31 21.10 -59.29
CA ALA F 92 -0.55 19.94 -59.10
C ALA F 92 -1.91 20.42 -58.60
N ILE F 93 -2.86 19.50 -58.58
CA ILE F 93 -4.17 19.74 -57.99
C ILE F 93 -4.17 19.03 -56.64
N TYR F 94 -4.41 19.80 -55.59
CA TYR F 94 -4.33 19.32 -54.21
C TYR F 94 -5.73 19.04 -53.69
N PHE F 95 -5.92 17.87 -53.11
CA PHE F 95 -7.21 17.40 -52.63
C PHE F 95 -7.20 17.24 -51.11
N CYS F 96 -8.19 17.84 -50.46
CA CYS F 96 -8.55 17.43 -49.11
C CYS F 96 -9.25 16.09 -49.18
N ALA F 97 -9.15 15.34 -48.08
CA ALA F 97 -9.99 14.17 -47.92
C ALA F 97 -10.13 13.90 -46.43
N ARG F 98 -11.10 13.06 -46.08
CA ARG F 98 -11.38 12.75 -44.70
C ARG F 98 -11.22 11.25 -44.48
N GLY F 99 -10.99 10.89 -43.22
CA GLY F 99 -10.75 9.51 -42.86
C GLY F 99 -10.81 9.36 -41.36
N GLY F 100 -10.82 8.10 -40.91
CA GLY F 100 -10.91 7.81 -39.51
C GLY F 100 -12.33 7.93 -38.99
N GLU F 101 -12.70 7.10 -38.01
CA GLU F 101 -14.05 7.09 -37.49
C GLU F 101 -14.12 7.55 -36.04
N GLY F 102 -13.47 6.84 -35.14
CA GLY F 102 -13.56 7.11 -33.72
C GLY F 102 -12.43 7.98 -33.23
N SER F 103 -12.14 7.85 -31.94
CA SER F 103 -11.06 8.60 -31.30
C SER F 103 -9.75 7.82 -31.46
N PHE F 104 -9.28 7.76 -32.70
CA PHE F 104 -8.10 7.00 -33.05
C PHE F 104 -7.03 7.92 -33.63
N SER F 105 -5.78 7.62 -33.35
CA SER F 105 -4.64 8.30 -33.93
C SER F 105 -3.77 7.37 -34.76
N TRP F 106 -4.29 6.20 -35.12
CA TRP F 106 -3.50 5.18 -35.81
C TRP F 106 -3.75 5.25 -37.31
N LEU F 107 -2.67 5.18 -38.09
CA LEU F 107 -2.77 5.38 -39.53
C LEU F 107 -3.54 4.27 -40.21
N GLY F 108 -3.59 3.08 -39.60
CA GLY F 108 -4.36 1.99 -40.17
C GLY F 108 -5.85 2.28 -40.18
N TYR F 109 -6.37 2.82 -39.08
CA TYR F 109 -7.75 3.28 -39.08
C TYR F 109 -7.92 4.56 -39.90
N LEU F 110 -6.83 5.28 -40.13
CA LEU F 110 -6.85 6.50 -40.92
C LEU F 110 -6.40 6.23 -42.36
N GLN F 111 -7.17 5.40 -43.08
CA GLN F 111 -6.86 5.15 -44.47
C GLN F 111 -8.10 5.08 -45.34
N TYR F 112 -9.30 5.31 -44.80
CA TYR F 112 -10.51 5.28 -45.60
C TYR F 112 -10.71 6.64 -46.27
N MET F 113 -10.96 6.62 -47.57
CA MET F 113 -11.13 7.87 -48.32
C MET F 113 -12.62 8.09 -48.51
N ASP F 114 -13.29 8.48 -47.43
CA ASP F 114 -14.75 8.52 -47.44
C ASP F 114 -15.32 9.66 -48.27
N VAL F 115 -14.55 10.70 -48.55
CA VAL F 115 -15.02 11.85 -49.30
C VAL F 115 -13.80 12.61 -49.82
N TRP F 116 -13.96 13.22 -50.99
CA TRP F 116 -12.89 13.95 -51.65
C TRP F 116 -13.35 15.35 -51.99
N GLY F 117 -12.37 16.25 -52.13
CA GLY F 117 -12.62 17.59 -52.61
C GLY F 117 -12.48 17.69 -54.12
N GLN F 118 -12.59 18.92 -54.61
CA GLN F 118 -12.31 19.20 -56.01
C GLN F 118 -10.87 19.62 -56.25
N GLY F 119 -10.10 19.87 -55.18
CA GLY F 119 -8.71 20.23 -55.30
C GLY F 119 -8.47 21.65 -55.75
N THR F 120 -7.39 22.26 -55.27
CA THR F 120 -6.93 23.55 -55.75
C THR F 120 -5.83 23.31 -56.77
N THR F 121 -5.83 24.07 -57.85
CA THR F 121 -4.78 23.99 -58.84
C THR F 121 -3.68 24.97 -58.46
N VAL F 122 -2.47 24.46 -58.25
CA VAL F 122 -1.30 25.29 -58.00
C VAL F 122 -0.33 25.12 -59.16
N THR F 123 0.03 26.24 -59.77
CA THR F 123 0.87 26.27 -60.96
C THR F 123 2.01 27.25 -60.71
N VAL F 124 3.23 26.82 -61.02
CA VAL F 124 4.41 27.64 -60.88
C VAL F 124 5.07 27.79 -62.25
N SER F 125 5.35 29.04 -62.64
CA SER F 125 5.93 29.37 -63.93
C SER F 125 6.41 30.81 -63.88
N SER F 126 6.82 31.32 -65.03
CA SER F 126 7.26 32.71 -65.16
C SER F 126 6.96 33.25 -66.56
N GLN G 26 22.08 18.64 14.74
CA GLN G 26 22.71 19.95 14.65
C GLN G 26 22.90 20.55 16.04
N ASN G 27 21.90 21.28 16.51
CA ASN G 27 21.96 21.96 17.80
C ASN G 27 20.67 21.74 18.57
N ILE G 28 20.27 20.47 18.69
CA ILE G 28 19.06 20.15 19.43
C ILE G 28 19.31 20.39 20.91
N THR G 29 18.41 21.14 21.55
CA THR G 29 18.50 21.35 22.98
C THR G 29 17.09 21.36 23.55
N GLU G 30 17.01 21.33 24.86
CA GLU G 30 15.71 21.21 25.53
C GLU G 30 15.84 21.73 26.94
N GLU G 31 14.69 22.04 27.54
CA GLU G 31 14.65 22.50 28.92
C GLU G 31 13.43 21.88 29.59
N PHE G 32 13.65 20.74 30.24
CA PHE G 32 12.59 20.13 31.03
C PHE G 32 12.36 20.97 32.28
N TYR G 33 11.23 21.65 32.33
CA TYR G 33 10.84 22.35 33.54
C TYR G 33 10.34 21.35 34.56
N GLN G 34 10.81 21.48 35.80
CA GLN G 34 10.31 20.64 36.88
C GLN G 34 9.18 21.32 37.65
N SER G 35 8.91 22.59 37.36
CA SER G 35 7.76 23.25 37.98
C SER G 35 6.46 22.61 37.52
N THR G 36 6.28 22.49 36.21
CA THR G 36 5.23 21.67 35.62
C THR G 36 5.92 20.66 34.72
N CYS G 37 5.48 19.40 34.78
CA CYS G 37 6.17 18.32 34.10
C CYS G 37 5.99 18.46 32.60
N SER G 38 7.00 19.01 31.93
CA SER G 38 6.86 19.39 30.53
C SER G 38 8.24 19.55 29.92
N ALA G 39 8.34 19.21 28.64
CA ALA G 39 9.57 19.34 27.87
C ALA G 39 9.33 20.28 26.70
N VAL G 40 10.29 21.16 26.47
CA VAL G 40 10.26 22.07 25.32
C VAL G 40 11.44 21.70 24.43
N SER G 41 11.18 21.56 23.14
CA SER G 41 12.22 21.14 22.20
C SER G 41 12.79 22.39 21.53
N LYS G 42 13.68 23.06 22.23
CA LYS G 42 14.23 24.32 21.77
C LYS G 42 15.21 24.09 20.63
N GLY G 43 14.97 24.75 19.50
CA GLY G 43 15.90 24.73 18.39
C GLY G 43 15.51 23.76 17.31
N TYR G 44 14.85 24.29 16.28
CA TYR G 44 14.38 23.55 15.11
C TYR G 44 14.02 24.61 14.07
N LEU G 45 13.85 24.17 12.83
CA LEU G 45 13.46 25.06 11.75
C LEU G 45 12.15 24.56 11.16
N SER G 46 11.26 25.52 10.87
CA SER G 46 9.85 25.19 10.68
C SER G 46 9.58 24.48 9.36
N ALA G 47 9.88 25.16 8.24
CA ALA G 47 9.61 24.67 6.88
C ALA G 47 8.15 24.22 6.73
N LEU G 48 7.24 25.09 7.15
CA LEU G 48 5.83 24.76 7.15
C LEU G 48 5.21 24.98 5.78
N ARG G 49 4.40 24.02 5.35
CA ARG G 49 3.48 24.26 4.25
C ARG G 49 2.47 25.33 4.66
N THR G 50 2.12 26.19 3.71
CA THR G 50 1.03 27.12 3.91
C THR G 50 0.01 27.12 2.78
N GLY G 51 0.32 26.50 1.65
CA GLY G 51 -0.60 26.46 0.53
C GLY G 51 -0.28 25.26 -0.34
N TRP G 52 -1.12 25.06 -1.35
CA TRP G 52 -0.92 24.00 -2.31
C TRP G 52 -0.41 24.58 -3.61
N TYR G 53 0.37 23.78 -4.34
CA TYR G 53 0.69 24.05 -5.72
C TYR G 53 0.15 22.90 -6.55
N THR G 54 -0.64 23.22 -7.55
CA THR G 54 -1.25 22.19 -8.39
C THR G 54 -0.47 22.04 -9.68
N SER G 55 -0.51 20.84 -10.24
CA SER G 55 0.04 20.61 -11.57
C SER G 55 -0.71 19.45 -12.20
N VAL G 56 -0.77 19.46 -13.53
CA VAL G 56 -1.42 18.37 -14.25
C VAL G 56 -0.34 17.51 -14.89
N ILE G 57 -0.48 16.21 -14.73
CA ILE G 57 0.43 15.22 -15.31
C ILE G 57 -0.41 14.39 -16.27
N THR G 58 0.00 14.34 -17.53
CA THR G 58 -0.75 13.62 -18.55
C THR G 58 0.07 12.47 -19.11
N ILE G 59 -0.62 11.38 -19.40
CA ILE G 59 -0.07 10.27 -20.16
C ILE G 59 -0.89 10.14 -21.44
N GLU G 60 -0.24 10.38 -22.57
CA GLU G 60 -0.94 10.27 -23.84
C GLU G 60 -1.06 8.80 -24.22
N LEU G 61 -2.10 8.49 -25.00
CA LEU G 61 -2.48 7.11 -25.27
C LEU G 61 -3.52 7.10 -26.38
N SER G 62 -3.56 6.01 -27.13
CA SER G 62 -4.42 5.88 -28.29
C SER G 62 -5.35 4.69 -28.15
N ASN G 63 -6.52 4.78 -28.77
CA ASN G 63 -7.53 3.74 -28.66
C ASN G 63 -7.19 2.60 -29.60
N ILE G 64 -7.09 1.40 -29.06
CA ILE G 64 -6.81 0.23 -29.87
C ILE G 64 -8.11 -0.51 -30.17
N LYS G 65 -8.29 -0.91 -31.42
CA LYS G 65 -9.42 -1.69 -31.85
C LYS G 65 -9.12 -3.18 -31.59
N GLU G 66 -9.91 -4.06 -32.20
CA GLU G 66 -9.70 -5.49 -32.03
C GLU G 66 -8.37 -5.93 -32.64
N ASN G 67 -7.98 -7.16 -32.31
CA ASN G 67 -6.61 -7.63 -32.57
C ASN G 67 -6.30 -7.72 -34.05
N LYS G 68 -7.27 -8.17 -34.85
CA LYS G 68 -7.11 -8.38 -36.30
C LYS G 68 -5.95 -9.34 -36.57
N CYS G 69 -6.10 -10.56 -36.08
CA CYS G 69 -5.07 -11.58 -36.18
C CYS G 69 -5.70 -12.94 -36.40
N ASN G 70 -4.94 -13.83 -37.02
CA ASN G 70 -5.38 -15.19 -37.30
C ASN G 70 -4.67 -16.15 -36.36
N GLY G 71 -5.42 -17.03 -35.73
CA GLY G 71 -4.85 -18.03 -34.84
C GLY G 71 -4.42 -17.46 -33.52
N THR G 72 -3.76 -18.31 -32.73
CA THR G 72 -3.28 -17.95 -31.41
C THR G 72 -1.77 -17.88 -31.32
N ASP G 73 -1.06 -18.77 -32.02
CA ASP G 73 0.40 -18.84 -32.08
C ASP G 73 1.04 -18.98 -30.69
N ALA G 74 2.35 -18.76 -30.63
CA ALA G 74 3.08 -18.71 -29.38
C ALA G 74 3.87 -17.42 -29.23
N LYS G 75 4.38 -16.88 -30.32
CA LYS G 75 5.04 -15.58 -30.26
C LYS G 75 4.04 -14.47 -29.99
N VAL G 76 3.06 -14.30 -30.88
CA VAL G 76 2.02 -13.27 -30.71
C VAL G 76 0.89 -13.93 -29.92
N LYS G 77 1.08 -14.00 -28.62
CA LYS G 77 0.03 -14.34 -27.68
C LYS G 77 0.03 -13.40 -26.50
N LEU G 78 1.21 -13.01 -26.02
CA LEU G 78 1.31 -12.03 -24.94
C LEU G 78 0.80 -10.66 -25.38
N ILE G 79 0.90 -10.35 -26.67
CA ILE G 79 0.42 -9.08 -27.18
C ILE G 79 -1.08 -8.95 -26.97
N LYS G 80 -1.83 -9.99 -27.32
CA LYS G 80 -3.29 -9.93 -27.20
C LYS G 80 -3.70 -9.79 -25.74
N GLN G 81 -3.06 -10.56 -24.85
CA GLN G 81 -3.38 -10.50 -23.43
C GLN G 81 -3.02 -9.14 -22.84
N GLU G 82 -1.87 -8.59 -23.23
CA GLU G 82 -1.44 -7.31 -22.66
C GLU G 82 -2.27 -6.15 -23.18
N LEU G 83 -2.64 -6.18 -24.47
CA LEU G 83 -3.52 -5.14 -24.99
C LEU G 83 -4.92 -5.24 -24.39
N ASP G 84 -5.39 -6.47 -24.11
CA ASP G 84 -6.66 -6.60 -23.40
C ASP G 84 -6.56 -6.04 -21.99
N LYS G 85 -5.41 -6.25 -21.34
CA LYS G 85 -5.17 -5.66 -20.03
C LYS G 85 -5.19 -4.14 -20.09
N TYR G 86 -4.56 -3.58 -21.12
CA TYR G 86 -4.54 -2.12 -21.30
C TYR G 86 -5.94 -1.58 -21.57
N LYS G 87 -6.71 -2.30 -22.39
CA LYS G 87 -8.10 -1.93 -22.62
C LYS G 87 -8.91 -1.96 -21.34
N ASN G 88 -8.70 -2.99 -20.52
CA ASN G 88 -9.39 -3.09 -19.25
C ASN G 88 -9.03 -1.91 -18.34
N ALA G 89 -7.76 -1.54 -18.33
CA ALA G 89 -7.32 -0.41 -17.51
C ALA G 89 -7.96 0.89 -17.95
N VAL G 90 -7.97 1.15 -19.27
CA VAL G 90 -8.48 2.43 -19.73
C VAL G 90 -10.00 2.49 -19.59
N THR G 91 -10.70 1.38 -19.80
CA THR G 91 -12.14 1.41 -19.63
C THR G 91 -12.51 1.42 -18.14
N GLU G 92 -11.64 0.88 -17.28
CA GLU G 92 -11.87 0.98 -15.85
C GLU G 92 -11.74 2.41 -15.39
N LEU G 93 -10.73 3.12 -15.87
CA LEU G 93 -10.57 4.51 -15.44
C LEU G 93 -11.64 5.38 -16.08
N GLN G 94 -12.13 5.00 -17.26
CA GLN G 94 -13.29 5.66 -17.84
C GLN G 94 -14.51 5.49 -16.95
N LEU G 95 -14.69 4.29 -16.38
CA LEU G 95 -15.75 4.07 -15.42
C LEU G 95 -15.50 4.83 -14.12
N LEU G 96 -14.24 5.10 -13.81
CA LEU G 96 -13.91 5.86 -12.60
C LEU G 96 -14.44 7.28 -12.68
N MET G 97 -14.33 7.90 -13.85
CA MET G 97 -14.88 9.24 -14.04
C MET G 97 -15.44 9.41 -15.45
N PHE G 137 -4.28 17.20 22.36
CA PHE G 137 -5.49 17.16 23.16
C PHE G 137 -6.48 18.24 22.75
N LEU G 138 -6.11 19.02 21.73
CA LEU G 138 -6.92 20.14 21.26
C LEU G 138 -7.52 19.88 19.89
N GLY G 139 -7.72 18.61 19.53
CA GLY G 139 -8.33 18.31 18.25
C GLY G 139 -9.79 18.69 18.18
N PHE G 140 -10.46 18.76 19.34
CA PHE G 140 -11.86 19.16 19.35
C PHE G 140 -12.00 20.65 19.04
N LEU G 141 -11.04 21.47 19.45
CA LEU G 141 -11.03 22.88 19.07
C LEU G 141 -10.35 23.11 17.74
N LEU G 142 -9.75 22.08 17.17
CA LEU G 142 -9.01 22.23 15.91
C LEU G 142 -9.96 22.39 14.74
N GLY G 143 -9.69 23.39 13.90
CA GLY G 143 -10.48 23.60 12.71
C GLY G 143 -10.16 22.57 11.65
N VAL G 144 -11.07 22.46 10.69
CA VAL G 144 -10.95 21.48 9.62
C VAL G 144 -11.19 22.18 8.28
N GLY G 145 -10.42 21.78 7.28
CA GLY G 145 -10.62 22.28 5.93
C GLY G 145 -10.44 21.17 4.94
N SER G 146 -11.08 21.33 3.79
CA SER G 146 -10.94 20.37 2.69
C SER G 146 -9.53 20.50 2.13
N ALA G 147 -8.67 19.54 2.48
CA ALA G 147 -7.32 19.53 1.92
C ALA G 147 -7.36 19.29 0.42
N ILE G 148 -8.27 18.43 -0.03
CA ILE G 148 -8.38 18.11 -1.46
C ILE G 148 -9.34 19.14 -2.07
N ALA G 149 -8.81 20.35 -2.27
CA ALA G 149 -9.64 21.47 -2.69
C ALA G 149 -9.17 22.11 -3.99
N SER G 150 -7.88 22.43 -4.10
CA SER G 150 -7.42 23.06 -5.34
C SER G 150 -7.37 22.06 -6.47
N GLY G 151 -7.08 20.79 -6.15
CA GLY G 151 -7.00 19.78 -7.19
C GLY G 151 -8.34 19.48 -7.84
N VAL G 152 -9.40 19.38 -7.03
CA VAL G 152 -10.73 19.20 -7.61
C VAL G 152 -11.13 20.45 -8.38
N ALA G 153 -10.64 21.62 -7.97
CA ALA G 153 -10.90 22.84 -8.74
C ALA G 153 -10.24 22.76 -10.12
N VAL G 154 -9.01 22.27 -10.17
CA VAL G 154 -8.30 22.17 -11.45
C VAL G 154 -8.95 21.13 -12.35
N CYS G 155 -9.33 19.98 -11.78
CA CYS G 155 -10.08 18.99 -12.55
C CYS G 155 -11.39 19.55 -13.05
N LYS G 156 -12.08 20.34 -12.21
CA LYS G 156 -13.37 20.91 -12.59
C LYS G 156 -13.20 21.91 -13.73
N VAL G 157 -12.09 22.66 -13.73
CA VAL G 157 -11.75 23.48 -14.88
C VAL G 157 -11.55 22.59 -16.11
N LEU G 158 -10.92 21.42 -15.92
CA LEU G 158 -10.69 20.53 -17.04
C LEU G 158 -11.98 19.90 -17.58
N HIS G 159 -13.02 19.77 -16.75
CA HIS G 159 -14.28 19.20 -17.25
C HIS G 159 -14.94 20.08 -18.31
N LEU G 160 -14.60 21.37 -18.36
CA LEU G 160 -15.17 22.22 -19.39
C LEU G 160 -14.63 21.83 -20.76
N GLU G 161 -15.51 21.89 -21.76
CA GLU G 161 -15.19 21.37 -23.08
C GLU G 161 -14.17 22.25 -23.80
N GLY G 162 -13.26 21.60 -24.51
CA GLY G 162 -12.22 22.30 -25.23
C GLY G 162 -11.10 22.82 -24.37
N GLU G 163 -11.09 22.51 -23.08
CA GLU G 163 -10.04 22.99 -22.19
C GLU G 163 -8.85 22.07 -22.17
N VAL G 164 -9.07 20.77 -22.08
CA VAL G 164 -7.97 19.81 -22.12
C VAL G 164 -7.38 19.75 -23.52
N ASN G 165 -8.14 20.19 -24.53
CA ASN G 165 -7.58 20.31 -25.87
C ASN G 165 -6.49 21.36 -25.93
N LYS G 166 -6.55 22.37 -25.06
CA LYS G 166 -5.46 23.34 -25.00
C LYS G 166 -4.19 22.71 -24.46
N ILE G 167 -4.30 21.84 -23.47
CA ILE G 167 -3.14 21.07 -23.02
C ILE G 167 -2.67 20.14 -24.12
N LYS G 168 -3.60 19.51 -24.82
CA LYS G 168 -3.27 18.57 -25.89
C LYS G 168 -2.49 19.25 -27.00
N SER G 169 -2.94 20.42 -27.43
CA SER G 169 -2.27 21.13 -28.52
C SER G 169 -1.00 21.81 -28.03
N ALA G 170 -1.05 22.45 -26.86
CA ALA G 170 0.08 23.24 -26.40
C ALA G 170 1.27 22.37 -26.01
N LEU G 171 1.00 21.24 -25.37
CA LEU G 171 2.06 20.36 -24.91
C LEU G 171 2.36 19.29 -25.96
N LEU G 172 2.61 19.74 -27.19
CA LEU G 172 2.71 18.77 -28.29
C LEU G 172 4.10 18.15 -28.37
N SER G 173 5.14 18.95 -28.23
CA SER G 173 6.51 18.46 -28.29
C SER G 173 7.32 18.82 -27.07
N THR G 174 7.03 19.95 -26.45
CA THR G 174 7.73 20.35 -25.24
C THR G 174 7.32 19.41 -24.10
N ASN G 175 8.28 19.08 -23.23
CA ASN G 175 8.01 18.13 -22.16
C ASN G 175 7.15 18.76 -21.07
N LYS G 176 7.44 20.01 -20.71
CA LYS G 176 6.72 20.71 -19.66
C LYS G 176 6.46 22.14 -20.12
N ALA G 177 5.34 22.71 -19.68
CA ALA G 177 4.99 24.06 -20.12
C ALA G 177 4.05 24.68 -19.09
N VAL G 178 3.63 25.91 -19.38
CA VAL G 178 2.62 26.62 -18.62
C VAL G 178 1.56 27.09 -19.60
N VAL G 179 0.32 26.68 -19.38
CA VAL G 179 -0.78 27.09 -20.24
C VAL G 179 -1.80 27.86 -19.40
N SER G 180 -2.54 28.74 -20.06
CA SER G 180 -3.61 29.48 -19.38
C SER G 180 -4.93 28.78 -19.58
N LEU G 181 -5.81 28.88 -18.59
CA LEU G 181 -7.10 28.22 -18.64
C LEU G 181 -8.21 29.26 -18.72
N SER G 182 -9.45 28.78 -18.71
CA SER G 182 -10.61 29.64 -18.87
C SER G 182 -11.06 30.29 -17.56
N ASN G 183 -10.33 30.07 -16.47
CA ASN G 183 -10.63 30.76 -15.21
C ASN G 183 -9.44 31.60 -14.76
N GLY G 184 -8.53 31.93 -15.67
CA GLY G 184 -7.35 32.70 -15.31
C GLY G 184 -6.29 31.90 -14.58
N VAL G 185 -6.48 30.60 -14.42
CA VAL G 185 -5.53 29.75 -13.72
C VAL G 185 -4.52 29.22 -14.72
N SER G 186 -3.25 29.40 -14.40
CA SER G 186 -2.16 29.10 -15.32
C SER G 186 -1.06 28.36 -14.59
N VAL G 187 -1.42 27.28 -13.90
CA VAL G 187 -0.50 26.64 -12.96
C VAL G 187 0.67 25.94 -13.66
N LEU G 188 0.41 24.89 -14.45
CA LEU G 188 1.47 24.05 -14.98
C LEU G 188 0.87 23.00 -15.90
N THR G 189 1.71 22.43 -16.76
CA THR G 189 1.42 21.25 -17.55
C THR G 189 2.68 20.39 -17.62
N PHE G 190 2.47 19.07 -17.71
CA PHE G 190 3.60 18.17 -17.88
C PHE G 190 3.11 16.85 -18.47
N LYS G 191 3.93 16.28 -19.35
CA LYS G 191 3.66 15.00 -20.01
C LYS G 191 4.66 13.97 -19.51
N VAL G 192 4.15 12.86 -18.99
CA VAL G 192 5.02 11.87 -18.36
C VAL G 192 5.45 10.76 -19.33
N LEU G 193 4.62 10.38 -20.29
CA LEU G 193 4.92 9.24 -21.14
C LEU G 193 4.38 9.54 -22.55
N ASP G 194 4.86 8.77 -23.53
CA ASP G 194 4.71 9.06 -24.96
C ASP G 194 4.17 7.84 -25.70
N LEU G 195 3.07 7.27 -25.20
CA LEU G 195 2.53 6.04 -25.79
C LEU G 195 2.00 6.23 -27.21
N LYS G 196 1.80 7.49 -27.65
CA LYS G 196 1.61 7.77 -29.07
C LYS G 196 2.65 7.09 -29.94
N ASN G 197 3.92 7.45 -29.73
CA ASN G 197 4.99 6.98 -30.61
C ASN G 197 5.17 5.47 -30.50
N TYR G 198 5.26 4.96 -29.27
CA TYR G 198 5.50 3.53 -29.08
C TYR G 198 4.34 2.70 -29.59
N ILE G 199 3.11 3.12 -29.29
CA ILE G 199 1.94 2.36 -29.69
C ILE G 199 1.77 2.37 -31.20
N ASP G 200 1.89 3.54 -31.83
CA ASP G 200 1.61 3.65 -33.24
C ASP G 200 2.82 3.41 -34.12
N LYS G 201 3.99 3.09 -33.55
CA LYS G 201 5.16 2.80 -34.36
C LYS G 201 5.81 1.46 -34.05
N GLN G 202 5.82 1.02 -32.80
CA GLN G 202 6.49 -0.21 -32.43
C GLN G 202 5.56 -1.33 -32.02
N LEU G 203 4.26 -1.06 -31.90
CA LEU G 203 3.29 -2.09 -31.59
C LEU G 203 2.32 -2.32 -32.74
N LEU G 204 1.58 -1.30 -33.13
CA LEU G 204 0.49 -1.46 -34.09
C LEU G 204 0.94 -1.77 -35.51
N PRO G 205 2.06 -1.24 -36.04
CA PRO G 205 2.54 -1.75 -37.33
C PRO G 205 2.89 -3.23 -37.33
N ILE G 206 3.20 -3.81 -36.18
CA ILE G 206 3.62 -5.21 -36.09
C ILE G 206 2.45 -6.13 -35.77
N LEU G 207 1.64 -5.76 -34.77
CA LEU G 207 0.53 -6.62 -34.37
C LEU G 207 -0.60 -6.63 -35.37
N ASN G 208 -0.68 -5.64 -36.26
CA ASN G 208 -1.80 -5.54 -37.17
C ASN G 208 -1.40 -5.85 -38.61
N LYS G 209 -0.44 -6.75 -38.80
CA LYS G 209 -0.10 -7.23 -40.12
C LYS G 209 -1.07 -8.32 -40.56
N GLN G 210 -1.00 -8.66 -41.84
CA GLN G 210 -1.68 -9.84 -42.33
C GLN G 210 -1.05 -11.09 -41.73
N SER G 211 -1.89 -11.92 -41.10
CA SER G 211 -1.49 -13.13 -40.36
C SER G 211 -0.34 -12.81 -39.39
N CYS G 212 -0.68 -12.01 -38.39
CA CYS G 212 0.30 -11.34 -37.55
C CYS G 212 1.18 -12.32 -36.79
N SER G 213 2.45 -11.93 -36.64
CA SER G 213 3.43 -12.71 -35.88
C SER G 213 4.58 -11.77 -35.57
N ILE G 214 5.00 -11.71 -34.30
CA ILE G 214 6.01 -10.75 -33.90
C ILE G 214 7.37 -11.17 -34.43
N SER G 215 8.26 -10.19 -34.57
CA SER G 215 9.62 -10.48 -35.00
C SER G 215 10.40 -11.18 -33.90
N ASN G 216 10.31 -10.68 -32.67
CA ASN G 216 11.02 -11.24 -31.54
C ASN G 216 10.30 -10.85 -30.26
N ILE G 217 10.54 -11.62 -29.21
CA ILE G 217 9.88 -11.37 -27.93
C ILE G 217 10.44 -10.11 -27.27
N GLU G 218 11.61 -9.64 -27.72
CA GLU G 218 12.20 -8.42 -27.17
C GLU G 218 11.33 -7.21 -27.39
N THR G 219 10.44 -7.26 -28.39
CA THR G 219 9.49 -6.19 -28.60
C THR G 219 8.49 -6.09 -27.45
N VAL G 220 8.09 -7.22 -26.87
CA VAL G 220 6.96 -7.16 -25.95
C VAL G 220 7.40 -6.82 -24.53
N ILE G 221 8.62 -7.18 -24.15
CA ILE G 221 9.07 -6.97 -22.77
C ILE G 221 9.28 -5.49 -22.49
N GLU G 222 9.78 -4.75 -23.49
CA GLU G 222 9.84 -3.30 -23.34
C GLU G 222 8.44 -2.71 -23.38
N PHE G 223 7.49 -3.40 -24.01
CA PHE G 223 6.09 -3.03 -23.86
C PHE G 223 5.65 -3.20 -22.42
N GLN G 224 6.22 -4.19 -21.72
CA GLN G 224 6.03 -4.30 -20.28
C GLN G 224 6.60 -3.08 -19.57
N GLN G 225 7.70 -2.53 -20.07
CA GLN G 225 8.25 -1.33 -19.46
C GLN G 225 7.36 -0.12 -19.71
N LYS G 226 6.64 -0.10 -20.83
CA LYS G 226 5.78 1.02 -21.17
C LYS G 226 4.33 0.77 -20.84
N ASN G 227 4.03 -0.28 -20.09
CA ASN G 227 2.66 -0.56 -19.68
C ASN G 227 2.54 -0.90 -18.21
N ASN G 228 3.64 -1.30 -17.56
CA ASN G 228 3.58 -1.59 -16.13
C ASN G 228 3.40 -0.30 -15.34
N ARG G 229 3.90 0.81 -15.86
CA ARG G 229 3.70 2.09 -15.19
C ARG G 229 2.22 2.46 -15.18
N LEU G 230 1.58 2.39 -16.35
CA LEU G 230 0.16 2.72 -16.46
C LEU G 230 -0.68 1.71 -15.70
N LEU G 231 -0.25 0.45 -15.68
CA LEU G 231 -0.95 -0.54 -14.88
C LEU G 231 -0.80 -0.27 -13.40
N GLU G 232 0.35 0.25 -12.97
CA GLU G 232 0.53 0.64 -11.57
C GLU G 232 -0.40 1.78 -11.22
N ILE G 233 -0.56 2.73 -12.14
CA ILE G 233 -1.56 3.78 -12.00
C ILE G 233 -2.95 3.16 -11.78
N THR G 234 -3.39 2.36 -12.75
CA THR G 234 -4.75 1.81 -12.73
C THR G 234 -4.98 0.96 -11.48
N ARG G 235 -3.95 0.23 -11.04
CA ARG G 235 -4.08 -0.59 -9.85
C ARG G 235 -4.05 0.21 -8.55
N GLU G 236 -3.43 1.39 -8.52
CA GLU G 236 -3.42 2.17 -7.30
C GLU G 236 -4.54 3.19 -7.24
N PHE G 237 -5.34 3.33 -8.29
CA PHE G 237 -6.52 4.18 -8.11
C PHE G 237 -7.82 3.43 -7.97
N SER G 238 -7.87 2.17 -8.37
CA SER G 238 -9.03 1.39 -8.00
C SER G 238 -9.08 1.14 -6.49
N VAL G 239 -7.95 1.25 -5.81
CA VAL G 239 -7.87 1.05 -4.36
C VAL G 239 -8.32 2.29 -3.59
N ASN G 240 -7.75 3.44 -3.91
CA ASN G 240 -7.96 4.65 -3.13
C ASN G 240 -9.04 5.57 -3.69
N ALA G 241 -9.66 5.19 -4.80
CA ALA G 241 -10.85 5.84 -5.36
C ALA G 241 -10.63 7.33 -5.63
N GLY G 242 -9.68 7.62 -6.51
CA GLY G 242 -9.47 8.97 -7.01
C GLY G 242 -8.51 9.86 -6.25
N VAL G 243 -8.44 9.72 -4.93
CA VAL G 243 -7.55 10.52 -4.10
C VAL G 243 -6.61 9.58 -3.35
N THR G 244 -5.31 9.84 -3.44
CA THR G 244 -4.29 8.99 -2.83
C THR G 244 -3.43 9.78 -1.86
N THR G 245 -3.17 9.16 -0.71
CA THR G 245 -2.31 9.73 0.32
C THR G 245 -1.32 8.66 0.74
N PRO G 246 -0.02 8.86 0.56
CA PRO G 246 0.66 9.97 -0.10
C PRO G 246 0.83 9.68 -1.59
N VAL G 247 1.80 10.32 -2.23
CA VAL G 247 2.06 10.08 -3.64
C VAL G 247 3.05 8.94 -3.81
N SER G 248 2.68 7.96 -4.64
CA SER G 248 3.58 6.87 -4.99
C SER G 248 4.55 7.32 -6.07
N THR G 249 5.69 6.64 -6.13
CA THR G 249 6.69 6.94 -7.15
C THR G 249 6.23 6.59 -8.56
N TYR G 250 5.17 5.78 -8.69
CA TYR G 250 4.69 5.46 -10.03
C TYR G 250 3.91 6.61 -10.64
N MET G 251 3.27 7.44 -9.81
CA MET G 251 2.70 8.67 -10.36
C MET G 251 3.75 9.71 -10.68
N LEU G 252 4.91 9.64 -10.04
CA LEU G 252 5.96 10.62 -10.32
C LEU G 252 7.30 10.02 -9.94
N THR G 253 8.15 9.78 -10.92
CA THR G 253 9.51 9.34 -10.63
C THR G 253 10.26 10.45 -9.93
N ASN G 254 11.23 10.06 -9.10
CA ASN G 254 11.86 11.01 -8.18
C ASN G 254 12.70 12.04 -8.91
N SER G 255 13.37 11.63 -10.00
CA SER G 255 14.09 12.60 -10.82
C SER G 255 13.13 13.59 -11.44
N GLU G 256 11.95 13.13 -11.85
CA GLU G 256 10.99 14.06 -12.41
C GLU G 256 10.36 14.93 -11.34
N LEU G 257 10.24 14.42 -10.11
CA LEU G 257 9.81 15.27 -9.01
C LEU G 257 10.83 16.38 -8.76
N LEU G 258 12.12 16.05 -8.85
CA LEU G 258 13.16 17.08 -8.76
C LEU G 258 13.05 18.09 -9.90
N SER G 259 12.71 17.61 -11.09
CA SER G 259 12.48 18.51 -12.21
C SER G 259 11.32 19.47 -11.93
N LEU G 260 10.22 18.93 -11.39
CA LEU G 260 9.10 19.78 -10.99
C LEU G 260 9.48 20.73 -9.86
N ILE G 261 10.39 20.32 -8.98
CA ILE G 261 10.94 21.22 -7.97
C ILE G 261 11.63 22.39 -8.64
N ASN G 262 12.37 22.11 -9.72
CA ASN G 262 12.98 23.18 -10.49
C ASN G 262 12.00 23.88 -11.43
N ASP G 263 10.70 23.68 -11.26
CA ASP G 263 9.71 24.26 -12.17
C ASP G 263 8.75 25.25 -11.52
N MET G 264 8.17 24.92 -10.36
CA MET G 264 7.10 25.75 -9.83
C MET G 264 7.65 27.12 -9.38
N PRO G 265 6.82 28.16 -9.39
CA PRO G 265 7.29 29.48 -8.99
C PRO G 265 7.51 29.60 -7.50
N ILE G 266 8.68 29.21 -7.02
CA ILE G 266 9.09 29.38 -5.64
C ILE G 266 10.52 29.93 -5.64
N THR G 267 10.96 30.37 -4.46
CA THR G 267 12.33 30.83 -4.36
C THR G 267 13.29 29.66 -4.29
N ASN G 268 14.55 29.92 -4.67
CA ASN G 268 15.48 28.83 -4.91
C ASN G 268 15.93 28.13 -3.63
N ASP G 269 15.88 28.83 -2.49
CA ASP G 269 16.15 28.15 -1.24
C ASP G 269 15.07 27.14 -0.91
N GLN G 270 13.83 27.46 -1.28
CA GLN G 270 12.74 26.46 -1.10
C GLN G 270 13.03 25.29 -2.04
N LYS G 271 13.50 25.60 -3.26
CA LYS G 271 13.85 24.53 -4.20
C LYS G 271 14.91 23.61 -3.60
N LYS G 272 15.92 24.20 -2.96
CA LYS G 272 16.97 23.41 -2.34
C LYS G 272 16.42 22.56 -1.19
N LEU G 273 15.54 23.14 -0.37
CA LEU G 273 14.96 22.39 0.74
C LEU G 273 14.09 21.24 0.24
N MET G 274 13.29 21.49 -0.79
CA MET G 274 12.43 20.44 -1.31
C MET G 274 13.25 19.37 -2.03
N SER G 275 14.37 19.77 -2.64
CA SER G 275 15.30 18.81 -3.19
C SER G 275 15.89 17.93 -2.10
N ASN G 276 16.22 18.52 -0.96
CA ASN G 276 16.77 17.72 0.13
C ASN G 276 15.72 16.88 0.84
N ASN G 277 14.44 17.23 0.73
CA ASN G 277 13.36 16.48 1.37
C ASN G 277 12.30 16.09 0.36
N VAL G 278 12.77 15.58 -0.79
CA VAL G 278 11.89 14.91 -1.75
C VAL G 278 11.00 13.85 -1.11
N GLN G 279 11.53 13.09 -0.13
CA GLN G 279 10.71 12.08 0.52
C GLN G 279 9.61 12.72 1.36
N ILE G 280 9.91 13.86 1.99
CA ILE G 280 8.92 14.52 2.83
C ILE G 280 7.83 15.13 1.97
N VAL G 281 8.23 15.80 0.89
CA VAL G 281 7.24 16.43 0.03
C VAL G 281 6.45 15.38 -0.72
N ARG G 282 7.05 14.20 -0.93
CA ARG G 282 6.30 13.06 -1.45
C ARG G 282 5.26 12.59 -0.43
N GLN G 283 5.61 12.60 0.85
CA GLN G 283 4.65 12.22 1.88
C GLN G 283 3.50 13.20 1.97
N GLN G 284 3.78 14.50 1.87
CA GLN G 284 2.71 15.47 2.10
C GLN G 284 1.80 15.61 0.88
N SER G 285 2.30 15.29 -0.30
CA SER G 285 1.58 15.58 -1.53
C SER G 285 0.40 14.65 -1.75
N TYR G 286 -0.67 15.19 -2.33
CA TYR G 286 -1.86 14.43 -2.69
C TYR G 286 -1.96 14.33 -4.20
N SER G 287 -2.99 13.61 -4.67
CA SER G 287 -3.21 13.44 -6.10
C SER G 287 -4.67 13.15 -6.38
N ILE G 288 -5.29 13.97 -7.23
CA ILE G 288 -6.71 13.88 -7.55
C ILE G 288 -6.84 13.61 -9.05
N MET G 289 -7.88 12.87 -9.42
CA MET G 289 -8.02 12.35 -10.77
C MET G 289 -8.89 13.25 -11.62
N CYS G 290 -8.33 13.70 -12.73
CA CYS G 290 -9.01 14.54 -13.69
C CYS G 290 -9.53 13.69 -14.83
N ILE G 291 -10.01 14.34 -15.90
CA ILE G 291 -10.75 13.71 -16.97
C ILE G 291 -9.89 12.77 -17.82
N ILE G 292 -10.55 11.96 -18.64
CA ILE G 292 -9.90 11.08 -19.60
C ILE G 292 -10.30 11.38 -21.03
N LYS G 293 -11.23 12.31 -21.24
CA LYS G 293 -11.87 12.52 -22.54
C LYS G 293 -10.86 12.98 -23.59
N GLU G 294 -11.22 12.73 -24.85
CA GLU G 294 -10.37 12.85 -26.06
C GLU G 294 -9.01 12.18 -25.90
N GLU G 295 -8.95 11.18 -25.01
CA GLU G 295 -7.84 10.25 -24.83
C GLU G 295 -6.50 10.94 -24.64
N VAL G 296 -6.51 11.95 -23.77
CA VAL G 296 -5.29 12.67 -23.42
C VAL G 296 -5.11 12.62 -21.92
N LEU G 297 -5.47 11.48 -21.32
CA LEU G 297 -5.63 11.25 -19.88
C LEU G 297 -4.64 11.97 -18.97
N ALA G 298 -5.16 12.71 -18.00
CA ALA G 298 -4.34 13.55 -17.15
C ALA G 298 -4.93 13.58 -15.75
N TYR G 299 -4.11 13.98 -14.79
CA TYR G 299 -4.52 14.00 -13.41
C TYR G 299 -3.75 15.09 -12.68
N VAL G 300 -4.35 15.63 -11.63
CA VAL G 300 -3.74 16.75 -10.92
C VAL G 300 -3.02 16.23 -9.68
N VAL G 301 -1.86 16.82 -9.41
CA VAL G 301 -1.15 16.65 -8.16
C VAL G 301 -1.25 17.96 -7.37
N GLN G 302 -1.42 17.82 -6.06
CA GLN G 302 -1.59 18.93 -5.14
C GLN G 302 -0.39 18.98 -4.22
N LEU G 303 0.80 18.89 -4.81
CA LEU G 303 2.03 18.87 -4.05
C LEU G 303 2.17 20.15 -3.21
N PRO G 304 2.70 20.05 -1.99
CA PRO G 304 2.63 21.18 -1.08
C PRO G 304 3.63 22.28 -1.42
N LEU G 305 3.18 23.50 -1.20
CA LEU G 305 4.04 24.67 -1.20
C LEU G 305 4.71 24.74 0.17
N TYR G 306 5.65 25.67 0.35
CA TYR G 306 6.29 25.83 1.64
C TYR G 306 6.55 27.32 1.86
N GLY G 307 5.61 28.00 2.51
CA GLY G 307 5.72 29.47 2.65
C GLY G 307 6.77 29.92 3.64
N VAL G 308 6.64 29.55 4.92
CA VAL G 308 7.55 30.05 5.94
C VAL G 308 8.52 28.96 6.33
N ILE G 309 9.81 29.27 6.25
CA ILE G 309 10.86 28.31 6.56
C ILE G 309 11.77 28.96 7.60
N ASP G 310 12.41 28.12 8.42
CA ASP G 310 13.48 28.51 9.32
C ASP G 310 13.01 29.51 10.38
N THR G 311 12.06 29.07 11.18
CA THR G 311 11.83 29.76 12.45
C THR G 311 11.93 28.73 13.55
N PRO G 312 12.27 29.15 14.78
CA PRO G 312 12.22 28.23 15.91
C PRO G 312 10.84 27.62 16.08
N CYS G 313 10.83 26.31 16.26
CA CYS G 313 9.61 25.56 16.47
C CYS G 313 9.91 24.52 17.53
N TRP G 314 9.12 24.52 18.60
CA TRP G 314 9.41 23.65 19.73
C TRP G 314 8.28 22.65 19.95
N LYS G 315 8.65 21.48 20.44
CA LYS G 315 7.71 20.42 20.75
C LYS G 315 7.50 20.41 22.26
N LEU G 316 6.27 20.67 22.67
CA LEU G 316 5.89 20.64 24.08
C LEU G 316 5.38 19.24 24.39
N HIS G 317 6.20 18.48 25.10
CA HIS G 317 5.76 17.25 25.74
C HIS G 317 5.19 17.60 27.10
N THR G 318 4.19 16.84 27.54
CA THR G 318 3.63 17.01 28.87
C THR G 318 3.55 15.67 29.57
N SER G 319 3.48 15.73 30.90
CA SER G 319 3.51 14.55 31.73
C SER G 319 2.67 14.81 32.99
N PRO G 320 2.15 13.75 33.60
CA PRO G 320 1.41 13.93 34.87
C PRO G 320 2.28 14.49 35.98
N LEU G 321 1.65 15.32 36.80
CA LEU G 321 2.29 15.96 37.96
C LEU G 321 1.36 15.74 39.14
N CYS G 322 1.53 14.64 39.84
CA CYS G 322 0.60 14.27 40.89
C CYS G 322 1.30 14.17 42.24
N THR G 323 0.68 14.76 43.25
CA THR G 323 1.22 14.75 44.60
C THR G 323 1.22 13.33 45.16
N THR G 324 2.20 13.07 46.02
CA THR G 324 2.48 11.71 46.47
C THR G 324 1.70 11.37 47.74
N ASN G 325 0.39 11.61 47.70
CA ASN G 325 -0.46 11.26 48.82
C ASN G 325 -0.58 9.75 48.92
N THR G 326 -0.32 9.21 50.12
CA THR G 326 -0.39 7.76 50.31
C THR G 326 -1.83 7.28 50.21
N LYS G 327 -2.79 8.09 50.64
CA LYS G 327 -4.20 7.78 50.46
C LYS G 327 -4.54 7.81 48.98
N GLU G 328 -4.91 6.65 48.44
CA GLU G 328 -5.09 6.52 46.99
C GLU G 328 -6.38 7.17 46.54
N GLY G 329 -6.33 7.82 45.37
CA GLY G 329 -7.49 8.43 44.77
C GLY G 329 -7.78 9.85 45.21
N SER G 330 -7.18 10.31 46.30
CA SER G 330 -7.41 11.66 46.81
C SER G 330 -6.34 12.64 46.36
N ASN G 331 -5.47 12.23 45.44
CA ASN G 331 -4.39 13.08 44.95
C ASN G 331 -4.80 13.68 43.60
N ILE G 332 -5.52 14.80 43.68
CA ILE G 332 -5.87 15.56 42.49
C ILE G 332 -4.61 16.05 41.80
N CYS G 333 -4.61 16.01 40.47
CA CYS G 333 -3.44 16.45 39.74
C CYS G 333 -3.80 16.96 38.36
N LEU G 334 -2.77 17.47 37.67
CA LEU G 334 -2.97 18.29 36.49
C LEU G 334 -1.72 18.23 35.60
N THR G 335 -1.96 18.47 34.31
CA THR G 335 -0.91 18.61 33.33
C THR G 335 -1.19 19.86 32.51
N ARG G 336 -0.16 20.32 31.80
CA ARG G 336 -0.34 21.30 30.75
C ARG G 336 -0.93 20.56 29.54
N THR G 337 -2.14 20.92 29.14
CA THR G 337 -2.76 20.29 27.98
C THR G 337 -2.34 21.01 26.70
N ASP G 338 -1.03 21.12 26.53
CA ASP G 338 -0.41 21.91 25.48
C ASP G 338 0.53 21.05 24.65
N ARG G 339 0.26 19.75 24.61
CA ARG G 339 1.09 18.79 23.88
C ARG G 339 1.09 19.12 22.39
N GLY G 340 2.27 19.09 21.79
CA GLY G 340 2.32 19.29 20.35
C GLY G 340 3.44 20.19 19.88
N TRP G 341 3.23 20.90 18.79
CA TRP G 341 4.28 21.73 18.20
C TRP G 341 3.86 23.18 18.17
N TYR G 342 4.81 24.08 18.41
CA TYR G 342 4.59 25.51 18.30
C TYR G 342 5.70 26.08 17.43
N CYS G 343 5.35 26.52 16.23
CA CYS G 343 6.31 27.17 15.34
C CYS G 343 6.03 28.67 15.33
N ASP G 344 7.08 29.47 15.34
CA ASP G 344 6.90 30.92 15.43
C ASP G 344 6.74 31.49 14.03
N ASN G 345 5.56 31.30 13.47
CA ASN G 345 5.26 31.73 12.11
C ASN G 345 4.68 33.13 12.17
N ALA G 346 5.32 34.06 11.46
CA ALA G 346 4.92 35.47 11.32
C ALA G 346 4.85 36.10 12.71
N GLY G 347 3.90 37.02 12.91
CA GLY G 347 3.77 37.69 14.19
C GLY G 347 2.90 36.93 15.18
N SER G 348 2.88 35.61 15.04
CA SER G 348 2.09 34.73 15.91
C SER G 348 2.83 33.41 16.00
N VAL G 349 2.14 32.37 16.47
CA VAL G 349 2.67 31.02 16.47
C VAL G 349 1.63 30.08 15.90
N SER G 350 2.06 29.20 15.00
CA SER G 350 1.21 28.12 14.54
C SER G 350 1.35 26.97 15.53
N PHE G 351 0.21 26.54 16.08
CA PHE G 351 0.19 25.48 17.07
C PHE G 351 -0.46 24.24 16.47
N PHE G 352 0.21 23.12 16.63
CA PHE G 352 -0.25 21.86 16.06
C PHE G 352 -0.51 20.92 17.23
N PRO G 353 -1.76 20.63 17.57
CA PRO G 353 -2.02 19.70 18.67
C PRO G 353 -1.81 18.25 18.28
N GLN G 354 -2.24 17.86 17.09
CA GLN G 354 -2.15 16.48 16.64
C GLN G 354 -0.71 16.22 16.23
N ALA G 355 0.04 15.53 17.09
CA ALA G 355 1.45 15.28 16.81
C ALA G 355 1.65 14.33 15.64
N GLU G 356 0.63 13.54 15.29
CA GLU G 356 0.78 12.60 14.19
C GLU G 356 0.83 13.30 12.83
N THR G 357 0.24 14.50 12.72
CA THR G 357 0.29 15.22 11.47
C THR G 357 1.70 15.70 11.17
N CYS G 358 2.44 16.14 12.18
CA CYS G 358 3.76 16.69 11.96
C CYS G 358 4.77 15.59 11.75
N LYS G 359 5.69 15.81 10.81
CA LYS G 359 6.77 14.87 10.56
C LYS G 359 8.11 15.53 10.92
N VAL G 360 9.07 14.71 11.29
CA VAL G 360 10.39 15.18 11.68
C VAL G 360 11.43 14.51 10.81
N GLN G 361 12.47 15.27 10.44
CA GLN G 361 13.54 14.75 9.61
C GLN G 361 14.76 15.64 9.85
N SER G 362 15.68 15.16 10.69
CA SER G 362 17.05 15.68 10.84
C SER G 362 17.08 17.19 11.05
N ASN G 363 16.57 17.60 12.21
CA ASN G 363 16.39 18.97 12.69
C ASN G 363 15.36 19.74 11.90
N ARG G 364 14.67 19.13 10.96
CA ARG G 364 13.69 19.83 10.14
C ARG G 364 12.32 19.23 10.37
N VAL G 365 11.44 20.00 10.97
CA VAL G 365 10.05 19.58 11.07
C VAL G 365 9.35 19.94 9.77
N PHE G 366 8.20 19.33 9.57
CA PHE G 366 7.37 19.55 8.38
C PHE G 366 5.95 19.25 8.80
N CYS G 367 5.14 20.29 8.93
CA CYS G 367 3.80 20.04 9.43
C CYS G 367 2.83 20.95 8.69
N ASP G 368 1.75 20.35 8.20
CA ASP G 368 0.76 21.08 7.41
C ASP G 368 -0.08 21.99 8.29
N THR G 369 -0.20 23.24 7.87
CA THR G 369 -0.80 24.28 8.70
C THR G 369 -2.32 24.30 8.62
N MET G 370 -2.92 23.42 7.81
CA MET G 370 -4.38 23.38 7.75
C MET G 370 -4.99 23.01 9.10
N ASN G 371 -4.35 22.10 9.83
CA ASN G 371 -4.77 21.77 11.19
C ASN G 371 -3.81 22.41 12.20
N SER G 372 -3.98 23.71 12.39
CA SER G 372 -3.19 24.47 13.36
C SER G 372 -4.04 25.57 13.97
N LEU G 373 -3.44 26.27 14.94
CA LEU G 373 -4.04 27.43 15.56
C LEU G 373 -3.11 28.61 15.38
N THR G 374 -3.67 29.76 15.02
CA THR G 374 -2.92 31.02 14.90
C THR G 374 -2.83 31.71 16.26
N LEU G 375 -2.17 31.02 17.18
CA LEU G 375 -2.15 31.42 18.57
C LEU G 375 -1.25 32.66 18.71
N PRO G 376 -1.55 33.54 19.67
CA PRO G 376 -0.79 34.79 19.79
C PRO G 376 0.68 34.55 20.15
N SER G 377 1.49 35.55 19.84
CA SER G 377 2.94 35.45 20.04
C SER G 377 3.32 35.32 21.50
N GLU G 378 2.45 35.73 22.42
CA GLU G 378 2.69 35.52 23.84
C GLU G 378 2.34 34.08 24.20
N VAL G 379 3.30 33.20 23.92
CA VAL G 379 3.20 31.81 24.36
C VAL G 379 4.44 31.32 25.06
N ASN G 380 5.62 31.91 24.80
CA ASN G 380 6.81 31.54 25.54
C ASN G 380 6.76 32.06 26.98
N LEU G 381 6.00 33.15 27.20
CA LEU G 381 5.83 33.68 28.55
C LEU G 381 5.16 32.67 29.46
N CYS G 382 4.08 32.05 28.99
CA CYS G 382 3.44 30.99 29.75
C CYS G 382 4.29 29.73 29.75
N ASN G 383 5.09 29.53 28.70
CA ASN G 383 5.91 28.34 28.59
C ASN G 383 7.00 28.32 29.66
N VAL G 384 7.59 29.47 29.95
CA VAL G 384 8.59 29.54 31.02
C VAL G 384 7.91 29.72 32.37
N ASP G 385 7.18 30.83 32.53
CA ASP G 385 6.50 31.14 33.78
C ASP G 385 5.03 30.75 33.62
N ILE G 386 4.64 29.67 34.31
CA ILE G 386 3.27 29.17 34.18
C ILE G 386 2.28 30.14 34.82
N PHE G 387 2.64 30.73 35.96
CA PHE G 387 1.76 31.67 36.65
C PHE G 387 2.07 33.08 36.16
N ASN G 388 1.43 33.45 35.05
CA ASN G 388 1.56 34.80 34.54
C ASN G 388 0.18 35.38 34.27
N PRO G 389 0.01 36.69 34.48
CA PRO G 389 -1.27 37.32 34.13
C PRO G 389 -1.29 37.78 32.68
N LYS G 390 -0.85 36.91 31.76
CA LYS G 390 -0.83 37.25 30.35
C LYS G 390 -1.42 36.17 29.45
N TYR G 391 -1.35 34.90 29.84
CA TYR G 391 -1.85 33.82 29.01
C TYR G 391 -2.76 32.92 29.85
N ASP G 392 -3.67 32.23 29.18
CA ASP G 392 -4.65 31.41 29.89
C ASP G 392 -4.00 30.16 30.49
N CYS G 393 -2.98 29.60 29.83
CA CYS G 393 -2.17 28.47 30.33
C CYS G 393 -3.06 27.26 30.62
N LYS G 394 -3.57 26.68 29.53
CA LYS G 394 -4.62 25.67 29.60
C LYS G 394 -4.16 24.42 30.36
N ILE G 395 -5.10 23.83 31.11
CA ILE G 395 -4.81 22.78 32.08
C ILE G 395 -5.74 21.58 31.87
N MET G 396 -5.14 20.40 31.82
CA MET G 396 -5.82 19.13 32.08
C MET G 396 -5.79 18.83 33.57
N THR G 397 -6.92 18.39 34.13
CA THR G 397 -6.97 18.03 35.54
C THR G 397 -7.82 16.78 35.77
N SER G 398 -7.40 15.97 36.73
CA SER G 398 -8.07 14.74 37.16
C SER G 398 -7.40 14.22 38.42
N LYS G 399 -8.18 13.56 39.27
CA LYS G 399 -7.64 12.90 40.46
C LYS G 399 -7.03 11.55 40.16
N THR G 400 -7.20 11.03 38.93
CA THR G 400 -6.69 9.70 38.61
C THR G 400 -5.16 9.71 38.61
N ASP G 401 -4.59 8.73 39.29
CA ASP G 401 -3.15 8.62 39.47
C ASP G 401 -2.65 7.49 38.57
N VAL G 402 -1.94 7.85 37.50
CA VAL G 402 -1.49 6.90 36.51
C VAL G 402 0.04 6.98 36.44
N SER G 403 0.69 5.83 36.64
CA SER G 403 2.10 5.74 36.35
C SER G 403 2.31 5.73 34.84
N SER G 404 3.13 6.65 34.35
CA SER G 404 3.32 6.80 32.91
C SER G 404 4.66 7.47 32.67
N SER G 405 5.12 7.39 31.43
CA SER G 405 6.37 8.03 31.04
C SER G 405 6.28 8.46 29.59
N VAL G 406 6.93 9.57 29.26
CA VAL G 406 6.98 10.08 27.90
C VAL G 406 8.43 10.26 27.49
N ILE G 407 8.64 10.38 26.19
CA ILE G 407 9.96 10.46 25.59
C ILE G 407 10.07 11.76 24.82
N THR G 408 11.09 12.55 25.13
CA THR G 408 11.39 13.73 24.33
C THR G 408 12.54 13.40 23.40
N SER G 409 13.02 14.38 22.64
CA SER G 409 14.11 14.15 21.70
C SER G 409 15.41 13.83 22.43
N LEU G 410 15.62 14.40 23.62
CA LEU G 410 16.89 14.29 24.31
C LEU G 410 16.72 13.74 25.72
N GLY G 411 15.77 12.83 25.92
CA GLY G 411 15.66 12.20 27.22
C GLY G 411 14.25 11.67 27.45
N ALA G 412 13.98 11.36 28.71
CA ALA G 412 12.73 10.73 29.11
C ALA G 412 12.20 11.39 30.36
N ILE G 413 10.90 11.70 30.34
CA ILE G 413 10.20 12.22 31.51
C ILE G 413 9.43 11.08 32.13
N VAL G 414 9.78 10.73 33.36
CA VAL G 414 9.09 9.69 34.11
C VAL G 414 8.14 10.34 35.08
N SER G 415 6.91 9.81 35.16
CA SER G 415 5.88 10.33 36.05
C SER G 415 5.17 9.19 36.76
N CYS G 416 5.93 8.20 37.21
CA CYS G 416 5.34 7.09 37.94
C CYS G 416 4.94 7.52 39.35
N TYR G 417 3.79 7.02 39.80
CA TYR G 417 3.27 7.37 41.11
C TYR G 417 2.74 6.13 41.79
N GLY G 418 2.76 6.14 43.12
CA GLY G 418 2.35 4.96 43.85
C GLY G 418 3.40 3.87 43.75
N LYS G 419 3.00 2.66 44.11
CA LYS G 419 3.91 1.52 44.08
C LYS G 419 4.11 1.08 42.63
N THR G 420 5.25 1.49 42.07
CA THR G 420 5.57 1.23 40.67
C THR G 420 7.08 1.28 40.52
N LYS G 421 7.65 0.29 39.83
CA LYS G 421 9.07 0.32 39.54
C LYS G 421 9.38 1.42 38.52
N CYS G 422 10.40 2.21 38.81
CA CYS G 422 10.76 3.34 37.97
C CYS G 422 12.27 3.32 37.79
N THR G 423 12.74 2.96 36.60
CA THR G 423 14.17 2.79 36.42
C THR G 423 14.58 3.36 35.07
N ALA G 424 15.74 4.02 35.05
CA ALA G 424 16.43 4.34 33.82
C ALA G 424 17.67 3.46 33.77
N SER G 425 17.75 2.60 32.75
CA SER G 425 18.79 1.59 32.66
C SER G 425 19.37 1.54 31.26
N ASN G 426 20.63 1.13 31.17
CA ASN G 426 21.31 0.99 29.89
C ASN G 426 22.08 -0.32 29.85
N LYS G 427 22.34 -0.80 28.63
CA LYS G 427 22.97 -2.10 28.46
C LYS G 427 24.45 -2.09 28.82
N ASN G 428 25.04 -0.92 29.05
CA ASN G 428 26.46 -0.85 29.41
C ASN G 428 26.69 -1.42 30.80
N ARG G 429 26.05 -0.83 31.81
CA ARG G 429 26.33 -1.15 33.21
C ARG G 429 25.05 -1.44 33.98
N GLY G 430 23.99 -1.89 33.29
CA GLY G 430 22.75 -2.18 33.98
C GLY G 430 21.99 -0.91 34.31
N ILE G 431 21.35 -0.89 35.48
CA ILE G 431 20.55 0.26 35.87
C ILE G 431 21.46 1.43 36.20
N ILE G 432 20.96 2.64 35.97
CA ILE G 432 21.73 3.85 36.25
C ILE G 432 20.94 4.86 37.06
N LYS G 433 19.61 4.76 37.12
CA LYS G 433 18.84 5.67 37.95
C LYS G 433 17.55 4.99 38.41
N THR G 434 17.16 5.27 39.64
CA THR G 434 15.93 4.75 40.22
C THR G 434 15.15 5.92 40.79
N PHE G 435 13.86 6.00 40.45
CA PHE G 435 13.04 7.15 40.77
C PHE G 435 12.11 6.80 41.92
N SER G 436 12.09 7.65 42.94
CA SER G 436 11.22 7.36 44.08
C SER G 436 9.77 7.73 43.79
N ASN G 437 9.51 9.03 43.61
CA ASN G 437 8.18 9.56 43.36
C ASN G 437 8.35 10.95 42.75
N GLY G 438 7.26 11.46 42.20
CA GLY G 438 7.31 12.72 41.48
C GLY G 438 7.73 12.50 40.05
N CYS G 439 7.51 13.48 39.18
CA CYS G 439 8.04 13.35 37.83
C CYS G 439 9.51 13.77 37.83
N ASP G 440 10.34 12.99 37.16
CA ASP G 440 11.75 13.29 37.03
C ASP G 440 12.14 13.12 35.56
N TYR G 441 13.42 13.33 35.30
CA TYR G 441 13.91 13.39 33.94
C TYR G 441 15.26 12.70 33.84
N VAL G 442 15.51 12.11 32.68
CA VAL G 442 16.85 11.61 32.36
C VAL G 442 17.26 12.13 30.98
N SER G 443 18.51 12.56 30.89
CA SER G 443 19.10 12.90 29.61
C SER G 443 19.28 11.65 28.76
N ASN G 444 19.21 11.83 27.44
CA ASN G 444 19.33 10.69 26.55
C ASN G 444 20.74 10.14 26.51
N LYS G 445 21.74 11.00 26.69
CA LYS G 445 23.12 10.53 26.62
C LYS G 445 23.65 10.11 27.99
N GLY G 446 22.87 9.30 28.69
CA GLY G 446 23.34 8.63 29.88
C GLY G 446 22.66 7.29 30.05
N VAL G 447 21.76 6.95 29.13
CA VAL G 447 20.83 5.86 29.33
C VAL G 447 20.22 5.48 28.00
N ASP G 448 19.92 4.19 27.82
CA ASP G 448 19.28 3.68 26.62
C ASP G 448 17.78 3.45 26.81
N THR G 449 17.39 2.81 27.90
CA THR G 449 16.03 2.38 28.10
C THR G 449 15.48 2.96 29.41
N VAL G 450 14.16 3.08 29.44
CA VAL G 450 13.44 3.45 30.65
C VAL G 450 12.35 2.42 30.90
N SER G 451 12.24 1.96 32.13
CA SER G 451 11.20 1.03 32.55
C SER G 451 10.29 1.74 33.53
N VAL G 452 9.00 1.71 33.24
CA VAL G 452 7.98 2.15 34.18
C VAL G 452 6.97 1.02 34.34
N GLY G 453 6.74 0.63 35.59
CA GLY G 453 5.85 -0.48 35.90
C GLY G 453 6.25 -1.78 35.25
N ASN G 454 5.51 -2.16 34.22
CA ASN G 454 5.74 -3.39 33.47
C ASN G 454 6.15 -3.15 32.03
N THR G 455 6.38 -1.90 31.63
CA THR G 455 6.66 -1.60 30.23
C THR G 455 7.99 -0.86 30.11
N LEU G 456 8.63 -1.07 28.96
CA LEU G 456 9.91 -0.48 28.60
C LEU G 456 9.75 0.43 27.39
N TYR G 457 10.57 1.47 27.36
CA TYR G 457 10.68 2.38 26.23
C TYR G 457 12.16 2.61 25.96
N TYR G 458 12.47 2.94 24.71
CA TYR G 458 13.83 3.28 24.32
C TYR G 458 13.88 4.76 23.99
N VAL G 459 14.91 5.44 24.45
CA VAL G 459 15.04 6.87 24.22
C VAL G 459 15.76 7.10 22.90
N ASN G 460 15.51 8.25 22.28
CA ASN G 460 16.23 8.63 21.08
C ASN G 460 17.69 8.92 21.43
N LYS G 461 18.61 8.18 20.81
CA LYS G 461 20.03 8.32 21.03
C LYS G 461 20.64 9.45 20.17
N GLN G 462 19.80 10.25 19.50
CA GLN G 462 20.32 11.28 18.63
C GLN G 462 20.94 12.40 19.44
N GLU G 463 22.11 12.87 18.99
CA GLU G 463 23.00 13.64 19.84
C GLU G 463 22.47 15.05 20.05
N GLY G 464 22.53 15.50 21.30
CA GLY G 464 22.13 16.85 21.62
C GLY G 464 22.48 17.18 23.06
N LYS G 465 22.42 18.47 23.37
CA LYS G 465 22.80 18.97 24.68
C LYS G 465 21.56 19.18 25.54
N SER G 466 21.65 18.78 26.79
CA SER G 466 20.54 18.80 27.72
C SER G 466 20.84 19.72 28.88
N LEU G 467 19.79 20.36 29.40
CA LEU G 467 19.88 21.13 30.63
C LEU G 467 18.60 20.91 31.43
N TYR G 468 18.76 20.48 32.67
CA TYR G 468 17.65 20.18 33.57
C TYR G 468 17.56 21.29 34.61
N VAL G 469 16.47 22.04 34.58
CA VAL G 469 16.29 23.14 35.51
C VAL G 469 15.52 22.65 36.74
N LYS G 470 15.78 23.30 37.88
CA LYS G 470 15.07 23.00 39.11
C LYS G 470 13.71 23.70 39.08
N GLY G 471 12.67 22.96 39.45
CA GLY G 471 11.34 23.51 39.51
C GLY G 471 10.75 23.40 40.89
N GLU G 472 9.46 23.09 40.99
CA GLU G 472 8.76 23.04 42.26
C GLU G 472 7.44 22.30 42.06
N PRO G 473 6.89 21.71 43.13
CA PRO G 473 5.56 21.10 43.05
C PRO G 473 4.43 22.12 43.02
N ILE G 474 4.06 22.59 41.82
CA ILE G 474 3.11 23.69 41.67
C ILE G 474 1.75 23.36 42.30
N ILE G 475 1.32 22.10 42.18
CA ILE G 475 -0.01 21.73 42.65
C ILE G 475 -0.07 21.76 44.17
N ASN G 476 1.08 21.66 44.83
CA ASN G 476 1.13 21.76 46.27
C ASN G 476 1.07 23.20 46.75
N PHE G 477 1.13 24.18 45.85
CA PHE G 477 0.90 25.56 46.26
C PHE G 477 -0.56 25.82 46.61
N TYR G 478 -1.47 25.00 46.12
CA TYR G 478 -2.88 25.21 46.42
C TYR G 478 -3.31 24.29 47.56
N ASP G 479 -4.59 24.38 47.93
CA ASP G 479 -5.15 23.49 48.92
C ASP G 479 -5.23 22.07 48.35
N PRO G 480 -5.01 21.04 49.19
CA PRO G 480 -5.05 19.66 48.69
C PRO G 480 -6.35 19.24 48.06
N LEU G 481 -7.51 19.65 48.61
CA LEU G 481 -8.78 19.24 48.01
C LEU G 481 -9.76 20.41 48.02
N VAL G 482 -9.67 21.27 47.00
CA VAL G 482 -10.74 22.19 46.64
C VAL G 482 -10.91 22.11 45.13
N PHE G 483 -9.93 21.50 44.45
CA PHE G 483 -9.92 21.46 43.00
C PHE G 483 -11.12 20.70 42.45
N PRO G 484 -11.68 21.13 41.32
CA PRO G 484 -12.58 20.28 40.55
C PRO G 484 -11.80 19.18 39.86
N SER G 485 -12.53 18.16 39.42
CA SER G 485 -11.89 17.01 38.80
C SER G 485 -12.68 16.52 37.59
N ASP G 486 -13.50 17.39 37.01
CA ASP G 486 -14.49 16.99 36.01
C ASP G 486 -14.40 17.87 34.77
N GLU G 487 -13.19 18.09 34.27
CA GLU G 487 -13.01 18.82 33.03
C GLU G 487 -11.77 18.33 32.31
N PHE G 488 -11.89 18.17 30.99
CA PHE G 488 -10.73 17.86 30.17
C PHE G 488 -10.00 19.12 29.74
N ASP G 489 -10.75 20.15 29.36
CA ASP G 489 -10.18 21.44 28.99
C ASP G 489 -10.42 22.43 30.12
N ALA G 490 -9.37 23.12 30.53
CA ALA G 490 -9.48 24.15 31.55
C ALA G 490 -8.34 25.14 31.32
N SER G 491 -8.10 25.98 32.32
CA SER G 491 -6.97 26.90 32.34
C SER G 491 -6.72 27.30 33.78
N ILE G 492 -5.56 27.93 34.01
CA ILE G 492 -5.23 28.35 35.37
C ILE G 492 -6.17 29.44 35.84
N SER G 493 -6.68 30.26 34.90
CA SER G 493 -7.59 31.33 35.27
C SER G 493 -8.94 30.80 35.72
N GLN G 494 -9.52 29.87 34.96
CA GLN G 494 -10.79 29.29 35.33
C GLN G 494 -10.66 28.45 36.60
N VAL G 495 -9.55 27.72 36.73
CA VAL G 495 -9.31 26.93 37.94
C VAL G 495 -9.21 27.85 39.16
N ASN G 496 -8.47 28.94 39.02
CA ASN G 496 -8.34 29.88 40.13
C ASN G 496 -9.65 30.55 40.47
N GLU G 497 -10.47 30.86 39.46
CA GLU G 497 -11.75 31.50 39.73
C GLU G 497 -12.74 30.52 40.36
N LYS G 498 -12.69 29.25 39.96
CA LYS G 498 -13.52 28.24 40.62
C LYS G 498 -13.09 28.04 42.06
N ILE G 499 -11.78 28.06 42.31
CA ILE G 499 -11.26 27.98 43.67
C ILE G 499 -11.71 29.17 44.49
N ASN G 500 -11.66 30.37 43.91
CA ASN G 500 -12.09 31.57 44.61
C ASN G 500 -13.58 31.54 44.91
N GLN G 501 -14.40 31.08 43.96
CA GLN G 501 -15.84 31.07 44.18
C GLN G 501 -16.22 29.98 45.18
N SER G 502 -15.51 28.85 45.19
CA SER G 502 -15.79 27.83 46.19
C SER G 502 -15.33 28.27 47.57
N LEU G 503 -14.22 29.02 47.63
CA LEU G 503 -13.77 29.60 48.90
C LEU G 503 -14.78 30.61 49.43
N ALA G 504 -15.33 31.42 48.53
CA ALA G 504 -16.39 32.35 48.91
C ALA G 504 -17.62 31.61 49.41
N PHE G 505 -17.97 30.51 48.74
CA PHE G 505 -19.09 29.68 49.16
C PHE G 505 -18.88 29.11 50.55
N ILE G 506 -17.68 28.60 50.83
CA ILE G 506 -17.48 27.95 52.12
C ILE G 506 -17.36 28.98 53.25
N ARG G 507 -16.81 30.16 52.96
CA ARG G 507 -16.81 31.18 54.02
C ARG G 507 -18.21 31.73 54.24
N LYS G 508 -19.03 31.79 53.19
CA LYS G 508 -20.44 32.14 53.38
C LYS G 508 -21.15 31.10 54.22
N SER G 509 -20.88 29.82 53.97
CA SER G 509 -21.49 28.76 54.76
C SER G 509 -21.07 28.84 56.22
N ASP G 510 -19.79 29.17 56.46
CA ASP G 510 -19.32 29.36 57.83
C ASP G 510 -19.94 30.59 58.47
N GLU G 511 -20.17 31.65 57.69
CA GLU G 511 -20.65 32.90 58.24
C GLU G 511 -22.14 32.83 58.58
N LEU G 512 -22.94 32.16 57.75
CA LEU G 512 -24.37 32.06 58.02
C LEU G 512 -24.66 31.20 59.24
N LEU G 513 -23.82 30.20 59.52
CA LEU G 513 -24.01 29.41 60.72
C LEU G 513 -23.47 30.15 61.94
N GLN H 1 9.61 9.89 -56.58
CA GLN H 1 9.02 9.44 -55.32
C GLN H 1 8.72 7.94 -55.36
N SER H 2 8.84 7.29 -54.21
CA SER H 2 8.55 5.86 -54.11
C SER H 2 7.06 5.61 -54.31
N ALA H 3 6.72 4.66 -55.16
CA ALA H 3 5.33 4.38 -55.50
C ALA H 3 5.19 2.90 -55.81
N LEU H 4 4.09 2.55 -56.44
CA LEU H 4 3.78 1.17 -56.81
C LEU H 4 3.83 1.04 -58.33
N THR H 5 4.49 0.00 -58.81
CA THR H 5 4.53 -0.23 -60.25
C THR H 5 3.17 -0.71 -60.74
N GLN H 6 2.73 -0.17 -61.88
CA GLN H 6 1.44 -0.47 -62.45
C GLN H 6 1.55 -0.40 -63.96
N PRO H 7 0.71 -1.13 -64.70
CA PRO H 7 0.69 -0.96 -66.16
C PRO H 7 0.22 0.44 -66.55
N ALA H 8 0.75 0.93 -67.67
CA ALA H 8 0.38 2.26 -68.13
C ALA H 8 -1.07 2.30 -68.59
N SER H 9 -1.47 1.35 -69.42
CA SER H 9 -2.85 1.26 -69.89
C SER H 9 -3.10 -0.18 -70.32
N VAL H 10 -4.38 -0.55 -70.31
CA VAL H 10 -4.82 -1.88 -70.72
C VAL H 10 -5.84 -1.74 -71.84
N SER H 11 -5.75 -2.64 -72.82
CA SER H 11 -6.65 -2.64 -73.97
C SER H 11 -7.67 -3.75 -73.78
N GLY H 12 -8.94 -3.37 -73.63
CA GLY H 12 -9.99 -4.34 -73.43
C GLY H 12 -11.33 -3.88 -73.96
N SER H 13 -11.98 -4.72 -74.76
CA SER H 13 -13.29 -4.40 -75.30
C SER H 13 -14.34 -4.43 -74.18
N PRO H 14 -15.49 -3.78 -74.40
CA PRO H 14 -16.60 -3.96 -73.46
C PRO H 14 -17.06 -5.40 -73.41
N GLY H 15 -17.26 -5.91 -72.20
CA GLY H 15 -17.70 -7.26 -71.99
C GLY H 15 -16.65 -8.27 -71.60
N GLN H 16 -15.40 -7.84 -71.39
CA GLN H 16 -14.33 -8.74 -71.01
C GLN H 16 -13.79 -8.36 -69.64
N SER H 17 -12.82 -9.15 -69.18
CA SER H 17 -12.31 -9.06 -67.81
C SER H 17 -10.86 -8.59 -67.82
N ILE H 18 -10.56 -7.56 -67.03
CA ILE H 18 -9.19 -7.11 -66.82
C ILE H 18 -8.82 -7.41 -65.37
N THR H 19 -7.52 -7.60 -65.14
CA THR H 19 -6.98 -8.06 -63.87
C THR H 19 -5.82 -7.15 -63.46
N LEU H 20 -6.12 -5.85 -63.38
CA LEU H 20 -5.07 -4.85 -63.22
C LEU H 20 -4.43 -4.94 -61.84
N SER H 21 -3.11 -4.93 -61.81
CA SER H 21 -2.38 -5.31 -60.62
C SER H 21 -1.24 -4.33 -60.36
N CYS H 22 -0.81 -4.30 -59.10
CA CYS H 22 0.39 -3.60 -58.68
C CYS H 22 1.19 -4.49 -57.75
N THR H 23 2.49 -4.24 -57.69
CA THR H 23 3.40 -5.07 -56.92
C THR H 23 4.34 -4.18 -56.10
N GLY H 24 4.43 -4.47 -54.81
CA GLY H 24 5.31 -3.74 -53.92
C GLY H 24 6.23 -4.66 -53.14
N THR H 25 6.70 -4.19 -52.00
CA THR H 25 7.61 -4.93 -51.13
C THR H 25 6.83 -5.42 -49.90
N SER H 26 7.55 -6.02 -48.96
CA SER H 26 6.94 -6.44 -47.70
C SER H 26 6.42 -5.26 -46.91
N SER H 27 7.18 -4.16 -46.89
CA SER H 27 6.75 -2.93 -46.23
C SER H 27 5.94 -2.07 -47.19
N ASP H 28 4.88 -2.65 -47.75
CA ASP H 28 4.10 -2.07 -48.82
C ASP H 28 2.74 -2.76 -48.83
N ILE H 29 2.08 -2.75 -49.99
CA ILE H 29 0.84 -3.50 -50.25
C ILE H 29 0.93 -4.95 -49.80
N GLY H 30 2.14 -5.54 -49.80
CA GLY H 30 2.36 -6.82 -49.17
C GLY H 30 2.05 -6.79 -47.69
N ASP H 31 1.25 -7.76 -47.24
CA ASP H 31 0.78 -7.89 -45.86
C ASP H 31 -0.04 -6.70 -45.41
N TYR H 32 -0.27 -6.60 -44.09
CA TYR H 32 -0.91 -5.50 -43.36
C TYR H 32 -2.41 -5.39 -43.59
N ASP H 33 -2.95 -6.17 -44.54
CA ASP H 33 -4.39 -6.24 -44.83
C ASP H 33 -4.99 -4.86 -45.10
N TYR H 34 -4.25 -4.03 -45.84
CA TYR H 34 -4.67 -2.65 -46.10
C TYR H 34 -4.74 -2.35 -47.59
N VAL H 35 -4.95 -3.37 -48.42
CA VAL H 35 -4.94 -3.18 -49.87
C VAL H 35 -6.16 -2.37 -50.27
N SER H 36 -5.94 -1.31 -51.04
CA SER H 36 -7.04 -0.48 -51.50
C SER H 36 -6.84 -0.14 -52.97
N TRP H 37 -7.93 -0.14 -53.72
CA TRP H 37 -7.94 0.29 -55.12
C TRP H 37 -8.89 1.47 -55.27
N TYR H 38 -8.49 2.41 -56.12
CA TYR H 38 -9.24 3.64 -56.34
C TYR H 38 -9.26 3.96 -57.82
N GLN H 39 -10.41 4.35 -58.33
CA GLN H 39 -10.53 4.77 -59.73
C GLN H 39 -10.89 6.25 -59.79
N LYS H 40 -10.53 6.86 -60.91
CA LYS H 40 -10.78 8.28 -61.09
C LYS H 40 -10.94 8.57 -62.57
N TYR H 41 -11.95 9.35 -62.92
CA TYR H 41 -12.27 9.93 -64.20
C TYR H 41 -11.59 11.29 -64.33
N PRO H 42 -11.29 11.75 -65.55
CA PRO H 42 -10.57 13.02 -65.71
C PRO H 42 -11.36 14.21 -65.18
N ASP H 43 -10.66 15.06 -64.42
CA ASP H 43 -11.22 16.24 -63.75
C ASP H 43 -12.39 15.89 -62.83
N THR H 44 -12.36 14.69 -62.24
CA THR H 44 -13.32 14.29 -61.23
C THR H 44 -12.57 13.82 -60.00
N ALA H 45 -13.21 13.94 -58.85
CA ALA H 45 -12.61 13.50 -57.61
C ALA H 45 -12.48 11.98 -57.59
N PRO H 46 -11.35 11.44 -57.12
CA PRO H 46 -11.23 9.99 -56.97
C PRO H 46 -12.19 9.46 -55.93
N LYS H 47 -12.54 8.19 -56.07
CA LYS H 47 -13.54 7.59 -55.20
C LYS H 47 -13.10 6.20 -54.80
N LEU H 48 -13.60 5.73 -53.67
CA LEU H 48 -13.22 4.44 -53.13
C LEU H 48 -13.94 3.33 -53.87
N VAL H 49 -13.18 2.39 -54.43
CA VAL H 49 -13.79 1.25 -55.10
C VAL H 49 -13.41 -0.05 -54.39
N ILE H 50 -12.24 -0.10 -53.75
CA ILE H 50 -11.82 -1.28 -53.00
C ILE H 50 -11.05 -0.82 -51.78
N TYR H 51 -11.45 -1.31 -50.61
CA TYR H 51 -10.73 -1.08 -49.37
C TYR H 51 -10.61 -2.38 -48.62
N ASP H 52 -9.60 -2.46 -47.74
CA ASP H 52 -9.42 -3.58 -46.81
C ASP H 52 -9.31 -4.93 -47.55
N VAL H 53 -8.44 -4.95 -48.56
CA VAL H 53 -8.14 -6.06 -49.48
C VAL H 53 -9.32 -6.38 -50.38
N SER H 54 -10.38 -6.95 -49.83
CA SER H 54 -11.50 -7.41 -50.63
C SER H 54 -12.84 -6.76 -50.27
N GLU H 55 -12.88 -5.90 -49.26
CA GLU H 55 -14.14 -5.27 -48.88
C GLU H 55 -14.56 -4.24 -49.91
N ARG H 56 -15.86 -4.19 -50.20
CA ARG H 56 -16.38 -3.28 -51.19
C ARG H 56 -17.25 -2.23 -50.51
N PRO H 57 -17.07 -0.95 -50.83
CA PRO H 57 -17.83 0.10 -50.17
C PRO H 57 -19.25 0.19 -50.72
N SER H 58 -20.04 1.09 -50.13
CA SER H 58 -21.37 1.35 -50.62
C SER H 58 -21.32 2.28 -51.82
N GLY H 59 -22.42 2.29 -52.58
CA GLY H 59 -22.53 3.14 -53.75
C GLY H 59 -21.60 2.79 -54.88
N VAL H 60 -21.33 1.49 -55.09
CA VAL H 60 -20.46 1.04 -56.16
C VAL H 60 -20.87 -0.39 -56.52
N SER H 61 -20.64 -0.74 -57.78
CA SER H 61 -21.00 -2.07 -58.27
C SER H 61 -20.11 -3.14 -57.64
N THR H 62 -20.65 -4.36 -57.58
CA THR H 62 -19.90 -5.50 -57.05
C THR H 62 -19.06 -6.19 -58.12
N ARG H 63 -19.12 -5.73 -59.36
CA ARG H 63 -18.34 -6.33 -60.44
C ARG H 63 -16.85 -6.06 -60.28
N PHE H 64 -16.48 -5.07 -59.47
CA PHE H 64 -15.10 -4.93 -59.03
C PHE H 64 -14.79 -5.99 -57.98
N SER H 65 -13.56 -6.50 -58.00
CA SER H 65 -13.15 -7.49 -57.01
C SER H 65 -11.66 -7.31 -56.74
N GLY H 66 -11.33 -6.84 -55.55
CA GLY H 66 -9.95 -6.64 -55.15
C GLY H 66 -9.46 -7.78 -54.27
N SER H 67 -8.19 -8.12 -54.42
CA SER H 67 -7.54 -9.15 -53.62
C SER H 67 -6.05 -8.87 -53.60
N LYS H 68 -5.32 -9.71 -52.89
CA LYS H 68 -3.86 -9.61 -52.88
C LYS H 68 -3.27 -11.00 -52.80
N SER H 69 -2.03 -11.11 -53.24
CA SER H 69 -1.26 -12.35 -53.22
C SER H 69 0.18 -11.97 -52.95
N GLY H 70 0.67 -12.32 -51.76
CA GLY H 70 2.01 -11.97 -51.35
C GLY H 70 2.22 -10.47 -51.29
N ASN H 71 2.98 -9.95 -52.25
CA ASN H 71 3.24 -8.53 -52.37
C ASN H 71 2.60 -7.95 -53.63
N THR H 72 1.49 -8.52 -54.08
CA THR H 72 0.85 -8.07 -55.32
C THR H 72 -0.64 -7.89 -55.10
N ALA H 73 -1.11 -6.66 -55.23
CA ALA H 73 -2.53 -6.36 -55.17
C ALA H 73 -3.12 -6.46 -56.57
N SER H 74 -4.37 -6.91 -56.64
CA SER H 74 -5.03 -7.13 -57.92
C SER H 74 -6.48 -6.67 -57.83
N LEU H 75 -6.97 -6.12 -58.93
CA LEU H 75 -8.38 -5.75 -59.07
C LEU H 75 -8.90 -6.31 -60.38
N THR H 76 -10.01 -7.04 -60.29
CA THR H 76 -10.58 -7.79 -61.41
C THR H 76 -11.99 -7.27 -61.68
N ILE H 77 -12.32 -7.18 -62.97
CA ILE H 77 -13.62 -6.69 -63.41
C ILE H 77 -14.29 -7.79 -64.24
N SER H 78 -15.59 -7.66 -64.43
CA SER H 78 -16.36 -8.58 -65.27
C SER H 78 -17.40 -7.80 -66.04
N GLY H 79 -17.50 -8.09 -67.34
CA GLY H 79 -18.48 -7.42 -68.19
C GLY H 79 -18.18 -5.95 -68.40
N LEU H 80 -17.11 -5.65 -69.12
CA LEU H 80 -16.58 -4.29 -69.23
C LEU H 80 -17.57 -3.34 -69.87
N GLN H 81 -17.45 -2.07 -69.52
CA GLN H 81 -18.34 -1.00 -69.94
C GLN H 81 -17.54 0.14 -70.56
N PRO H 82 -18.14 0.91 -71.46
CA PRO H 82 -17.46 2.11 -71.96
C PRO H 82 -17.19 3.16 -70.90
N GLU H 83 -17.99 3.18 -69.82
CA GLU H 83 -17.77 4.12 -68.73
C GLU H 83 -16.60 3.75 -67.83
N ASP H 84 -15.99 2.59 -68.03
CA ASP H 84 -14.89 2.14 -67.20
C ASP H 84 -13.54 2.70 -67.65
N GLU H 85 -13.52 3.57 -68.66
CA GLU H 85 -12.28 4.24 -69.05
C GLU H 85 -11.89 5.20 -67.94
N ALA H 86 -10.94 4.80 -67.12
CA ALA H 86 -10.57 5.57 -65.92
C ALA H 86 -9.15 5.20 -65.54
N ASP H 87 -8.63 5.87 -64.53
CA ASP H 87 -7.26 5.64 -64.09
C ASP H 87 -7.35 5.10 -62.66
N TYR H 88 -6.60 4.03 -62.40
CA TYR H 88 -6.71 3.25 -61.18
C TYR H 88 -5.40 3.27 -60.41
N TYR H 89 -5.50 3.17 -59.09
CA TYR H 89 -4.34 3.19 -58.21
C TYR H 89 -4.57 2.22 -57.07
N CYS H 90 -3.48 1.71 -56.50
CA CYS H 90 -3.53 0.93 -55.27
C CYS H 90 -2.87 1.71 -54.15
N ASN H 91 -3.63 1.99 -53.11
CA ASN H 91 -3.14 2.69 -51.93
C ASN H 91 -3.22 1.74 -50.74
N SER H 92 -2.16 1.73 -49.95
CA SER H 92 -2.11 0.87 -48.78
C SER H 92 -1.14 1.47 -47.77
N TYR H 93 -1.40 1.17 -46.49
CA TYR H 93 -0.51 1.65 -45.43
C TYR H 93 0.77 0.82 -45.46
N SER H 94 1.87 1.44 -45.90
CA SER H 94 3.18 0.85 -45.69
C SER H 94 3.55 0.98 -44.22
N SER H 95 4.32 -0.01 -43.73
CA SER H 95 4.62 -0.07 -42.30
C SER H 95 5.46 1.09 -41.82
N THR H 96 6.13 1.81 -42.73
CA THR H 96 6.91 2.96 -42.31
C THR H 96 6.05 4.22 -42.40
N ASN H 97 4.91 4.15 -41.71
CA ASN H 97 4.08 5.29 -41.31
C ASN H 97 3.65 6.15 -42.50
N THR H 98 3.26 5.50 -43.59
CA THR H 98 2.89 6.22 -44.79
C THR H 98 1.83 5.43 -45.54
N LEU H 99 1.12 6.12 -46.42
CA LEU H 99 0.08 5.53 -47.25
C LEU H 99 0.59 5.53 -48.68
N LYS H 100 1.25 4.45 -49.07
CA LYS H 100 1.84 4.38 -50.40
C LYS H 100 0.77 4.20 -51.47
N PHE H 101 1.01 4.82 -52.62
CA PHE H 101 0.04 4.93 -53.71
C PHE H 101 0.51 4.15 -54.93
N GLY H 102 -0.38 4.04 -55.91
CA GLY H 102 -0.11 3.31 -57.13
C GLY H 102 0.34 4.20 -58.28
N GLY H 103 0.86 3.55 -59.32
CA GLY H 103 1.37 4.26 -60.47
C GLY H 103 0.34 4.64 -61.50
N GLY H 104 -0.88 4.12 -61.39
CA GLY H 104 -1.93 4.48 -62.33
C GLY H 104 -2.04 3.54 -63.52
N THR H 105 -3.15 2.82 -63.60
CA THR H 105 -3.46 1.97 -64.74
C THR H 105 -4.70 2.50 -65.44
N LYS H 106 -4.61 2.71 -66.74
CA LYS H 106 -5.69 3.31 -67.51
C LYS H 106 -6.52 2.22 -68.17
N LEU H 107 -7.75 2.05 -67.72
CA LEU H 107 -8.69 1.11 -68.31
C LEU H 107 -9.47 1.84 -69.40
N THR H 108 -9.33 1.35 -70.64
CA THR H 108 -9.98 1.94 -71.80
C THR H 108 -10.63 0.84 -72.62
N VAL H 109 -11.57 1.25 -73.47
CA VAL H 109 -12.23 0.36 -74.42
C VAL H 109 -12.03 0.93 -75.82
N LEU H 110 -12.13 0.05 -76.81
CA LEU H 110 -11.95 0.44 -78.20
C LEU H 110 -13.22 0.22 -79.02
N VAL I 1 9.82 47.62 14.94
CA VAL I 1 9.72 47.40 13.50
C VAL I 1 10.76 48.24 12.78
N GLN I 2 11.50 49.04 13.53
CA GLN I 2 12.50 49.91 12.95
C GLN I 2 13.80 49.14 12.74
N LEU I 3 14.80 49.83 12.20
CA LEU I 3 16.05 49.19 11.80
C LEU I 3 17.18 50.20 11.73
N VAL I 4 18.24 49.91 12.49
CA VAL I 4 19.46 50.73 12.53
C VAL I 4 20.64 49.82 12.26
N GLU I 5 21.53 50.29 11.39
CA GLU I 5 22.72 49.51 11.02
C GLU I 5 23.87 50.49 10.82
N SER I 6 25.09 49.95 10.84
CA SER I 6 26.28 50.77 10.71
C SER I 6 27.31 50.00 9.88
N GLY I 7 28.53 50.54 9.82
CA GLY I 7 29.62 49.91 9.11
C GLY I 7 30.12 50.68 7.90
N GLY I 8 29.58 51.86 7.60
CA GLY I 8 29.98 52.60 6.44
C GLY I 8 31.34 53.28 6.61
N GLY I 9 31.88 53.73 5.49
CA GLY I 9 33.16 54.42 5.50
C GLY I 9 33.86 54.26 4.16
N LEU I 10 35.05 54.85 4.08
CA LEU I 10 35.87 54.79 2.88
C LEU I 10 37.05 53.85 3.14
N VAL I 11 37.03 52.68 2.52
CA VAL I 11 38.07 51.67 2.67
C VAL I 11 38.52 51.26 1.27
N LYS I 12 39.82 51.01 1.13
CA LYS I 12 40.38 50.57 -0.14
C LYS I 12 39.81 49.21 -0.52
N PRO I 13 39.73 48.91 -1.83
CA PRO I 13 39.23 47.60 -2.25
C PRO I 13 40.21 46.48 -1.90
N GLY I 14 39.69 45.25 -1.80
CA GLY I 14 40.57 44.10 -1.56
C GLY I 14 40.91 43.89 -0.10
N GLU I 15 39.94 44.07 0.80
CA GLU I 15 40.18 43.79 2.24
C GLU I 15 38.86 43.43 2.92
N SER I 16 38.90 42.54 3.92
CA SER I 16 37.66 42.11 4.62
C SER I 16 37.31 43.09 5.74
N LEU I 17 36.04 43.48 5.85
CA LEU I 17 35.62 44.39 6.91
C LEU I 17 34.19 44.00 7.32
N ARG I 18 33.68 44.69 8.32
CA ARG I 18 32.44 44.30 8.99
C ARG I 18 31.32 45.27 8.64
N LEU I 19 30.14 44.73 8.34
CA LEU I 19 28.91 45.50 8.27
C LEU I 19 27.96 44.96 9.32
N SER I 20 27.64 45.79 10.31
CA SER I 20 26.76 45.41 11.39
C SER I 20 25.32 45.80 11.04
N CYS I 21 24.38 45.07 11.63
CA CYS I 21 22.96 45.38 11.45
C CYS I 21 22.25 45.02 12.76
N ALA I 22 21.61 46.01 13.36
CA ALA I 22 21.22 45.95 14.77
C ALA I 22 19.74 46.21 14.98
N VAL I 23 18.88 45.48 14.28
CA VAL I 23 17.42 45.60 14.39
C VAL I 23 16.96 45.46 15.83
N SER I 24 15.94 46.26 16.20
CA SER I 24 15.37 46.24 17.54
C SER I 24 14.00 45.56 17.55
N GLY I 25 13.79 44.59 16.67
CA GLY I 25 12.51 43.90 16.60
C GLY I 25 12.27 43.02 17.82
N SER I 26 11.00 42.94 18.22
CA SER I 26 10.64 42.12 19.37
C SER I 26 10.62 40.64 19.04
N MET I 27 10.20 40.27 17.83
CA MET I 27 10.15 38.86 17.47
C MET I 27 10.98 38.73 16.20
N PHE I 28 12.19 39.27 16.26
CA PHE I 28 13.19 39.08 15.22
C PHE I 28 13.80 37.68 15.31
N SER I 29 13.03 36.70 14.86
CA SER I 29 13.61 35.37 14.76
C SER I 29 13.15 34.67 13.50
N SER I 30 12.02 35.09 12.95
CA SER I 30 11.34 34.37 11.88
C SER I 30 11.45 35.02 10.52
N TYR I 31 11.53 36.34 10.46
CA TYR I 31 11.41 37.06 9.21
C TYR I 31 12.70 36.93 8.40
N VAL I 32 12.56 37.02 7.08
CA VAL I 32 13.73 36.83 6.23
C VAL I 32 14.48 38.15 6.08
N MET I 33 15.80 38.08 6.09
CA MET I 33 16.61 39.28 5.99
C MET I 33 17.21 39.39 4.61
N HIS I 34 17.26 40.61 4.09
CA HIS I 34 17.97 40.87 2.85
C HIS I 34 18.87 42.07 3.04
N TRP I 35 19.95 42.10 2.28
CA TRP I 35 20.81 43.27 2.15
C TRP I 35 20.79 43.64 0.68
N VAL I 36 20.51 44.92 0.41
CA VAL I 36 20.49 45.44 -0.94
C VAL I 36 21.43 46.65 -0.98
N ARG I 37 21.65 47.17 -2.18
CA ARG I 37 22.51 48.34 -2.29
C ARG I 37 22.03 49.23 -3.42
N GLN I 38 22.06 50.54 -3.17
CA GLN I 38 21.76 51.54 -4.18
C GLN I 38 23.06 52.22 -4.56
N ALA I 39 23.46 52.07 -5.81
CA ALA I 39 24.66 52.70 -6.31
C ALA I 39 24.45 54.19 -6.51
N PRO I 40 25.51 55.00 -6.44
CA PRO I 40 25.40 56.39 -6.86
C PRO I 40 25.11 56.47 -8.35
N GLY I 41 23.96 57.04 -8.69
CA GLY I 41 23.53 57.01 -10.08
C GLY I 41 22.60 55.85 -10.37
N LYS I 42 23.19 54.74 -10.81
CA LYS I 42 22.44 53.52 -11.11
C LYS I 42 21.63 53.05 -9.91
N GLY I 43 20.40 52.61 -10.17
CA GLY I 43 19.44 52.26 -9.13
C GLY I 43 19.81 51.09 -8.23
N LEU I 44 18.87 50.70 -7.39
CA LEU I 44 19.12 49.71 -6.36
C LEU I 44 18.93 48.29 -6.87
N ASP I 45 19.73 47.37 -6.33
CA ASP I 45 19.67 45.96 -6.69
C ASP I 45 19.88 45.12 -5.45
N TRP I 46 19.47 43.86 -5.53
CA TRP I 46 19.60 42.95 -4.41
C TRP I 46 21.04 42.43 -4.29
N VAL I 47 21.48 42.23 -3.05
CA VAL I 47 22.79 41.63 -2.81
C VAL I 47 22.66 40.27 -2.15
N SER I 48 22.17 40.22 -0.92
CA SER I 48 22.30 39.01 -0.12
C SER I 48 21.01 38.70 0.65
N SER I 49 20.75 37.42 0.84
CA SER I 49 19.57 36.99 1.57
C SER I 49 19.97 35.95 2.62
N ILE I 50 19.29 35.98 3.76
CA ILE I 50 19.52 35.01 4.82
C ILE I 50 18.18 34.68 5.49
N THR I 51 18.01 33.41 5.83
CA THR I 51 16.71 32.83 6.16
C THR I 51 16.74 32.23 7.57
N GLY I 52 16.32 33.02 8.56
CA GLY I 52 16.08 32.50 9.89
C GLY I 52 17.29 31.94 10.58
N GLY I 53 17.38 30.61 10.64
CA GLY I 53 18.54 29.93 11.21
C GLY I 53 19.80 30.06 10.37
N GLY I 54 19.72 30.63 9.18
CA GLY I 54 20.90 30.82 8.36
C GLY I 54 21.42 29.56 7.73
N ASN I 55 20.54 28.73 7.16
CA ASN I 55 20.94 27.50 6.52
C ASN I 55 20.58 27.46 5.04
N TYR I 56 20.06 28.56 4.50
CA TYR I 56 19.65 28.62 3.09
C TYR I 56 20.12 29.92 2.48
N ILE I 57 21.41 30.20 2.64
CA ILE I 57 22.01 31.45 2.18
C ILE I 57 21.95 31.55 0.65
N SER I 58 21.80 32.79 0.16
CA SER I 58 21.80 33.04 -1.26
C SER I 58 22.41 34.41 -1.54
N TYR I 59 23.12 34.51 -2.65
CA TYR I 59 23.78 35.75 -3.05
C TYR I 59 23.50 36.04 -4.52
N ALA I 60 23.57 37.33 -4.87
CA ALA I 60 23.48 37.73 -6.26
C ALA I 60 24.79 37.42 -6.97
N ASP I 61 24.75 37.46 -8.31
CA ASP I 61 25.90 37.08 -9.11
C ASP I 61 27.08 38.03 -8.97
N SER I 62 26.86 39.22 -8.38
CA SER I 62 27.97 40.15 -8.19
C SER I 62 28.98 39.61 -7.18
N VAL I 63 28.51 38.90 -6.16
CA VAL I 63 29.38 38.30 -5.15
C VAL I 63 29.08 36.81 -5.02
N LYS I 64 30.05 35.98 -5.37
CA LYS I 64 30.00 34.55 -5.11
C LYS I 64 30.95 34.25 -3.97
N GLY I 65 30.43 34.27 -2.75
CA GLY I 65 31.24 34.09 -1.57
C GLY I 65 32.06 35.30 -1.19
N ARG I 66 31.99 36.36 -1.99
CA ARG I 66 32.75 37.61 -1.69
C ARG I 66 32.14 38.29 -0.47
N PHE I 67 30.81 38.40 -0.43
CA PHE I 67 30.12 39.00 0.74
C PHE I 67 29.49 37.86 1.56
N ILE I 68 30.07 37.53 2.70
CA ILE I 68 29.57 36.39 3.48
C ILE I 68 28.73 36.93 4.63
N ILE I 69 27.50 36.44 4.72
CA ILE I 69 26.52 36.95 5.67
C ILE I 69 26.28 35.90 6.75
N SER I 70 26.05 36.39 7.97
CA SER I 70 25.61 35.54 9.05
C SER I 70 24.70 36.37 9.95
N ARG I 71 23.90 35.69 10.75
CA ARG I 71 23.14 36.39 11.78
C ARG I 71 23.27 35.64 13.09
N ASP I 72 23.40 36.40 14.16
CA ASP I 72 23.23 35.85 15.50
C ASP I 72 21.81 36.18 15.99
N ASN I 73 20.99 35.15 16.06
CA ASN I 73 19.58 35.35 16.39
C ASN I 73 19.40 35.67 17.86
N GLY I 74 20.27 35.13 18.72
CA GLY I 74 20.20 35.44 20.14
C GLY I 74 20.53 36.89 20.43
N ARG I 75 21.51 37.44 19.73
CA ARG I 75 21.84 38.86 19.84
C ARG I 75 21.10 39.69 18.81
N ASN I 76 20.12 39.09 18.13
CA ASN I 76 19.19 39.71 17.17
C ASN I 76 19.90 40.64 16.17
N SER I 77 20.99 40.17 15.60
CA SER I 77 21.80 41.04 14.75
C SER I 77 22.34 40.28 13.54
N LEU I 78 22.77 41.07 12.56
CA LEU I 78 23.32 40.59 11.30
C LEU I 78 24.74 41.10 11.12
N SER I 79 25.58 40.28 10.49
CA SER I 79 26.95 40.68 10.17
C SER I 79 27.28 40.26 8.75
N LEU I 80 27.85 41.19 7.98
CA LEU I 80 28.23 40.94 6.59
C LEU I 80 29.70 41.27 6.40
N GLN I 81 30.47 40.31 5.89
CA GLN I 81 31.91 40.47 5.74
C GLN I 81 32.26 40.65 4.27
N MET I 82 33.12 41.64 3.98
CA MET I 82 33.53 41.94 2.58
C MET I 82 34.77 41.13 2.23
N SER I 83 34.66 39.79 2.16
CA SER I 83 35.85 38.94 1.91
C SER I 83 36.58 39.44 0.66
N SER I 84 35.86 39.67 -0.44
CA SER I 84 36.48 40.21 -1.68
C SER I 84 35.87 41.57 -1.99
N LEU I 85 36.65 42.50 -2.57
CA LEU I 85 36.12 43.87 -2.80
C LEU I 85 36.43 44.38 -4.20
N ARG I 86 35.62 45.31 -4.70
CA ARG I 86 35.79 45.91 -6.02
C ARG I 86 35.42 47.37 -5.93
N VAL I 87 36.03 48.18 -6.81
CA VAL I 87 35.86 49.63 -6.72
C VAL I 87 34.45 50.05 -7.15
N ASP I 88 33.75 49.19 -7.90
CA ASP I 88 32.38 49.50 -8.28
C ASP I 88 31.39 49.19 -7.17
N ASP I 89 31.83 48.54 -6.09
CA ASP I 89 30.93 48.12 -5.02
C ASP I 89 30.56 49.28 -4.09
N THR I 90 31.04 50.49 -4.35
CA THR I 90 30.57 51.65 -3.61
C THR I 90 29.08 51.88 -3.83
N ALA I 91 28.35 52.03 -2.73
CA ALA I 91 26.89 52.11 -2.73
C ALA I 91 26.42 52.42 -1.32
N VAL I 92 25.14 52.72 -1.20
CA VAL I 92 24.48 52.79 0.10
C VAL I 92 23.83 51.44 0.33
N TYR I 93 24.28 50.74 1.36
CA TYR I 93 23.80 49.40 1.66
C TYR I 93 22.62 49.49 2.62
N TYR I 94 21.63 48.64 2.41
CA TYR I 94 20.39 48.67 3.18
C TYR I 94 20.10 47.28 3.71
N CYS I 95 19.98 47.16 5.03
CA CYS I 95 19.29 46.03 5.61
C CYS I 95 17.80 46.17 5.36
N VAL I 96 17.16 45.05 5.05
CA VAL I 96 15.72 45.02 4.83
C VAL I 96 15.12 43.83 5.55
N ARG I 97 14.11 44.09 6.39
CA ARG I 97 13.35 43.05 7.06
C ARG I 97 12.19 42.69 6.13
N GLY I 98 12.33 41.58 5.41
CA GLY I 98 11.29 41.13 4.51
C GLY I 98 10.43 40.06 5.14
N LEU I 99 9.15 40.07 4.77
CA LEU I 99 8.17 39.13 5.28
C LEU I 99 7.82 38.14 4.17
N SER I 100 7.59 36.88 4.56
CA SER I 100 7.30 35.82 3.55
C SER I 100 5.96 36.08 2.85
N GLY I 101 5.90 35.84 1.54
CA GLY I 101 4.63 36.00 0.80
C GLY I 101 3.82 34.71 0.80
N VAL I 102 2.75 34.66 0.01
CA VAL I 102 1.86 33.46 -0.03
C VAL I 102 2.71 32.24 -0.41
N MET I 103 3.58 32.38 -1.41
CA MET I 103 4.49 31.26 -1.81
C MET I 103 5.76 31.36 -0.97
N GLY I 104 6.13 32.57 -0.55
CA GLY I 104 7.38 32.77 0.21
C GLY I 104 8.16 33.95 -0.35
N VAL I 105 7.67 34.55 -1.44
CA VAL I 105 8.35 35.72 -2.06
C VAL I 105 8.47 36.82 -1.00
N THR I 106 9.67 37.40 -0.88
CA THR I 106 9.90 38.45 0.14
C THR I 106 9.26 39.76 -0.31
N TRP I 107 8.44 40.39 0.54
CA TRP I 107 7.87 41.69 0.19
C TRP I 107 8.83 42.85 0.39
N PHE I 108 9.91 42.63 1.15
CA PHE I 108 10.88 43.67 1.51
C PHE I 108 10.19 44.85 2.19
N ASP I 109 9.62 44.59 3.35
CA ASP I 109 8.98 45.64 4.13
C ASP I 109 10.06 46.44 4.86
N SER I 110 9.63 47.31 5.78
CA SER I 110 10.35 48.50 6.27
C SER I 110 11.84 48.32 6.43
N TRP I 111 12.60 49.22 5.84
CA TRP I 111 14.04 49.05 5.64
C TRP I 111 14.81 49.74 6.76
N GLY I 112 16.14 49.80 6.62
CA GLY I 112 16.96 50.58 7.50
C GLY I 112 17.25 51.95 6.93
N GLN I 113 18.10 52.69 7.65
CA GLN I 113 18.44 54.03 7.20
C GLN I 113 19.36 53.99 5.99
N GLY I 114 20.21 52.98 5.88
CA GLY I 114 21.14 52.88 4.76
C GLY I 114 22.48 53.50 5.09
N THR I 115 23.55 52.71 4.94
CA THR I 115 24.89 53.14 5.28
C THR I 115 25.72 53.24 4.01
N LEU I 116 26.38 54.38 3.81
CA LEU I 116 27.15 54.61 2.60
C LEU I 116 28.53 54.00 2.75
N VAL I 117 28.92 53.16 1.79
CA VAL I 117 30.23 52.52 1.76
C VAL I 117 30.89 52.93 0.45
N THR I 118 32.08 53.53 0.56
CA THR I 118 32.85 53.99 -0.59
C THR I 118 34.17 53.23 -0.66
N VAL I 119 34.55 52.86 -1.87
CA VAL I 119 35.75 52.07 -2.09
C VAL I 119 36.63 52.69 -3.17
N SER I 120 36.37 53.95 -3.49
CA SER I 120 37.18 54.63 -4.49
C SER I 120 38.59 54.88 -3.95
N SER I 121 39.58 54.68 -4.82
CA SER I 121 41.01 54.83 -4.52
C SER I 121 41.48 53.99 -3.33
N GLN J 1 21.31 46.67 -17.47
CA GLN J 1 21.65 45.34 -17.00
C GLN J 1 20.42 44.61 -16.48
N SER J 2 19.45 45.39 -16.01
CA SER J 2 18.24 44.82 -15.42
C SER J 2 17.38 44.17 -16.49
N VAL J 3 16.89 42.96 -16.21
CA VAL J 3 15.95 42.31 -17.11
C VAL J 3 14.61 43.03 -17.10
N LEU J 4 14.25 43.66 -15.97
CA LEU J 4 13.03 44.44 -15.90
C LEU J 4 13.24 45.81 -16.56
N THR J 5 12.30 46.21 -17.41
CA THR J 5 12.43 47.43 -18.18
C THR J 5 11.25 48.36 -17.87
N GLN J 6 11.56 49.61 -17.54
CA GLN J 6 10.57 50.63 -17.30
C GLN J 6 11.19 51.96 -17.72
N PRO J 7 10.42 52.86 -18.35
CA PRO J 7 11.01 54.09 -18.90
C PRO J 7 11.32 55.09 -17.81
N PRO J 8 12.60 55.41 -17.59
CA PRO J 8 12.94 56.39 -16.55
C PRO J 8 12.88 57.82 -17.03
N SER J 9 11.81 58.18 -17.73
CA SER J 9 11.66 59.53 -18.27
C SER J 9 10.20 59.96 -18.25
N VAL J 10 9.49 59.65 -17.17
CA VAL J 10 8.06 59.92 -17.08
C VAL J 10 7.81 60.97 -15.99
N SER J 11 7.04 61.98 -16.34
CA SER J 11 6.81 63.13 -15.47
C SER J 11 5.57 63.86 -15.98
N GLY J 12 4.97 64.65 -15.10
CA GLY J 12 3.83 65.45 -15.50
C GLY J 12 3.45 66.42 -14.40
N ALA J 13 2.53 67.32 -14.74
CA ALA J 13 1.99 68.25 -13.77
C ALA J 13 1.13 67.49 -12.76
N PRO J 14 0.99 68.01 -11.54
CA PRO J 14 0.06 67.39 -10.59
C PRO J 14 -1.38 67.48 -11.08
N GLY J 15 -2.13 66.41 -10.84
CA GLY J 15 -3.55 66.41 -11.13
C GLY J 15 -4.06 65.27 -11.99
N GLN J 16 -3.28 64.83 -12.97
CA GLN J 16 -3.75 63.81 -13.89
C GLN J 16 -3.35 62.42 -13.41
N ARG J 17 -3.64 61.42 -14.24
CA ARG J 17 -3.34 60.03 -13.95
C ARG J 17 -2.20 59.56 -14.84
N VAL J 18 -1.18 58.97 -14.23
CA VAL J 18 0.01 58.48 -14.92
C VAL J 18 0.12 56.99 -14.67
N THR J 19 0.35 56.23 -15.73
CA THR J 19 0.46 54.78 -15.65
C THR J 19 1.90 54.36 -15.98
N ILE J 20 2.47 53.51 -15.14
CA ILE J 20 3.83 53.01 -15.28
C ILE J 20 3.75 51.52 -15.56
N SER J 21 4.55 51.05 -16.50
CA SER J 21 4.58 49.62 -16.84
C SER J 21 6.02 49.12 -16.75
N CYS J 22 6.20 48.00 -16.05
CA CYS J 22 7.48 47.31 -15.99
C CYS J 22 7.30 45.90 -16.52
N THR J 23 8.13 45.52 -17.49
CA THR J 23 8.01 44.24 -18.15
C THR J 23 9.30 43.46 -17.98
N GLY J 24 9.18 42.14 -18.02
CA GLY J 24 10.33 41.27 -17.91
C GLY J 24 10.27 40.10 -18.87
N SER J 25 11.21 39.17 -18.74
CA SER J 25 11.25 38.00 -19.60
C SER J 25 10.19 36.99 -19.17
N SER J 26 10.18 35.80 -19.79
CA SER J 26 9.22 34.79 -19.39
C SER J 26 9.63 34.07 -18.11
N SER J 27 10.93 33.97 -17.85
CA SER J 27 11.42 33.22 -16.70
C SER J 27 11.13 33.94 -15.38
N ASN J 28 10.68 35.18 -15.42
CA ASN J 28 10.24 35.91 -14.25
C ASN J 28 8.87 36.52 -14.54
N ILE J 29 8.08 36.71 -13.46
CA ILE J 29 6.75 37.31 -13.43
C ILE J 29 5.73 36.43 -14.14
N GLY J 30 5.84 36.30 -15.46
CA GLY J 30 5.00 35.39 -16.21
C GLY J 30 5.22 33.93 -15.82
N ALA J 31 6.38 33.63 -15.23
CA ALA J 31 6.56 32.36 -14.55
C ALA J 31 6.06 32.42 -13.11
N GLY J 32 4.83 32.90 -12.95
CA GLY J 32 4.10 32.83 -11.69
C GLY J 32 4.69 33.59 -10.52
N PHE J 33 5.39 34.69 -10.77
CA PHE J 33 5.97 35.48 -9.70
C PHE J 33 5.34 36.86 -9.65
N ASP J 34 5.22 37.41 -8.44
CA ASP J 34 4.53 38.68 -8.26
C ASP J 34 5.50 39.86 -8.31
N VAL J 35 4.98 40.99 -8.76
CA VAL J 35 5.75 42.22 -8.91
C VAL J 35 5.41 43.13 -7.75
N HIS J 36 6.40 43.91 -7.33
CA HIS J 36 6.24 44.77 -6.16
C HIS J 36 6.80 46.14 -6.48
N TRP J 37 5.91 47.14 -6.48
CA TRP J 37 6.29 48.51 -6.79
C TRP J 37 6.75 49.20 -5.52
N TYR J 38 7.87 49.91 -5.61
CA TYR J 38 8.47 50.67 -4.52
C TYR J 38 8.53 52.15 -4.89
N GLN J 39 9.22 52.93 -4.06
CA GLN J 39 9.59 54.28 -4.41
C GLN J 39 10.93 54.58 -3.76
N HIS J 40 11.62 55.59 -4.26
CA HIS J 40 12.94 55.97 -3.78
C HIS J 40 13.00 57.48 -3.59
N LEU J 41 12.04 58.02 -2.84
CA LEU J 41 12.03 59.44 -2.58
C LEU J 41 13.24 59.83 -1.73
N PRO J 42 13.85 60.98 -1.98
CA PRO J 42 15.03 61.37 -1.21
C PRO J 42 14.70 61.66 0.25
N GLY J 43 15.70 61.51 1.10
CA GLY J 43 15.51 61.69 2.52
C GLY J 43 15.30 60.39 3.26
N LYS J 44 14.05 60.05 3.53
CA LYS J 44 13.75 58.85 4.30
C LYS J 44 13.99 57.59 3.47
N ALA J 45 13.94 56.46 4.15
CA ALA J 45 14.25 55.17 3.53
C ALA J 45 13.21 54.80 2.48
N PRO J 46 13.63 54.11 1.42
CA PRO J 46 12.66 53.58 0.45
C PRO J 46 11.80 52.51 1.09
N LYS J 47 10.52 52.50 0.70
CA LYS J 47 9.59 51.50 1.21
C LYS J 47 8.67 51.08 0.05
N VAL J 48 7.67 50.29 0.36
CA VAL J 48 6.85 49.67 -0.67
C VAL J 48 5.64 50.53 -1.01
N ILE J 49 5.49 50.82 -2.30
CA ILE J 49 4.24 51.40 -2.80
C ILE J 49 3.13 50.37 -2.77
N ILE J 50 3.37 49.20 -3.36
CA ILE J 50 2.37 48.13 -3.36
C ILE J 50 3.10 46.82 -3.61
N TYR J 51 2.56 45.74 -3.06
CA TYR J 51 3.14 44.43 -3.19
C TYR J 51 2.14 43.46 -3.80
N GLU J 52 2.67 42.51 -4.58
CA GLU J 52 1.97 41.44 -5.30
C GLU J 52 0.74 41.92 -6.08
N ASN J 53 0.77 43.18 -6.52
CA ASN J 53 -0.09 43.79 -7.55
C ASN J 53 -1.54 43.99 -7.13
N SER J 54 -1.94 43.48 -5.97
CA SER J 54 -3.30 43.65 -5.49
C SER J 54 -3.37 44.29 -4.12
N HIS J 55 -2.59 43.81 -3.16
CA HIS J 55 -2.70 44.27 -1.79
C HIS J 55 -1.67 45.36 -1.52
N ARG J 56 -2.13 46.50 -1.22
CA ARG J 56 -1.31 47.65 -0.84
C ARG J 56 -0.92 47.55 0.62
N PRO J 57 0.20 48.16 1.02
CA PRO J 57 0.54 48.23 2.45
C PRO J 57 -0.45 49.08 3.23
N SER J 58 -0.21 49.15 4.54
CA SER J 58 -1.15 49.77 5.48
C SER J 58 -1.36 51.25 5.20
N GLY J 59 -0.32 52.06 5.38
CA GLY J 59 -0.49 53.48 5.14
C GLY J 59 -0.06 53.91 3.75
N VAL J 60 -1.01 53.92 2.82
CA VAL J 60 -0.84 54.45 1.47
C VAL J 60 -2.14 55.15 1.09
N PRO J 61 -2.12 56.12 0.18
CA PRO J 61 -3.36 56.62 -0.40
C PRO J 61 -3.86 55.68 -1.49
N ASP J 62 -5.09 55.94 -1.93
CA ASP J 62 -5.70 55.11 -2.95
C ASP J 62 -5.39 55.58 -4.36
N ARG J 63 -4.49 56.57 -4.52
CA ARG J 63 -4.07 56.99 -5.84
C ARG J 63 -3.38 55.85 -6.59
N PHE J 64 -2.52 55.10 -5.87
CA PHE J 64 -1.82 53.98 -6.46
C PHE J 64 -2.80 52.86 -6.79
N PHE J 65 -2.65 52.27 -7.96
CA PHE J 65 -3.49 51.17 -8.40
C PHE J 65 -2.63 50.19 -9.18
N GLY J 66 -2.41 49.01 -8.63
CA GLY J 66 -1.55 48.02 -9.24
C GLY J 66 -2.32 46.94 -9.98
N SER J 67 -1.68 46.37 -10.99
CA SER J 67 -2.24 45.26 -11.74
C SER J 67 -1.09 44.53 -12.42
N LYS J 68 -1.34 43.27 -12.78
CA LYS J 68 -0.35 42.49 -13.49
C LYS J 68 -1.02 41.68 -14.59
N SER J 69 -0.26 41.39 -15.63
CA SER J 69 -0.75 40.60 -16.76
C SER J 69 0.46 40.05 -17.49
N GLY J 70 0.55 38.72 -17.57
CA GLY J 70 1.69 38.06 -18.19
C GLY J 70 3.00 38.40 -17.51
N THR J 71 3.89 39.05 -18.24
CA THR J 71 5.18 39.47 -17.72
C THR J 71 5.22 40.97 -17.45
N SER J 72 4.07 41.64 -17.49
CA SER J 72 4.01 43.09 -17.43
C SER J 72 3.15 43.53 -16.26
N ALA J 73 3.69 44.41 -15.43
CA ALA J 73 2.97 44.98 -14.30
C ALA J 73 2.73 46.46 -14.54
N SER J 74 1.58 46.93 -14.09
CA SER J 74 1.14 48.30 -14.30
C SER J 74 0.78 48.93 -12.96
N LEU J 75 1.08 50.21 -12.84
CA LEU J 75 0.75 51.01 -11.66
C LEU J 75 0.23 52.37 -12.12
N SER J 76 -1.03 52.65 -11.81
CA SER J 76 -1.68 53.87 -12.25
C SER J 76 -1.95 54.77 -11.06
N ILE J 77 -1.72 56.07 -11.24
CA ILE J 77 -1.90 57.05 -10.19
C ILE J 77 -2.79 58.16 -10.71
N SER J 78 -3.96 58.33 -10.10
CA SER J 78 -4.88 59.40 -10.45
C SER J 78 -4.74 60.54 -9.46
N GLY J 79 -4.73 61.77 -9.97
CA GLY J 79 -4.57 62.92 -9.11
C GLY J 79 -3.16 63.03 -8.56
N LEU J 80 -2.21 63.35 -9.42
CA LEU J 80 -0.81 63.46 -9.01
C LEU J 80 -0.64 64.56 -7.97
N GLN J 81 0.22 64.30 -7.00
CA GLN J 81 0.47 65.15 -5.85
C GLN J 81 1.97 65.44 -5.75
N PRO J 82 2.36 66.58 -5.15
CA PRO J 82 3.74 67.08 -5.34
C PRO J 82 4.87 66.18 -4.85
N GLU J 83 4.69 65.45 -3.75
CA GLU J 83 5.79 64.65 -3.21
C GLU J 83 5.85 63.26 -3.80
N ASP J 84 5.24 63.04 -4.96
CA ASP J 84 5.39 61.79 -5.70
C ASP J 84 6.74 61.66 -6.39
N GLU J 85 7.64 62.62 -6.23
CA GLU J 85 8.96 62.57 -6.85
C GLU J 85 9.77 61.45 -6.20
N ALA J 86 9.92 60.35 -6.92
CA ALA J 86 10.64 59.19 -6.41
C ALA J 86 11.03 58.29 -7.57
N ASP J 87 11.97 57.39 -7.30
CA ASP J 87 12.36 56.37 -8.27
C ASP J 87 11.58 55.10 -7.94
N TYR J 88 10.57 54.82 -8.74
CA TYR J 88 9.66 53.71 -8.50
C TYR J 88 10.24 52.45 -9.15
N TYR J 89 10.15 51.34 -8.45
CA TYR J 89 10.82 50.11 -8.83
C TYR J 89 9.82 48.99 -9.12
N CYS J 90 10.37 47.86 -9.55
CA CYS J 90 9.66 46.60 -9.72
C CYS J 90 10.63 45.48 -9.42
N GLN J 91 10.15 44.41 -8.80
CA GLN J 91 11.00 43.27 -8.50
C GLN J 91 10.27 41.98 -8.83
N SER J 92 11.04 40.89 -8.83
CA SER J 92 10.50 39.54 -8.96
C SER J 92 11.55 38.56 -8.45
N TYR J 93 11.31 37.28 -8.71
CA TYR J 93 12.24 36.20 -8.34
C TYR J 93 12.52 35.34 -9.56
N ASP J 94 13.11 35.98 -10.58
CA ASP J 94 13.65 35.26 -11.73
C ASP J 94 14.48 34.05 -11.33
N ARG J 95 14.31 32.96 -12.08
CA ARG J 95 14.97 31.70 -11.77
C ARG J 95 16.48 31.76 -11.99
N GLY J 96 16.97 32.78 -12.67
CA GLY J 96 18.39 32.94 -12.88
C GLY J 96 18.94 33.81 -11.78
N LEU J 97 19.18 35.09 -12.09
CA LEU J 97 19.42 36.07 -11.05
C LEU J 97 18.24 36.10 -10.08
N ASP J 98 18.51 35.75 -8.82
CA ASP J 98 17.47 35.37 -7.89
C ASP J 98 16.51 36.50 -7.57
N TRP J 99 16.95 37.52 -6.86
CA TRP J 99 16.11 38.70 -6.59
C TRP J 99 16.58 39.80 -7.52
N VAL J 100 15.69 40.21 -8.42
CA VAL J 100 16.05 41.19 -9.45
C VAL J 100 15.27 42.46 -9.18
N PHE J 101 15.83 43.58 -9.64
CA PHE J 101 15.20 44.89 -9.52
C PHE J 101 15.23 45.57 -10.87
N GLY J 102 14.24 46.41 -11.14
CA GLY J 102 14.14 47.10 -12.39
C GLY J 102 15.04 48.31 -12.47
N GLY J 103 14.97 48.98 -13.63
CA GLY J 103 15.73 50.21 -13.80
C GLY J 103 15.24 51.34 -12.93
N GLY J 104 13.93 51.45 -12.78
CA GLY J 104 13.32 52.50 -11.99
C GLY J 104 12.79 53.63 -12.83
N THR J 105 11.80 54.34 -12.30
CA THR J 105 11.19 55.47 -12.98
C THR J 105 11.25 56.69 -12.09
N LYS J 106 11.83 57.77 -12.60
CA LYS J 106 11.93 59.02 -11.84
C LYS J 106 10.65 59.82 -12.07
N LEU J 107 9.74 59.76 -11.11
CA LEU J 107 8.51 60.55 -11.17
C LEU J 107 8.73 61.86 -10.44
N THR J 108 8.33 62.96 -11.08
CA THR J 108 8.45 64.29 -10.52
C THR J 108 7.34 65.15 -11.10
N VAL J 109 7.09 66.28 -10.43
CA VAL J 109 6.06 67.22 -10.87
C VAL J 109 6.72 68.38 -11.59
N LEU J 110 5.91 69.15 -12.30
CA LEU J 110 6.41 70.24 -13.12
C LEU J 110 6.08 71.60 -12.52
N GLN K 1 53.29 13.17 -4.11
CA GLN K 1 54.32 12.15 -4.29
C GLN K 1 53.70 10.77 -4.43
N VAL K 2 53.88 10.14 -5.59
CA VAL K 2 53.28 8.85 -5.89
C VAL K 2 54.38 7.80 -5.91
N GLN K 3 54.25 6.80 -5.05
CA GLN K 3 55.27 5.76 -4.95
C GLN K 3 54.65 4.46 -4.45
N LEU K 4 55.33 3.36 -4.76
CA LEU K 4 55.02 2.04 -4.22
C LEU K 4 56.32 1.37 -3.82
N VAL K 5 56.48 1.10 -2.52
CA VAL K 5 57.66 0.41 -2.03
C VAL K 5 57.19 -0.90 -1.40
N GLU K 6 58.10 -1.85 -1.27
CA GLU K 6 57.74 -3.23 -0.98
C GLU K 6 58.22 -3.66 0.40
N SER K 7 57.72 -4.81 0.86
CA SER K 7 58.12 -5.37 2.14
C SER K 7 57.99 -6.88 2.09
N GLY K 8 59.03 -7.57 2.57
CA GLY K 8 59.04 -9.01 2.63
C GLY K 8 59.83 -9.63 1.50
N GLY K 9 59.79 -10.95 1.46
CA GLY K 9 60.47 -11.70 0.42
C GLY K 9 61.87 -12.11 0.79
N GLY K 10 62.57 -12.69 -0.18
CA GLY K 10 63.92 -13.18 0.00
C GLY K 10 64.06 -14.61 -0.47
N VAL K 11 64.94 -15.35 0.22
CA VAL K 11 65.13 -16.76 -0.05
C VAL K 11 64.24 -17.58 0.89
N VAL K 12 63.49 -18.51 0.31
CA VAL K 12 62.44 -19.24 1.01
C VAL K 12 62.64 -20.74 0.77
N GLN K 13 62.43 -21.51 1.82
CA GLN K 13 62.37 -22.97 1.72
C GLN K 13 61.13 -23.37 0.92
N PRO K 14 61.15 -24.53 0.26
CA PRO K 14 59.88 -25.10 -0.25
C PRO K 14 58.90 -25.32 0.89
N GLY K 15 57.64 -25.03 0.63
CA GLY K 15 56.69 -24.84 1.71
C GLY K 15 56.90 -23.48 2.34
N THR K 16 56.76 -23.43 3.67
CA THR K 16 57.08 -22.26 4.52
C THR K 16 56.41 -20.99 4.00
N SER K 17 55.08 -20.98 4.13
CA SER K 17 54.19 -20.01 3.50
C SER K 17 54.58 -18.56 3.80
N LEU K 18 54.56 -17.75 2.75
CA LEU K 18 55.14 -16.41 2.74
C LEU K 18 54.07 -15.36 2.92
N THR K 19 54.40 -14.35 3.72
CA THR K 19 53.58 -13.15 3.88
C THR K 19 54.30 -11.98 3.23
N LEU K 20 53.63 -11.32 2.29
CA LEU K 20 54.22 -10.21 1.56
C LEU K 20 53.38 -8.96 1.75
N SER K 21 54.05 -7.80 1.81
CA SER K 21 53.38 -6.55 2.13
C SER K 21 53.75 -5.48 1.12
N CYS K 22 52.76 -4.65 0.81
CA CYS K 22 53.01 -3.43 0.06
C CYS K 22 53.32 -2.30 1.04
N ALA K 23 53.60 -1.12 0.50
CA ALA K 23 53.63 0.13 1.25
C ALA K 23 53.54 1.29 0.27
N ALA K 24 52.75 2.30 0.63
CA ALA K 24 52.53 3.42 -0.27
C ALA K 24 52.34 4.69 0.57
N SER K 25 52.69 5.82 -0.03
CA SER K 25 52.67 7.08 0.70
C SER K 25 52.49 8.24 -0.27
N GLY K 26 51.87 9.30 0.22
CA GLY K 26 51.72 10.52 -0.54
C GLY K 26 50.43 10.68 -1.29
N PHE K 27 49.46 9.81 -1.07
CA PHE K 27 48.17 9.89 -1.77
C PHE K 27 47.14 9.14 -0.96
N THR K 28 45.88 9.26 -1.38
CA THR K 28 44.80 8.48 -0.77
C THR K 28 44.96 7.01 -1.15
N PHE K 29 44.48 6.13 -0.26
CA PHE K 29 44.63 4.70 -0.47
C PHE K 29 43.30 3.98 -0.55
N ARG K 30 42.35 4.35 0.30
CA ARG K 30 41.08 3.62 0.37
C ARG K 30 40.24 3.86 -0.88
N THR K 31 40.36 5.05 -1.46
CA THR K 31 39.57 5.41 -2.62
C THR K 31 39.91 4.53 -3.82
N TYR K 32 41.19 4.28 -4.03
CA TYR K 32 41.60 3.41 -5.13
C TYR K 32 41.70 2.00 -4.58
N ALA K 33 42.29 1.09 -5.35
CA ALA K 33 42.47 -0.28 -4.88
C ALA K 33 43.85 -0.77 -5.26
N PHE K 34 44.34 -1.75 -4.52
CA PHE K 34 45.64 -2.35 -4.76
C PHE K 34 45.45 -3.75 -5.33
N HIS K 35 46.52 -4.27 -5.93
CA HIS K 35 46.48 -5.62 -6.49
C HIS K 35 47.91 -6.09 -6.69
N TRP K 36 48.05 -7.41 -6.88
CA TRP K 36 49.35 -8.08 -6.86
C TRP K 36 49.60 -8.81 -8.17
N VAL K 37 50.86 -8.77 -8.62
CA VAL K 37 51.29 -9.36 -9.87
C VAL K 37 52.72 -9.87 -9.68
N ARG K 38 53.20 -10.68 -10.62
CA ARG K 38 54.61 -11.08 -10.61
C ARG K 38 55.19 -11.06 -12.01
N GLN K 39 56.52 -11.20 -12.06
CA GLN K 39 57.20 -11.62 -13.28
C GLN K 39 58.43 -12.43 -12.87
N ALA K 40 58.68 -13.52 -13.58
CA ALA K 40 59.78 -14.39 -13.22
C ALA K 40 60.90 -14.30 -14.24
N PRO K 41 62.14 -14.55 -13.82
CA PRO K 41 63.24 -14.65 -14.80
C PRO K 41 63.00 -15.80 -15.77
N GLY K 42 63.35 -15.57 -17.02
CA GLY K 42 63.08 -16.53 -18.07
C GLY K 42 61.73 -16.39 -18.75
N LYS K 43 60.86 -15.51 -18.24
CA LYS K 43 59.58 -15.25 -18.88
C LYS K 43 59.14 -13.83 -18.52
N GLY K 44 57.90 -13.52 -18.80
CA GLY K 44 57.37 -12.17 -18.69
C GLY K 44 56.50 -11.98 -17.47
N LEU K 45 55.52 -11.07 -17.61
CA LEU K 45 54.60 -10.74 -16.53
C LEU K 45 53.44 -11.72 -16.49
N GLU K 46 53.02 -12.07 -15.27
CA GLU K 46 51.90 -12.97 -15.06
C GLU K 46 51.01 -12.43 -13.97
N TRP K 47 49.72 -12.28 -14.28
CA TRP K 47 48.76 -11.71 -13.34
C TRP K 47 48.50 -12.65 -12.17
N LEU K 48 48.33 -12.07 -10.97
CA LEU K 48 47.97 -12.88 -9.81
C LEU K 48 46.60 -12.54 -9.25
N ALA K 49 46.38 -11.34 -8.74
CA ALA K 49 45.21 -11.18 -7.89
C ALA K 49 44.90 -9.70 -7.71
N LEU K 50 43.67 -9.44 -7.26
CA LEU K 50 43.18 -8.09 -7.06
C LEU K 50 42.20 -8.06 -5.89
N VAL K 51 42.15 -6.92 -5.22
CA VAL K 51 41.10 -6.61 -4.26
C VAL K 51 40.53 -5.24 -4.61
N THR K 52 39.37 -4.95 -4.05
CA THR K 52 38.76 -3.64 -4.16
C THR K 52 39.05 -2.88 -2.87
N TYR K 53 38.42 -1.71 -2.70
CA TYR K 53 38.43 -1.04 -1.42
C TYR K 53 37.85 -1.96 -0.36
N ASP K 54 38.55 -2.07 0.77
CA ASP K 54 38.29 -3.02 1.85
C ASP K 54 38.38 -4.46 1.33
N GLY K 55 37.93 -5.42 2.13
CA GLY K 55 38.03 -6.80 1.71
C GLY K 55 36.74 -7.32 1.11
N THR K 56 36.68 -7.31 -0.22
CA THR K 56 35.48 -7.72 -0.95
C THR K 56 35.91 -8.20 -2.33
N THR K 57 35.30 -9.30 -2.77
CA THR K 57 35.45 -9.89 -4.12
C THR K 57 36.92 -10.03 -4.52
N GLN K 58 37.63 -10.84 -3.75
CA GLN K 58 39.06 -11.07 -3.97
C GLN K 58 39.24 -11.84 -5.27
N TYR K 59 39.64 -11.14 -6.32
CA TYR K 59 39.87 -11.76 -7.61
C TYR K 59 41.14 -12.61 -7.56
N TYR K 60 41.06 -13.81 -8.13
CA TYR K 60 42.21 -14.69 -8.22
C TYR K 60 42.30 -15.24 -9.64
N ALA K 61 43.52 -15.32 -10.16
CA ALA K 61 43.74 -16.03 -11.41
C ALA K 61 43.55 -17.53 -11.18
N ASP K 62 43.30 -18.25 -12.28
CA ASP K 62 43.08 -19.69 -12.18
C ASP K 62 44.35 -20.41 -11.76
N SER K 63 45.52 -19.87 -12.12
CA SER K 63 46.77 -20.49 -11.75
C SER K 63 47.24 -20.10 -10.35
N VAL K 64 46.61 -19.11 -9.73
CA VAL K 64 47.03 -18.62 -8.43
C VAL K 64 46.01 -18.96 -7.34
N LYS K 65 44.78 -19.33 -7.71
CA LYS K 65 43.71 -19.56 -6.76
C LYS K 65 44.02 -20.75 -5.85
N GLY K 66 43.63 -20.61 -4.58
CA GLY K 66 43.82 -21.67 -3.60
C GLY K 66 45.09 -21.49 -2.78
N ARG K 67 46.23 -21.40 -3.46
CA ARG K 67 47.49 -21.23 -2.75
C ARG K 67 47.60 -19.84 -2.11
N LEU K 68 47.08 -18.81 -2.77
CA LEU K 68 47.27 -17.43 -2.34
C LEU K 68 45.99 -16.87 -1.76
N THR K 69 46.10 -16.19 -0.62
CA THR K 69 45.03 -15.35 -0.10
C THR K 69 45.53 -13.91 -0.05
N ILE K 70 44.60 -12.97 -0.19
CA ILE K 70 44.93 -11.56 -0.32
C ILE K 70 43.97 -10.75 0.53
N TYR K 71 44.49 -9.71 1.19
CA TYR K 71 43.64 -8.90 2.06
C TYR K 71 44.28 -7.54 2.32
N ARG K 72 43.45 -6.53 2.42
CA ARG K 72 43.87 -5.15 2.64
C ARG K 72 43.40 -4.68 4.01
N ASP K 73 44.26 -3.92 4.68
CA ASP K 73 43.91 -3.27 5.93
C ASP K 73 43.66 -1.79 5.69
N ASN K 74 42.75 -1.21 6.46
CA ASN K 74 42.49 0.21 6.40
C ASN K 74 43.25 1.02 7.44
N SER K 75 44.02 0.35 8.30
CA SER K 75 44.72 1.05 9.37
C SER K 75 45.89 1.86 8.82
N LYS K 76 46.87 1.20 8.21
CA LYS K 76 48.00 1.88 7.60
C LYS K 76 48.19 1.51 6.13
N ASN K 77 47.17 0.90 5.52
CA ASN K 77 46.95 0.94 4.07
C ASN K 77 48.07 0.25 3.29
N THR K 78 48.30 -1.01 3.63
CA THR K 78 49.33 -1.82 2.99
C THR K 78 48.73 -3.19 2.68
N LEU K 79 48.68 -3.54 1.40
CA LEU K 79 48.12 -4.80 0.98
C LEU K 79 48.99 -5.96 1.44
N PHE K 80 48.34 -7.03 1.93
CA PHE K 80 49.05 -8.20 2.46
C PHE K 80 48.59 -9.42 1.70
N LEU K 81 49.54 -10.15 1.12
CA LEU K 81 49.24 -11.48 0.61
C LEU K 81 49.88 -12.53 1.51
N HIS K 82 49.26 -13.71 1.51
CA HIS K 82 49.83 -14.89 2.14
C HIS K 82 49.72 -16.04 1.16
N LEU K 83 50.87 -16.52 0.68
CA LEU K 83 50.93 -17.59 -0.31
C LEU K 83 51.46 -18.84 0.37
N ASN K 84 50.83 -19.97 0.06
CA ASN K 84 51.12 -21.23 0.73
C ASN K 84 51.58 -22.27 -0.28
N SER K 85 52.16 -23.35 0.25
CA SER K 85 52.67 -24.51 -0.48
C SER K 85 53.59 -24.09 -1.63
N LEU K 86 54.72 -23.48 -1.24
CA LEU K 86 55.63 -22.92 -2.22
C LEU K 86 56.38 -24.02 -2.95
N ARG K 87 56.39 -23.93 -4.28
CA ARG K 87 57.05 -24.88 -5.16
C ARG K 87 58.36 -24.30 -5.65
N ARG K 88 59.01 -25.01 -6.58
CA ARG K 88 60.25 -24.53 -7.17
C ARG K 88 60.01 -23.39 -8.16
N ASP K 89 58.80 -23.31 -8.71
CA ASP K 89 58.52 -22.42 -9.84
C ASP K 89 58.18 -21.00 -9.43
N ASP K 90 58.04 -20.70 -8.14
CA ASP K 90 57.56 -19.39 -7.74
C ASP K 90 58.67 -18.35 -7.60
N THR K 91 59.90 -18.68 -7.95
CA THR K 91 61.00 -17.72 -7.90
C THR K 91 60.73 -16.60 -8.90
N ALA K 92 60.44 -15.41 -8.39
CA ALA K 92 60.00 -14.31 -9.23
C ALA K 92 60.11 -13.01 -8.44
N ILE K 93 59.95 -11.90 -9.16
CA ILE K 93 59.85 -10.59 -8.54
C ILE K 93 58.38 -10.20 -8.55
N TYR K 94 57.84 -9.93 -7.36
CA TYR K 94 56.42 -9.66 -7.19
C TYR K 94 56.21 -8.16 -7.04
N PHE K 95 55.24 -7.62 -7.78
CA PHE K 95 54.97 -6.20 -7.82
C PHE K 95 53.58 -5.90 -7.29
N CYS K 96 53.51 -4.97 -6.34
CA CYS K 96 52.27 -4.26 -6.07
C CYS K 96 51.93 -3.36 -7.23
N ALA K 97 50.64 -3.08 -7.40
CA ALA K 97 50.22 -2.01 -8.28
C ALA K 97 48.85 -1.54 -7.82
N ARG K 98 48.46 -0.37 -8.30
CA ARG K 98 47.20 0.23 -7.93
C ARG K 98 46.32 0.39 -9.16
N GLY K 99 45.02 0.47 -8.93
CA GLY K 99 44.06 0.58 -10.01
C GLY K 99 42.70 0.95 -9.46
N GLY K 100 41.79 1.25 -10.38
CA GLY K 100 40.46 1.68 -9.99
C GLY K 100 40.43 3.13 -9.55
N GLU K 101 39.33 3.82 -9.81
CA GLU K 101 39.19 5.23 -9.46
C GLU K 101 38.13 5.47 -8.39
N GLY K 102 36.88 5.12 -8.68
CA GLY K 102 35.77 5.41 -7.80
C GLY K 102 35.43 4.25 -6.89
N SER K 103 34.19 4.24 -6.44
CA SER K 103 33.69 3.17 -5.57
C SER K 103 33.17 2.03 -6.43
N PHE K 104 34.10 1.37 -7.10
CA PHE K 104 33.79 0.30 -8.04
C PHE K 104 34.44 -1.00 -7.59
N SER K 105 33.76 -2.10 -7.88
CA SER K 105 34.29 -3.44 -7.65
C SER K 105 34.39 -4.25 -8.93
N TRP K 106 34.41 -3.59 -10.09
CA TRP K 106 34.37 -4.27 -11.38
C TRP K 106 35.75 -4.29 -12.00
N LEU K 107 36.12 -5.44 -12.56
CA LEU K 107 37.48 -5.63 -13.07
C LEU K 107 37.77 -4.75 -14.26
N GLY K 108 36.74 -4.33 -15.01
CA GLY K 108 36.96 -3.45 -16.13
C GLY K 108 37.45 -2.08 -15.70
N TYR K 109 36.88 -1.53 -14.62
CA TYR K 109 37.42 -0.31 -14.07
C TYR K 109 38.71 -0.56 -13.30
N LEU K 110 38.92 -1.78 -12.86
CA LEU K 110 40.16 -2.16 -12.17
C LEU K 110 41.17 -2.79 -13.13
N GLN K 111 41.64 -1.99 -14.09
CA GLN K 111 42.69 -2.48 -14.98
C GLN K 111 43.72 -1.42 -15.33
N TYR K 112 43.66 -0.23 -14.75
CA TYR K 112 44.63 0.81 -15.04
C TYR K 112 45.83 0.64 -14.14
N MET K 113 47.03 0.63 -14.73
CA MET K 113 48.24 0.32 -13.98
C MET K 113 48.91 1.64 -13.64
N ASP K 114 48.27 2.43 -12.77
CA ASP K 114 48.67 3.82 -12.60
C ASP K 114 50.02 3.98 -11.90
N VAL K 115 50.49 2.96 -11.18
CA VAL K 115 51.77 3.03 -10.47
C VAL K 115 52.20 1.62 -10.15
N TRP K 116 53.51 1.39 -10.17
CA TRP K 116 54.12 0.10 -9.92
C TRP K 116 55.11 0.21 -8.77
N GLY K 117 55.39 -0.94 -8.14
CA GLY K 117 56.42 -1.04 -7.13
C GLY K 117 57.74 -1.48 -7.74
N GLN K 118 58.71 -1.71 -6.86
CA GLN K 118 59.98 -2.29 -7.27
C GLN K 118 59.99 -3.82 -7.15
N GLY K 119 58.98 -4.40 -6.53
CA GLY K 119 58.87 -5.83 -6.40
C GLY K 119 59.81 -6.44 -5.38
N THR K 120 59.35 -7.50 -4.70
CA THR K 120 60.21 -8.31 -3.85
C THR K 120 60.71 -9.49 -4.66
N THR K 121 61.98 -9.83 -4.49
CA THR K 121 62.54 -11.02 -5.12
C THR K 121 62.33 -12.20 -4.17
N VAL K 122 61.62 -13.22 -4.66
CA VAL K 122 61.46 -14.47 -3.92
C VAL K 122 62.17 -15.58 -4.70
N THR K 123 63.11 -16.23 -4.02
CA THR K 123 63.94 -17.26 -4.61
C THR K 123 63.87 -18.51 -3.75
N VAL K 124 63.69 -19.66 -4.40
CA VAL K 124 63.63 -20.95 -3.73
C VAL K 124 64.70 -21.86 -4.30
N SER K 125 65.49 -22.46 -3.41
CA SER K 125 66.63 -23.31 -3.78
C SER K 125 67.06 -24.06 -2.52
N SER K 126 68.20 -24.75 -2.64
CA SER K 126 68.79 -25.46 -1.52
C SER K 126 70.31 -25.52 -1.64
N GLN L 26 -10.67 -22.33 21.03
CA GLN L 26 -10.18 -23.22 22.08
C GLN L 26 -11.16 -23.27 23.24
N ASN L 27 -10.99 -22.37 24.20
CA ASN L 27 -11.82 -22.34 25.40
C ASN L 27 -12.25 -20.91 25.70
N ILE L 28 -12.78 -20.23 24.69
CA ILE L 28 -13.24 -18.86 24.86
C ILE L 28 -14.49 -18.86 25.71
N THR L 29 -14.51 -18.05 26.75
CA THR L 29 -15.70 -17.91 27.57
C THR L 29 -15.84 -16.45 27.98
N GLU L 30 -17.01 -16.13 28.54
CA GLU L 30 -17.30 -14.74 28.87
C GLU L 30 -18.37 -14.71 29.94
N GLU L 31 -18.46 -13.56 30.62
CA GLU L 31 -19.47 -13.36 31.66
C GLU L 31 -20.01 -11.94 31.53
N PHE L 32 -21.10 -11.78 30.79
CA PHE L 32 -21.77 -10.49 30.73
C PHE L 32 -22.45 -10.23 32.07
N TYR L 33 -21.95 -9.25 32.80
CA TYR L 33 -22.62 -8.82 34.00
C TYR L 33 -23.80 -7.94 33.64
N GLN L 34 -24.96 -8.22 34.24
CA GLN L 34 -26.13 -7.38 34.05
C GLN L 34 -26.22 -6.28 35.10
N SER L 35 -25.33 -6.30 36.09
CA SER L 35 -25.28 -5.21 37.06
C SER L 35 -24.86 -3.91 36.39
N THR L 36 -23.68 -3.90 35.79
CA THR L 36 -23.27 -2.85 34.87
C THR L 36 -23.07 -3.51 33.51
N CYS L 37 -23.57 -2.86 32.46
CA CYS L 37 -23.57 -3.47 31.13
C CYS L 37 -22.15 -3.57 30.61
N SER L 38 -21.58 -4.77 30.67
CA SER L 38 -20.17 -4.95 30.37
C SER L 38 -19.92 -6.43 30.12
N ALA L 39 -18.96 -6.70 29.23
CA ALA L 39 -18.56 -8.05 28.88
C ALA L 39 -17.09 -8.22 29.20
N VAL L 40 -16.75 -9.37 29.78
CA VAL L 40 -15.36 -9.72 30.07
C VAL L 40 -15.03 -10.94 29.23
N SER L 41 -13.90 -10.89 28.52
CA SER L 41 -13.52 -11.97 27.61
C SER L 41 -12.55 -12.89 28.35
N LYS L 42 -13.12 -13.75 29.20
CA LYS L 42 -12.31 -14.61 30.06
C LYS L 42 -11.67 -15.73 29.24
N GLY L 43 -10.36 -15.84 29.31
CA GLY L 43 -9.66 -16.94 28.69
C GLY L 43 -9.03 -16.56 27.37
N TYR L 44 -7.74 -16.23 27.41
CA TYR L 44 -6.93 -15.85 26.26
C TYR L 44 -5.49 -15.90 26.73
N LEU L 45 -4.55 -15.82 25.78
CA LEU L 45 -3.14 -15.81 26.12
C LEU L 45 -2.50 -14.56 25.53
N SER L 46 -1.70 -13.88 26.35
CA SER L 46 -1.39 -12.47 26.07
C SER L 46 -0.40 -12.32 24.92
N ALA L 47 0.76 -12.98 25.04
CA ALA L 47 1.86 -12.88 24.06
C ALA L 47 2.21 -11.42 23.75
N LEU L 48 2.51 -10.66 24.81
CA LEU L 48 2.75 -9.24 24.66
C LEU L 48 4.19 -8.95 24.28
N ARG L 49 4.37 -8.07 23.31
CA ARG L 49 5.66 -7.44 23.09
C ARG L 49 6.02 -6.60 24.31
N THR L 50 7.32 -6.57 24.64
CA THR L 50 7.81 -5.63 25.63
C THR L 50 9.06 -4.89 25.18
N GLY L 51 9.71 -5.31 24.09
CA GLY L 51 10.90 -4.65 23.62
C GLY L 51 11.06 -4.86 22.14
N TRP L 52 12.06 -4.19 21.57
CA TRP L 52 12.40 -4.37 20.17
C TRP L 52 13.67 -5.20 20.06
N TYR L 53 13.74 -6.02 19.03
CA TYR L 53 14.99 -6.63 18.61
C TYR L 53 15.36 -6.03 17.27
N THR L 54 16.50 -5.36 17.21
CA THR L 54 16.94 -4.77 15.96
C THR L 54 17.74 -5.77 15.14
N SER L 55 17.67 -5.61 13.83
CA SER L 55 18.53 -6.39 12.95
C SER L 55 18.81 -5.58 11.69
N VAL L 56 20.04 -5.65 11.22
CA VAL L 56 20.44 -4.95 10.01
C VAL L 56 20.34 -5.92 8.84
N ILE L 57 19.76 -5.45 7.75
CA ILE L 57 19.64 -6.21 6.51
C ILE L 57 20.32 -5.39 5.43
N THR L 58 21.28 -6.00 4.74
CA THR L 58 22.04 -5.32 3.70
C THR L 58 21.85 -6.03 2.37
N ILE L 59 21.86 -5.24 1.30
CA ILE L 59 21.97 -5.74 -0.06
C ILE L 59 23.26 -5.17 -0.66
N GLU L 60 24.17 -6.05 -1.04
CA GLU L 60 25.40 -5.61 -1.67
C GLU L 60 25.14 -5.28 -3.13
N LEU L 61 25.92 -4.33 -3.65
CA LEU L 61 25.64 -3.75 -4.96
C LEU L 61 26.85 -2.93 -5.38
N SER L 62 27.09 -2.87 -6.69
CA SER L 62 28.26 -2.22 -7.25
C SER L 62 27.86 -1.08 -8.15
N ASN L 63 28.72 -0.05 -8.20
CA ASN L 63 28.44 1.15 -8.97
C ASN L 63 28.70 0.88 -10.44
N ILE L 64 27.72 1.21 -11.27
CA ILE L 64 27.84 1.00 -12.71
C ILE L 64 28.11 2.33 -13.38
N LYS L 65 29.09 2.35 -14.27
CA LYS L 65 29.43 3.53 -15.05
C LYS L 65 28.52 3.60 -16.28
N GLU L 66 28.89 4.42 -17.25
CA GLU L 66 28.09 4.56 -18.47
C GLU L 66 28.09 3.27 -19.27
N ASN L 67 27.18 3.22 -20.26
CA ASN L 67 26.85 1.96 -20.93
C ASN L 67 28.02 1.39 -21.72
N LYS L 68 28.78 2.26 -22.40
CA LYS L 68 29.89 1.88 -23.28
C LYS L 68 29.42 0.90 -24.35
N CYS L 69 28.51 1.40 -25.18
CA CYS L 69 27.91 0.58 -26.22
C CYS L 69 27.67 1.43 -27.46
N ASN L 70 27.61 0.76 -28.60
CA ASN L 70 27.38 1.41 -29.89
C ASN L 70 25.98 1.06 -30.38
N GLY L 71 25.23 2.08 -30.79
CA GLY L 71 23.91 1.86 -31.34
C GLY L 71 22.88 1.57 -30.28
N THR L 72 21.67 1.25 -30.75
CA THR L 72 20.54 0.94 -29.89
C THR L 72 20.12 -0.52 -29.93
N ASP L 73 20.16 -1.14 -31.12
CA ASP L 73 19.83 -2.54 -31.35
C ASP L 73 18.43 -2.92 -30.87
N ALA L 74 18.17 -4.22 -30.80
CA ALA L 74 16.92 -4.74 -30.25
C ALA L 74 17.16 -5.75 -29.15
N LYS L 75 18.22 -6.56 -29.27
CA LYS L 75 18.59 -7.47 -28.18
C LYS L 75 19.11 -6.68 -26.99
N VAL L 76 20.21 -5.96 -27.18
CA VAL L 76 20.78 -5.13 -26.10
C VAL L 76 20.11 -3.76 -26.20
N LYS L 77 18.92 -3.69 -25.66
CA LYS L 77 18.29 -2.41 -25.40
C LYS L 77 17.77 -2.31 -23.99
N LEU L 78 17.13 -3.38 -23.49
CA LEU L 78 16.48 -3.35 -22.19
C LEU L 78 17.48 -3.22 -21.06
N ILE L 79 18.72 -3.65 -21.30
CA ILE L 79 19.80 -3.47 -20.34
C ILE L 79 19.98 -1.99 -20.02
N LYS L 80 19.89 -1.14 -21.04
CA LYS L 80 20.13 0.28 -20.83
C LYS L 80 19.06 0.90 -19.93
N GLN L 81 17.78 0.64 -20.21
CA GLN L 81 16.73 1.20 -19.37
C GLN L 81 16.74 0.58 -17.98
N GLU L 82 17.07 -0.70 -17.89
CA GLU L 82 17.06 -1.35 -16.58
C GLU L 82 18.21 -0.87 -15.70
N LEU L 83 19.40 -0.71 -16.27
CA LEU L 83 20.51 -0.15 -15.50
C LEU L 83 20.27 1.31 -15.17
N ASP L 84 19.61 2.07 -16.06
CA ASP L 84 19.25 3.44 -15.71
C ASP L 84 18.24 3.47 -14.56
N LYS L 85 17.30 2.53 -14.55
CA LYS L 85 16.36 2.40 -13.44
C LYS L 85 17.10 2.08 -12.15
N TYR L 86 18.07 1.18 -12.22
CA TYR L 86 18.87 0.83 -11.04
C TYR L 86 19.67 2.03 -10.54
N LYS L 87 20.25 2.79 -11.47
CA LYS L 87 20.97 4.02 -11.11
C LYS L 87 20.03 5.03 -10.47
N ASN L 88 18.81 5.16 -11.01
CA ASN L 88 17.83 6.07 -10.44
C ASN L 88 17.46 5.64 -9.02
N ALA L 89 17.31 4.34 -8.79
CA ALA L 89 16.98 3.84 -7.47
C ALA L 89 18.10 4.13 -6.47
N VAL L 90 19.34 3.87 -6.87
CA VAL L 90 20.45 4.04 -5.92
C VAL L 90 20.70 5.52 -5.65
N THR L 91 20.55 6.38 -6.66
CA THR L 91 20.74 7.80 -6.41
C THR L 91 19.55 8.39 -5.66
N GLU L 92 18.37 7.80 -5.82
CA GLU L 92 17.22 8.25 -5.05
C GLU L 92 17.40 7.90 -3.57
N LEU L 93 17.89 6.70 -3.29
CA LEU L 93 18.09 6.33 -1.90
C LEU L 93 19.29 7.06 -1.33
N GLN L 94 20.25 7.46 -2.18
CA GLN L 94 21.29 8.38 -1.75
C GLN L 94 20.69 9.71 -1.32
N LEU L 95 19.73 10.22 -2.10
CA LEU L 95 19.05 11.45 -1.75
C LEU L 95 18.17 11.26 -0.51
N LEU L 96 17.74 10.03 -0.25
CA LEU L 96 16.93 9.76 0.94
C LEU L 96 17.72 10.02 2.21
N MET L 97 18.99 9.65 2.24
CA MET L 97 19.83 9.96 3.38
C MET L 97 21.25 10.29 2.94
N PHE L 137 -11.13 4.58 26.28
CA PHE L 137 -11.30 6.02 26.35
C PHE L 137 -10.20 6.70 27.15
N LEU L 138 -9.14 5.95 27.45
CA LEU L 138 -8.05 6.45 28.27
C LEU L 138 -6.84 6.84 27.44
N GLY L 139 -7.04 7.17 26.16
CA GLY L 139 -5.93 7.61 25.33
C GLY L 139 -5.38 8.96 25.77
N PHE L 140 -6.20 9.77 26.43
CA PHE L 140 -5.73 11.05 26.96
C PHE L 140 -4.76 10.84 28.12
N LEU L 141 -4.98 9.80 28.92
CA LEU L 141 -4.03 9.46 29.97
C LEU L 141 -2.93 8.52 29.48
N LEU L 142 -2.98 8.11 28.22
CA LEU L 142 -2.04 7.12 27.71
C LEU L 142 -0.69 7.75 27.44
N GLY L 143 0.37 7.08 27.91
CA GLY L 143 1.71 7.56 27.67
C GLY L 143 2.14 7.39 26.23
N VAL L 144 3.08 8.24 25.81
CA VAL L 144 3.55 8.27 24.44
C VAL L 144 5.04 7.99 24.43
N GLY L 145 5.45 6.98 23.68
CA GLY L 145 6.85 6.69 23.50
C GLY L 145 7.20 6.58 22.04
N SER L 146 8.41 7.00 21.70
CA SER L 146 8.91 6.92 20.34
C SER L 146 9.14 5.45 20.00
N ALA L 147 8.24 4.88 19.19
CA ALA L 147 8.38 3.47 18.82
C ALA L 147 9.58 3.25 17.93
N ILE L 148 9.88 4.22 17.06
CA ILE L 148 11.06 4.13 16.18
C ILE L 148 12.23 4.71 16.97
N ALA L 149 12.76 3.90 17.87
CA ALA L 149 13.83 4.37 18.74
C ALA L 149 15.11 3.54 18.63
N SER L 150 15.02 2.23 18.78
CA SER L 150 16.24 1.43 18.75
C SER L 150 16.80 1.32 17.36
N GLY L 151 15.91 1.24 16.35
CA GLY L 151 16.38 1.12 14.99
C GLY L 151 17.11 2.36 14.49
N VAL L 152 16.59 3.54 14.80
CA VAL L 152 17.28 4.76 14.43
C VAL L 152 18.56 4.91 15.24
N ALA L 153 18.59 4.34 16.45
CA ALA L 153 19.83 4.31 17.21
C ALA L 153 20.88 3.45 16.52
N VAL L 154 20.47 2.30 15.99
CA VAL L 154 21.41 1.43 15.29
C VAL L 154 21.88 2.08 14.00
N CYS L 155 20.96 2.76 13.29
CA CYS L 155 21.36 3.55 12.12
C CYS L 155 22.37 4.61 12.50
N LYS L 156 22.16 5.29 13.63
CA LYS L 156 23.08 6.34 14.07
C LYS L 156 24.44 5.76 14.43
N VAL L 157 24.46 4.56 15.00
CA VAL L 157 25.72 3.85 15.19
C VAL L 157 26.39 3.60 13.86
N LEU L 158 25.60 3.23 12.85
CA LEU L 158 26.15 2.99 11.52
C LEU L 158 26.67 4.27 10.87
N HIS L 159 26.15 5.44 11.27
CA HIS L 159 26.64 6.69 10.67
C HIS L 159 28.11 6.97 10.99
N LEU L 160 28.64 6.38 12.06
CA LEU L 160 30.05 6.58 12.38
C LEU L 160 30.93 5.90 11.33
N GLU L 161 32.04 6.56 11.00
CA GLU L 161 32.89 6.12 9.91
C GLU L 161 33.64 4.85 10.26
N GLY L 162 33.78 3.98 9.27
CA GLY L 162 34.46 2.70 9.46
C GLY L 162 33.65 1.66 10.19
N GLU L 163 32.39 1.95 10.51
CA GLU L 163 31.57 1.00 11.25
C GLU L 163 30.87 0.02 10.33
N VAL L 164 30.26 0.51 9.25
CA VAL L 164 29.62 -0.37 8.30
C VAL L 164 30.65 -1.15 7.50
N ASN L 165 31.91 -0.69 7.50
CA ASN L 165 32.99 -1.49 6.93
C ASN L 165 33.21 -2.78 7.71
N LYS L 166 32.93 -2.76 9.03
CA LYS L 166 33.02 -3.99 9.80
C LYS L 166 31.95 -4.99 9.37
N ILE L 167 30.75 -4.51 9.07
CA ILE L 167 29.72 -5.39 8.50
C ILE L 167 30.14 -5.87 7.12
N LYS L 168 30.72 -4.98 6.32
CA LYS L 168 31.16 -5.33 4.97
C LYS L 168 32.21 -6.42 4.99
N SER L 169 33.19 -6.30 5.88
CA SER L 169 34.29 -7.26 5.92
C SER L 169 33.88 -8.54 6.63
N ALA L 170 33.20 -8.42 7.77
CA ALA L 170 32.90 -9.59 8.58
C ALA L 170 31.85 -10.47 7.92
N LEU L 171 30.88 -9.86 7.25
CA LEU L 171 29.88 -10.63 6.52
C LEU L 171 30.31 -10.81 5.06
N LEU L 172 31.49 -11.39 4.85
CA LEU L 172 32.02 -11.51 3.50
C LEU L 172 31.45 -12.72 2.77
N SER L 173 31.31 -13.84 3.45
CA SER L 173 30.79 -15.05 2.83
C SER L 173 29.63 -15.65 3.61
N THR L 174 29.66 -15.56 4.94
CA THR L 174 28.57 -16.11 5.75
C THR L 174 27.31 -15.30 5.53
N ASN L 175 26.16 -15.98 5.48
CA ASN L 175 24.93 -15.31 5.13
C ASN L 175 24.43 -14.46 6.29
N LYS L 176 24.52 -14.98 7.51
CA LYS L 176 24.12 -14.26 8.71
C LYS L 176 25.23 -14.38 9.76
N ALA L 177 25.38 -13.34 10.56
CA ALA L 177 26.43 -13.33 11.56
C ALA L 177 26.04 -12.35 12.67
N VAL L 178 26.92 -12.22 13.66
CA VAL L 178 26.78 -11.25 14.74
C VAL L 178 28.11 -10.54 14.89
N VAL L 179 28.08 -9.20 14.79
CA VAL L 179 29.29 -8.41 14.90
C VAL L 179 29.14 -7.45 16.07
N SER L 180 30.26 -7.02 16.63
CA SER L 180 30.25 -6.01 17.68
C SER L 180 30.44 -4.63 17.07
N LEU L 181 29.83 -3.63 17.70
CA LEU L 181 29.93 -2.27 17.21
C LEU L 181 30.70 -1.42 18.20
N SER L 182 30.81 -0.12 17.91
CA SER L 182 31.60 0.79 18.71
C SER L 182 30.85 1.31 19.93
N ASN L 183 29.58 0.95 20.11
CA ASN L 183 28.82 1.31 21.29
C ASN L 183 28.49 0.09 22.15
N GLY L 184 29.20 -1.01 21.94
CA GLY L 184 28.93 -2.23 22.67
C GLY L 184 27.70 -2.98 22.22
N VAL L 185 27.05 -2.52 21.15
CA VAL L 185 25.86 -3.15 20.62
C VAL L 185 26.28 -4.22 19.61
N SER L 186 25.77 -5.43 19.81
CA SER L 186 26.20 -6.58 19.04
C SER L 186 25.00 -7.38 18.57
N VAL L 187 24.05 -6.70 17.93
CA VAL L 187 22.74 -7.30 17.68
C VAL L 187 22.79 -8.43 16.64
N LEU L 188 23.05 -8.12 15.36
CA LEU L 188 22.92 -9.09 14.28
C LEU L 188 23.34 -8.44 12.97
N THR L 189 23.69 -9.28 11.99
CA THR L 189 23.93 -8.87 10.61
C THR L 189 23.34 -9.92 9.68
N PHE L 190 22.91 -9.48 8.51
CA PHE L 190 22.37 -10.39 7.51
C PHE L 190 22.39 -9.73 6.13
N LYS L 191 22.76 -10.53 5.13
CA LYS L 191 22.75 -10.09 3.73
C LYS L 191 21.60 -10.78 2.99
N VAL L 192 20.86 -10.01 2.20
CA VAL L 192 19.63 -10.52 1.60
C VAL L 192 19.85 -10.90 0.14
N LEU L 193 20.83 -10.29 -0.52
CA LEU L 193 21.05 -10.53 -1.94
C LEU L 193 22.53 -10.31 -2.24
N ASP L 194 22.97 -10.80 -3.40
CA ASP L 194 24.37 -10.94 -3.76
C ASP L 194 24.64 -10.34 -5.14
N LEU L 195 24.23 -9.08 -5.32
CA LEU L 195 24.36 -8.42 -6.63
C LEU L 195 25.82 -8.20 -7.04
N LYS L 196 26.77 -8.34 -6.11
CA LYS L 196 28.18 -8.46 -6.47
C LYS L 196 28.39 -9.47 -7.59
N ASN L 197 28.06 -10.73 -7.32
CA ASN L 197 28.38 -11.82 -8.24
C ASN L 197 27.60 -11.68 -9.54
N TYR L 198 26.29 -11.44 -9.44
CA TYR L 198 25.45 -11.32 -10.62
C TYR L 198 25.84 -10.12 -11.48
N ILE L 199 26.07 -8.97 -10.84
CA ILE L 199 26.38 -7.76 -11.60
C ILE L 199 27.74 -7.87 -12.26
N ASP L 200 28.74 -8.36 -11.53
CA ASP L 200 30.09 -8.37 -12.05
C ASP L 200 30.46 -9.66 -12.79
N LYS L 201 29.53 -10.60 -12.92
CA LYS L 201 29.81 -11.81 -13.69
C LYS L 201 28.81 -12.08 -14.80
N GLN L 202 27.53 -11.76 -14.63
CA GLN L 202 26.51 -12.10 -15.61
C GLN L 202 25.94 -10.89 -16.31
N LEU L 203 26.27 -9.68 -15.88
CA LEU L 203 25.82 -8.47 -16.57
C LEU L 203 26.97 -7.71 -17.20
N LEU L 204 27.93 -7.27 -16.39
CA LEU L 204 28.98 -6.37 -16.87
C LEU L 204 29.99 -7.04 -17.82
N PRO L 205 30.35 -8.32 -17.70
CA PRO L 205 31.14 -8.93 -18.78
C PRO L 205 30.44 -8.96 -20.12
N ILE L 206 29.11 -8.91 -20.16
CA ILE L 206 28.35 -9.02 -21.39
C ILE L 206 27.97 -7.66 -21.96
N LEU L 207 27.45 -6.77 -21.11
CA LEU L 207 27.02 -5.47 -21.58
C LEU L 207 28.19 -4.55 -21.93
N ASN L 208 29.38 -4.84 -21.43
CA ASN L 208 30.51 -3.93 -21.64
C ASN L 208 31.53 -4.51 -22.61
N LYS L 209 31.07 -5.29 -23.60
CA LYS L 209 31.95 -5.76 -24.66
C LYS L 209 32.13 -4.69 -25.73
N GLN L 210 33.10 -4.92 -26.60
CA GLN L 210 33.23 -4.11 -27.80
C GLN L 210 32.04 -4.40 -28.72
N SER L 211 31.33 -3.34 -29.10
CA SER L 211 30.09 -3.39 -29.88
C SER L 211 29.11 -4.39 -29.27
N CYS L 212 28.64 -4.03 -28.08
CA CYS L 212 27.95 -4.95 -27.20
C CYS L 212 26.68 -5.52 -27.81
N SER L 213 26.39 -6.78 -27.50
CA SER L 213 25.21 -7.47 -27.97
C SER L 213 25.00 -8.68 -27.07
N ILE L 214 23.80 -8.83 -26.51
CA ILE L 214 23.55 -9.91 -25.58
C ILE L 214 23.49 -11.24 -26.32
N SER L 215 23.77 -12.33 -25.59
CA SER L 215 23.64 -13.65 -26.18
C SER L 215 22.18 -14.03 -26.38
N ASN L 216 21.35 -13.80 -25.36
CA ASN L 216 19.94 -14.14 -25.42
C ASN L 216 19.19 -13.28 -24.42
N ILE L 217 17.88 -13.17 -24.61
CA ILE L 217 17.06 -12.34 -23.74
C ILE L 217 16.88 -13.00 -22.38
N GLU L 218 17.17 -14.31 -22.27
CA GLU L 218 17.06 -15.00 -21.00
C GLU L 218 18.00 -14.44 -19.95
N THR L 219 19.05 -13.74 -20.38
CA THR L 219 19.94 -13.06 -19.45
C THR L 219 19.24 -11.93 -18.71
N VAL L 220 18.35 -11.19 -19.38
CA VAL L 220 17.90 -9.95 -18.75
C VAL L 220 16.66 -10.18 -17.89
N ILE L 221 15.88 -11.23 -18.17
CA ILE L 221 14.67 -11.46 -17.41
C ILE L 221 15.00 -11.90 -15.99
N GLU L 222 16.05 -12.71 -15.82
CA GLU L 222 16.54 -12.97 -14.47
C GLU L 222 17.12 -11.72 -13.85
N PHE L 223 17.58 -10.77 -14.67
CA PHE L 223 17.96 -9.47 -14.14
C PHE L 223 16.74 -8.75 -13.58
N GLN L 224 15.57 -9.01 -14.16
CA GLN L 224 14.33 -8.58 -13.52
C GLN L 224 14.16 -9.24 -12.16
N GLN L 225 14.47 -10.54 -12.08
CA GLN L 225 14.33 -11.25 -10.83
C GLN L 225 15.30 -10.74 -9.76
N LYS L 226 16.41 -10.14 -10.18
CA LYS L 226 17.38 -9.58 -9.26
C LYS L 226 17.32 -8.06 -9.19
N ASN L 227 16.28 -7.44 -9.74
CA ASN L 227 16.18 -5.99 -9.63
C ASN L 227 14.81 -5.51 -9.21
N ASN L 228 13.74 -6.28 -9.44
CA ASN L 228 12.43 -5.86 -8.97
C ASN L 228 12.36 -5.87 -7.46
N ARG L 229 13.15 -6.72 -6.80
CA ARG L 229 13.19 -6.68 -5.34
C ARG L 229 13.78 -5.36 -4.84
N LEU L 230 14.91 -4.95 -5.42
CA LEU L 230 15.54 -3.70 -5.03
C LEU L 230 14.64 -2.51 -5.37
N LEU L 231 13.97 -2.58 -6.51
CA LEU L 231 13.05 -1.53 -6.89
C LEU L 231 11.84 -1.48 -5.96
N GLU L 232 11.40 -2.64 -5.47
CA GLU L 232 10.33 -2.68 -4.48
C GLU L 232 10.79 -2.02 -3.18
N ILE L 233 12.04 -2.26 -2.79
CA ILE L 233 12.60 -1.59 -1.61
C ILE L 233 12.59 -0.08 -1.81
N THR L 234 13.04 0.35 -2.99
CA THR L 234 13.10 1.77 -3.33
C THR L 234 11.73 2.40 -3.29
N ARG L 235 10.73 1.75 -3.88
CA ARG L 235 9.39 2.32 -3.93
C ARG L 235 8.67 2.19 -2.59
N GLU L 236 9.07 1.26 -1.73
CA GLU L 236 8.52 1.22 -0.39
C GLU L 236 9.06 2.35 0.46
N PHE L 237 10.37 2.61 0.39
CA PHE L 237 10.95 3.69 1.17
C PHE L 237 10.72 5.07 0.58
N SER L 238 10.41 5.16 -0.71
CA SER L 238 10.11 6.45 -1.30
C SER L 238 8.74 6.96 -0.89
N VAL L 239 7.78 6.07 -0.73
CA VAL L 239 6.42 6.44 -0.39
C VAL L 239 6.28 6.77 1.09
N ASN L 240 6.78 5.90 1.95
CA ASN L 240 6.60 6.02 3.38
C ASN L 240 7.74 6.73 4.07
N ALA L 241 8.78 7.14 3.32
CA ALA L 241 9.83 8.05 3.77
C ALA L 241 10.59 7.51 4.99
N GLY L 242 11.26 6.39 4.79
CA GLY L 242 12.13 5.82 5.81
C GLY L 242 11.48 4.90 6.82
N VAL L 243 10.30 5.26 7.31
CA VAL L 243 9.57 4.45 8.28
C VAL L 243 8.41 3.78 7.57
N THR L 244 8.30 2.46 7.73
CA THR L 244 7.26 1.69 7.07
C THR L 244 6.48 0.89 8.11
N THR L 245 5.15 0.99 8.03
CA THR L 245 4.26 0.27 8.92
C THR L 245 3.19 -0.42 8.06
N PRO L 246 3.17 -1.74 8.00
CA PRO L 246 4.12 -2.69 8.57
C PRO L 246 5.29 -2.95 7.64
N VAL L 247 5.97 -4.07 7.81
CA VAL L 247 7.06 -4.46 6.94
C VAL L 247 6.51 -5.27 5.78
N SER L 248 6.83 -4.86 4.56
CA SER L 248 6.43 -5.59 3.36
C SER L 248 7.28 -6.86 3.21
N THR L 249 6.72 -7.83 2.48
CA THR L 249 7.45 -9.06 2.22
C THR L 249 8.65 -8.85 1.31
N TYR L 250 8.75 -7.70 0.66
CA TYR L 250 9.93 -7.43 -0.16
C TYR L 250 11.11 -7.02 0.71
N MET L 251 10.85 -6.38 1.85
CA MET L 251 11.94 -6.10 2.77
C MET L 251 12.39 -7.34 3.52
N LEU L 252 11.56 -8.38 3.58
CA LEU L 252 11.98 -9.65 4.15
C LEU L 252 11.06 -10.73 3.65
N THR L 253 11.60 -11.70 2.90
CA THR L 253 10.82 -12.85 2.48
C THR L 253 10.47 -13.69 3.70
N ASN L 254 9.35 -14.40 3.62
CA ASN L 254 8.76 -15.02 4.80
C ASN L 254 9.59 -16.20 5.31
N SER L 255 10.15 -16.99 4.39
CA SER L 255 11.06 -18.05 4.81
C SER L 255 12.28 -17.47 5.49
N GLU L 256 12.76 -16.33 5.01
CA GLU L 256 13.89 -15.70 5.67
C GLU L 256 13.48 -15.09 7.00
N LEU L 257 12.22 -14.65 7.12
CA LEU L 257 11.72 -14.20 8.41
C LEU L 257 11.73 -15.35 9.41
N LEU L 258 11.34 -16.56 8.95
CA LEU L 258 11.43 -17.73 9.81
C LEU L 258 12.87 -18.03 10.19
N SER L 259 13.80 -17.84 9.25
CA SER L 259 15.22 -18.01 9.57
C SER L 259 15.66 -17.03 10.65
N LEU L 260 15.23 -15.77 10.52
CA LEU L 260 15.48 -14.77 11.56
C LEU L 260 14.84 -15.13 12.89
N ILE L 261 13.67 -15.77 12.85
CA ILE L 261 13.04 -16.29 14.07
C ILE L 261 13.97 -17.31 14.72
N ASN L 262 14.61 -18.15 13.91
CA ASN L 262 15.56 -19.10 14.44
C ASN L 262 16.92 -18.47 14.76
N ASP L 263 17.03 -17.15 14.79
CA ASP L 263 18.31 -16.49 14.98
C ASP L 263 18.40 -15.65 16.25
N MET L 264 17.40 -14.81 16.53
CA MET L 264 17.54 -13.84 17.61
C MET L 264 17.56 -14.56 18.96
N PRO L 265 18.21 -13.96 19.97
CA PRO L 265 18.29 -14.62 21.27
C PRO L 265 16.99 -14.58 22.04
N ILE L 266 16.11 -15.54 21.80
CA ILE L 266 14.87 -15.73 22.55
C ILE L 266 14.78 -17.21 22.90
N THR L 267 13.86 -17.52 23.81
CA THR L 267 13.67 -18.93 24.10
C THR L 267 12.80 -19.57 23.04
N ASN L 268 12.85 -20.90 22.98
CA ASN L 268 12.33 -21.62 21.82
C ASN L 268 10.82 -21.59 21.74
N ASP L 269 10.13 -21.43 22.88
CA ASP L 269 8.67 -21.33 22.80
C ASP L 269 8.25 -20.00 22.17
N GLN L 270 9.04 -18.94 22.39
CA GLN L 270 8.83 -17.71 21.64
C GLN L 270 9.08 -17.93 20.16
N LYS L 271 10.08 -18.75 19.84
CA LYS L 271 10.35 -19.06 18.44
C LYS L 271 9.17 -19.78 17.79
N LYS L 272 8.57 -20.73 18.52
CA LYS L 272 7.42 -21.45 18.00
C LYS L 272 6.22 -20.52 17.84
N LEU L 273 6.00 -19.63 18.81
CA LEU L 273 4.89 -18.70 18.74
C LEU L 273 5.06 -17.74 17.56
N MET L 274 6.26 -17.20 17.38
CA MET L 274 6.48 -16.25 16.30
C MET L 274 6.46 -16.95 14.95
N SER L 275 6.87 -18.22 14.92
CA SER L 275 6.75 -19.01 13.69
C SER L 275 5.29 -19.24 13.33
N ASN L 276 4.46 -19.56 14.33
CA ASN L 276 3.05 -19.80 14.06
C ASN L 276 2.27 -18.51 13.81
N ASN L 277 2.87 -17.36 14.05
CA ASN L 277 2.24 -16.06 13.85
C ASN L 277 3.17 -15.12 13.12
N VAL L 278 3.74 -15.59 12.01
CA VAL L 278 4.64 -14.77 11.20
C VAL L 278 3.90 -13.56 10.63
N GLN L 279 2.61 -13.70 10.37
CA GLN L 279 1.84 -12.56 9.89
C GLN L 279 1.70 -11.50 10.98
N ILE L 280 1.60 -11.93 12.24
CA ILE L 280 1.47 -10.99 13.35
C ILE L 280 2.75 -10.19 13.54
N VAL L 281 3.89 -10.90 13.58
CA VAL L 281 5.16 -10.22 13.79
C VAL L 281 5.51 -9.38 12.57
N ARG L 282 5.06 -9.80 11.39
CA ARG L 282 5.22 -8.96 10.21
C ARG L 282 4.37 -7.70 10.33
N GLN L 283 3.18 -7.82 10.90
CA GLN L 283 2.30 -6.66 11.04
C GLN L 283 2.84 -5.66 12.05
N GLN L 284 3.45 -6.16 13.13
CA GLN L 284 3.90 -5.24 14.16
C GLN L 284 5.33 -4.77 13.96
N SER L 285 6.07 -5.33 13.02
CA SER L 285 7.45 -4.93 12.81
C SER L 285 7.53 -3.61 12.05
N TYR L 286 8.60 -2.86 12.31
CA TYR L 286 8.88 -1.62 11.61
C TYR L 286 10.15 -1.78 10.79
N SER L 287 10.41 -0.79 9.93
CA SER L 287 11.66 -0.74 9.20
C SER L 287 12.13 0.70 9.11
N ILE L 288 13.41 0.91 9.39
CA ILE L 288 14.06 2.19 9.29
C ILE L 288 15.21 2.06 8.31
N MET L 289 15.45 3.12 7.53
CA MET L 289 16.47 3.09 6.49
C MET L 289 17.78 3.65 7.01
N CYS L 290 18.83 2.84 6.96
CA CYS L 290 20.17 3.29 7.32
C CYS L 290 20.92 3.77 6.08
N ILE L 291 22.24 3.91 6.24
CA ILE L 291 23.12 4.57 5.28
C ILE L 291 23.30 3.77 4.00
N ILE L 292 23.92 4.42 3.00
CA ILE L 292 24.23 3.82 1.71
C ILE L 292 25.72 3.79 1.45
N LYS L 293 26.53 4.49 2.25
CA LYS L 293 27.92 4.78 1.94
C LYS L 293 28.75 3.50 1.83
N GLU L 294 29.85 3.60 1.07
CA GLU L 294 30.69 2.51 0.54
C GLU L 294 29.86 1.38 -0.11
N GLU L 295 28.66 1.74 -0.58
CA GLU L 295 27.78 0.94 -1.43
C GLU L 295 27.51 -0.44 -0.84
N VAL L 296 27.16 -0.44 0.43
CA VAL L 296 26.80 -1.66 1.17
C VAL L 296 25.40 -1.52 1.75
N LEU L 297 24.52 -0.87 0.97
CA LEU L 297 23.18 -0.38 1.34
C LEU L 297 22.41 -1.27 2.31
N ALA L 298 21.96 -0.70 3.42
CA ALA L 298 21.41 -1.51 4.50
C ALA L 298 20.37 -0.71 5.27
N TYR L 299 19.50 -1.46 5.95
CA TYR L 299 18.43 -0.89 6.75
C TYR L 299 18.29 -1.74 8.00
N VAL L 300 17.41 -1.31 8.91
CA VAL L 300 17.17 -2.04 10.16
C VAL L 300 15.70 -2.38 10.26
N VAL L 301 15.43 -3.65 10.49
CA VAL L 301 14.12 -4.08 10.97
C VAL L 301 14.10 -3.98 12.49
N GLN L 302 12.98 -3.48 13.00
CA GLN L 302 12.77 -3.28 14.43
C GLN L 302 11.68 -4.23 14.85
N LEU L 303 11.81 -5.49 14.44
CA LEU L 303 10.81 -6.51 14.66
C LEU L 303 10.54 -6.70 16.15
N PRO L 304 9.31 -6.96 16.54
CA PRO L 304 8.98 -7.00 17.97
C PRO L 304 9.52 -8.24 18.66
N LEU L 305 9.98 -8.03 19.88
CA LEU L 305 10.28 -9.10 20.82
C LEU L 305 8.96 -9.52 21.46
N TYR L 306 8.99 -10.52 22.33
CA TYR L 306 7.79 -10.92 23.05
C TYR L 306 8.20 -11.34 24.45
N GLY L 307 8.07 -10.43 25.41
CA GLY L 307 8.51 -10.68 26.76
C GLY L 307 7.68 -11.72 27.48
N VAL L 308 6.43 -11.38 27.78
CA VAL L 308 5.55 -12.24 28.55
C VAL L 308 4.58 -12.93 27.60
N ILE L 309 4.49 -14.24 27.73
CA ILE L 309 3.62 -15.06 26.89
C ILE L 309 2.72 -15.86 27.81
N ASP L 310 1.50 -16.13 27.35
CA ASP L 310 0.56 -17.05 27.98
C ASP L 310 0.19 -16.63 29.41
N THR L 311 -0.48 -15.50 29.50
CA THR L 311 -1.24 -15.20 30.70
C THR L 311 -2.67 -14.86 30.30
N PRO L 312 -3.63 -15.08 31.19
CA PRO L 312 -5.00 -14.63 30.92
C PRO L 312 -5.06 -13.14 30.65
N CYS L 313 -5.82 -12.79 29.61
CA CYS L 313 -6.01 -11.41 29.20
C CYS L 313 -7.44 -11.28 28.71
N TRP L 314 -8.18 -10.35 29.29
CA TRP L 314 -9.60 -10.24 29.01
C TRP L 314 -9.93 -8.91 28.34
N LYS L 315 -10.93 -8.95 27.48
CA LYS L 315 -11.41 -7.77 26.78
C LYS L 315 -12.67 -7.29 27.48
N LEU L 316 -12.62 -6.07 28.02
CA LEU L 316 -13.75 -5.44 28.67
C LEU L 316 -14.48 -4.63 27.61
N HIS L 317 -15.60 -5.17 27.15
CA HIS L 317 -16.59 -4.41 26.40
C HIS L 317 -17.49 -3.67 27.38
N THR L 318 -17.93 -2.48 27.00
CA THR L 318 -18.83 -1.70 27.82
C THR L 318 -19.98 -1.18 26.97
N SER L 319 -21.10 -0.92 27.62
CA SER L 319 -22.32 -0.47 26.96
C SER L 319 -23.01 0.55 27.84
N PRO L 320 -23.85 1.40 27.26
CA PRO L 320 -24.68 2.30 28.07
C PRO L 320 -25.66 1.54 28.95
N LEU L 321 -25.92 2.11 30.13
CA LEU L 321 -26.87 1.55 31.10
C LEU L 321 -27.75 2.70 31.54
N CYS L 322 -28.90 2.86 30.87
CA CYS L 322 -29.74 4.02 31.12
C CYS L 322 -31.12 3.60 31.59
N THR L 323 -31.58 4.27 32.64
CA THR L 323 -32.89 3.98 33.20
C THR L 323 -33.99 4.39 32.23
N THR L 324 -35.09 3.66 32.29
CA THR L 324 -36.14 3.74 31.27
C THR L 324 -37.20 4.78 31.64
N ASN L 325 -36.74 5.99 31.96
CA ASN L 325 -37.65 7.07 32.25
C ASN L 325 -38.35 7.52 30.97
N THR L 326 -39.68 7.59 31.02
CA THR L 326 -40.44 7.99 29.84
C THR L 326 -40.19 9.45 29.49
N LYS L 327 -39.99 10.29 30.51
CA LYS L 327 -39.61 11.68 30.28
C LYS L 327 -38.22 11.75 29.67
N GLU L 328 -38.14 12.24 28.44
CA GLU L 328 -36.89 12.18 27.69
C GLU L 328 -35.89 13.21 28.18
N GLY L 329 -34.62 12.82 28.25
CA GLY L 329 -33.55 13.69 28.63
C GLY L 329 -33.28 13.76 30.11
N SER L 330 -34.20 13.30 30.94
CA SER L 330 -34.04 13.33 32.40
C SER L 330 -33.49 12.02 32.95
N ASN L 331 -33.11 11.09 32.07
CA ASN L 331 -32.58 9.80 32.48
C ASN L 331 -31.05 9.84 32.43
N ILE L 332 -30.46 10.30 33.53
CA ILE L 332 -29.01 10.29 33.69
C ILE L 332 -28.51 8.84 33.65
N CYS L 333 -27.37 8.64 32.98
CA CYS L 333 -26.85 7.29 32.91
C CYS L 333 -25.33 7.28 32.78
N LEU L 334 -24.78 6.06 32.82
CA LEU L 334 -23.37 5.88 33.01
C LEU L 334 -22.94 4.52 32.46
N THR L 335 -21.67 4.47 32.07
CA THR L 335 -20.99 3.24 31.65
C THR L 335 -19.70 3.12 32.42
N ARG L 336 -19.12 1.92 32.38
CA ARG L 336 -17.74 1.73 32.79
C ARG L 336 -16.86 2.23 31.65
N THR L 337 -16.05 3.25 31.90
CA THR L 337 -15.15 3.78 30.87
C THR L 337 -13.83 3.00 30.89
N ASP L 338 -13.97 1.69 30.74
CA ASP L 338 -12.87 0.75 30.93
C ASP L 338 -12.75 -0.21 29.75
N ARG L 339 -13.29 0.18 28.60
CA ARG L 339 -13.25 -0.67 27.41
C ARG L 339 -11.81 -0.89 26.95
N GLY L 340 -11.47 -2.13 26.66
CA GLY L 340 -10.13 -2.39 26.19
C GLY L 340 -9.66 -3.76 26.62
N TRP L 341 -8.36 -3.90 26.80
CA TRP L 341 -7.77 -5.18 27.14
C TRP L 341 -7.01 -5.09 28.45
N TYR L 342 -7.12 -6.12 29.27
CA TYR L 342 -6.38 -6.22 30.53
C TYR L 342 -5.66 -7.56 30.54
N CYS L 343 -4.34 -7.54 30.45
CA CYS L 343 -3.54 -8.76 30.52
C CYS L 343 -2.84 -8.81 31.87
N ASP L 344 -2.83 -9.98 32.50
CA ASP L 344 -2.16 -10.10 33.80
C ASP L 344 -0.66 -10.27 33.61
N ASN L 345 0.05 -9.17 33.43
CA ASN L 345 1.48 -9.19 33.19
C ASN L 345 2.19 -8.90 34.50
N ALA L 346 3.03 -9.83 34.92
CA ALA L 346 3.84 -9.76 36.15
C ALA L 346 2.91 -9.58 37.34
N GLY L 347 3.34 -8.82 38.35
CA GLY L 347 2.54 -8.58 39.52
C GLY L 347 1.57 -7.43 39.38
N SER L 348 1.16 -7.16 38.14
CA SER L 348 0.22 -6.10 37.84
C SER L 348 -0.58 -6.54 36.62
N VAL L 349 -1.26 -5.58 35.98
CA VAL L 349 -1.95 -5.84 34.72
C VAL L 349 -1.58 -4.74 33.73
N SER L 350 -1.33 -5.13 32.50
CA SER L 350 -1.17 -4.20 31.42
C SER L 350 -2.54 -3.90 30.84
N PHE L 351 -2.91 -2.63 30.80
CA PHE L 351 -4.21 -2.19 30.31
C PHE L 351 -4.04 -1.44 29.01
N PHE L 352 -4.81 -1.82 28.00
CA PHE L 352 -4.73 -1.23 26.69
C PHE L 352 -6.08 -0.58 26.42
N PRO L 353 -6.18 0.74 26.43
CA PRO L 353 -7.47 1.38 26.13
C PRO L 353 -7.81 1.39 24.65
N GLN L 354 -6.81 1.65 23.81
CA GLN L 354 -7.03 1.76 22.37
C GLN L 354 -7.16 0.35 21.81
N ALA L 355 -8.39 -0.05 21.48
CA ALA L 355 -8.62 -1.39 20.97
C ALA L 355 -8.00 -1.61 19.60
N GLU L 356 -7.75 -0.54 18.85
CA GLU L 356 -7.21 -0.70 17.50
C GLU L 356 -5.76 -1.13 17.51
N THR L 357 -5.02 -0.84 18.60
CA THR L 357 -3.63 -1.27 18.69
C THR L 357 -3.54 -2.78 18.84
N CYS L 358 -4.44 -3.38 19.59
CA CYS L 358 -4.36 -4.81 19.87
C CYS L 358 -4.88 -5.61 18.69
N LYS L 359 -4.22 -6.71 18.38
CA LYS L 359 -4.63 -7.61 17.32
C LYS L 359 -5.03 -8.95 17.91
N VAL L 360 -5.93 -9.64 17.23
CA VAL L 360 -6.44 -10.93 17.69
C VAL L 360 -6.22 -11.97 16.59
N GLN L 361 -5.86 -13.19 17.01
CA GLN L 361 -5.64 -14.28 16.06
C GLN L 361 -5.78 -15.58 16.86
N SER L 362 -6.96 -16.21 16.75
CA SER L 362 -7.22 -17.59 17.14
C SER L 362 -6.77 -17.89 18.57
N ASN L 363 -7.46 -17.25 19.52
CA ASN L 363 -7.23 -17.27 20.97
C ASN L 363 -5.95 -16.56 21.38
N ARG L 364 -5.21 -15.97 20.45
CA ARG L 364 -3.94 -15.32 20.77
C ARG L 364 -4.07 -13.84 20.47
N VAL L 365 -4.06 -13.03 21.49
CA VAL L 365 -3.98 -11.60 21.30
C VAL L 365 -2.51 -11.24 21.13
N PHE L 366 -2.28 -10.03 20.61
CA PHE L 366 -0.94 -9.52 20.35
C PHE L 366 -1.06 -8.01 20.45
N CYS L 367 -0.54 -7.43 21.51
CA CYS L 367 -0.74 -5.99 21.68
C CYS L 367 0.52 -5.39 22.25
N ASP L 368 0.97 -4.29 21.64
CA ASP L 368 2.22 -3.65 22.01
C ASP L 368 2.06 -2.86 23.30
N THR L 369 2.98 -3.09 24.23
CA THR L 369 2.85 -2.55 25.58
C THR L 369 3.32 -1.11 25.70
N MET L 370 3.80 -0.50 24.61
CA MET L 370 4.21 0.90 24.67
C MET L 370 3.03 1.80 25.01
N ASN L 371 1.85 1.52 24.47
CA ASN L 371 0.63 2.23 24.82
C ASN L 371 -0.24 1.39 25.75
N SER L 372 0.21 1.30 27.00
CA SER L 372 -0.54 0.59 28.04
C SER L 372 -0.39 1.29 29.37
N LEU L 373 -1.08 0.76 30.37
CA LEU L 373 -0.98 1.21 31.75
C LEU L 373 -0.57 0.05 32.62
N THR L 374 0.37 0.29 33.54
CA THR L 374 0.79 -0.71 34.52
C THR L 374 -0.13 -0.67 35.74
N LEU L 375 -1.38 -1.01 35.48
CA LEU L 375 -2.43 -0.87 36.46
C LEU L 375 -2.26 -1.95 37.53
N PRO L 376 -2.66 -1.67 38.77
CA PRO L 376 -2.43 -2.63 39.86
C PRO L 376 -3.20 -3.93 39.66
N SER L 377 -2.71 -4.98 40.33
CA SER L 377 -3.30 -6.32 40.19
C SER L 377 -4.71 -6.40 40.71
N GLU L 378 -5.12 -5.46 41.57
CA GLU L 378 -6.52 -5.38 42.02
C GLU L 378 -7.34 -4.70 40.94
N VAL L 379 -7.72 -5.49 39.94
CA VAL L 379 -8.66 -5.03 38.92
C VAL L 379 -9.80 -6.00 38.70
N ASN L 380 -9.63 -7.30 38.98
CA ASN L 380 -10.73 -8.24 38.88
C ASN L 380 -11.74 -8.02 40.00
N LEU L 381 -11.30 -7.46 41.12
CA LEU L 381 -12.20 -7.17 42.23
C LEU L 381 -13.25 -6.15 41.82
N CYS L 382 -12.82 -5.06 41.17
CA CYS L 382 -13.77 -4.10 40.63
C CYS L 382 -14.52 -4.67 39.43
N ASN L 383 -13.88 -5.59 38.70
CA ASN L 383 -14.51 -6.16 37.51
C ASN L 383 -15.71 -7.01 37.87
N VAL L 384 -15.63 -7.75 38.97
CA VAL L 384 -16.78 -8.53 39.43
C VAL L 384 -17.72 -7.68 40.26
N ASP L 385 -17.21 -7.16 41.39
CA ASP L 385 -17.99 -6.34 42.30
C ASP L 385 -17.65 -4.88 42.01
N ILE L 386 -18.61 -4.17 41.42
CA ILE L 386 -18.37 -2.77 41.05
C ILE L 386 -18.27 -1.89 42.29
N PHE L 387 -19.07 -2.17 43.31
CA PHE L 387 -19.06 -1.37 44.54
C PHE L 387 -18.12 -2.03 45.54
N ASN L 388 -16.84 -1.71 45.42
CA ASN L 388 -15.84 -2.18 46.36
C ASN L 388 -15.01 -1.02 46.89
N PRO L 389 -14.60 -1.08 48.15
CA PRO L 389 -13.71 -0.04 48.67
C PRO L 389 -12.25 -0.36 48.40
N LYS L 390 -11.93 -0.78 47.18
CA LYS L 390 -10.56 -1.11 46.82
C LYS L 390 -10.10 -0.50 45.51
N TYR L 391 -10.99 -0.25 44.55
CA TYR L 391 -10.61 0.30 43.27
C TYR L 391 -11.51 1.47 42.93
N ASP L 392 -11.01 2.37 42.08
CA ASP L 392 -11.74 3.59 41.77
C ASP L 392 -12.94 3.33 40.87
N CYS L 393 -12.87 2.34 39.97
CA CYS L 393 -13.98 1.89 39.12
C CYS L 393 -14.52 3.05 38.27
N LYS L 394 -13.70 3.45 37.30
CA LYS L 394 -13.92 4.67 36.55
C LYS L 394 -15.23 4.64 35.75
N ILE L 395 -15.87 5.82 35.66
CA ILE L 395 -17.24 5.96 35.15
C ILE L 395 -17.31 7.04 34.09
N MET L 396 -17.97 6.71 32.98
CA MET L 396 -18.48 7.67 32.01
C MET L 396 -19.92 8.00 32.37
N THR L 397 -20.27 9.28 32.41
CA THR L 397 -21.63 9.66 32.76
C THR L 397 -22.16 10.78 31.88
N SER L 398 -23.45 10.70 31.55
CA SER L 398 -24.19 11.68 30.77
C SER L 398 -25.67 11.34 30.80
N LYS L 399 -26.50 12.38 30.72
CA LYS L 399 -27.94 12.18 30.60
C LYS L 399 -28.38 11.83 29.19
N THR L 400 -27.47 11.88 28.22
CA THR L 400 -27.83 11.57 26.84
C THR L 400 -28.20 10.11 26.71
N ASP L 401 -29.34 9.85 26.08
CA ASP L 401 -29.88 8.51 25.92
C ASP L 401 -29.69 8.11 24.46
N VAL L 402 -28.77 7.19 24.21
CA VAL L 402 -28.43 6.76 22.87
C VAL L 402 -28.72 5.28 22.76
N SER L 403 -29.58 4.91 21.81
CA SER L 403 -29.75 3.50 21.49
C SER L 403 -28.54 3.01 20.71
N SER L 404 -27.93 1.94 21.21
CA SER L 404 -26.70 1.45 20.62
C SER L 404 -26.53 -0.02 20.98
N SER L 405 -25.57 -0.67 20.33
CA SER L 405 -25.28 -2.07 20.62
C SER L 405 -23.81 -2.33 20.32
N VAL L 406 -23.21 -3.23 21.10
CA VAL L 406 -21.84 -3.64 20.90
C VAL L 406 -21.80 -5.16 20.77
N ILE L 407 -20.69 -5.65 20.23
CA ILE L 407 -20.50 -7.08 19.98
C ILE L 407 -19.29 -7.52 20.78
N THR L 408 -19.48 -8.56 21.61
CA THR L 408 -18.37 -9.17 22.31
C THR L 408 -17.86 -10.34 21.47
N SER L 409 -16.94 -11.13 22.02
CA SER L 409 -16.42 -12.29 21.29
C SER L 409 -17.50 -13.35 21.10
N LEU L 410 -18.38 -13.52 22.08
CA LEU L 410 -19.33 -14.62 22.06
C LEU L 410 -20.76 -14.13 22.21
N GLY L 411 -21.11 -13.02 21.58
CA GLY L 411 -22.48 -12.56 21.64
C GLY L 411 -22.55 -11.06 21.42
N ALA L 412 -23.71 -10.50 21.76
CA ALA L 412 -23.95 -9.08 21.53
C ALA L 412 -24.68 -8.47 22.73
N ILE L 413 -24.21 -7.31 23.15
CA ILE L 413 -24.85 -6.52 24.19
C ILE L 413 -25.67 -5.44 23.52
N VAL L 414 -26.98 -5.49 23.70
CA VAL L 414 -27.88 -4.48 23.18
C VAL L 414 -28.21 -3.51 24.31
N SER L 415 -28.25 -2.22 23.98
CA SER L 415 -28.56 -1.17 24.94
C SER L 415 -29.50 -0.14 24.34
N CYS L 416 -30.51 -0.60 23.61
CA CYS L 416 -31.48 0.31 23.03
C CYS L 416 -32.42 0.84 24.09
N TYR L 417 -32.76 2.12 23.98
CA TYR L 417 -33.60 2.78 24.96
C TYR L 417 -34.60 3.68 24.26
N GLY L 418 -35.76 3.86 24.90
CA GLY L 418 -36.78 4.69 24.31
C GLY L 418 -37.43 4.05 23.10
N LYS L 419 -37.92 4.90 22.21
CA LYS L 419 -38.60 4.44 21.01
C LYS L 419 -37.58 3.96 19.97
N THR L 420 -37.26 2.67 20.01
CA THR L 420 -36.25 2.11 19.13
C THR L 420 -36.53 0.63 18.98
N LYS L 421 -36.55 0.13 17.74
CA LYS L 421 -36.70 -1.29 17.51
C LYS L 421 -35.45 -2.04 17.96
N CYS L 422 -35.66 -3.19 18.60
CA CYS L 422 -34.57 -3.97 19.16
C CYS L 422 -34.83 -5.44 18.83
N THR L 423 -33.98 -6.03 18.01
CA THR L 423 -34.25 -7.40 17.57
C THR L 423 -32.93 -8.15 17.43
N ALA L 424 -32.93 -9.41 17.86
CA ALA L 424 -31.91 -10.37 17.47
C ALA L 424 -32.56 -11.37 16.54
N SER L 425 -31.98 -11.55 15.35
CA SER L 425 -32.58 -12.38 14.32
C SER L 425 -31.51 -13.21 13.64
N ASN L 426 -31.90 -14.42 13.23
CA ASN L 426 -31.02 -15.34 12.52
C ASN L 426 -31.71 -15.80 11.24
N LYS L 427 -30.89 -16.30 10.30
CA LYS L 427 -31.41 -16.66 8.99
C LYS L 427 -32.25 -17.92 9.01
N ASN L 428 -32.18 -18.71 10.08
CA ASN L 428 -32.93 -19.96 10.12
C ASN L 428 -34.41 -19.70 10.42
N ARG L 429 -34.70 -19.09 11.56
CA ARG L 429 -36.07 -18.90 12.02
C ARG L 429 -36.57 -17.48 11.86
N GLY L 430 -35.79 -16.60 11.25
CA GLY L 430 -36.18 -15.20 11.20
C GLY L 430 -35.84 -14.51 12.50
N ILE L 431 -36.74 -13.68 13.01
CA ILE L 431 -36.49 -13.00 14.27
C ILE L 431 -36.59 -14.00 15.42
N ILE L 432 -35.73 -13.84 16.41
CA ILE L 432 -35.67 -14.78 17.52
C ILE L 432 -35.77 -14.11 18.88
N LYS L 433 -35.50 -12.81 18.99
CA LYS L 433 -35.60 -12.16 20.30
C LYS L 433 -35.90 -10.69 20.12
N THR L 434 -36.77 -10.18 20.99
CA THR L 434 -37.11 -8.76 21.02
C THR L 434 -36.79 -8.21 22.39
N PHE L 435 -36.02 -7.13 22.43
CA PHE L 435 -35.60 -6.50 23.68
C PHE L 435 -36.49 -5.29 23.94
N SER L 436 -37.15 -5.27 25.10
CA SER L 436 -38.08 -4.19 25.38
C SER L 436 -37.33 -2.93 25.80
N ASN L 437 -36.65 -2.97 26.93
CA ASN L 437 -35.91 -1.85 27.48
C ASN L 437 -34.85 -2.39 28.42
N GLY L 438 -33.87 -1.56 28.74
CA GLY L 438 -32.73 -2.00 29.52
C GLY L 438 -31.69 -2.62 28.60
N CYS L 439 -30.45 -2.74 29.07
CA CYS L 439 -29.46 -3.45 28.28
C CYS L 439 -29.66 -4.94 28.46
N ASP L 440 -29.61 -5.67 27.35
CA ASP L 440 -29.77 -7.12 27.37
C ASP L 440 -28.62 -7.74 26.59
N TYR L 441 -28.60 -9.06 26.56
CA TYR L 441 -27.51 -9.79 25.96
C TYR L 441 -28.06 -10.95 25.15
N VAL L 442 -27.36 -11.28 24.08
CA VAL L 442 -27.66 -12.48 23.30
C VAL L 442 -26.38 -13.27 23.10
N SER L 443 -26.49 -14.59 23.31
CA SER L 443 -25.40 -15.49 23.00
C SER L 443 -25.20 -15.57 21.49
N ASN L 444 -23.95 -15.79 21.08
CA ASN L 444 -23.64 -15.81 19.66
C ASN L 444 -24.17 -17.09 19.00
N LYS L 445 -24.22 -18.18 19.74
CA LYS L 445 -24.68 -19.44 19.13
C LYS L 445 -26.18 -19.63 19.33
N GLY L 446 -26.94 -18.59 19.02
CA GLY L 446 -28.38 -18.70 18.92
C GLY L 446 -28.92 -17.74 17.88
N VAL L 447 -28.03 -16.97 17.26
CA VAL L 447 -28.44 -15.82 16.45
C VAL L 447 -27.27 -15.41 15.58
N ASP L 448 -27.57 -14.89 14.40
CA ASP L 448 -26.56 -14.41 13.46
C ASP L 448 -26.43 -12.90 13.48
N THR L 449 -27.54 -12.18 13.43
CA THR L 449 -27.54 -10.73 13.30
C THR L 449 -28.32 -10.10 14.45
N VAL L 450 -27.97 -8.86 14.74
CA VAL L 450 -28.72 -8.04 15.69
C VAL L 450 -29.04 -6.70 15.02
N SER L 451 -30.28 -6.28 15.12
CA SER L 451 -30.73 -5.01 14.57
C SER L 451 -31.11 -4.09 15.73
N VAL L 452 -30.52 -2.91 15.75
CA VAL L 452 -30.92 -1.86 16.68
C VAL L 452 -31.27 -0.62 15.87
N GLY L 453 -32.46 -0.08 16.13
CA GLY L 453 -32.97 1.06 15.38
C GLY L 453 -33.06 0.80 13.89
N ASN L 454 -32.15 1.43 13.14
CA ASN L 454 -32.10 1.29 11.69
C ASN L 454 -30.81 0.64 11.21
N THR L 455 -30.01 0.10 12.12
CA THR L 455 -28.71 -0.46 11.75
C THR L 455 -28.62 -1.92 12.19
N LEU L 456 -27.78 -2.67 11.48
CA LEU L 456 -27.57 -4.09 11.70
C LEU L 456 -26.13 -4.34 12.14
N TYR L 457 -25.94 -5.52 12.71
CA TYR L 457 -24.62 -6.00 13.08
C TYR L 457 -24.62 -7.52 12.95
N TYR L 458 -23.47 -8.07 12.62
CA TYR L 458 -23.29 -9.52 12.57
C TYR L 458 -22.40 -9.92 13.73
N VAL L 459 -22.81 -10.96 14.44
CA VAL L 459 -22.05 -11.42 15.60
C VAL L 459 -21.00 -12.42 15.13
N ASN L 460 -19.92 -12.54 15.90
CA ASN L 460 -18.91 -13.54 15.61
C ASN L 460 -19.48 -14.93 15.85
N LYS L 461 -19.44 -15.79 14.84
CA LYS L 461 -19.90 -17.16 14.92
C LYS L 461 -18.79 -18.10 15.37
N GLN L 462 -17.78 -17.57 16.05
CA GLN L 462 -16.68 -18.40 16.53
C GLN L 462 -17.17 -19.17 17.76
N GLU L 463 -16.79 -20.44 17.85
CA GLU L 463 -17.41 -21.33 18.81
C GLU L 463 -16.87 -21.06 20.21
N GLY L 464 -17.77 -20.98 21.17
CA GLY L 464 -17.38 -20.77 22.54
C GLY L 464 -18.58 -20.88 23.46
N LYS L 465 -18.28 -21.08 24.74
CA LYS L 465 -19.31 -21.28 25.75
C LYS L 465 -19.62 -19.97 26.45
N SER L 466 -20.90 -19.71 26.66
CA SER L 466 -21.37 -18.46 27.22
C SER L 466 -22.11 -18.73 28.52
N LEU L 467 -22.04 -17.76 29.43
CA LEU L 467 -22.83 -17.77 30.64
C LEU L 467 -23.30 -16.35 30.94
N TYR L 468 -24.60 -16.19 31.10
CA TYR L 468 -25.22 -14.90 31.37
C TYR L 468 -25.66 -14.86 32.83
N VAL L 469 -25.07 -13.96 33.59
CA VAL L 469 -25.36 -13.85 35.02
C VAL L 469 -26.48 -12.84 35.20
N LYS L 470 -27.18 -12.95 36.33
CA LYS L 470 -28.20 -12.00 36.71
C LYS L 470 -27.54 -10.82 37.42
N GLY L 471 -27.93 -9.61 37.05
CA GLY L 471 -27.41 -8.42 37.69
C GLY L 471 -28.52 -7.58 38.28
N GLU L 472 -28.40 -6.26 38.18
CA GLU L 472 -29.36 -5.35 38.79
C GLU L 472 -29.16 -3.96 38.18
N PRO L 473 -30.20 -3.12 38.21
CA PRO L 473 -30.05 -1.73 37.75
C PRO L 473 -29.30 -0.86 38.75
N ILE L 474 -27.98 -0.83 38.64
CA ILE L 474 -27.13 -0.16 39.64
C ILE L 474 -27.45 1.32 39.75
N ILE L 475 -27.76 1.97 38.62
CA ILE L 475 -27.98 3.41 38.64
C ILE L 475 -29.28 3.75 39.35
N ASN L 476 -30.19 2.79 39.45
CA ASN L 476 -31.42 3.01 40.19
C ASN L 476 -31.22 2.87 41.69
N PHE L 477 -30.05 2.43 42.14
CA PHE L 477 -29.78 2.46 43.57
C PHE L 477 -29.60 3.87 44.10
N TYR L 478 -29.28 4.83 43.24
CA TYR L 478 -29.09 6.19 43.69
C TYR L 478 -30.36 7.00 43.46
N ASP L 479 -30.31 8.28 43.83
CA ASP L 479 -31.41 9.19 43.55
C ASP L 479 -31.50 9.44 42.04
N PRO L 480 -32.73 9.58 41.51
CA PRO L 480 -32.88 9.80 40.06
C PRO L 480 -32.16 11.03 39.52
N LEU L 481 -32.17 12.15 40.24
CA LEU L 481 -31.52 13.36 39.72
C LEU L 481 -30.77 14.08 40.85
N VAL L 482 -29.53 13.65 41.10
CA VAL L 482 -28.56 14.45 41.85
C VAL L 482 -27.23 14.37 41.08
N PHE L 483 -27.15 13.42 40.15
CA PHE L 483 -25.88 13.16 39.46
C PHE L 483 -25.42 14.35 38.64
N PRO L 484 -24.11 14.57 38.55
CA PRO L 484 -23.58 15.48 37.53
C PRO L 484 -23.63 14.81 36.16
N SER L 485 -23.43 15.62 35.13
CA SER L 485 -23.55 15.13 33.77
C SER L 485 -22.48 15.72 32.86
N ASP L 486 -21.38 16.20 33.44
CA ASP L 486 -20.42 17.03 32.71
C ASP L 486 -19.00 16.54 32.92
N GLU L 487 -18.78 15.23 32.77
CA GLU L 487 -17.44 14.71 32.88
C GLU L 487 -17.30 13.46 32.02
N PHE L 488 -16.16 13.36 31.32
CA PHE L 488 -15.81 12.14 30.63
C PHE L 488 -15.14 11.12 31.56
N ASP L 489 -14.10 11.55 32.27
CA ASP L 489 -13.41 10.69 33.21
C ASP L 489 -13.95 10.96 34.60
N ALA L 490 -14.33 9.90 35.30
CA ALA L 490 -14.80 9.99 36.67
C ALA L 490 -14.50 8.66 37.35
N SER L 491 -15.12 8.45 38.51
CA SER L 491 -15.04 7.19 39.23
C SER L 491 -16.20 7.14 40.20
N ILE L 492 -16.45 5.94 40.75
CA ILE L 492 -17.56 5.80 41.69
C ILE L 492 -17.27 6.58 42.97
N SER L 493 -15.99 6.72 43.32
CA SER L 493 -15.64 7.44 44.54
C SER L 493 -15.92 8.92 44.40
N GLN L 494 -15.48 9.53 43.29
CA GLN L 494 -15.74 10.96 43.09
C GLN L 494 -17.22 11.23 42.89
N VAL L 495 -17.92 10.33 42.21
CA VAL L 495 -19.36 10.46 42.03
C VAL L 495 -20.05 10.42 43.38
N ASN L 496 -19.67 9.46 44.24
CA ASN L 496 -20.28 9.34 45.55
C ASN L 496 -19.95 10.55 46.42
N GLU L 497 -18.74 11.09 46.31
CA GLU L 497 -18.38 12.25 47.11
C GLU L 497 -19.10 13.51 46.63
N LYS L 498 -19.30 13.65 45.32
CA LYS L 498 -20.08 14.76 44.82
C LYS L 498 -21.55 14.64 45.25
N ILE L 499 -22.07 13.42 45.27
CA ILE L 499 -23.43 13.18 45.76
C ILE L 499 -23.52 13.55 47.24
N ASN L 500 -22.53 13.14 48.03
CA ASN L 500 -22.52 13.44 49.45
C ASN L 500 -22.41 14.94 49.71
N GLN L 501 -21.57 15.64 48.94
CA GLN L 501 -21.41 17.08 49.17
C GLN L 501 -22.64 17.85 48.70
N SER L 502 -23.31 17.39 47.64
CA SER L 502 -24.55 18.04 47.22
C SER L 502 -25.68 17.76 48.19
N LEU L 503 -25.69 16.55 48.77
CA LEU L 503 -26.67 16.25 49.81
C LEU L 503 -26.44 17.11 51.05
N ALA L 504 -25.17 17.31 51.42
CA ALA L 504 -24.85 18.21 52.52
C ALA L 504 -25.28 19.63 52.21
N PHE L 505 -25.08 20.06 50.97
CA PHE L 505 -25.49 21.40 50.56
C PHE L 505 -27.00 21.57 50.66
N ILE L 506 -27.77 20.58 50.21
CA ILE L 506 -29.21 20.75 50.19
C ILE L 506 -29.79 20.63 51.61
N ARG L 507 -29.18 19.80 52.47
CA ARG L 507 -29.67 19.79 53.84
C ARG L 507 -29.28 21.06 54.58
N LYS L 508 -28.13 21.66 54.23
CA LYS L 508 -27.79 22.97 54.77
C LYS L 508 -28.78 24.03 54.30
N SER L 509 -29.17 23.98 53.03
CA SER L 509 -30.15 24.92 52.51
C SER L 509 -31.49 24.76 53.20
N ASP L 510 -31.89 23.51 53.48
CA ASP L 510 -33.12 23.27 54.22
C ASP L 510 -33.00 23.74 55.67
N GLU L 511 -31.83 23.59 56.26
CA GLU L 511 -31.67 23.90 57.68
C GLU L 511 -31.62 25.41 57.92
N LEU L 512 -30.97 26.16 57.04
CA LEU L 512 -30.89 27.60 57.21
C LEU L 512 -32.25 28.28 57.05
N LEU L 513 -33.10 27.74 56.18
CA LEU L 513 -34.44 28.30 56.05
C LEU L 513 -35.33 27.83 57.20
N GLN M 1 50.94 -21.65 -17.95
CA GLN M 1 49.82 -20.73 -17.72
C GLN M 1 49.32 -20.16 -19.05
N SER M 2 48.01 -19.90 -19.12
CA SER M 2 47.42 -19.32 -20.32
C SER M 2 47.87 -17.87 -20.46
N ALA M 3 48.30 -17.51 -21.66
CA ALA M 3 48.84 -16.18 -21.92
C ALA M 3 48.52 -15.81 -23.36
N LEU M 4 49.20 -14.77 -23.84
CA LEU M 4 49.02 -14.26 -25.19
C LEU M 4 50.27 -14.55 -26.00
N THR M 5 50.10 -15.10 -27.19
CA THR M 5 51.24 -15.34 -28.07
C THR M 5 51.81 -14.02 -28.58
N GLN M 6 53.14 -13.93 -28.58
CA GLN M 6 53.84 -12.73 -28.99
C GLN M 6 55.15 -13.13 -29.63
N PRO M 7 55.70 -12.28 -30.51
CA PRO M 7 57.05 -12.56 -31.02
C PRO M 7 58.08 -12.48 -29.92
N ALA M 8 59.14 -13.28 -30.05
CA ALA M 8 60.20 -13.28 -29.05
C ALA M 8 60.99 -11.97 -29.09
N SER M 9 61.41 -11.54 -30.28
CA SER M 9 62.13 -10.30 -30.45
C SER M 9 61.95 -9.83 -31.89
N VAL M 10 62.13 -8.53 -32.09
CA VAL M 10 62.04 -7.92 -33.42
C VAL M 10 63.34 -7.18 -33.70
N SER M 11 63.82 -7.29 -34.93
CA SER M 11 65.06 -6.65 -35.35
C SER M 11 64.71 -5.43 -36.21
N GLY M 12 65.12 -4.26 -35.74
CA GLY M 12 64.85 -3.04 -36.47
C GLY M 12 65.81 -1.91 -36.14
N SER M 13 66.29 -1.22 -37.16
CA SER M 13 67.18 -0.09 -36.97
C SER M 13 66.43 1.08 -36.34
N PRO M 14 67.14 2.03 -35.74
CA PRO M 14 66.48 3.29 -35.36
C PRO M 14 65.95 4.03 -36.57
N GLY M 15 64.74 4.56 -36.44
CA GLY M 15 64.12 5.32 -37.49
C GLY M 15 63.06 4.60 -38.31
N GLN M 16 62.75 3.35 -37.99
CA GLN M 16 61.75 2.59 -38.73
C GLN M 16 60.59 2.23 -37.80
N SER M 17 59.58 1.58 -38.36
CA SER M 17 58.31 1.34 -37.69
C SER M 17 58.11 -0.15 -37.45
N ILE M 18 57.85 -0.52 -36.21
CA ILE M 18 57.54 -1.90 -35.85
C ILE M 18 56.06 -1.96 -35.47
N THR M 19 55.46 -3.13 -35.64
CA THR M 19 54.01 -3.34 -35.53
C THR M 19 53.76 -4.57 -34.64
N LEU M 20 54.32 -4.52 -33.43
CA LEU M 20 54.33 -5.70 -32.57
C LEU M 20 52.92 -6.05 -32.09
N SER M 21 52.56 -7.32 -32.22
CA SER M 21 51.18 -7.73 -32.08
C SER M 21 51.06 -8.98 -31.22
N CYS M 22 49.87 -9.16 -30.66
CA CYS M 22 49.50 -10.38 -29.97
C CYS M 22 48.11 -10.80 -30.41
N THR M 23 47.82 -12.08 -30.29
CA THR M 23 46.55 -12.64 -30.76
C THR M 23 45.99 -13.57 -29.70
N GLY M 24 44.72 -13.36 -29.36
CA GLY M 24 44.02 -14.20 -28.40
C GLY M 24 42.72 -14.75 -28.96
N THR M 25 41.80 -15.08 -28.06
CA THR M 25 40.50 -15.63 -28.41
C THR M 25 39.42 -14.57 -28.19
N SER M 26 38.16 -14.97 -28.35
CA SER M 26 37.05 -14.07 -28.08
C SER M 26 36.99 -13.69 -26.61
N SER M 27 37.25 -14.65 -25.73
CA SER M 27 37.30 -14.38 -24.28
C SER M 27 38.70 -13.93 -23.88
N ASP M 28 39.20 -12.90 -24.55
CA ASP M 28 40.59 -12.47 -24.45
C ASP M 28 40.65 -11.02 -24.92
N ILE M 29 41.84 -10.60 -25.37
CA ILE M 29 42.07 -9.34 -26.06
C ILE M 29 41.06 -9.06 -27.18
N GLY M 30 40.49 -10.11 -27.77
CA GLY M 30 39.35 -9.94 -28.64
C GLY M 30 38.15 -9.36 -27.92
N ASP M 31 37.58 -8.31 -28.50
CA ASP M 31 36.44 -7.56 -27.95
C ASP M 31 36.76 -6.92 -26.61
N TYR M 32 35.71 -6.47 -25.92
CA TYR M 32 35.69 -5.93 -24.55
C TYR M 32 36.31 -4.54 -24.43
N ASP M 33 36.94 -4.05 -25.50
CA ASP M 33 37.53 -2.71 -25.56
C ASP M 33 38.50 -2.46 -24.40
N TYR M 34 39.32 -3.46 -24.08
CA TYR M 34 40.22 -3.38 -22.94
C TYR M 34 41.66 -3.67 -23.33
N VAL M 35 42.03 -3.42 -24.58
CA VAL M 35 43.38 -3.73 -25.05
C VAL M 35 44.39 -2.81 -24.38
N SER M 36 45.43 -3.39 -23.80
CA SER M 36 46.45 -2.59 -23.16
C SER M 36 47.83 -3.12 -23.54
N TRP M 37 48.75 -2.21 -23.79
CA TRP M 37 50.14 -2.53 -24.06
C TRP M 37 51.02 -1.89 -22.99
N TYR M 38 52.07 -2.61 -22.61
CA TYR M 38 52.98 -2.19 -21.55
C TYR M 38 54.40 -2.51 -21.96
N GLN M 39 55.31 -1.57 -21.71
CA GLN M 39 56.72 -1.78 -21.97
C GLN M 39 57.49 -1.73 -20.65
N LYS M 40 58.65 -2.38 -20.64
CA LYS M 40 59.47 -2.43 -19.44
C LYS M 40 60.92 -2.60 -19.84
N TYR M 41 61.79 -1.84 -19.17
CA TYR M 41 63.25 -1.90 -19.21
C TYR M 41 63.75 -2.86 -18.14
N PRO M 42 64.92 -3.48 -18.32
CA PRO M 42 65.41 -4.44 -17.33
C PRO M 42 65.68 -3.80 -15.98
N ASP M 43 65.21 -4.47 -14.93
CA ASP M 43 65.28 -4.05 -13.53
C ASP M 43 64.59 -2.69 -13.33
N THR M 44 63.59 -2.38 -14.14
CA THR M 44 62.74 -1.22 -13.93
C THR M 44 61.28 -1.66 -13.86
N ALA M 45 60.47 -0.88 -13.18
CA ALA M 45 59.05 -1.19 -13.07
C ALA M 45 58.37 -0.98 -14.42
N PRO M 46 57.45 -1.87 -14.80
CA PRO M 46 56.68 -1.65 -16.03
C PRO M 46 55.79 -0.43 -15.92
N LYS M 47 55.48 0.16 -17.07
CA LYS M 47 54.73 1.39 -17.11
C LYS M 47 53.68 1.31 -18.20
N LEU M 48 52.62 2.10 -18.03
CA LEU M 48 51.51 2.09 -18.96
C LEU M 48 51.86 2.87 -20.22
N VAL M 49 51.76 2.21 -21.37
CA VAL M 49 52.02 2.91 -22.62
C VAL M 49 50.75 2.93 -23.48
N ILE M 50 49.89 1.93 -23.35
CA ILE M 50 48.63 1.90 -24.09
C ILE M 50 47.56 1.29 -23.20
N TYR M 51 46.43 1.99 -23.06
CA TYR M 51 45.27 1.48 -22.36
C TYR M 51 44.03 1.78 -23.19
N ASP M 52 42.98 0.97 -22.96
CA ASP M 52 41.66 1.19 -23.56
C ASP M 52 41.72 1.23 -25.09
N VAL M 53 42.39 0.22 -25.65
CA VAL M 53 42.63 -0.01 -27.07
C VAL M 53 43.59 1.03 -27.66
N SER M 54 43.13 2.26 -27.80
CA SER M 54 43.92 3.30 -28.46
C SER M 54 44.22 4.50 -27.59
N GLU M 55 43.71 4.56 -26.36
CA GLU M 55 43.96 5.72 -25.51
C GLU M 55 45.39 5.73 -25.01
N ARG M 56 45.99 6.91 -25.00
CA ARG M 56 47.37 7.05 -24.58
C ARG M 56 47.45 7.79 -23.27
N PRO M 57 48.20 7.30 -22.30
CA PRO M 57 48.27 7.95 -20.98
C PRO M 57 49.15 9.19 -21.02
N SER M 58 49.21 9.87 -19.89
CA SER M 58 50.08 11.01 -19.74
C SER M 58 51.51 10.56 -19.48
N GLY M 59 52.44 11.48 -19.71
CA GLY M 59 53.86 11.20 -19.48
C GLY M 59 54.45 10.17 -20.41
N VAL M 60 54.02 10.14 -21.67
CA VAL M 60 54.53 9.20 -22.65
C VAL M 60 54.36 9.81 -24.03
N SER M 61 55.23 9.43 -24.95
CA SER M 61 55.19 9.96 -26.31
C SER M 61 53.98 9.43 -27.06
N THR M 62 53.56 10.20 -28.06
CA THR M 62 52.44 9.81 -28.91
C THR M 62 52.87 8.95 -30.10
N ARG M 63 54.17 8.68 -30.24
CA ARG M 63 54.66 7.83 -31.32
C ARG M 63 54.25 6.37 -31.14
N PHE M 64 53.89 5.99 -29.92
CA PHE M 64 53.20 4.72 -29.71
C PHE M 64 51.77 4.83 -30.21
N SER M 65 51.26 3.74 -30.77
CA SER M 65 49.87 3.73 -31.26
C SER M 65 49.32 2.32 -31.12
N GLY M 66 48.38 2.14 -30.21
CA GLY M 66 47.76 0.83 -29.98
C GLY M 66 46.40 0.76 -30.65
N SER M 67 46.08 -0.44 -31.14
CA SER M 67 44.78 -0.69 -31.76
C SER M 67 44.51 -2.19 -31.66
N LYS M 68 43.35 -2.59 -32.16
CA LYS M 68 43.02 -4.01 -32.22
C LYS M 68 42.22 -4.28 -33.49
N SER M 69 42.26 -5.54 -33.90
CA SER M 69 41.52 -6.01 -35.06
C SER M 69 41.05 -7.41 -34.74
N GLY M 70 39.75 -7.56 -34.52
CA GLY M 70 39.17 -8.84 -34.13
C GLY M 70 39.72 -9.35 -32.82
N ASN M 71 40.56 -10.37 -32.90
CA ASN M 71 41.21 -10.94 -31.72
C ASN M 71 42.71 -10.68 -31.74
N THR M 72 43.16 -9.58 -32.35
CA THR M 72 44.58 -9.30 -32.47
C THR M 72 44.86 -7.86 -32.07
N ALA M 73 45.58 -7.69 -30.96
CA ALA M 73 46.03 -6.38 -30.53
C ALA M 73 47.36 -6.04 -31.18
N SER M 74 47.54 -4.76 -31.49
CA SER M 74 48.73 -4.31 -32.19
C SER M 74 49.22 -3.00 -31.58
N LEU M 75 50.53 -2.83 -31.52
CA LEU M 75 51.17 -1.59 -31.12
C LEU M 75 52.21 -1.21 -32.15
N THR M 76 52.11 0.02 -32.66
CA THR M 76 52.93 0.51 -33.74
C THR M 76 53.74 1.71 -33.26
N ILE M 77 54.95 1.83 -33.81
CA ILE M 77 55.88 2.90 -33.44
C ILE M 77 56.26 3.64 -34.72
N SER M 78 56.84 4.83 -34.54
CA SER M 78 57.36 5.60 -35.66
C SER M 78 58.66 6.26 -35.25
N GLY M 79 59.68 6.14 -36.10
CA GLY M 79 60.97 6.76 -35.83
C GLY M 79 61.69 6.14 -34.65
N LEU M 80 62.15 4.90 -34.81
CA LEU M 80 62.67 4.10 -33.71
C LEU M 80 63.89 4.73 -33.07
N GLN M 81 64.09 4.43 -31.78
CA GLN M 81 65.12 5.00 -30.95
C GLN M 81 65.94 3.90 -30.30
N PRO M 82 67.21 4.17 -29.96
CA PRO M 82 67.99 3.19 -29.20
C PRO M 82 67.44 2.92 -27.81
N GLU M 83 66.68 3.86 -27.23
CA GLU M 83 66.10 3.67 -25.92
C GLU M 83 64.86 2.77 -25.94
N ASP M 84 64.40 2.36 -27.11
CA ASP M 84 63.21 1.53 -27.24
C ASP M 84 63.50 0.05 -27.05
N GLU M 85 64.75 -0.33 -26.74
CA GLU M 85 65.08 -1.72 -26.44
C GLU M 85 64.43 -2.10 -25.11
N ALA M 86 63.32 -2.82 -25.18
CA ALA M 86 62.51 -3.11 -24.00
C ALA M 86 61.66 -4.34 -24.31
N ASP M 87 60.94 -4.83 -23.31
CA ASP M 87 60.02 -5.92 -23.53
C ASP M 87 58.58 -5.44 -23.37
N TYR M 88 57.69 -5.99 -24.18
CA TYR M 88 56.34 -5.48 -24.33
C TYR M 88 55.35 -6.60 -24.07
N TYR M 89 54.18 -6.24 -23.54
CA TYR M 89 53.13 -7.17 -23.20
C TYR M 89 51.79 -6.55 -23.51
N CYS M 90 50.81 -7.40 -23.82
CA CYS M 90 49.43 -6.96 -23.98
C CYS M 90 48.60 -7.55 -22.85
N ASN M 91 48.03 -6.68 -22.04
CA ASN M 91 47.16 -7.06 -20.94
C ASN M 91 45.75 -6.56 -21.23
N SER M 92 44.77 -7.42 -21.00
CA SER M 92 43.39 -7.08 -21.25
C SER M 92 42.50 -7.92 -20.35
N TYR M 93 41.32 -7.39 -20.06
CA TYR M 93 40.36 -8.12 -19.24
C TYR M 93 39.77 -9.25 -20.07
N SER M 94 40.10 -10.48 -19.71
CA SER M 94 39.41 -11.64 -20.27
C SER M 94 38.16 -11.92 -19.44
N SER M 95 37.08 -12.22 -20.15
CA SER M 95 35.73 -12.17 -19.58
C SER M 95 35.46 -13.29 -18.59
N THR M 96 36.40 -14.20 -18.38
CA THR M 96 36.25 -15.12 -17.26
C THR M 96 36.96 -14.49 -16.06
N ASN M 97 36.62 -13.22 -15.82
CA ASN M 97 37.01 -12.43 -14.64
C ASN M 97 38.52 -12.48 -14.38
N THR M 98 39.30 -12.24 -15.43
CA THR M 98 40.74 -12.24 -15.24
C THR M 98 41.37 -11.17 -16.12
N LEU M 99 42.65 -10.90 -15.87
CA LEU M 99 43.41 -9.91 -16.62
C LEU M 99 44.54 -10.66 -17.32
N LYS M 100 44.28 -11.10 -18.55
CA LYS M 100 45.25 -11.90 -19.27
C LYS M 100 46.39 -11.04 -19.79
N PHE M 101 47.60 -11.60 -19.80
CA PHE M 101 48.83 -10.88 -20.08
C PHE M 101 49.45 -11.40 -21.38
N GLY M 102 50.49 -10.69 -21.83
CA GLY M 102 51.18 -11.02 -23.06
C GLY M 102 52.45 -11.83 -22.83
N GLY M 103 52.97 -12.38 -23.93
CA GLY M 103 54.15 -13.21 -23.88
C GLY M 103 55.46 -12.46 -23.90
N GLY M 104 55.45 -11.17 -24.22
CA GLY M 104 56.67 -10.39 -24.23
C GLY M 104 57.35 -10.33 -25.58
N THR M 105 57.40 -9.14 -26.17
CA THR M 105 58.11 -8.89 -27.41
C THR M 105 59.26 -7.93 -27.14
N LYS M 106 60.47 -8.32 -27.54
CA LYS M 106 61.66 -7.54 -27.26
C LYS M 106 61.98 -6.64 -28.45
N LEU M 107 61.81 -5.34 -28.26
CA LEU M 107 62.17 -4.36 -29.27
C LEU M 107 63.61 -3.94 -29.05
N THR M 108 64.46 -4.21 -30.05
CA THR M 108 65.88 -3.90 -30.00
C THR M 108 66.30 -3.21 -31.29
N VAL M 109 67.44 -2.53 -31.23
CA VAL M 109 68.07 -1.93 -32.39
C VAL M 109 69.48 -2.47 -32.53
N LEU M 110 70.00 -2.39 -33.76
CA LEU M 110 71.34 -2.89 -34.04
C LEU M 110 72.28 -1.76 -34.44
N VAL N 1 4.47 -16.34 47.82
CA VAL N 1 5.69 -16.45 47.04
C VAL N 1 6.40 -17.75 47.37
N GLN N 2 5.87 -18.47 48.36
CA GLN N 2 6.46 -19.72 48.78
C GLN N 2 5.98 -20.86 47.88
N LEU N 3 6.49 -22.07 48.15
CA LEU N 3 6.23 -23.20 47.28
C LEU N 3 6.44 -24.51 48.03
N VAL N 4 5.38 -25.31 48.09
CA VAL N 4 5.42 -26.65 48.69
C VAL N 4 5.01 -27.65 47.62
N GLU N 5 5.71 -28.77 47.58
CA GLU N 5 5.41 -29.81 46.61
C GLU N 5 5.73 -31.16 47.23
N SER N 6 5.16 -32.21 46.66
CA SER N 6 5.30 -33.55 47.19
C SER N 6 5.46 -34.53 46.03
N GLY N 7 5.42 -35.83 46.35
CA GLY N 7 5.51 -36.88 45.35
C GLY N 7 6.77 -37.72 45.43
N GLY N 8 7.66 -37.51 46.40
CA GLY N 8 8.88 -38.27 46.47
C GLY N 8 8.68 -39.67 47.02
N GLY N 9 9.72 -40.48 46.89
CA GLY N 9 9.69 -41.85 47.39
C GLY N 9 10.54 -42.81 46.59
N LEU N 10 10.58 -44.07 47.00
CA LEU N 10 11.37 -45.10 46.32
C LEU N 10 10.43 -45.99 45.52
N VAL N 11 10.43 -45.79 44.20
CA VAL N 11 9.62 -46.59 43.28
C VAL N 11 10.54 -47.13 42.20
N LYS N 12 10.25 -48.34 41.74
CA LYS N 12 11.07 -48.99 40.73
C LYS N 12 10.97 -48.24 39.41
N PRO N 13 11.98 -48.34 38.55
CA PRO N 13 11.91 -47.68 37.24
C PRO N 13 10.88 -48.32 36.32
N GLY N 14 10.39 -47.57 35.34
CA GLY N 14 9.49 -48.17 34.33
C GLY N 14 8.02 -47.86 34.51
N GLU N 15 7.62 -47.16 35.58
CA GLU N 15 6.20 -46.94 35.81
C GLU N 15 5.90 -45.46 36.02
N SER N 16 4.66 -45.10 35.65
CA SER N 16 4.23 -43.69 35.78
C SER N 16 3.71 -43.43 37.19
N LEU N 17 3.88 -42.20 37.67
CA LEU N 17 3.45 -41.80 39.00
C LEU N 17 3.39 -40.29 39.06
N ARG N 18 2.64 -39.77 40.03
CA ARG N 18 2.36 -38.34 40.13
C ARG N 18 3.50 -37.63 40.83
N LEU N 19 3.77 -36.39 40.42
CA LEU N 19 4.55 -35.44 41.20
C LEU N 19 3.73 -34.17 41.31
N SER N 20 3.42 -33.78 42.54
CA SER N 20 2.57 -32.63 42.81
C SER N 20 3.42 -31.36 42.89
N CYS N 21 2.75 -30.23 42.72
CA CYS N 21 3.37 -28.93 42.87
C CYS N 21 2.27 -27.95 43.27
N ALA N 22 2.38 -27.40 44.49
CA ALA N 22 1.27 -26.74 45.14
C ALA N 22 1.62 -25.34 45.60
N VAL N 23 2.14 -24.50 44.69
CA VAL N 23 2.45 -23.11 45.01
C VAL N 23 1.20 -22.39 45.51
N SER N 24 1.39 -21.57 46.55
CA SER N 24 0.30 -20.86 47.20
C SER N 24 0.25 -19.39 46.83
N GLY N 25 0.90 -18.99 45.74
CA GLY N 25 0.88 -17.61 45.33
C GLY N 25 -0.48 -17.18 44.83
N SER N 26 -0.80 -15.91 45.04
CA SER N 26 -2.08 -15.38 44.61
C SER N 26 -2.14 -15.20 43.10
N MET N 27 -1.09 -14.66 42.50
CA MET N 27 -1.04 -14.38 41.07
C MET N 27 -0.23 -15.44 40.34
N PHE N 28 -0.34 -16.70 40.78
CA PHE N 28 0.11 -17.84 39.98
C PHE N 28 -0.87 -18.08 38.84
N SER N 29 -0.75 -17.24 37.82
CA SER N 29 -1.48 -17.46 36.58
C SER N 29 -0.56 -17.18 35.41
N SER N 30 0.43 -16.31 35.64
CA SER N 30 1.24 -15.74 34.58
C SER N 30 2.69 -16.20 34.61
N TYR N 31 3.25 -16.44 35.78
CA TYR N 31 4.68 -16.69 35.93
C TYR N 31 5.01 -18.06 35.37
N VAL N 32 6.24 -18.22 34.88
CA VAL N 32 6.58 -19.46 34.20
C VAL N 32 6.99 -20.49 35.24
N MET N 33 6.71 -21.76 34.96
CA MET N 33 7.00 -22.84 35.88
C MET N 33 8.08 -23.74 35.28
N HIS N 34 9.07 -24.08 36.10
CA HIS N 34 10.07 -25.04 35.68
C HIS N 34 10.24 -26.11 36.75
N TRP N 35 10.68 -27.27 36.31
CA TRP N 35 11.08 -28.36 37.18
C TRP N 35 12.53 -28.66 36.86
N VAL N 36 13.36 -28.71 37.89
CA VAL N 36 14.77 -29.06 37.75
C VAL N 36 15.05 -30.23 38.69
N ARG N 37 16.26 -30.77 38.59
CA ARG N 37 16.61 -31.85 39.49
C ARG N 37 18.10 -31.77 39.82
N GLN N 38 18.41 -32.05 41.08
CA GLN N 38 19.79 -32.15 41.55
C GLN N 38 20.08 -33.61 41.85
N ALA N 39 21.02 -34.19 41.13
CA ALA N 39 21.40 -35.57 41.35
C ALA N 39 22.27 -35.68 42.59
N PRO N 40 22.28 -36.84 43.24
CA PRO N 40 23.28 -37.08 44.29
C PRO N 40 24.67 -37.08 43.69
N GLY N 41 25.51 -36.16 44.15
CA GLY N 41 26.81 -36.00 43.52
C GLY N 41 26.81 -34.93 42.46
N LYS N 42 26.56 -35.34 41.21
CA LYS N 42 26.49 -34.44 40.06
C LYS N 42 25.46 -33.35 40.29
N GLY N 43 25.80 -32.13 39.90
CA GLY N 43 25.00 -30.95 40.16
C GLY N 43 23.64 -30.89 39.50
N LEU N 44 22.98 -29.75 39.60
CA LEU N 44 21.60 -29.61 39.19
C LEU N 44 21.50 -29.23 37.71
N ASP N 45 20.43 -29.69 37.07
CA ASP N 45 20.16 -29.42 35.67
C ASP N 45 18.67 -29.22 35.47
N TRP N 46 18.32 -28.60 34.35
CA TRP N 46 16.93 -28.34 34.04
C TRP N 46 16.24 -29.59 33.51
N VAL N 47 14.96 -29.74 33.85
CA VAL N 47 14.17 -30.83 33.30
C VAL N 47 13.05 -30.32 32.41
N SER N 48 12.08 -29.60 32.98
CA SER N 48 10.83 -29.36 32.29
C SER N 48 10.36 -27.92 32.45
N SER N 49 9.69 -27.40 31.43
CA SER N 49 9.17 -26.04 31.46
C SER N 49 7.71 -26.03 31.03
N ILE N 50 6.91 -25.16 31.64
CA ILE N 50 5.52 -24.98 31.27
C ILE N 50 5.16 -23.50 31.45
N THR N 51 4.38 -22.98 30.51
CA THR N 51 4.18 -21.55 30.31
C THR N 51 2.70 -21.21 30.38
N GLY N 52 2.24 -20.79 31.56
CA GLY N 52 0.90 -20.22 31.69
C GLY N 52 -0.24 -21.16 31.37
N GLY N 53 -0.84 -20.98 30.20
CA GLY N 53 -1.89 -21.88 29.73
C GLY N 53 -1.40 -23.26 29.34
N GLY N 54 -0.09 -23.48 29.34
CA GLY N 54 0.45 -24.79 29.03
C GLY N 54 0.34 -25.18 27.57
N ASN N 55 0.55 -24.23 26.66
CA ASN N 55 0.49 -24.50 25.24
C ASN N 55 1.85 -24.41 24.58
N TYR N 56 2.91 -24.22 25.35
CA TYR N 56 4.26 -24.06 24.80
C TYR N 56 5.25 -24.88 25.62
N ILE N 57 4.93 -26.16 25.79
CA ILE N 57 5.71 -27.06 26.63
C ILE N 57 7.10 -27.30 26.01
N SER N 58 8.09 -27.50 26.89
CA SER N 58 9.42 -27.88 26.45
C SER N 58 10.08 -28.78 27.49
N TYR N 59 10.92 -29.69 27.02
CA TYR N 59 11.61 -30.64 27.87
C TYR N 59 13.08 -30.74 27.50
N ALA N 60 13.88 -31.14 28.47
CA ALA N 60 15.29 -31.42 28.22
C ALA N 60 15.44 -32.76 27.51
N ASP N 61 16.62 -32.96 26.92
CA ASP N 61 16.87 -34.15 26.11
C ASP N 61 16.84 -35.45 26.90
N SER N 62 16.91 -35.37 28.24
CA SER N 62 16.83 -36.59 29.04
C SER N 62 15.46 -37.23 28.93
N VAL N 63 14.41 -36.42 28.81
CA VAL N 63 13.04 -36.91 28.69
C VAL N 63 12.39 -36.29 27.45
N LYS N 64 12.20 -37.11 26.41
CA LYS N 64 11.39 -36.74 25.25
C LYS N 64 10.04 -37.42 25.39
N GLY N 65 9.09 -36.71 26.00
CA GLY N 65 7.79 -37.28 26.29
C GLY N 65 7.76 -38.23 27.46
N ARG N 66 8.92 -38.49 28.06
CA ARG N 66 9.01 -39.41 29.22
C ARG N 66 8.38 -38.73 30.43
N PHE N 67 8.62 -37.42 30.60
CA PHE N 67 8.00 -36.67 31.72
C PHE N 67 6.97 -35.69 31.14
N ILE N 68 5.69 -35.86 31.46
CA ILE N 68 4.66 -35.00 30.88
C ILE N 68 4.11 -34.09 31.97
N ILE N 69 4.08 -32.79 31.70
CA ILE N 69 3.81 -31.76 32.69
C ILE N 69 2.49 -31.07 32.34
N SER N 70 1.69 -30.78 33.36
CA SER N 70 0.43 -30.09 33.15
C SER N 70 0.05 -29.34 34.42
N ARG N 71 -0.42 -28.12 34.27
CA ARG N 71 -0.90 -27.35 35.40
C ARG N 71 -2.39 -27.11 35.26
N ASP N 72 -3.10 -27.16 36.38
CA ASP N 72 -4.46 -26.67 36.47
C ASP N 72 -4.38 -25.31 37.15
N ASN N 73 -4.57 -24.26 36.36
CA ASN N 73 -4.47 -22.90 36.87
C ASN N 73 -5.63 -22.58 37.78
N GLY N 74 -6.80 -23.17 37.52
CA GLY N 74 -7.95 -22.94 38.39
C GLY N 74 -7.74 -23.51 39.78
N ARG N 75 -7.08 -24.65 39.88
CA ARG N 75 -6.69 -25.22 41.15
C ARG N 75 -5.32 -24.77 41.60
N ASN N 76 -4.73 -23.81 40.86
CA ASN N 76 -3.39 -23.24 41.06
C ASN N 76 -2.33 -24.28 41.42
N SER N 77 -2.37 -25.40 40.70
CA SER N 77 -1.46 -26.50 40.99
C SER N 77 -0.86 -27.03 39.70
N LEU N 78 0.13 -27.90 39.86
CA LEU N 78 0.95 -28.40 38.78
C LEU N 78 1.29 -29.85 39.04
N SER N 79 1.48 -30.62 37.96
CA SER N 79 1.71 -32.05 38.10
C SER N 79 2.62 -32.55 36.99
N LEU N 80 3.53 -33.45 37.36
CA LEU N 80 4.46 -34.08 36.43
C LEU N 80 4.29 -35.59 36.50
N GLN N 81 4.20 -36.23 35.34
CA GLN N 81 3.96 -37.66 35.26
C GLN N 81 5.17 -38.37 34.68
N MET N 82 5.56 -39.50 35.31
CA MET N 82 6.78 -40.22 34.86
C MET N 82 6.41 -41.27 33.81
N SER N 83 5.97 -40.84 32.63
CA SER N 83 5.53 -41.79 31.57
C SER N 83 6.62 -42.87 31.38
N SER N 84 7.88 -42.45 31.26
CA SER N 84 9.00 -43.43 31.15
C SER N 84 10.01 -43.15 32.26
N LEU N 85 10.78 -44.17 32.68
CA LEU N 85 11.70 -43.98 33.83
C LEU N 85 13.06 -44.63 33.60
N ARG N 86 14.07 -44.25 34.39
CA ARG N 86 15.41 -44.79 34.29
C ARG N 86 16.06 -44.74 35.66
N VAL N 87 17.01 -45.66 35.89
CA VAL N 87 17.58 -45.81 37.22
C VAL N 87 18.48 -44.62 37.55
N ASP N 88 18.95 -43.88 36.54
CA ASP N 88 19.76 -42.70 36.80
C ASP N 88 18.92 -41.49 37.13
N ASP N 89 17.59 -41.58 37.00
CA ASP N 89 16.71 -40.44 37.21
C ASP N 89 16.47 -40.14 38.68
N THR N 90 17.05 -40.92 39.59
CA THR N 90 17.01 -40.58 41.01
C THR N 90 17.70 -39.24 41.26
N ALA N 91 17.00 -38.35 41.97
CA ALA N 91 17.43 -36.97 42.19
C ALA N 91 16.46 -36.31 43.15
N VAL N 92 16.82 -35.12 43.60
CA VAL N 92 15.90 -34.24 44.31
C VAL N 92 15.30 -33.30 43.29
N TYR N 93 13.99 -33.40 43.09
CA TYR N 93 13.30 -32.61 42.09
C TYR N 93 12.79 -31.32 42.73
N TYR N 94 12.88 -30.23 41.97
CA TYR N 94 12.54 -28.91 42.48
C TYR N 94 11.58 -28.24 41.51
N CYS N 95 10.39 -27.91 41.99
CA CYS N 95 9.60 -26.88 41.34
C CYS N 95 10.27 -25.52 41.53
N VAL N 96 10.12 -24.67 40.52
CA VAL N 96 10.70 -23.33 40.61
C VAL N 96 9.89 -22.33 39.79
N ARG N 97 9.56 -21.20 40.42
CA ARG N 97 8.71 -20.17 39.84
C ARG N 97 9.62 -19.11 39.23
N GLY N 98 9.70 -19.11 37.90
CA GLY N 98 10.53 -18.16 37.20
C GLY N 98 9.73 -16.95 36.76
N LEU N 99 10.40 -15.81 36.76
CA LEU N 99 9.84 -14.56 36.31
C LEU N 99 10.44 -14.21 34.96
N SER N 100 9.60 -13.65 34.08
CA SER N 100 10.04 -13.32 32.74
C SER N 100 11.06 -12.19 32.78
N GLY N 101 12.01 -12.25 31.85
CA GLY N 101 13.11 -11.32 31.82
C GLY N 101 12.75 -10.05 31.08
N VAL N 102 13.74 -9.16 30.99
CA VAL N 102 13.58 -8.00 30.12
C VAL N 102 13.48 -8.43 28.67
N MET N 103 14.19 -9.50 28.30
CA MET N 103 13.96 -10.08 26.99
C MET N 103 12.81 -11.06 27.06
N GLY N 104 13.04 -12.24 27.63
CA GLY N 104 12.00 -13.20 27.95
C GLY N 104 12.41 -14.22 28.98
N VAL N 105 13.61 -14.07 29.52
CA VAL N 105 14.32 -15.22 30.06
C VAL N 105 13.89 -15.49 31.51
N THR N 106 13.84 -16.78 31.85
CA THR N 106 13.44 -17.22 33.17
C THR N 106 14.59 -17.02 34.14
N TRP N 107 14.32 -16.32 35.24
CA TRP N 107 15.31 -16.09 36.27
C TRP N 107 15.37 -17.19 37.31
N PHE N 108 14.34 -18.03 37.39
CA PHE N 108 14.21 -19.10 38.38
C PHE N 108 14.32 -18.54 39.80
N ASP N 109 13.35 -17.70 40.16
CA ASP N 109 13.29 -17.12 41.49
C ASP N 109 12.77 -18.17 42.47
N SER N 110 12.47 -17.74 43.70
CA SER N 110 12.38 -18.55 44.93
C SER N 110 11.73 -19.91 44.71
N TRP N 111 12.44 -20.95 45.15
CA TRP N 111 12.16 -22.31 44.69
C TRP N 111 11.25 -23.02 45.67
N GLY N 112 11.06 -24.32 45.47
CA GLY N 112 10.40 -25.16 46.44
C GLY N 112 11.38 -25.79 47.39
N GLN N 113 10.86 -26.64 48.26
CA GLN N 113 11.72 -27.34 49.21
C GLN N 113 12.52 -28.45 48.54
N GLY N 114 11.95 -29.07 47.51
CA GLY N 114 12.63 -30.15 46.81
C GLY N 114 12.28 -31.50 47.38
N THR N 115 11.83 -32.42 46.54
CA THR N 115 11.40 -33.74 46.96
C THR N 115 12.33 -34.78 46.38
N LEU N 116 12.81 -35.69 47.24
CA LEU N 116 13.77 -36.70 46.81
C LEU N 116 13.03 -37.89 46.21
N VAL N 117 13.39 -38.24 44.98
CA VAL N 117 12.83 -39.38 44.28
C VAL N 117 13.96 -40.36 44.00
N THR N 118 13.81 -41.59 44.48
CA THR N 118 14.80 -42.64 44.32
C THR N 118 14.20 -43.77 43.50
N VAL N 119 15.00 -44.28 42.56
CA VAL N 119 14.56 -45.31 41.62
C VAL N 119 15.58 -46.44 41.58
N SER N 120 16.45 -46.50 42.58
CA SER N 120 17.50 -47.52 42.59
C SER N 120 16.90 -48.90 42.82
N SER N 121 17.50 -49.89 42.15
CA SER N 121 17.14 -51.31 42.23
C SER N 121 15.66 -51.59 41.92
N GLN O 1 29.40 -33.12 31.15
CA GLN O 1 28.34 -33.07 30.16
C GLN O 1 27.89 -31.64 29.89
N SER O 2 28.06 -30.79 30.90
CA SER O 2 27.61 -29.41 30.79
C SER O 2 28.50 -28.63 29.82
N VAL O 3 27.86 -27.85 28.95
CA VAL O 3 28.61 -26.97 28.07
C VAL O 3 29.26 -25.83 28.86
N LEU O 4 28.63 -25.41 29.95
CA LEU O 4 29.23 -24.39 30.81
C LEU O 4 30.30 -25.01 31.68
N THR O 5 31.47 -24.34 31.74
CA THR O 5 32.61 -24.86 32.47
C THR O 5 33.04 -23.85 33.53
N GLN O 6 33.18 -24.33 34.77
CA GLN O 6 33.67 -23.54 35.87
C GLN O 6 34.43 -24.47 36.79
N PRO O 7 35.55 -24.03 37.38
CA PRO O 7 36.40 -24.94 38.14
C PRO O 7 35.80 -25.26 39.49
N PRO O 8 35.42 -26.52 39.74
CA PRO O 8 34.83 -26.87 41.04
C PRO O 8 35.88 -27.20 42.10
N SER O 9 36.92 -26.37 42.21
CA SER O 9 37.99 -26.60 43.17
C SER O 9 38.51 -25.28 43.71
N VAL O 10 37.62 -24.32 43.93
CA VAL O 10 38.00 -22.98 44.36
C VAL O 10 37.53 -22.76 45.80
N SER O 11 38.45 -22.28 46.63
CA SER O 11 38.19 -22.12 48.06
C SER O 11 39.26 -21.19 48.62
N GLY O 12 38.96 -20.60 49.76
CA GLY O 12 39.93 -19.73 50.41
C GLY O 12 39.47 -19.37 51.81
N ALA O 13 40.39 -18.74 52.54
CA ALA O 13 40.07 -18.24 53.86
C ALA O 13 39.11 -17.06 53.76
N PRO O 14 38.34 -16.78 54.80
CA PRO O 14 37.51 -15.57 54.79
C PRO O 14 38.36 -14.31 54.76
N GLY O 15 37.88 -13.31 54.03
CA GLY O 15 38.53 -12.01 54.03
C GLY O 15 38.93 -11.46 52.68
N GLN O 16 39.42 -12.32 51.78
CA GLN O 16 39.90 -11.83 50.50
C GLN O 16 38.79 -11.84 49.45
N ARG O 17 39.16 -11.53 48.21
CA ARG O 17 38.24 -11.47 47.08
C ARG O 17 38.52 -12.62 46.14
N VAL O 18 37.48 -13.37 45.82
CA VAL O 18 37.57 -14.54 44.95
C VAL O 18 36.67 -14.30 43.74
N THR O 19 37.21 -14.56 42.54
CA THR O 19 36.49 -14.37 41.30
C THR O 19 36.25 -15.71 40.63
N ILE O 20 35.01 -15.95 40.21
CA ILE O 20 34.58 -17.19 39.58
C ILE O 20 34.20 -16.86 38.15
N SER O 21 34.67 -17.68 37.20
CA SER O 21 34.37 -17.48 35.79
C SER O 21 33.73 -18.75 35.23
N CYS O 22 32.62 -18.58 34.52
CA CYS O 22 31.97 -19.67 33.81
C CYS O 22 31.87 -19.30 32.34
N THR O 23 32.33 -20.20 31.48
CA THR O 23 32.37 -19.96 30.04
C THR O 23 31.56 -21.02 29.32
N GLY O 24 31.04 -20.65 28.15
CA GLY O 24 30.30 -21.58 27.33
C GLY O 24 30.66 -21.46 25.86
N SER O 25 29.90 -22.14 25.00
CA SER O 25 30.15 -22.10 23.56
C SER O 25 29.63 -20.78 22.99
N SER O 26 29.70 -20.63 21.68
CA SER O 26 29.19 -19.41 21.05
C SER O 26 27.68 -19.41 20.95
N SER O 27 27.06 -20.58 20.83
CA SER O 27 25.62 -20.68 20.64
C SER O 27 24.84 -20.29 21.89
N ASN O 28 25.50 -20.14 23.02
CA ASN O 28 24.89 -19.64 24.24
C ASN O 28 25.74 -18.52 24.81
N ILE O 29 25.08 -17.61 25.54
CA ILE O 29 25.65 -16.45 26.24
C ILE O 29 26.15 -15.41 25.24
N GLY O 30 27.24 -15.73 24.53
CA GLY O 30 27.70 -14.90 23.44
C GLY O 30 26.71 -14.75 22.31
N ALA O 31 25.77 -15.68 22.20
CA ALA O 31 24.60 -15.48 21.33
C ALA O 31 23.50 -14.73 22.07
N GLY O 32 23.85 -13.62 22.70
CA GLY O 32 22.90 -12.69 23.27
C GLY O 32 22.07 -13.21 24.43
N PHE O 33 22.59 -14.15 25.21
CA PHE O 33 21.86 -14.69 26.34
C PHE O 33 22.57 -14.35 27.64
N ASP O 34 21.82 -14.34 28.73
CA ASP O 34 22.33 -13.88 30.01
C ASP O 34 22.64 -15.03 30.94
N VAL O 35 23.57 -14.77 31.87
CA VAL O 35 24.06 -15.77 32.80
C VAL O 35 23.54 -15.42 34.19
N HIS O 36 23.23 -16.46 34.97
CA HIS O 36 22.60 -16.26 36.27
C HIS O 36 23.28 -17.14 37.29
N TRP O 37 23.97 -16.49 38.24
CA TRP O 37 24.70 -17.19 39.29
C TRP O 37 23.76 -17.49 40.44
N TYR O 38 23.82 -18.72 40.94
CA TYR O 38 23.02 -19.21 42.05
C TYR O 38 23.93 -19.63 43.20
N GLN O 39 23.33 -20.22 44.23
CA GLN O 39 24.06 -20.85 45.31
C GLN O 39 23.28 -22.08 45.77
N HIS O 40 24.01 -23.05 46.31
CA HIS O 40 23.45 -24.35 46.68
C HIS O 40 23.99 -24.78 48.04
N LEU O 41 23.84 -23.93 49.04
CA LEU O 41 24.20 -24.34 50.39
C LEU O 41 23.32 -25.51 50.82
N PRO O 42 23.88 -26.51 51.50
CA PRO O 42 23.07 -27.67 51.92
C PRO O 42 22.03 -27.28 52.95
N GLY O 43 20.92 -28.00 52.93
CA GLY O 43 19.81 -27.69 53.80
C GLY O 43 18.65 -27.06 53.06
N LYS O 44 18.50 -25.75 53.19
CA LYS O 44 17.36 -25.07 52.58
C LYS O 44 17.55 -24.93 51.07
N ALA O 45 16.57 -24.27 50.44
CA ALA O 45 16.44 -24.29 48.99
C ALA O 45 17.55 -23.48 48.33
N PRO O 46 18.00 -23.88 47.14
CA PRO O 46 18.95 -23.04 46.39
C PRO O 46 18.26 -21.79 45.89
N LYS O 47 18.96 -20.65 46.00
CA LYS O 47 18.41 -19.38 45.58
C LYS O 47 19.44 -18.61 44.77
N VAL O 48 18.96 -17.56 44.11
CA VAL O 48 19.78 -16.84 43.16
C VAL O 48 20.76 -15.93 43.89
N ILE O 49 22.02 -15.99 43.48
CA ILE O 49 22.99 -15.00 43.92
C ILE O 49 22.84 -13.72 43.12
N ILE O 50 22.83 -13.83 41.79
CA ILE O 50 22.68 -12.67 40.92
C ILE O 50 22.15 -13.18 39.59
N TYR O 51 21.44 -12.31 38.86
CA TYR O 51 20.83 -12.69 37.61
C TYR O 51 21.14 -11.66 36.53
N GLU O 52 21.30 -12.18 35.31
CA GLU O 52 21.64 -11.50 34.05
C GLU O 52 22.87 -10.59 34.18
N ASN O 53 23.71 -10.86 35.18
CA ASN O 53 25.05 -10.34 35.44
C ASN O 53 25.07 -8.90 35.94
N SER O 54 23.94 -8.20 36.00
CA SER O 54 23.95 -6.85 36.56
C SER O 54 22.92 -6.66 37.65
N HIS O 55 21.72 -7.21 37.50
CA HIS O 55 20.72 -7.07 38.55
C HIS O 55 20.98 -8.08 39.67
N ARG O 56 21.34 -7.60 40.77
CA ARG O 56 21.26 -8.49 41.92
C ARG O 56 19.81 -8.57 42.39
N PRO O 57 19.42 -9.67 43.03
CA PRO O 57 18.08 -9.74 43.62
C PRO O 57 17.95 -8.84 44.85
N SER O 58 16.77 -8.85 45.47
CA SER O 58 16.43 -7.90 46.52
C SER O 58 17.34 -8.00 47.74
N GLY O 59 17.25 -9.11 48.47
CA GLY O 59 18.10 -9.26 49.63
C GLY O 59 19.36 -10.05 49.36
N VAL O 60 20.45 -9.34 49.03
CA VAL O 60 21.80 -9.88 48.91
C VAL O 60 22.75 -8.83 49.47
N PRO O 61 23.93 -9.21 49.94
CA PRO O 61 24.97 -8.23 50.24
C PRO O 61 25.64 -7.76 48.95
N ASP O 62 26.44 -6.71 49.09
CA ASP O 62 27.14 -6.14 47.95
C ASP O 62 28.48 -6.80 47.68
N ARG O 63 28.80 -7.88 48.39
CA ARG O 63 30.03 -8.62 48.11
C ARG O 63 30.01 -9.19 46.71
N PHE O 64 28.87 -9.74 46.29
CA PHE O 64 28.74 -10.30 44.96
C PHE O 64 28.78 -9.21 43.91
N PHE O 65 29.55 -9.44 42.85
CA PHE O 65 29.67 -8.49 41.76
C PHE O 65 29.75 -9.26 40.46
N GLY O 66 28.72 -9.13 39.63
CA GLY O 66 28.64 -9.88 38.39
C GLY O 66 29.04 -9.06 37.18
N SER O 67 29.52 -9.75 36.15
CA SER O 67 29.88 -9.11 34.89
C SER O 67 29.84 -10.17 33.81
N LYS O 68 29.66 -9.71 32.57
CA LYS O 68 29.64 -10.61 31.43
C LYS O 68 30.51 -10.04 30.32
N SER O 69 31.07 -10.93 29.51
CA SER O 69 31.90 -10.55 28.37
C SER O 69 31.98 -11.73 27.42
N GLY O 70 31.43 -11.56 26.21
CA GLY O 70 31.39 -12.63 25.24
C GLY O 70 30.61 -13.83 25.73
N THR O 71 31.28 -14.96 25.85
CA THR O 71 30.68 -16.19 26.35
C THR O 71 31.06 -16.47 27.80
N SER O 72 31.67 -15.50 28.47
CA SER O 72 32.25 -15.72 29.79
C SER O 72 31.62 -14.77 30.80
N ALA O 73 31.16 -15.33 31.91
CA ALA O 73 30.59 -14.55 33.01
C ALA O 73 31.48 -14.67 34.23
N SER O 74 31.59 -13.56 34.96
CA SER O 74 32.45 -13.46 36.12
C SER O 74 31.64 -12.99 37.33
N LEU O 75 31.98 -13.53 38.49
CA LEU O 75 31.37 -13.16 39.75
C LEU O 75 32.46 -13.01 40.79
N SER O 76 32.66 -11.79 41.29
CA SER O 76 33.72 -11.49 42.23
C SER O 76 33.12 -11.19 43.60
N ILE O 77 33.76 -11.70 44.64
CA ILE O 77 33.31 -11.52 46.01
C ILE O 77 34.47 -10.99 46.83
N SER O 78 34.30 -9.80 47.38
CA SER O 78 35.30 -9.19 48.25
C SER O 78 34.90 -9.37 49.70
N GLY O 79 35.86 -9.72 50.55
CA GLY O 79 35.57 -9.93 51.94
C GLY O 79 34.76 -11.19 52.17
N LEU O 80 35.40 -12.35 51.97
CA LEU O 80 34.71 -13.63 52.13
C LEU O 80 34.23 -13.81 53.56
N GLN O 81 33.05 -14.40 53.70
CA GLN O 81 32.34 -14.57 54.96
C GLN O 81 32.02 -16.05 55.14
N PRO O 82 31.86 -16.52 56.40
CA PRO O 82 31.90 -17.98 56.65
C PRO O 82 30.82 -18.81 55.97
N GLU O 83 29.60 -18.30 55.82
CA GLU O 83 28.52 -19.10 55.24
C GLU O 83 28.45 -18.98 53.72
N ASP O 84 29.52 -18.55 53.08
CA ASP O 84 29.62 -18.56 51.62
C ASP O 84 29.82 -19.96 51.05
N GLU O 85 29.85 -21.00 51.90
CA GLU O 85 29.98 -22.37 51.43
C GLU O 85 28.74 -22.76 50.64
N ALA O 86 28.88 -22.84 49.32
CA ALA O 86 27.74 -23.16 48.46
C ALA O 86 28.28 -23.64 47.12
N ASP O 87 27.40 -24.30 46.37
CA ASP O 87 27.68 -24.67 44.99
C ASP O 87 27.07 -23.61 44.08
N TYR O 88 27.93 -22.86 43.41
CA TYR O 88 27.52 -21.73 42.60
C TYR O 88 27.39 -22.17 41.15
N TYR O 89 26.34 -21.70 40.48
CA TYR O 89 25.96 -22.18 39.17
C TYR O 89 26.01 -21.06 38.14
N CYS O 90 25.76 -21.46 36.89
CA CYS O 90 25.60 -20.56 35.76
C CYS O 90 24.60 -21.18 34.81
N GLN O 91 23.74 -20.37 34.21
CA GLN O 91 22.76 -20.91 33.27
C GLN O 91 22.65 -20.00 32.06
N SER O 92 22.01 -20.52 31.02
CA SER O 92 21.69 -19.75 29.83
C SER O 92 20.57 -20.47 29.07
N TYR O 93 20.31 -20.01 27.85
CA TYR O 93 19.32 -20.62 26.98
C TYR O 93 19.96 -20.94 25.63
N ASP O 94 20.97 -21.82 25.68
CA ASP O 94 21.57 -22.39 24.47
C ASP O 94 20.49 -22.90 23.50
N ARG O 95 20.75 -22.67 22.21
CA ARG O 95 19.78 -23.03 21.18
C ARG O 95 19.67 -24.53 20.98
N GLY O 96 20.57 -25.30 21.56
CA GLY O 96 20.49 -26.75 21.49
C GLY O 96 19.75 -27.26 22.70
N LEU O 97 20.48 -27.76 23.69
CA LEU O 97 19.91 -27.99 25.00
C LEU O 97 19.33 -26.68 25.54
N ASP O 98 18.02 -26.67 25.76
CA ASP O 98 17.28 -25.43 25.95
C ASP O 98 17.71 -24.65 27.19
N TRP O 99 17.43 -25.16 28.38
CA TRP O 99 17.91 -24.55 29.60
C TRP O 99 19.07 -25.38 30.13
N VAL O 100 20.25 -24.78 30.19
CA VAL O 100 21.46 -25.49 30.56
C VAL O 100 21.94 -24.96 31.90
N PHE O 101 22.69 -25.80 32.61
CA PHE O 101 23.30 -25.44 33.89
C PHE O 101 24.75 -25.88 33.88
N GLY O 102 25.59 -25.13 34.59
CA GLY O 102 27.00 -25.42 34.63
C GLY O 102 27.35 -26.53 35.61
N GLY O 103 28.65 -26.82 35.69
CA GLY O 103 29.12 -27.81 36.64
C GLY O 103 28.95 -27.36 38.08
N GLY O 104 29.21 -26.11 38.35
CA GLY O 104 29.10 -25.56 39.69
C GLY O 104 30.44 -25.49 40.39
N THR O 105 30.55 -24.56 41.32
CA THR O 105 31.77 -24.35 42.09
C THR O 105 31.47 -24.47 43.57
N LYS O 106 32.24 -25.31 44.26
CA LYS O 106 32.06 -25.54 45.69
C LYS O 106 32.93 -24.54 46.44
N LEU O 107 32.33 -23.48 46.95
CA LEU O 107 33.05 -22.48 47.73
C LEU O 107 32.89 -22.79 49.21
N THR O 108 34.01 -22.78 49.93
CA THR O 108 34.04 -23.04 51.35
C THR O 108 35.18 -22.26 51.97
N VAL O 109 35.13 -22.10 53.29
CA VAL O 109 36.16 -21.38 54.02
C VAL O 109 37.13 -22.38 54.62
N LEU O 110 38.29 -21.87 55.04
CA LEU O 110 39.36 -22.72 55.57
C LEU O 110 39.51 -22.57 57.07
#